data_7UTJ
#
_entry.id   7UTJ
#
_cell.length_a   1.00
_cell.length_b   1.00
_cell.length_c   1.00
_cell.angle_alpha   90.00
_cell.angle_beta   90.00
_cell.angle_gamma   90.00
#
_symmetry.space_group_name_H-M   'P 1'
#
loop_
_entity.id
_entity.type
_entity.pdbx_description
1 polymer 'Actin, alpha skeletal muscle'
2 polymer 'Catenin alpha-1'
3 non-polymer "ADENOSINE-5'-DIPHOSPHATE"
4 non-polymer 'MAGNESIUM ION'
5 water water
#
loop_
_entity_poly.entity_id
_entity_poly.type
_entity_poly.pdbx_seq_one_letter_code
_entity_poly.pdbx_strand_id
1 'polypeptide(L)'
;MCDEDETTALVCDNGSGLVKAGFAGDDAPRAVFPSIVGRPRHQGVMVGMGQKDSYVGDEAQSKRGILTLKYPIE(HIC)G
IITNWDDMEKIWHHTFYNELRVAPEEHPTLLTEAPLNPKANREKMTQIMFETFNVPAMYVAIQAVLSLYASGRTTGIVLD
SGDGVTHNVPIYEGYALPHAIMRLDLAGRDLTDYLMKILTERGYSFVTTAEREIVRDIKEKLCYVALDFENEMATAASSS
SLEKSYELPDGQVITIGNERFRCPETLFQPSFIGMESAGIHETTYNSIMKCDIDIRKDLYANNVMSGGTTMYPGIADRMQ
KEITALAPSTMKIKIIAPPERKYSVWIGGSILASLSTFQQMWITKQEYDEAGPSIVHRKCF
;
A,B,C,D,E,F
2 'polypeptide(L)'
;GPHMTLAVERLLEPLVTQVTTLVNTNSKGPSNKKRGRSKKAHVLAASVEQATENFLEKGDKIAKESQFLKEELVAAVEDV
RKQGDLMKAAAGEFADDPCSSVKRGNMVRAARALLSAVTRLLILADMADVYKLLVQLKVVEDGILKLRNAGNEQDLGIQY
KALKPEVDKLNIMAAKRQQELKDVGHRDQMAAARGILQKNVPILYTASQACLQHPDVAAYKANRDLIYKQLQQAVTGISN
AAQATASDDASQHQGGGGGELAYALNNFDKQIIVDPLSFSEERFRPSLEERLESIISGAALMADSSCTRDDRRERIVAEC
NAVRQALQDLLSEYMGNAGRKERSDALNSAIDKMTKKTRDLRRQLRKAVMDHVSDSFLETNVPLLVLIEAAKNGNEKEVK
EYAQVFREHANKLIEVANLACSISNNEEGVKLVRMSASQLEALCPQVINAALALAAKPQSKLAQENMDLFKEQWEKQVRV
LTDAVDDITSIDDFLAVSENHILEDVNKCVIALQEKDVDGLDRTAGAIRGRAARVIHVVTSEMDNYEPGVYTEKVLEATK
LLSNTVMPRFTEQVEAAVEALSSDPAQPMDENEFIDASRLVYDGIRDIRKAVLMIRTPEELDDSDFETEDFDVRSRTSVQ
TEDDQLIAGQSARAIMAQLPQEQKAKIAEQVASFQEEKSKLDAEVSKWDDSGNDIIVLAKQMCMIMMEMTDFTRGKGPLK
NTSDVISAAKKIAEAGSRMDKLGRTIADHCPDSACKQDLLAYLQRIALYCHQLNICSKVKAEVQNLGGELVVSGVDSAMS
LIQAAKNLMNAVVQTVKASYVASTKYQKSQGMASLNLPAVSWKMKAPEKKPLVKREKQDETQTKIKRASQKKHVNPVQAL
SEFKAMDSI
;
G,H,I,K,L,Z
#
loop_
_chem_comp.id
_chem_comp.type
_chem_comp.name
_chem_comp.formula
ADP non-polymer ADENOSINE-5'-DIPHOSPHATE 'C10 H15 N5 O10 P2'
MG non-polymer 'MAGNESIUM ION' 'Mg 2'
#
# COMPACT_ATOMS: atom_id res chain seq x y z
N THR A 7 59.53 0.54 -60.11
CA THR A 7 59.82 0.15 -61.49
C THR A 7 58.77 -0.82 -62.01
N THR A 8 57.91 -1.28 -61.11
CA THR A 8 56.81 -2.15 -61.46
C THR A 8 55.51 -1.35 -61.43
N ALA A 9 54.72 -1.46 -62.49
CA ALA A 9 53.50 -0.69 -62.62
C ALA A 9 52.42 -1.23 -61.69
N LEU A 10 51.50 -0.35 -61.31
CA LEU A 10 50.31 -0.73 -60.58
C LEU A 10 49.13 -0.81 -61.54
N VAL A 11 48.17 -1.65 -61.20
CA VAL A 11 46.96 -1.82 -61.98
C VAL A 11 45.78 -1.74 -61.03
N CYS A 12 45.06 -0.64 -61.07
CA CYS A 12 43.87 -0.47 -60.25
C CYS A 12 42.65 -0.47 -61.16
N ASP A 13 41.80 -1.47 -61.00
CA ASP A 13 40.55 -1.57 -61.76
C ASP A 13 39.46 -1.02 -60.86
N ASN A 14 39.10 0.24 -61.08
CA ASN A 14 38.07 0.91 -60.30
C ASN A 14 36.73 0.58 -60.92
N GLY A 15 36.07 -0.41 -60.38
CA GLY A 15 34.72 -0.69 -60.78
C GLY A 15 33.74 0.08 -59.94
N SER A 16 32.48 0.00 -60.32
CA SER A 16 31.44 0.62 -59.53
C SER A 16 31.26 -0.08 -58.20
N GLY A 17 31.45 -1.40 -58.18
CA GLY A 17 31.23 -2.18 -56.98
C GLY A 17 32.47 -2.54 -56.20
N LEU A 18 33.51 -3.00 -56.89
CA LEU A 18 34.71 -3.50 -56.25
C LEU A 18 35.94 -2.82 -56.81
N VAL A 19 36.96 -2.70 -55.96
CA VAL A 19 38.29 -2.25 -56.39
C VAL A 19 39.16 -3.50 -56.56
N LYS A 20 39.75 -3.65 -57.73
CA LYS A 20 40.68 -4.74 -58.00
C LYS A 20 42.03 -4.09 -58.23
N ALA A 21 42.94 -4.25 -57.28
CA ALA A 21 44.24 -3.61 -57.36
C ALA A 21 45.34 -4.64 -57.21
N GLY A 22 46.48 -4.36 -57.84
CA GLY A 22 47.59 -5.27 -57.79
C GLY A 22 48.75 -4.75 -58.60
N PHE A 23 49.72 -5.61 -58.84
CA PHE A 23 50.94 -5.23 -59.52
C PHE A 23 50.95 -5.82 -60.92
N ALA A 24 51.40 -5.02 -61.89
CA ALA A 24 51.48 -5.51 -63.26
C ALA A 24 52.48 -6.65 -63.33
N GLY A 25 52.17 -7.65 -64.15
CA GLY A 25 52.93 -8.86 -64.24
C GLY A 25 52.34 -10.01 -63.46
N ASP A 26 51.72 -9.72 -62.33
CA ASP A 26 51.05 -10.76 -61.56
C ASP A 26 49.85 -11.30 -62.33
N ASP A 27 49.32 -12.41 -61.84
CA ASP A 27 48.18 -13.07 -62.48
C ASP A 27 46.90 -12.96 -61.67
N ALA A 28 46.90 -12.16 -60.60
CA ALA A 28 45.70 -11.97 -59.80
C ALA A 28 45.86 -10.70 -59.01
N PRO A 29 44.79 -9.96 -58.75
CA PRO A 29 44.87 -8.78 -57.89
C PRO A 29 45.23 -9.19 -56.47
N ARG A 30 45.88 -8.29 -55.76
CA ARG A 30 46.21 -8.52 -54.36
C ARG A 30 45.26 -7.80 -53.42
N ALA A 31 44.45 -6.89 -53.92
CA ALA A 31 43.44 -6.20 -53.13
C ALA A 31 42.14 -6.22 -53.92
N VAL A 32 41.12 -6.85 -53.34
CA VAL A 32 39.78 -6.87 -53.91
C VAL A 32 38.83 -6.60 -52.75
N PHE A 33 38.38 -5.36 -52.63
CA PHE A 33 37.51 -4.95 -51.55
C PHE A 33 36.37 -4.12 -52.12
N PRO A 34 35.25 -4.03 -51.40
CA PRO A 34 34.15 -3.20 -51.88
C PRO A 34 34.54 -1.74 -52.01
N SER A 35 34.03 -1.11 -53.04
CA SER A 35 34.32 0.29 -53.33
C SER A 35 33.30 1.20 -52.65
N ILE A 36 33.26 1.11 -51.31
CA ILE A 36 32.29 1.84 -50.51
C ILE A 36 33.03 2.63 -49.44
N VAL A 37 32.38 3.70 -48.97
CA VAL A 37 32.82 4.47 -47.82
C VAL A 37 31.65 4.57 -46.87
N GLY A 38 31.85 4.15 -45.63
CA GLY A 38 30.79 4.13 -44.63
C GLY A 38 31.05 5.19 -43.58
N ARG A 39 29.99 5.82 -43.10
CA ARG A 39 30.07 6.83 -42.06
C ARG A 39 29.05 6.54 -40.98
N PRO A 40 29.45 6.63 -39.71
CA PRO A 40 28.53 6.26 -38.63
C PRO A 40 27.27 7.11 -38.66
N ARG A 41 26.14 6.47 -38.34
CA ARG A 41 24.86 7.15 -38.37
C ARG A 41 24.15 7.13 -37.04
N HIS A 42 24.79 6.64 -35.99
CA HIS A 42 24.18 6.53 -34.67
C HIS A 42 24.97 7.38 -33.67
N GLN A 43 24.61 7.26 -32.41
CA GLN A 43 25.17 8.09 -31.35
C GLN A 43 26.36 7.40 -30.71
N GLY A 44 27.54 8.00 -30.84
CA GLY A 44 28.71 7.50 -30.15
C GLY A 44 28.62 7.84 -28.68
N VAL A 45 28.59 6.82 -27.82
CA VAL A 45 28.40 7.04 -26.39
C VAL A 45 29.63 6.66 -25.57
N MET A 46 30.63 6.03 -26.16
CA MET A 46 31.85 5.69 -25.46
C MET A 46 33.01 6.54 -25.95
N VAL A 47 33.87 6.93 -25.02
CA VAL A 47 34.88 7.96 -25.27
C VAL A 47 36.02 7.35 -26.05
N GLY A 48 36.31 7.92 -27.22
CA GLY A 48 37.33 7.41 -28.09
C GLY A 48 36.86 6.41 -29.12
N MET A 49 35.66 5.88 -28.97
CA MET A 49 35.10 4.93 -29.91
C MET A 49 34.48 5.59 -31.12
N GLY A 50 34.35 6.91 -31.13
CA GLY A 50 33.74 7.58 -32.25
C GLY A 50 34.65 8.58 -32.93
N GLN A 51 35.96 8.43 -32.76
CA GLN A 51 36.90 9.34 -33.39
C GLN A 51 37.02 9.07 -34.88
N LYS A 52 36.97 7.81 -35.29
CA LYS A 52 37.06 7.48 -36.70
C LYS A 52 35.73 7.79 -37.37
N ASP A 53 35.74 8.70 -38.33
CA ASP A 53 34.52 9.23 -38.91
C ASP A 53 34.21 8.63 -40.27
N SER A 54 34.97 7.63 -40.71
CA SER A 54 34.82 7.13 -42.05
C SER A 54 35.57 5.82 -42.17
N TYR A 55 34.95 4.84 -42.81
CA TYR A 55 35.54 3.53 -43.03
C TYR A 55 35.48 3.21 -44.52
N VAL A 56 36.48 2.51 -45.01
CA VAL A 56 36.61 2.24 -46.44
C VAL A 56 36.79 0.74 -46.64
N GLY A 57 36.08 0.20 -47.63
CA GLY A 57 36.30 -1.18 -48.02
C GLY A 57 35.74 -2.19 -47.06
N ASP A 58 36.47 -3.27 -46.82
CA ASP A 58 36.02 -4.30 -45.90
C ASP A 58 35.85 -3.77 -44.49
N GLU A 59 36.58 -2.69 -44.16
CA GLU A 59 36.37 -1.96 -42.92
C GLU A 59 34.92 -1.54 -42.74
N ALA A 60 34.25 -1.14 -43.82
CA ALA A 60 32.89 -0.66 -43.74
C ALA A 60 31.89 -1.80 -43.77
N GLN A 61 32.14 -2.84 -44.57
CA GLN A 61 31.27 -4.00 -44.56
C GLN A 61 31.30 -4.71 -43.22
N SER A 62 32.43 -4.67 -42.52
CA SER A 62 32.49 -5.27 -41.19
C SER A 62 31.58 -4.55 -40.22
N LYS A 63 31.58 -3.23 -40.27
CA LYS A 63 30.83 -2.40 -39.32
C LYS A 63 29.56 -1.84 -39.91
N ARG A 64 29.11 -2.34 -41.05
CA ARG A 64 27.98 -1.76 -41.76
C ARG A 64 26.69 -1.71 -40.95
N GLY A 65 26.65 -2.35 -39.78
CA GLY A 65 25.44 -2.28 -38.99
C GLY A 65 25.24 -0.98 -38.26
N ILE A 66 26.21 -0.07 -38.31
CA ILE A 66 26.08 1.23 -37.67
C ILE A 66 26.52 2.33 -38.61
N LEU A 67 26.68 2.00 -39.89
CA LEU A 67 27.20 2.93 -40.87
C LEU A 67 26.18 3.12 -41.98
N THR A 68 26.35 4.22 -42.71
CA THR A 68 25.64 4.45 -43.97
C THR A 68 26.64 4.28 -45.10
N LEU A 69 26.42 3.26 -45.92
CA LEU A 69 27.38 2.91 -46.96
C LEU A 69 27.07 3.69 -48.23
N LYS A 70 28.10 4.29 -48.82
CA LYS A 70 27.95 5.07 -50.04
C LYS A 70 28.96 4.59 -51.07
N TYR A 71 28.51 4.49 -52.31
CA TYR A 71 29.39 4.14 -53.41
C TYR A 71 29.84 5.40 -54.12
N PRO A 72 31.14 5.70 -54.17
CA PRO A 72 31.59 6.88 -54.92
C PRO A 72 31.31 6.81 -56.40
N ILE A 73 31.11 5.63 -56.97
CA ILE A 73 30.90 5.46 -58.40
C ILE A 73 29.50 4.91 -58.62
N GLU A 74 28.71 5.60 -59.44
CA GLU A 74 27.45 5.05 -59.93
C GLU A 74 27.61 4.90 -61.44
N HIC A 75 27.33 3.75 -62.01
CA HIC A 75 27.23 3.63 -63.46
C HIC A 75 28.52 3.92 -64.22
O HIC A 75 28.62 4.02 -65.43
CB HIC A 75 26.17 4.56 -64.07
CG HIC A 75 24.83 4.11 -63.65
ND1 HIC A 75 24.36 2.81 -63.82
CD2 HIC A 75 23.85 4.90 -63.03
CE1 HIC A 75 23.12 2.81 -63.31
NE2 HIC A 75 22.77 4.06 -62.81
CZ HIC A 75 21.54 4.41 -62.21
N GLY A 76 29.57 4.09 -63.43
CA GLY A 76 30.93 4.01 -63.93
C GLY A 76 31.53 5.39 -63.88
N ILE A 77 30.68 6.37 -63.55
CA ILE A 77 31.07 7.75 -63.36
C ILE A 77 31.29 7.99 -61.89
N ILE A 78 32.43 8.59 -61.54
CA ILE A 78 32.71 8.92 -60.15
C ILE A 78 31.91 10.15 -59.77
N THR A 79 31.03 9.99 -58.77
CA THR A 79 30.15 11.07 -58.36
C THR A 79 30.61 11.78 -57.10
N ASN A 80 31.28 11.09 -56.19
CA ASN A 80 31.87 11.70 -55.01
C ASN A 80 33.37 11.64 -55.18
N TRP A 81 34.00 12.80 -55.36
CA TRP A 81 35.43 12.85 -55.60
C TRP A 81 36.25 12.95 -54.32
N ASP A 82 35.61 13.14 -53.18
CA ASP A 82 36.33 13.06 -51.92
C ASP A 82 36.29 11.67 -51.31
N ASP A 83 35.24 10.91 -51.59
CA ASP A 83 35.17 9.53 -51.15
C ASP A 83 35.98 8.62 -52.07
N MET A 84 35.96 8.86 -53.37
CA MET A 84 36.81 8.12 -54.31
C MET A 84 38.27 8.35 -54.00
N GLU A 85 38.61 9.58 -53.64
CA GLU A 85 39.96 9.91 -53.22
C GLU A 85 40.35 9.11 -51.98
N LYS A 86 39.42 8.95 -51.04
CA LYS A 86 39.66 8.06 -49.90
C LYS A 86 39.86 6.63 -50.35
N ILE A 87 39.06 6.16 -51.31
CA ILE A 87 39.18 4.80 -51.81
C ILE A 87 40.57 4.56 -52.37
N TRP A 88 41.07 5.52 -53.13
CA TRP A 88 42.39 5.39 -53.74
C TRP A 88 43.49 5.45 -52.69
N HIS A 89 43.35 6.33 -51.70
CA HIS A 89 44.33 6.36 -50.62
C HIS A 89 44.37 5.02 -49.89
N HIS A 90 43.21 4.46 -49.59
CA HIS A 90 43.15 3.13 -48.99
C HIS A 90 43.84 2.10 -49.87
N THR A 91 43.48 2.06 -51.15
CA THR A 91 44.08 1.11 -52.08
C THR A 91 45.59 1.16 -52.04
N PHE A 92 46.16 2.36 -52.13
CA PHE A 92 47.60 2.48 -52.22
C PHE A 92 48.28 2.17 -50.90
N TYR A 93 47.77 2.70 -49.79
CA TYR A 93 48.52 2.69 -48.56
C TYR A 93 48.14 1.58 -47.59
N ASN A 94 46.86 1.22 -47.48
CA ASN A 94 46.47 0.19 -46.53
C ASN A 94 46.39 -1.19 -47.15
N GLU A 95 45.93 -1.29 -48.39
CA GLU A 95 45.75 -2.59 -49.05
C GLU A 95 47.01 -3.03 -49.77
N LEU A 96 47.48 -2.24 -50.73
CA LEU A 96 48.71 -2.57 -51.42
C LEU A 96 49.95 -2.23 -50.63
N ARG A 97 49.92 -1.19 -49.81
CA ARG A 97 51.09 -0.79 -48.96
C ARG A 97 52.29 -0.43 -49.85
N VAL A 98 52.09 0.39 -50.88
CA VAL A 98 53.16 0.87 -51.74
C VAL A 98 53.24 2.38 -51.56
N ALA A 99 54.26 2.97 -52.17
CA ALA A 99 54.32 4.42 -52.26
C ALA A 99 53.98 4.82 -53.69
N PRO A 100 52.87 5.50 -53.92
CA PRO A 100 52.39 5.68 -55.30
C PRO A 100 53.36 6.43 -56.20
N GLU A 101 54.25 7.25 -55.65
CA GLU A 101 55.10 8.07 -56.49
C GLU A 101 56.27 7.31 -57.10
N GLU A 102 56.37 6.00 -56.88
CA GLU A 102 57.39 5.20 -57.55
C GLU A 102 56.83 4.22 -58.58
N HIS A 103 55.53 3.94 -58.54
CA HIS A 103 54.93 3.00 -59.49
C HIS A 103 54.02 3.74 -60.46
N PRO A 104 54.20 3.56 -61.77
CA PRO A 104 53.16 4.00 -62.70
C PRO A 104 51.87 3.23 -62.44
N THR A 105 50.74 3.91 -62.60
CA THR A 105 49.45 3.33 -62.28
C THR A 105 48.61 3.24 -63.55
N LEU A 106 48.11 2.05 -63.83
CA LEU A 106 47.14 1.84 -64.91
C LEU A 106 45.75 1.85 -64.31
N LEU A 107 44.87 2.70 -64.86
CA LEU A 107 43.49 2.78 -64.43
C LEU A 107 42.59 2.38 -65.59
N THR A 108 41.37 2.01 -65.26
CA THR A 108 40.41 1.54 -66.24
C THR A 108 39.16 2.41 -66.20
N GLU A 109 38.45 2.45 -67.33
CA GLU A 109 37.26 3.27 -67.44
C GLU A 109 36.35 2.67 -68.50
N ALA A 110 35.05 2.82 -68.30
CA ALA A 110 34.08 2.37 -69.29
C ALA A 110 34.06 3.31 -70.49
N PRO A 111 33.66 2.83 -71.65
CA PRO A 111 33.54 3.71 -72.81
C PRO A 111 32.28 4.58 -72.72
N LEU A 112 32.26 5.61 -73.56
CA LEU A 112 31.12 6.54 -73.64
C LEU A 112 30.82 7.15 -72.29
N ASN A 113 31.84 7.52 -71.59
CA ASN A 113 31.83 7.99 -70.22
C ASN A 113 32.25 9.46 -70.24
N PRO A 114 31.78 10.31 -69.32
CA PRO A 114 32.15 11.72 -69.40
C PRO A 114 33.65 11.95 -69.39
N LYS A 115 34.08 12.94 -70.15
CA LYS A 115 35.50 13.25 -70.27
C LYS A 115 36.05 13.83 -68.97
N ALA A 116 35.21 14.52 -68.21
CA ALA A 116 35.67 15.08 -66.95
C ALA A 116 36.04 13.98 -65.97
N ASN A 117 35.42 12.81 -66.07
CA ASN A 117 35.79 11.68 -65.22
C ASN A 117 37.26 11.32 -65.43
N ARG A 118 37.65 11.10 -66.68
CA ARG A 118 39.01 10.73 -67.02
C ARG A 118 39.98 11.85 -66.69
N GLU A 119 39.60 13.09 -66.98
CA GLU A 119 40.48 14.22 -66.69
C GLU A 119 40.73 14.37 -65.20
N LYS A 120 39.69 14.23 -64.38
CA LYS A 120 39.89 14.38 -62.95
C LYS A 120 40.62 13.19 -62.36
N MET A 121 40.46 11.99 -62.93
CA MET A 121 41.30 10.88 -62.50
C MET A 121 42.76 11.17 -62.78
N THR A 122 43.06 11.70 -63.96
CA THR A 122 44.44 12.06 -64.30
C THR A 122 44.98 13.09 -63.31
N GLN A 123 44.19 14.12 -63.03
CA GLN A 123 44.64 15.16 -62.12
C GLN A 123 44.83 14.64 -60.70
N ILE A 124 43.90 13.82 -60.20
CA ILE A 124 44.05 13.29 -58.85
C ILE A 124 45.30 12.45 -58.75
N MET A 125 45.51 11.54 -59.69
CA MET A 125 46.74 10.77 -59.68
C MET A 125 47.95 11.70 -59.61
N PHE A 126 48.13 12.52 -60.64
CA PHE A 126 49.38 13.27 -60.78
C PHE A 126 49.59 14.31 -59.69
N GLU A 127 48.55 14.74 -58.99
CA GLU A 127 48.72 15.82 -58.05
C GLU A 127 48.49 15.46 -56.60
N THR A 128 47.65 14.46 -56.31
CA THR A 128 47.53 14.01 -54.93
C THR A 128 48.43 12.83 -54.64
N PHE A 129 48.64 11.94 -55.62
CA PHE A 129 49.42 10.75 -55.37
C PHE A 129 50.77 10.78 -56.07
N ASN A 130 51.03 11.81 -56.87
CA ASN A 130 52.35 12.05 -57.46
C ASN A 130 52.86 10.86 -58.26
N VAL A 131 51.96 10.15 -58.94
CA VAL A 131 52.43 8.96 -59.66
C VAL A 131 53.38 9.40 -60.76
N PRO A 132 54.47 8.67 -61.02
CA PRO A 132 55.38 9.06 -62.11
C PRO A 132 54.73 9.06 -63.46
N ALA A 133 53.77 8.17 -63.69
CA ALA A 133 53.05 8.09 -64.94
C ALA A 133 51.72 7.41 -64.67
N MET A 134 50.81 7.53 -65.62
CA MET A 134 49.53 6.84 -65.49
C MET A 134 48.95 6.66 -66.89
N TYR A 135 47.86 5.89 -66.95
CA TYR A 135 47.19 5.56 -68.18
C TYR A 135 45.79 5.13 -67.84
N VAL A 136 44.84 5.43 -68.73
CA VAL A 136 43.46 5.02 -68.56
C VAL A 136 43.09 4.16 -69.76
N ALA A 137 42.72 2.91 -69.50
CA ALA A 137 42.42 1.94 -70.55
C ALA A 137 40.95 1.55 -70.49
N ILE A 138 40.42 1.14 -71.63
CA ILE A 138 39.03 0.72 -71.71
C ILE A 138 38.94 -0.73 -71.24
N GLN A 139 37.94 -1.02 -70.40
CA GLN A 139 37.88 -2.30 -69.71
C GLN A 139 37.63 -3.46 -70.67
N ALA A 140 36.92 -3.22 -71.77
CA ALA A 140 36.68 -4.32 -72.70
C ALA A 140 37.92 -4.67 -73.50
N VAL A 141 38.75 -3.69 -73.84
CA VAL A 141 40.01 -4.01 -74.48
C VAL A 141 40.88 -4.84 -73.54
N LEU A 142 40.86 -4.51 -72.25
CA LEU A 142 41.62 -5.29 -71.28
C LEU A 142 41.06 -6.70 -71.14
N SER A 143 39.74 -6.84 -71.20
CA SER A 143 39.16 -8.18 -71.18
C SER A 143 39.62 -9.00 -72.37
N LEU A 144 39.69 -8.38 -73.54
CA LEU A 144 40.19 -9.09 -74.71
C LEU A 144 41.67 -9.42 -74.59
N TYR A 145 42.44 -8.55 -73.95
CA TYR A 145 43.83 -8.90 -73.63
C TYR A 145 43.89 -10.15 -72.78
N ALA A 146 43.09 -10.19 -71.71
CA ALA A 146 43.14 -11.30 -70.78
C ALA A 146 42.66 -12.60 -71.41
N SER A 147 41.75 -12.52 -72.37
CA SER A 147 41.25 -13.73 -73.00
C SER A 147 42.23 -14.31 -74.01
N GLY A 148 43.36 -13.67 -74.25
CA GLY A 148 44.31 -14.20 -75.21
C GLY A 148 43.89 -14.09 -76.65
N ARG A 149 43.16 -13.04 -77.01
CA ARG A 149 42.68 -12.85 -78.37
C ARG A 149 42.99 -11.43 -78.81
N THR A 150 42.87 -11.20 -80.12
CA THR A 150 42.89 -9.87 -80.68
C THR A 150 41.66 -9.61 -81.53
N THR A 151 40.72 -10.54 -81.55
CA THR A 151 39.47 -10.41 -82.29
C THR A 151 38.36 -10.94 -81.41
N GLY A 152 37.25 -10.22 -81.37
CA GLY A 152 36.09 -10.66 -80.63
C GLY A 152 35.34 -9.48 -80.08
N ILE A 153 34.07 -9.71 -79.76
CA ILE A 153 33.21 -8.72 -79.16
C ILE A 153 33.09 -9.04 -77.69
N VAL A 154 33.43 -8.05 -76.86
CA VAL A 154 33.46 -8.30 -75.39
C VAL A 154 32.25 -7.69 -74.72
N LEU A 155 31.49 -8.48 -73.97
CA LEU A 155 30.40 -7.90 -73.16
C LEU A 155 30.97 -7.87 -71.75
N ASP A 156 31.08 -6.67 -71.17
CA ASP A 156 31.57 -6.56 -69.79
C ASP A 156 30.41 -6.05 -68.94
N SER A 157 30.03 -6.81 -67.92
CA SER A 157 28.97 -6.32 -67.01
C SER A 157 29.52 -6.24 -65.60
N GLY A 158 29.39 -5.08 -64.95
CA GLY A 158 29.91 -4.85 -63.61
C GLY A 158 28.80 -4.46 -62.67
N ASP A 159 29.10 -3.86 -61.52
CA ASP A 159 28.03 -3.32 -60.65
C ASP A 159 27.28 -2.18 -61.38
N GLY A 160 27.99 -1.30 -62.09
CA GLY A 160 27.32 -0.13 -62.69
C GLY A 160 26.95 -0.15 -64.16
N VAL A 161 27.80 -0.65 -65.05
CA VAL A 161 27.52 -0.51 -66.51
C VAL A 161 27.76 -1.81 -67.29
N THR A 162 26.98 -2.06 -68.35
CA THR A 162 27.25 -3.21 -69.24
C THR A 162 27.66 -2.65 -70.60
N HIS A 163 28.81 -3.06 -71.13
CA HIS A 163 29.27 -2.45 -72.41
C HIS A 163 29.71 -3.52 -73.41
N ASN A 164 29.46 -3.27 -74.70
CA ASN A 164 29.92 -4.19 -75.76
C ASN A 164 30.92 -3.41 -76.62
N VAL A 165 32.12 -3.95 -76.82
CA VAL A 165 33.15 -3.29 -77.67
C VAL A 165 33.65 -4.35 -78.67
N PRO A 166 33.30 -4.23 -79.97
CA PRO A 166 33.79 -5.18 -80.98
C PRO A 166 35.18 -4.83 -81.49
N ILE A 167 36.11 -5.76 -81.39
CA ILE A 167 37.50 -5.56 -81.79
C ILE A 167 37.85 -6.63 -82.80
N TYR A 168 38.50 -6.22 -83.89
CA TYR A 168 38.90 -7.14 -84.94
C TYR A 168 40.34 -6.90 -85.31
N GLU A 169 41.19 -7.89 -85.10
CA GLU A 169 42.62 -7.81 -85.40
C GLU A 169 43.29 -6.66 -84.65
N GLY A 170 42.80 -6.35 -83.46
CA GLY A 170 43.33 -5.27 -82.67
C GLY A 170 42.77 -3.91 -83.00
N TYR A 171 41.82 -3.81 -83.91
CA TYR A 171 41.20 -2.56 -84.30
C TYR A 171 39.79 -2.53 -83.73
N ALA A 172 39.49 -1.51 -82.95
CA ALA A 172 38.16 -1.33 -82.43
C ALA A 172 37.29 -0.58 -83.43
N LEU A 173 35.99 -0.85 -83.39
CA LEU A 173 35.02 -0.16 -84.22
C LEU A 173 34.21 0.74 -83.30
N PRO A 174 34.67 1.96 -83.03
CA PRO A 174 34.03 2.76 -81.97
C PRO A 174 32.60 3.14 -82.24
N HIS A 175 32.15 3.08 -83.49
CA HIS A 175 30.76 3.39 -83.78
C HIS A 175 29.83 2.26 -83.40
N ALA A 176 30.36 1.07 -83.18
CA ALA A 176 29.57 -0.10 -82.79
C ALA A 176 29.65 -0.39 -81.31
N ILE A 177 30.32 0.47 -80.53
CA ILE A 177 30.36 0.31 -79.09
C ILE A 177 29.01 0.65 -78.50
N MET A 178 28.50 -0.22 -77.65
CA MET A 178 27.22 0.01 -76.99
C MET A 178 27.39 -0.04 -75.49
N ARG A 179 26.92 0.99 -74.81
CA ARG A 179 26.93 1.07 -73.36
C ARG A 179 25.50 1.04 -72.86
N LEU A 180 25.29 0.34 -71.75
CA LEU A 180 23.96 0.18 -71.20
C LEU A 180 24.06 0.28 -69.69
N ASP A 181 23.42 1.30 -69.11
CA ASP A 181 23.50 1.54 -67.67
C ASP A 181 22.56 0.60 -66.91
N LEU A 182 22.86 -0.68 -67.03
CA LEU A 182 22.12 -1.73 -66.34
C LEU A 182 23.10 -2.84 -66.01
N ALA A 183 23.32 -3.08 -64.73
CA ALA A 183 24.36 -3.97 -64.28
C ALA A 183 24.00 -4.46 -62.89
N GLY A 184 25.00 -4.94 -62.15
CA GLY A 184 24.73 -5.64 -60.91
C GLY A 184 23.94 -4.85 -59.89
N ARG A 185 24.19 -3.54 -59.80
CA ARG A 185 23.48 -2.78 -58.77
C ARG A 185 22.01 -2.63 -59.10
N ASP A 186 21.66 -2.54 -60.39
CA ASP A 186 20.26 -2.49 -60.77
C ASP A 186 19.58 -3.81 -60.49
N LEU A 187 20.29 -4.92 -60.67
CA LEU A 187 19.72 -6.23 -60.33
C LEU A 187 19.57 -6.40 -58.83
N THR A 188 20.50 -5.87 -58.05
CA THR A 188 20.34 -5.89 -56.60
C THR A 188 19.13 -5.09 -56.17
N ASP A 189 18.93 -3.91 -56.76
CA ASP A 189 17.76 -3.11 -56.43
C ASP A 189 16.48 -3.80 -56.84
N TYR A 190 16.46 -4.42 -58.01
CA TYR A 190 15.28 -5.16 -58.45
C TYR A 190 14.99 -6.33 -57.53
N LEU A 191 16.02 -7.00 -57.05
CA LEU A 191 15.80 -8.10 -56.12
C LEU A 191 15.28 -7.61 -54.79
N MET A 192 15.78 -6.48 -54.29
CA MET A 192 15.17 -5.90 -53.09
C MET A 192 13.71 -5.60 -53.32
N LYS A 193 13.37 -5.09 -54.50
CA LYS A 193 11.99 -4.73 -54.79
C LYS A 193 11.09 -5.96 -54.81
N ILE A 194 11.51 -7.03 -55.51
CA ILE A 194 10.66 -8.21 -55.65
C ILE A 194 10.79 -9.18 -54.50
N LEU A 195 11.68 -8.94 -53.56
CA LEU A 195 11.68 -9.71 -52.32
C LEU A 195 10.55 -9.29 -51.39
N THR A 196 9.94 -8.13 -51.63
CA THR A 196 8.84 -7.68 -50.79
C THR A 196 7.57 -8.48 -51.05
N GLU A 197 7.48 -9.17 -52.19
CA GLU A 197 6.32 -9.99 -52.47
C GLU A 197 6.19 -11.15 -51.50
N ARG A 198 7.30 -11.61 -50.93
CA ARG A 198 7.28 -12.66 -49.93
C ARG A 198 7.27 -12.12 -48.51
N GLY A 199 7.30 -10.81 -48.34
CA GLY A 199 7.28 -10.21 -47.04
C GLY A 199 8.62 -9.84 -46.47
N TYR A 200 9.68 -9.87 -47.26
CA TYR A 200 11.02 -9.56 -46.81
C TYR A 200 11.34 -8.12 -47.19
N SER A 201 11.58 -7.29 -46.19
CA SER A 201 11.80 -5.86 -46.40
C SER A 201 13.24 -5.53 -46.06
N PHE A 202 14.03 -5.23 -47.09
CA PHE A 202 15.41 -4.80 -46.96
C PHE A 202 15.50 -3.39 -47.51
N VAL A 203 15.71 -2.41 -46.63
CA VAL A 203 15.68 -1.00 -47.01
C VAL A 203 17.02 -0.32 -46.81
N THR A 204 17.69 -0.58 -45.70
CA THR A 204 18.94 0.08 -45.36
C THR A 204 20.01 -0.28 -46.39
N THR A 205 21.07 0.52 -46.43
CA THR A 205 22.20 0.22 -47.31
C THR A 205 22.89 -1.08 -46.90
N ALA A 206 22.99 -1.33 -45.59
CA ALA A 206 23.51 -2.60 -45.12
C ALA A 206 22.65 -3.76 -45.58
N GLU A 207 21.33 -3.61 -45.50
CA GLU A 207 20.45 -4.65 -46.02
C GLU A 207 20.54 -4.76 -47.53
N ARG A 208 20.95 -3.71 -48.22
CA ARG A 208 21.26 -3.83 -49.63
C ARG A 208 22.49 -4.69 -49.87
N GLU A 209 23.48 -4.61 -48.99
CA GLU A 209 24.61 -5.53 -49.10
C GLU A 209 24.18 -6.96 -48.83
N ILE A 210 23.27 -7.15 -47.88
CA ILE A 210 22.72 -8.49 -47.62
C ILE A 210 22.02 -9.02 -48.86
N VAL A 211 21.23 -8.18 -49.53
CA VAL A 211 20.52 -8.61 -50.73
C VAL A 211 21.50 -8.89 -51.87
N ARG A 212 22.58 -8.13 -51.96
CA ARG A 212 23.60 -8.43 -52.95
C ARG A 212 24.19 -9.80 -52.71
N ASP A 213 24.43 -10.16 -51.45
CA ASP A 213 24.90 -11.49 -51.13
C ASP A 213 23.88 -12.56 -51.53
N ILE A 214 22.60 -12.32 -51.23
CA ILE A 214 21.56 -13.27 -51.63
C ILE A 214 21.57 -13.47 -53.13
N LYS A 215 21.69 -12.39 -53.88
CA LYS A 215 21.68 -12.47 -55.33
C LYS A 215 22.89 -13.25 -55.85
N GLU A 216 24.06 -13.00 -55.27
CA GLU A 216 25.24 -13.72 -55.71
C GLU A 216 25.15 -15.21 -55.39
N LYS A 217 24.53 -15.57 -54.27
CA LYS A 217 24.53 -16.97 -53.88
C LYS A 217 23.42 -17.77 -54.54
N LEU A 218 22.23 -17.18 -54.72
CA LEU A 218 21.05 -17.95 -55.07
C LEU A 218 20.54 -17.73 -56.49
N CYS A 219 20.84 -16.61 -57.13
CA CYS A 219 20.22 -16.29 -58.41
C CYS A 219 20.94 -16.97 -59.56
N TYR A 220 20.20 -17.22 -60.63
CA TYR A 220 20.74 -17.83 -61.84
C TYR A 220 19.90 -17.37 -63.02
N VAL A 221 20.35 -17.72 -64.22
CA VAL A 221 19.69 -17.30 -65.46
C VAL A 221 18.96 -18.50 -66.04
N ALA A 222 17.66 -18.36 -66.21
CA ALA A 222 16.86 -19.44 -66.77
C ALA A 222 17.09 -19.53 -68.27
N LEU A 223 17.32 -20.75 -68.76
CA LEU A 223 17.52 -20.94 -70.20
C LEU A 223 16.28 -20.57 -70.99
N ASP A 224 15.11 -20.90 -70.46
CA ASP A 224 13.85 -20.47 -71.06
C ASP A 224 12.97 -19.94 -69.94
N PHE A 225 12.66 -18.64 -69.99
CA PHE A 225 12.07 -17.97 -68.83
C PHE A 225 10.66 -18.47 -68.55
N GLU A 226 9.86 -18.70 -69.59
CA GLU A 226 8.45 -18.98 -69.37
C GLU A 226 8.22 -20.38 -68.80
N ASN A 227 8.95 -21.37 -69.31
CA ASN A 227 8.88 -22.71 -68.70
C ASN A 227 9.45 -22.71 -67.30
N GLU A 228 10.41 -21.84 -67.00
CA GLU A 228 10.88 -21.78 -65.62
C GLU A 228 9.85 -21.15 -64.70
N MET A 229 9.13 -20.14 -65.19
CA MET A 229 8.04 -19.58 -64.39
C MET A 229 6.96 -20.62 -64.17
N ALA A 230 6.62 -21.38 -65.21
CA ALA A 230 5.64 -22.46 -65.06
C ALA A 230 6.10 -23.51 -64.06
N THR A 231 7.38 -23.90 -64.13
CA THR A 231 7.92 -24.89 -63.22
C THR A 231 7.89 -24.38 -61.78
N ALA A 232 8.27 -23.13 -61.57
CA ALA A 232 8.24 -22.56 -60.23
C ALA A 232 6.81 -22.45 -59.70
N ALA A 233 5.85 -22.17 -60.57
CA ALA A 233 4.46 -22.10 -60.14
C ALA A 233 3.92 -23.48 -59.79
N SER A 234 4.29 -24.50 -60.57
CA SER A 234 3.73 -25.83 -60.36
C SER A 234 4.29 -26.49 -59.11
N SER A 235 5.58 -26.38 -58.90
CA SER A 235 6.27 -27.13 -57.85
C SER A 235 6.89 -26.18 -56.84
N SER A 236 7.67 -26.75 -55.93
CA SER A 236 8.53 -25.99 -55.03
C SER A 236 9.96 -26.51 -55.11
N SER A 237 10.34 -27.07 -56.26
CA SER A 237 11.68 -27.62 -56.41
C SER A 237 12.75 -26.55 -56.57
N LEU A 238 12.37 -25.35 -57.01
CA LEU A 238 13.36 -24.32 -57.26
C LEU A 238 13.57 -23.41 -56.06
N GLU A 239 12.85 -23.63 -54.96
CA GLU A 239 12.97 -22.78 -53.79
C GLU A 239 14.22 -23.13 -53.00
N LYS A 240 15.00 -22.11 -52.66
CA LYS A 240 16.18 -22.27 -51.83
C LYS A 240 16.10 -21.31 -50.64
N SER A 241 16.69 -21.71 -49.53
CA SER A 241 16.69 -20.91 -48.33
C SER A 241 18.00 -20.15 -48.18
N TYR A 242 17.96 -19.13 -47.34
CA TYR A 242 19.11 -18.29 -47.07
C TYR A 242 18.97 -17.78 -45.65
N GLU A 243 20.06 -17.83 -44.90
CA GLU A 243 20.04 -17.41 -43.49
C GLU A 243 20.59 -16.01 -43.38
N LEU A 244 19.81 -15.12 -42.77
CA LEU A 244 20.17 -13.73 -42.61
C LEU A 244 21.19 -13.58 -41.50
N PRO A 245 21.86 -12.43 -41.41
CA PRO A 245 22.91 -12.27 -40.41
C PRO A 245 22.46 -12.47 -38.97
N ASP A 246 21.17 -12.38 -38.68
CA ASP A 246 20.68 -12.61 -37.33
C ASP A 246 19.91 -13.90 -37.18
N GLY A 247 20.04 -14.82 -38.13
CA GLY A 247 19.49 -16.14 -37.98
C GLY A 247 18.13 -16.38 -38.59
N GLN A 248 17.47 -15.35 -39.10
CA GLN A 248 16.22 -15.61 -39.80
C GLN A 248 16.51 -16.25 -41.15
N VAL A 249 15.61 -17.12 -41.58
CA VAL A 249 15.76 -17.86 -42.82
C VAL A 249 14.69 -17.38 -43.79
N ILE A 250 15.11 -17.00 -44.99
CA ILE A 250 14.18 -16.59 -46.03
C ILE A 250 14.21 -17.63 -47.13
N THR A 251 13.12 -17.73 -47.87
CA THR A 251 13.01 -18.66 -48.98
C THR A 251 12.57 -17.89 -50.21
N ILE A 252 13.22 -18.13 -51.35
CA ILE A 252 12.86 -17.48 -52.59
C ILE A 252 12.78 -18.51 -53.70
N GLY A 253 11.66 -18.53 -54.41
CA GLY A 253 11.46 -19.50 -55.47
C GLY A 253 11.76 -19.06 -56.87
N ASN A 254 11.07 -18.03 -57.37
CA ASN A 254 11.29 -17.56 -58.72
C ASN A 254 11.99 -16.21 -58.77
N GLU A 255 12.22 -15.59 -57.62
CA GLU A 255 13.10 -14.44 -57.58
C GLU A 255 14.51 -14.82 -57.97
N ARG A 256 14.83 -16.12 -57.97
CA ARG A 256 16.16 -16.58 -58.30
C ARG A 256 16.49 -16.34 -59.76
N PHE A 257 15.56 -16.60 -60.66
CA PHE A 257 15.80 -16.37 -62.07
C PHE A 257 15.06 -15.16 -62.62
N ARG A 258 14.21 -14.53 -61.83
CA ARG A 258 13.55 -13.29 -62.25
C ARG A 258 14.50 -12.11 -62.17
N CYS A 259 15.35 -12.08 -61.15
CA CYS A 259 16.28 -10.97 -61.02
C CYS A 259 17.28 -10.90 -62.16
N PRO A 260 17.98 -11.98 -62.54
CA PRO A 260 18.89 -11.88 -63.69
C PRO A 260 18.18 -11.72 -65.02
N GLU A 261 16.89 -12.02 -65.11
CA GLU A 261 16.19 -11.86 -66.38
C GLU A 261 16.10 -10.40 -66.79
N THR A 262 16.30 -9.48 -65.86
CA THR A 262 16.30 -8.06 -66.20
C THR A 262 17.42 -7.71 -67.15
N LEU A 263 18.43 -8.57 -67.30
CA LEU A 263 19.45 -8.34 -68.29
C LEU A 263 18.95 -8.62 -69.69
N PHE A 264 18.02 -9.55 -69.83
CA PHE A 264 17.45 -9.90 -71.12
C PHE A 264 16.09 -9.26 -71.35
N GLN A 265 15.44 -8.79 -70.31
CA GLN A 265 14.21 -8.01 -70.39
C GLN A 265 14.36 -6.79 -69.52
N PRO A 266 15.08 -5.76 -69.98
CA PRO A 266 15.29 -4.57 -69.16
C PRO A 266 14.01 -3.88 -68.77
N SER A 267 12.89 -4.17 -69.43
CA SER A 267 11.61 -3.58 -69.10
C SER A 267 11.11 -4.02 -67.74
N PHE A 268 11.73 -5.02 -67.12
CA PHE A 268 11.36 -5.41 -65.77
C PHE A 268 11.58 -4.27 -64.79
N ILE A 269 12.64 -3.51 -64.98
CA ILE A 269 12.93 -2.35 -64.15
C ILE A 269 12.54 -1.04 -64.85
N GLY A 270 11.69 -1.12 -65.85
CA GLY A 270 11.16 0.06 -66.49
C GLY A 270 12.04 0.71 -67.52
N MET A 271 13.10 0.04 -67.97
CA MET A 271 13.95 0.58 -69.00
C MET A 271 13.47 0.18 -70.37
N GLU A 272 13.68 1.05 -71.34
CA GLU A 272 13.22 0.83 -72.70
C GLU A 272 14.25 0.10 -73.57
N SER A 273 15.47 -0.06 -73.08
CA SER A 273 16.55 -0.57 -73.90
C SER A 273 16.32 -2.05 -74.21
N ALA A 274 17.25 -2.62 -74.96
CA ALA A 274 17.22 -4.01 -75.37
C ALA A 274 18.08 -4.85 -74.44
N GLY A 275 17.79 -6.13 -74.39
CA GLY A 275 18.56 -7.03 -73.57
C GLY A 275 20.00 -7.14 -74.02
N ILE A 276 20.80 -7.82 -73.21
CA ILE A 276 22.23 -7.89 -73.54
C ILE A 276 22.44 -8.72 -74.79
N HIS A 277 21.57 -9.70 -75.06
CA HIS A 277 21.68 -10.47 -76.30
C HIS A 277 21.37 -9.60 -77.51
N GLU A 278 20.33 -8.79 -77.41
CA GLU A 278 19.94 -7.92 -78.51
C GLU A 278 20.97 -6.82 -78.70
N THR A 279 21.53 -6.31 -77.61
CA THR A 279 22.59 -5.31 -77.71
C THR A 279 23.84 -5.89 -78.35
N THR A 280 24.20 -7.13 -77.98
CA THR A 280 25.35 -7.78 -78.59
C THR A 280 25.15 -7.99 -80.08
N TYR A 281 23.96 -8.47 -80.46
CA TYR A 281 23.68 -8.66 -81.88
C TYR A 281 23.69 -7.34 -82.64
N ASN A 282 23.09 -6.30 -82.06
CA ASN A 282 23.05 -5.00 -82.72
C ASN A 282 24.44 -4.41 -82.85
N SER A 283 25.32 -4.69 -81.90
CA SER A 283 26.70 -4.24 -82.01
C SER A 283 27.45 -5.01 -83.09
N ILE A 284 27.16 -6.31 -83.23
CA ILE A 284 27.79 -7.09 -84.28
C ILE A 284 27.33 -6.62 -85.64
N MET A 285 26.06 -6.23 -85.77
CA MET A 285 25.55 -5.82 -87.07
C MET A 285 25.84 -4.36 -87.42
N LYS A 286 26.44 -3.59 -86.53
CA LYS A 286 27.03 -2.32 -86.93
C LYS A 286 28.46 -2.44 -87.40
N CYS A 287 29.03 -3.63 -87.34
CA CYS A 287 30.39 -3.86 -87.81
C CYS A 287 30.37 -4.27 -89.27
N ASP A 288 31.53 -4.23 -89.88
CA ASP A 288 31.64 -4.55 -91.30
C ASP A 288 31.30 -6.01 -91.52
N ILE A 289 30.63 -6.29 -92.64
CA ILE A 289 30.08 -7.62 -92.88
C ILE A 289 31.16 -8.68 -92.89
N ASP A 290 32.39 -8.31 -93.20
CA ASP A 290 33.46 -9.28 -93.32
C ASP A 290 34.04 -9.71 -91.99
N ILE A 291 33.77 -8.96 -90.92
CA ILE A 291 34.26 -9.32 -89.60
C ILE A 291 33.17 -9.91 -88.71
N ARG A 292 31.93 -9.96 -89.19
CA ARG A 292 30.82 -10.42 -88.37
C ARG A 292 30.96 -11.90 -88.02
N LYS A 293 31.46 -12.71 -88.96
CA LYS A 293 31.63 -14.13 -88.68
C LYS A 293 32.61 -14.36 -87.53
N ASP A 294 33.72 -13.63 -87.51
CA ASP A 294 34.68 -13.78 -86.43
C ASP A 294 34.20 -13.15 -85.13
N LEU A 295 33.33 -12.14 -85.22
CA LEU A 295 32.75 -11.60 -84.00
C LEU A 295 31.74 -12.54 -83.38
N TYR A 296 30.99 -13.26 -84.22
CA TYR A 296 30.02 -14.24 -83.71
C TYR A 296 30.72 -15.33 -82.91
N ALA A 297 31.87 -15.79 -83.40
CA ALA A 297 32.57 -16.92 -82.82
C ALA A 297 33.39 -16.56 -81.59
N ASN A 298 33.56 -15.28 -81.29
CA ASN A 298 34.35 -14.84 -80.14
C ASN A 298 33.51 -13.85 -79.36
N ASN A 299 32.63 -14.34 -78.50
CA ASN A 299 31.81 -13.51 -77.64
C ASN A 299 32.40 -13.61 -76.24
N VAL A 300 33.37 -12.77 -75.96
CA VAL A 300 34.02 -12.78 -74.65
C VAL A 300 33.10 -12.10 -73.65
N MET A 301 32.84 -12.77 -72.53
CA MET A 301 32.04 -12.21 -71.45
C MET A 301 32.94 -12.03 -70.24
N SER A 302 32.99 -10.82 -69.72
CA SER A 302 33.78 -10.52 -68.53
C SER A 302 32.93 -9.73 -67.56
N GLY A 303 33.46 -9.54 -66.36
CA GLY A 303 32.74 -8.86 -65.31
C GLY A 303 31.97 -9.82 -64.42
N GLY A 304 31.61 -9.33 -63.24
CA GLY A 304 30.98 -10.18 -62.25
C GLY A 304 29.50 -10.39 -62.44
N THR A 305 28.85 -9.55 -63.24
CA THR A 305 27.43 -9.76 -63.51
C THR A 305 27.20 -10.84 -64.54
N THR A 306 28.23 -11.22 -65.27
CA THR A 306 28.18 -12.37 -66.17
C THR A 306 28.47 -13.67 -65.46
N MET A 307 28.46 -13.69 -64.14
CA MET A 307 28.81 -14.88 -63.37
C MET A 307 27.60 -15.66 -62.91
N TYR A 308 26.42 -15.37 -63.42
CA TYR A 308 25.25 -16.14 -63.07
C TYR A 308 25.34 -17.54 -63.66
N PRO A 309 24.91 -18.56 -62.95
CA PRO A 309 24.82 -19.89 -63.55
C PRO A 309 23.81 -19.91 -64.68
N GLY A 310 24.29 -20.21 -65.87
CA GLY A 310 23.42 -20.35 -67.01
C GLY A 310 23.36 -19.14 -67.92
N ILE A 311 24.16 -18.11 -67.68
CA ILE A 311 24.09 -16.92 -68.50
C ILE A 311 24.75 -17.12 -69.84
N ALA A 312 25.76 -17.98 -69.92
CA ALA A 312 26.40 -18.24 -71.21
C ALA A 312 25.52 -19.10 -72.10
N ASP A 313 24.81 -20.06 -71.52
CA ASP A 313 23.90 -20.88 -72.30
C ASP A 313 22.74 -20.07 -72.86
N ARG A 314 22.10 -19.26 -72.01
CA ARG A 314 21.05 -18.37 -72.47
C ARG A 314 21.58 -17.37 -73.47
N MET A 315 22.78 -16.86 -73.23
CA MET A 315 23.39 -15.88 -74.12
C MET A 315 23.56 -16.47 -75.52
N GLN A 316 24.06 -17.70 -75.59
CA GLN A 316 24.26 -18.34 -76.88
C GLN A 316 22.94 -18.71 -77.53
N LYS A 317 21.96 -19.16 -76.75
CA LYS A 317 20.67 -19.49 -77.31
C LYS A 317 20.03 -18.26 -77.97
N GLU A 318 20.07 -17.12 -77.28
CA GLU A 318 19.46 -15.92 -77.82
C GLU A 318 20.20 -15.41 -79.05
N ILE A 319 21.54 -15.35 -78.99
CA ILE A 319 22.26 -14.86 -80.16
C ILE A 319 22.12 -15.83 -81.33
N THR A 320 22.03 -17.13 -81.06
CA THR A 320 21.80 -18.09 -82.13
C THR A 320 20.45 -17.87 -82.77
N ALA A 321 19.44 -17.54 -81.97
CA ALA A 321 18.14 -17.20 -82.53
C ALA A 321 18.23 -15.96 -83.40
N LEU A 322 19.00 -14.97 -82.99
CA LEU A 322 19.08 -13.73 -83.77
C LEU A 322 19.91 -13.87 -85.03
N ALA A 323 21.06 -14.52 -84.95
CA ALA A 323 22.01 -14.61 -86.04
C ALA A 323 21.56 -15.60 -87.10
N PRO A 324 22.15 -15.57 -88.30
CA PRO A 324 21.83 -16.58 -89.30
C PRO A 324 22.19 -17.98 -88.83
N SER A 325 21.57 -18.97 -89.45
CA SER A 325 21.69 -20.35 -88.99
C SER A 325 23.02 -20.99 -89.37
N THR A 326 23.73 -20.44 -90.34
CA THR A 326 25.01 -20.97 -90.78
C THR A 326 26.18 -20.38 -90.00
N MET A 327 25.89 -19.54 -89.01
CA MET A 327 26.90 -18.82 -88.25
C MET A 327 27.45 -19.65 -87.11
N LYS A 328 28.49 -19.13 -86.50
CA LYS A 328 29.40 -19.88 -85.64
C LYS A 328 29.35 -19.22 -84.27
N ILE A 329 28.25 -19.39 -83.55
CA ILE A 329 28.06 -18.66 -82.30
C ILE A 329 28.77 -19.40 -81.19
N LYS A 330 29.77 -18.75 -80.60
CA LYS A 330 30.41 -19.27 -79.40
C LYS A 330 30.50 -18.15 -78.37
N ILE A 331 30.08 -18.46 -77.15
CA ILE A 331 30.20 -17.55 -76.02
C ILE A 331 31.38 -18.01 -75.19
N ILE A 332 32.33 -17.12 -74.96
CA ILE A 332 33.54 -17.44 -74.23
C ILE A 332 33.41 -16.84 -72.84
N ALA A 333 33.26 -17.71 -71.84
CA ALA A 333 33.06 -17.29 -70.45
C ALA A 333 34.11 -17.98 -69.59
N PRO A 334 35.29 -17.38 -69.44
CA PRO A 334 36.32 -18.02 -68.63
C PRO A 334 35.88 -18.15 -67.20
N PRO A 335 36.40 -19.13 -66.48
CA PRO A 335 36.03 -19.26 -65.06
C PRO A 335 36.44 -18.07 -64.22
N GLU A 336 37.49 -17.38 -64.61
CA GLU A 336 38.03 -16.26 -63.86
C GLU A 336 37.58 -14.92 -64.41
N ARG A 337 36.50 -14.88 -65.18
CA ARG A 337 36.11 -13.67 -65.88
C ARG A 337 35.71 -12.55 -64.95
N LYS A 338 35.53 -12.81 -63.66
CA LYS A 338 35.31 -11.72 -62.72
C LYS A 338 36.51 -10.80 -62.60
N TYR A 339 37.69 -11.24 -63.06
CA TYR A 339 38.90 -10.45 -63.00
C TYR A 339 39.57 -10.32 -64.36
N SER A 340 38.82 -10.47 -65.45
CA SER A 340 39.41 -10.39 -66.77
C SER A 340 39.95 -9.00 -67.04
N VAL A 341 39.24 -7.97 -66.59
CA VAL A 341 39.72 -6.60 -66.81
C VAL A 341 41.04 -6.38 -66.11
N TRP A 342 41.15 -6.83 -64.86
CA TRP A 342 42.41 -6.67 -64.15
C TRP A 342 43.52 -7.50 -64.78
N ILE A 343 43.23 -8.73 -65.18
CA ILE A 343 44.25 -9.57 -65.76
C ILE A 343 44.76 -8.96 -67.06
N GLY A 344 43.86 -8.46 -67.89
CA GLY A 344 44.28 -7.79 -69.10
C GLY A 344 45.03 -6.51 -68.84
N GLY A 345 44.66 -5.80 -67.78
CA GLY A 345 45.41 -4.60 -67.43
C GLY A 345 46.81 -4.91 -66.98
N SER A 346 47.01 -6.02 -66.27
CA SER A 346 48.35 -6.42 -65.88
C SER A 346 49.13 -6.98 -67.06
N ILE A 347 48.46 -7.60 -68.02
CA ILE A 347 49.13 -8.01 -69.25
C ILE A 347 49.63 -6.78 -70.01
N LEU A 348 48.78 -5.76 -70.11
CA LEU A 348 49.13 -4.58 -70.89
C LEU A 348 50.21 -3.76 -70.19
N ALA A 349 50.05 -3.51 -68.89
CA ALA A 349 50.99 -2.68 -68.17
C ALA A 349 52.37 -3.31 -68.09
N SER A 350 52.47 -4.62 -68.24
CA SER A 350 53.74 -5.31 -68.26
C SER A 350 54.32 -5.47 -69.66
N LEU A 351 53.57 -5.10 -70.69
CA LEU A 351 54.03 -5.26 -72.05
C LEU A 351 55.27 -4.40 -72.30
N SER A 352 56.20 -4.94 -73.08
CA SER A 352 57.41 -4.19 -73.39
C SER A 352 57.12 -3.04 -74.36
N THR A 353 56.21 -3.25 -75.30
CA THR A 353 55.89 -2.23 -76.30
C THR A 353 54.98 -1.14 -75.75
N PHE A 354 54.47 -1.29 -74.54
CA PHE A 354 53.58 -0.34 -73.92
C PHE A 354 54.31 0.77 -73.18
N GLN A 355 55.62 0.62 -72.96
CA GLN A 355 56.31 1.48 -72.00
C GLN A 355 56.52 2.90 -72.52
N GLN A 356 56.33 3.14 -73.80
CA GLN A 356 56.31 4.50 -74.32
C GLN A 356 54.91 5.10 -74.37
N MET A 357 53.90 4.37 -73.89
CA MET A 357 52.53 4.82 -73.97
C MET A 357 51.99 5.32 -72.65
N TRP A 358 52.80 5.31 -71.60
CA TRP A 358 52.39 5.94 -70.35
C TRP A 358 52.32 7.45 -70.53
N ILE A 359 51.47 8.08 -69.74
CA ILE A 359 51.42 9.53 -69.66
C ILE A 359 52.37 9.94 -68.54
N THR A 360 53.56 10.39 -68.91
CA THR A 360 54.53 10.80 -67.91
C THR A 360 54.11 12.13 -67.28
N LYS A 361 54.66 12.41 -66.11
CA LYS A 361 54.31 13.65 -65.43
C LYS A 361 54.87 14.88 -66.14
N GLN A 362 55.92 14.72 -66.95
CA GLN A 362 56.37 15.81 -67.80
C GLN A 362 55.28 16.20 -68.80
N GLU A 363 54.69 15.22 -69.46
CA GLU A 363 53.63 15.51 -70.42
C GLU A 363 52.43 16.13 -69.74
N TYR A 364 52.09 15.66 -68.54
CA TYR A 364 51.00 16.28 -67.80
C TYR A 364 51.33 17.72 -67.47
N ASP A 365 52.56 18.00 -67.04
CA ASP A 365 52.93 19.37 -66.73
C ASP A 365 52.89 20.26 -67.97
N GLU A 366 53.22 19.72 -69.14
CA GLU A 366 53.08 20.51 -70.35
C GLU A 366 51.61 20.80 -70.66
N ALA A 367 50.76 19.77 -70.65
CA ALA A 367 49.47 19.87 -71.34
C ALA A 367 48.26 19.72 -70.45
N GLY A 368 48.38 19.81 -69.13
CA GLY A 368 47.22 19.77 -68.27
C GLY A 368 46.56 18.41 -68.28
N PRO A 369 45.42 18.28 -67.60
CA PRO A 369 44.70 17.01 -67.61
C PRO A 369 44.16 16.61 -68.98
N SER A 370 44.11 17.53 -69.94
CA SER A 370 43.58 17.20 -71.25
C SER A 370 44.49 16.30 -72.07
N ILE A 371 45.68 15.96 -71.56
CA ILE A 371 46.59 15.07 -72.26
C ILE A 371 45.99 13.67 -72.37
N VAL A 372 45.06 13.32 -71.49
CA VAL A 372 44.57 11.96 -71.37
C VAL A 372 43.64 11.57 -72.51
N HIS A 373 43.06 12.53 -73.21
CA HIS A 373 42.18 12.20 -74.32
C HIS A 373 42.95 11.91 -75.59
N ARG A 374 44.21 12.33 -75.66
CA ARG A 374 45.01 12.22 -76.86
C ARG A 374 46.12 11.19 -76.70
N LYS A 375 46.55 10.95 -75.47
CA LYS A 375 47.45 9.84 -75.16
C LYS A 375 46.70 8.53 -75.00
N CYS A 376 45.50 8.58 -74.43
CA CYS A 376 44.65 7.42 -74.30
C CYS A 376 43.53 7.45 -75.33
N THR B 7 -26.94 -5.08 -55.55
CA THR B 7 -26.61 -4.58 -56.87
C THR B 7 -25.70 -3.36 -56.77
N THR B 8 -25.55 -2.86 -55.54
CA THR B 8 -24.66 -1.75 -55.26
C THR B 8 -23.39 -2.27 -54.59
N ALA B 9 -22.24 -1.85 -55.10
CA ALA B 9 -20.98 -2.34 -54.58
C ALA B 9 -20.67 -1.73 -53.23
N LEU B 10 -19.87 -2.46 -52.46
CA LEU B 10 -19.33 -1.95 -51.21
C LEU B 10 -17.90 -1.50 -51.42
N VAL B 11 -17.46 -0.54 -50.61
CA VAL B 11 -16.11 -0.02 -50.68
C VAL B 11 -15.58 0.01 -49.25
N CYS B 12 -14.67 -0.91 -48.93
CA CYS B 12 -14.04 -0.97 -47.63
C CYS B 12 -12.58 -0.59 -47.78
N ASP B 13 -12.19 0.53 -47.20
CA ASP B 13 -10.81 0.98 -47.19
C ASP B 13 -10.20 0.54 -45.87
N ASN B 14 -9.48 -0.58 -45.90
CA ASN B 14 -8.84 -1.13 -44.72
C ASN B 14 -7.50 -0.45 -44.55
N GLY B 15 -7.47 0.57 -43.74
CA GLY B 15 -6.20 1.16 -43.39
C GLY B 15 -5.61 0.49 -42.18
N SER B 16 -4.38 0.88 -41.85
CA SER B 16 -3.76 0.37 -40.66
C SER B 16 -4.44 0.90 -39.41
N GLY B 17 -4.93 2.13 -39.46
CA GLY B 17 -5.53 2.77 -38.31
C GLY B 17 -7.04 2.76 -38.26
N LEU B 18 -7.67 3.09 -39.38
CA LEU B 18 -9.12 3.25 -39.44
C LEU B 18 -9.71 2.42 -40.56
N VAL B 19 -10.94 1.98 -40.37
CA VAL B 19 -11.73 1.35 -41.41
C VAL B 19 -12.67 2.39 -41.98
N LYS B 20 -12.62 2.60 -43.28
CA LYS B 20 -13.53 3.50 -43.98
C LYS B 20 -14.39 2.63 -44.89
N ALA B 21 -15.66 2.47 -44.53
CA ALA B 21 -16.54 1.60 -45.28
C ALA B 21 -17.79 2.36 -45.70
N GLY B 22 -18.36 1.95 -46.82
CA GLY B 22 -19.54 2.61 -47.32
C GLY B 22 -19.97 1.98 -48.62
N PHE B 23 -20.89 2.65 -49.31
CA PHE B 23 -21.47 2.14 -50.54
C PHE B 23 -20.93 2.91 -51.73
N ALA B 24 -20.63 2.18 -52.80
CA ALA B 24 -20.15 2.83 -54.01
C ALA B 24 -21.23 3.75 -54.56
N GLY B 25 -20.81 4.89 -55.09
CA GLY B 25 -21.69 5.93 -55.54
C GLY B 25 -21.87 7.05 -54.54
N ASP B 26 -21.84 6.74 -53.25
CA ASP B 26 -21.91 7.77 -52.24
C ASP B 26 -20.67 8.64 -52.26
N ASP B 27 -20.74 9.76 -51.55
CA ASP B 27 -19.63 10.70 -51.51
C ASP B 27 -18.93 10.74 -50.16
N ALA B 28 -19.26 9.82 -49.25
CA ALA B 28 -18.61 9.76 -47.95
C ALA B 28 -18.82 8.38 -47.38
N PRO B 29 -17.87 7.85 -46.63
CA PRO B 29 -18.09 6.57 -45.95
C PRO B 29 -19.18 6.69 -44.90
N ARG B 30 -19.86 5.58 -44.65
CA ARG B 30 -20.87 5.55 -43.61
C ARG B 30 -20.38 4.91 -42.33
N ALA B 31 -19.22 4.25 -42.36
CA ALA B 31 -18.60 3.67 -41.18
C ALA B 31 -17.14 4.06 -41.19
N VAL B 32 -16.72 4.81 -40.16
CA VAL B 32 -15.33 5.17 -39.96
C VAL B 32 -15.04 4.93 -38.49
N PHE B 33 -14.42 3.81 -38.17
CA PHE B 33 -14.13 3.42 -36.81
C PHE B 33 -12.70 2.93 -36.73
N PRO B 34 -12.09 2.97 -35.54
CA PRO B 34 -10.72 2.46 -35.40
C PRO B 34 -10.64 0.98 -35.74
N SER B 35 -9.54 0.61 -36.38
CA SER B 35 -9.31 -0.77 -36.80
C SER B 35 -8.57 -1.53 -35.71
N ILE B 36 -9.21 -1.64 -34.54
CA ILE B 36 -8.63 -2.27 -33.37
C ILE B 36 -9.57 -3.33 -32.84
N VAL B 37 -9.00 -4.30 -32.14
CA VAL B 37 -9.75 -5.30 -31.39
C VAL B 37 -9.21 -5.30 -29.97
N GLY B 38 -10.10 -5.09 -29.00
CA GLY B 38 -9.71 -5.02 -27.60
C GLY B 38 -10.19 -6.25 -26.85
N ARG B 39 -9.38 -6.71 -25.90
CA ARG B 39 -9.72 -7.85 -25.08
C ARG B 39 -9.47 -7.51 -23.62
N PRO B 40 -10.40 -7.86 -22.74
CA PRO B 40 -10.26 -7.47 -21.33
C PRO B 40 -8.99 -8.05 -20.73
N ARG B 41 -8.35 -7.25 -19.87
CA ARG B 41 -7.10 -7.64 -19.25
C ARG B 41 -7.18 -7.66 -17.73
N HIS B 42 -8.35 -7.48 -17.15
CA HIS B 42 -8.52 -7.43 -15.71
C HIS B 42 -9.47 -8.54 -15.27
N GLN B 43 -9.82 -8.54 -14.00
CA GLN B 43 -10.60 -9.60 -13.39
C GLN B 43 -12.08 -9.27 -13.45
N GLY B 44 -12.85 -10.06 -14.17
CA GLY B 44 -14.30 -9.92 -14.17
C GLY B 44 -14.88 -10.43 -12.87
N VAL B 45 -15.50 -9.56 -12.09
CA VAL B 45 -16.01 -9.93 -10.78
C VAL B 45 -17.52 -9.93 -10.69
N MET B 46 -18.22 -9.44 -11.71
CA MET B 46 -19.68 -9.44 -11.72
C MET B 46 -20.19 -10.43 -12.76
N VAL B 47 -21.27 -11.13 -12.40
CA VAL B 47 -21.73 -12.28 -13.15
C VAL B 47 -22.45 -11.81 -14.41
N GLY B 48 -21.98 -12.25 -15.56
CA GLY B 48 -22.53 -11.84 -16.83
C GLY B 48 -21.87 -10.64 -17.44
N MET B 49 -21.08 -9.90 -16.69
CA MET B 49 -20.38 -8.73 -17.19
C MET B 49 -19.10 -9.07 -17.93
N GLY B 50 -18.66 -10.33 -17.90
CA GLY B 50 -17.43 -10.70 -18.56
C GLY B 50 -17.62 -11.76 -19.63
N GLN B 51 -18.83 -11.89 -20.14
CA GLN B 51 -19.08 -12.88 -21.19
C GLN B 51 -18.52 -12.43 -22.53
N LYS B 52 -18.58 -11.14 -22.82
CA LYS B 52 -18.04 -10.64 -24.07
C LYS B 52 -16.52 -10.57 -23.96
N ASP B 53 -15.84 -11.32 -24.83
CA ASP B 53 -14.40 -11.51 -24.71
C ASP B 53 -13.62 -10.68 -25.69
N SER B 54 -14.28 -9.80 -26.44
CA SER B 54 -13.61 -9.08 -27.51
C SER B 54 -14.51 -7.96 -27.98
N TYR B 55 -13.90 -6.79 -28.19
CA TYR B 55 -14.60 -5.61 -28.65
C TYR B 55 -13.90 -5.08 -29.89
N VAL B 56 -14.66 -4.53 -30.82
CA VAL B 56 -14.15 -4.09 -32.10
C VAL B 56 -14.55 -2.64 -32.33
N GLY B 57 -13.61 -1.83 -32.81
CA GLY B 57 -13.93 -0.49 -33.23
C GLY B 57 -14.19 0.47 -32.10
N ASP B 58 -15.19 1.34 -32.26
CA ASP B 58 -15.51 2.30 -31.21
C ASP B 58 -15.94 1.60 -29.92
N GLU B 59 -16.44 0.38 -30.03
CA GLU B 59 -16.70 -0.46 -28.87
C GLU B 59 -15.48 -0.61 -27.98
N ALA B 60 -14.29 -0.71 -28.58
CA ALA B 60 -13.07 -0.91 -27.82
C ALA B 60 -12.50 0.40 -27.31
N GLN B 61 -12.57 1.46 -28.10
CA GLN B 61 -12.14 2.77 -27.62
C GLN B 61 -12.99 3.26 -26.48
N SER B 62 -14.28 2.90 -26.46
CA SER B 62 -15.12 3.28 -25.34
C SER B 62 -14.66 2.63 -24.05
N LYS B 63 -14.32 1.34 -24.11
CA LYS B 63 -13.96 0.56 -22.94
C LYS B 63 -12.47 0.34 -22.80
N ARG B 64 -11.65 1.10 -23.54
CA ARG B 64 -10.22 0.85 -23.58
C ARG B 64 -9.54 0.95 -22.23
N GLY B 65 -10.23 1.41 -21.19
CA GLY B 65 -9.60 1.48 -19.90
C GLY B 65 -9.47 0.15 -19.19
N ILE B 66 -10.03 -0.91 -19.74
CA ILE B 66 -9.93 -2.23 -19.15
C ILE B 66 -9.55 -3.26 -20.20
N LEU B 67 -9.15 -2.80 -21.38
CA LEU B 67 -8.86 -3.66 -22.50
C LEU B 67 -7.41 -3.50 -22.94
N THR B 68 -6.93 -4.48 -23.68
CA THR B 68 -5.66 -4.40 -24.40
C THR B 68 -5.98 -4.26 -25.87
N LEU B 69 -5.64 -3.11 -26.45
CA LEU B 69 -6.00 -2.82 -27.82
C LEU B 69 -4.93 -3.33 -28.77
N LYS B 70 -5.36 -4.03 -29.82
CA LYS B 70 -4.45 -4.59 -30.81
C LYS B 70 -4.89 -4.18 -32.20
N TYR B 71 -3.94 -3.82 -33.03
CA TYR B 71 -4.20 -3.50 -34.42
C TYR B 71 -3.93 -4.71 -35.28
N PRO B 72 -4.91 -5.24 -36.00
CA PRO B 72 -4.64 -6.37 -36.90
C PRO B 72 -3.68 -6.05 -38.03
N ILE B 73 -3.53 -4.78 -38.38
CA ILE B 73 -2.68 -4.37 -39.50
C ILE B 73 -1.53 -3.52 -38.97
N GLU B 74 -0.31 -3.93 -39.27
CA GLU B 74 0.86 -3.08 -39.04
C GLU B 74 1.42 -2.75 -40.41
N HIC B 75 1.66 -1.49 -40.73
CA HIC B 75 2.43 -1.15 -41.93
C HIC B 75 1.80 -1.58 -43.24
O HIC B 75 2.34 -1.52 -44.34
CB HIC B 75 3.84 -1.75 -41.92
CG HIC B 75 4.64 -1.11 -40.87
ND1 HIC B 75 4.80 0.27 -40.75
CD2 HIC B 75 5.34 -1.77 -39.85
CE1 HIC B 75 5.58 0.45 -39.68
NE2 HIC B 75 5.94 -0.77 -39.09
CZ HIC B 75 6.76 -0.94 -37.95
N GLY B 76 0.57 -2.07 -43.11
CA GLY B 76 -0.34 -2.20 -44.23
C GLY B 76 -0.53 -3.67 -44.52
N ILE B 77 0.26 -4.47 -43.82
CA ILE B 77 0.18 -5.93 -43.89
C ILE B 77 -0.68 -6.41 -42.73
N ILE B 78 -1.65 -7.26 -43.04
CA ILE B 78 -2.50 -7.84 -42.00
C ILE B 78 -1.71 -8.93 -41.28
N THR B 79 -1.51 -8.74 -39.98
CA THR B 79 -0.71 -9.66 -39.19
C THR B 79 -1.54 -10.63 -38.37
N ASN B 80 -2.72 -10.22 -37.91
CA ASN B 80 -3.64 -11.09 -37.20
C ASN B 80 -4.83 -11.32 -38.12
N TRP B 81 -4.97 -12.54 -38.63
CA TRP B 81 -6.04 -12.84 -39.56
C TRP B 81 -7.33 -13.28 -38.88
N ASP B 82 -7.32 -13.49 -37.58
CA ASP B 82 -8.56 -13.74 -36.86
C ASP B 82 -9.16 -12.47 -36.31
N ASP B 83 -8.33 -11.49 -35.99
CA ASP B 83 -8.83 -10.20 -35.56
C ASP B 83 -9.28 -9.35 -36.73
N MET B 84 -8.55 -9.40 -37.85
CA MET B 84 -8.98 -8.71 -39.06
C MET B 84 -10.30 -9.28 -39.56
N GLU B 85 -10.46 -10.59 -39.45
CA GLU B 85 -11.72 -11.24 -39.78
C GLU B 85 -12.85 -10.70 -38.90
N LYS B 86 -12.58 -10.50 -37.62
CA LYS B 86 -13.55 -9.85 -36.75
C LYS B 86 -13.86 -8.43 -37.20
N ILE B 87 -12.82 -7.70 -37.61
CA ILE B 87 -13.01 -6.32 -38.07
C ILE B 87 -13.95 -6.30 -39.26
N TRP B 88 -13.75 -7.22 -40.20
CA TRP B 88 -14.59 -7.27 -41.39
C TRP B 88 -16.01 -7.70 -41.06
N HIS B 89 -16.16 -8.66 -40.15
CA HIS B 89 -17.51 -9.03 -39.73
C HIS B 89 -18.24 -7.85 -39.10
N HIS B 90 -17.55 -7.11 -38.23
CA HIS B 90 -18.12 -5.89 -37.66
C HIS B 90 -18.52 -4.92 -38.76
N THR B 91 -17.60 -4.63 -39.66
CA THR B 91 -17.86 -3.69 -40.74
C THR B 91 -19.13 -4.04 -41.50
N PHE B 92 -19.27 -5.31 -41.88
CA PHE B 92 -20.41 -5.71 -42.70
C PHE B 92 -21.70 -5.72 -41.91
N TYR B 93 -21.69 -6.29 -40.71
CA TYR B 93 -22.93 -6.61 -40.03
C TYR B 93 -23.36 -5.59 -38.99
N ASN B 94 -22.43 -5.01 -38.23
CA ASN B 94 -22.83 -4.06 -37.20
C ASN B 94 -22.79 -2.62 -37.67
N GLU B 95 -21.82 -2.25 -38.49
CA GLU B 95 -21.66 -0.87 -38.93
C GLU B 95 -22.46 -0.58 -40.20
N LEU B 96 -22.20 -1.32 -41.27
CA LEU B 96 -22.95 -1.14 -42.49
C LEU B 96 -24.30 -1.83 -42.45
N ARG B 97 -24.43 -2.95 -41.74
CA ARG B 97 -25.73 -3.69 -41.63
C ARG B 97 -26.20 -4.15 -43.01
N VAL B 98 -25.33 -4.77 -43.82
CA VAL B 98 -25.66 -5.33 -45.11
C VAL B 98 -25.46 -6.83 -45.03
N ALA B 99 -25.86 -7.52 -46.09
CA ALA B 99 -25.53 -8.92 -46.22
C ALA B 99 -24.44 -9.03 -47.28
N PRO B 100 -23.22 -9.44 -46.93
CA PRO B 100 -22.11 -9.32 -47.87
C PRO B 100 -22.29 -10.12 -49.15
N GLU B 101 -23.10 -11.17 -49.15
CA GLU B 101 -23.19 -12.02 -50.32
C GLU B 101 -24.05 -11.43 -51.44
N GLU B 102 -24.57 -10.21 -51.28
CA GLU B 102 -25.28 -9.54 -52.35
C GLU B 102 -24.54 -8.35 -52.92
N HIS B 103 -23.55 -7.80 -52.23
CA HIS B 103 -22.81 -6.65 -52.71
C HIS B 103 -21.39 -7.05 -53.10
N PRO B 104 -20.94 -6.72 -54.30
CA PRO B 104 -19.51 -6.80 -54.58
C PRO B 104 -18.75 -5.85 -53.68
N THR B 105 -17.56 -6.26 -53.26
CA THR B 105 -16.77 -5.48 -52.31
C THR B 105 -15.47 -5.04 -52.95
N LEU B 106 -15.20 -3.74 -52.92
CA LEU B 106 -13.92 -3.21 -53.34
C LEU B 106 -13.04 -3.01 -52.11
N LEU B 107 -11.84 -3.58 -52.16
CA LEU B 107 -10.88 -3.45 -51.08
C LEU B 107 -9.65 -2.72 -51.60
N THR B 108 -8.88 -2.16 -50.68
CA THR B 108 -7.71 -1.37 -51.03
C THR B 108 -6.48 -1.97 -50.37
N GLU B 109 -5.33 -1.71 -50.98
CA GLU B 109 -4.07 -2.24 -50.48
C GLU B 109 -2.93 -1.33 -50.91
N ALA B 110 -1.91 -1.25 -50.08
CA ALA B 110 -0.73 -0.48 -50.43
C ALA B 110 0.10 -1.22 -51.46
N PRO B 111 0.91 -0.50 -52.23
CA PRO B 111 1.80 -1.16 -53.19
C PRO B 111 3.01 -1.77 -52.48
N LEU B 112 3.70 -2.65 -53.21
CA LEU B 112 4.91 -3.30 -52.72
C LEU B 112 4.65 -4.04 -51.41
N ASN B 113 3.53 -4.70 -51.33
CA ASN B 113 2.97 -5.34 -50.17
C ASN B 113 3.01 -6.85 -50.43
N PRO B 114 3.16 -7.70 -49.42
CA PRO B 114 3.23 -9.14 -49.70
C PRO B 114 2.03 -9.66 -50.47
N LYS B 115 2.29 -10.61 -51.37
CA LYS B 115 1.23 -11.17 -52.19
C LYS B 115 0.28 -12.02 -51.37
N ALA B 116 0.77 -12.64 -50.30
CA ALA B 116 -0.11 -13.44 -49.47
C ALA B 116 -1.17 -12.59 -48.80
N ASN B 117 -0.88 -11.32 -48.55
CA ASN B 117 -1.89 -10.42 -48.00
C ASN B 117 -3.09 -10.34 -48.90
N ARG B 118 -2.85 -10.02 -50.17
CA ARG B 118 -3.92 -9.88 -51.16
C ARG B 118 -4.62 -11.21 -51.40
N GLU B 119 -3.85 -12.30 -51.48
CA GLU B 119 -4.44 -13.62 -51.70
C GLU B 119 -5.35 -14.02 -50.55
N LYS B 120 -4.94 -13.79 -49.31
CA LYS B 120 -5.76 -14.17 -48.20
C LYS B 120 -6.95 -13.25 -48.03
N MET B 121 -6.84 -11.98 -48.42
CA MET B 121 -8.03 -11.13 -48.46
C MET B 121 -9.04 -11.67 -49.45
N THR B 122 -8.56 -12.07 -50.64
CA THR B 122 -9.47 -12.65 -51.63
C THR B 122 -10.15 -13.89 -51.08
N GLN B 123 -9.38 -14.77 -50.46
CA GLN B 123 -9.95 -16.00 -49.92
C GLN B 123 -10.94 -15.73 -48.80
N ILE B 124 -10.61 -14.82 -47.88
CA ILE B 124 -11.52 -14.54 -46.77
C ILE B 124 -12.82 -13.99 -47.31
N MET B 125 -12.76 -13.01 -48.22
CA MET B 125 -13.98 -12.52 -48.83
C MET B 125 -14.80 -13.66 -49.41
N PHE B 126 -14.24 -14.35 -50.40
CA PHE B 126 -15.03 -15.30 -51.16
C PHE B 126 -15.49 -16.51 -50.36
N GLU B 127 -14.86 -16.81 -49.23
CA GLU B 127 -15.20 -18.04 -48.54
C GLU B 127 -15.82 -17.83 -47.16
N THR B 128 -15.51 -16.75 -46.47
CA THR B 128 -16.19 -16.48 -45.22
C THR B 128 -17.37 -15.56 -45.41
N PHE B 129 -17.28 -14.60 -46.33
CA PHE B 129 -18.35 -13.63 -46.50
C PHE B 129 -19.12 -13.84 -47.79
N ASN B 130 -18.69 -14.78 -48.64
CA ASN B 130 -19.43 -15.19 -49.82
C ASN B 130 -19.76 -14.03 -50.75
N VAL B 131 -18.86 -13.06 -50.85
CA VAL B 131 -19.18 -11.90 -51.70
C VAL B 131 -19.33 -12.36 -53.14
N PRO B 132 -20.29 -11.83 -53.90
CA PRO B 132 -20.42 -12.24 -55.30
C PRO B 132 -19.20 -11.92 -56.14
N ALA B 133 -18.51 -10.83 -55.82
CA ALA B 133 -17.30 -10.43 -56.53
C ALA B 133 -16.50 -9.55 -55.59
N MET B 134 -15.24 -9.34 -55.94
CA MET B 134 -14.40 -8.44 -55.17
C MET B 134 -13.26 -7.95 -56.05
N TYR B 135 -12.53 -6.97 -55.54
CA TYR B 135 -11.44 -6.34 -56.26
C TYR B 135 -10.53 -5.69 -55.23
N VAL B 136 -9.23 -5.67 -55.51
CA VAL B 136 -8.26 -5.02 -54.66
C VAL B 136 -7.58 -3.94 -55.48
N ALA B 137 -7.70 -2.69 -55.03
CA ALA B 137 -7.17 -1.55 -55.76
C ALA B 137 -6.06 -0.88 -54.95
N ILE B 138 -5.16 -0.22 -55.66
CA ILE B 138 -4.06 0.48 -54.99
C ILE B 138 -4.57 1.83 -54.52
N GLN B 139 -4.23 2.18 -53.29
CA GLN B 139 -4.83 3.34 -52.65
C GLN B 139 -4.42 4.66 -53.30
N ALA B 140 -3.24 4.73 -53.90
CA ALA B 140 -2.83 5.97 -54.54
C ALA B 140 -3.56 6.18 -55.86
N VAL B 141 -3.85 5.12 -56.59
CA VAL B 141 -4.68 5.26 -57.79
C VAL B 141 -6.07 5.75 -57.41
N LEU B 142 -6.60 5.26 -56.30
CA LEU B 142 -7.90 5.72 -55.85
C LEU B 142 -7.85 7.18 -55.41
N SER B 143 -6.76 7.60 -54.78
CA SER B 143 -6.62 9.00 -54.44
C SER B 143 -6.60 9.88 -55.68
N LEU B 144 -5.94 9.41 -56.74
CA LEU B 144 -5.94 10.18 -57.98
C LEU B 144 -7.31 10.18 -58.64
N TYR B 145 -8.08 9.10 -58.49
CA TYR B 145 -9.48 9.12 -58.93
C TYR B 145 -10.25 10.21 -58.20
N ALA B 146 -10.11 10.24 -56.88
CA ALA B 146 -10.89 11.18 -56.08
C ALA B 146 -10.50 12.62 -56.34
N SER B 147 -9.25 12.86 -56.71
CA SER B 147 -8.81 14.22 -56.96
C SER B 147 -9.26 14.74 -58.32
N GLY B 148 -9.93 13.92 -59.13
CA GLY B 148 -10.39 14.38 -60.42
C GLY B 148 -9.31 14.57 -61.44
N ARG B 149 -8.26 13.75 -61.40
CA ARG B 149 -7.15 13.84 -62.33
C ARG B 149 -6.83 12.47 -62.89
N THR B 150 -6.04 12.46 -63.96
CA THR B 150 -5.44 11.24 -64.47
C THR B 150 -3.93 11.35 -64.57
N THR B 151 -3.37 12.45 -64.10
CA THR B 151 -1.93 12.68 -64.09
C THR B 151 -1.56 13.29 -62.76
N GLY B 152 -0.48 12.81 -62.17
CA GLY B 152 0.02 13.36 -60.93
C GLY B 152 0.65 12.29 -60.09
N ILE B 153 1.50 12.72 -59.17
CA ILE B 153 2.16 11.84 -58.23
C ILE B 153 1.46 11.97 -56.89
N VAL B 154 1.02 10.84 -56.35
CA VAL B 154 0.23 10.82 -55.13
C VAL B 154 1.13 10.46 -53.96
N LEU B 155 1.08 11.26 -52.91
CA LEU B 155 1.82 10.93 -51.67
C LEU B 155 0.76 10.55 -50.64
N ASP B 156 0.59 9.25 -50.41
CA ASP B 156 -0.50 8.84 -49.48
C ASP B 156 0.15 8.39 -48.18
N SER B 157 -0.20 9.05 -47.07
CA SER B 157 0.32 8.63 -45.75
C SER B 157 -0.84 8.27 -44.84
N GLY B 158 -0.80 7.08 -44.25
CA GLY B 158 -1.86 6.58 -43.36
C GLY B 158 -1.30 6.30 -42.00
N ASP B 159 -1.97 5.50 -41.19
CA ASP B 159 -1.38 5.07 -39.89
C ASP B 159 -0.12 4.21 -40.14
N GLY B 160 -0.13 3.32 -41.13
CA GLY B 160 1.02 2.40 -41.31
C GLY B 160 2.05 2.69 -42.40
N VAL B 161 1.65 3.16 -43.57
CA VAL B 161 2.64 3.27 -44.70
C VAL B 161 2.55 4.61 -45.44
N THR B 162 3.67 5.13 -45.92
CA THR B 162 3.66 6.34 -46.79
C THR B 162 4.12 5.87 -48.17
N HIS B 163 3.35 6.12 -49.23
CA HIS B 163 3.72 5.62 -50.57
C HIS B 163 3.58 6.71 -51.64
N ASN B 164 4.44 6.66 -52.66
CA ASN B 164 4.44 7.65 -53.78
C ASN B 164 4.21 6.90 -55.09
N VAL B 165 3.09 7.15 -55.77
CA VAL B 165 2.80 6.46 -57.02
C VAL B 165 2.65 7.51 -58.13
N PRO B 166 3.58 7.59 -59.06
CA PRO B 166 3.44 8.55 -60.16
C PRO B 166 2.62 8.00 -61.31
N ILE B 167 1.57 8.72 -61.68
CA ILE B 167 0.65 8.30 -62.74
C ILE B 167 0.61 9.41 -63.77
N TYR B 168 0.69 9.04 -65.04
CA TYR B 168 0.65 10.01 -66.13
C TYR B 168 -0.31 9.52 -67.20
N GLU B 169 -1.38 10.28 -67.44
CA GLU B 169 -2.40 9.96 -68.42
C GLU B 169 -3.03 8.61 -68.15
N GLY B 170 -3.14 8.25 -66.88
CA GLY B 170 -3.71 6.98 -66.50
C GLY B 170 -2.75 5.81 -66.52
N TYR B 171 -1.48 6.04 -66.83
CA TYR B 171 -0.47 5.00 -66.86
C TYR B 171 0.44 5.17 -65.65
N ALA B 172 0.55 4.13 -64.84
CA ALA B 172 1.45 4.15 -63.71
C ALA B 172 2.85 3.74 -64.14
N LEU B 173 3.85 4.27 -63.44
CA LEU B 173 5.24 3.90 -63.67
C LEU B 173 5.68 3.07 -62.47
N PRO B 174 5.47 1.75 -62.49
CA PRO B 174 5.67 0.95 -61.28
C PRO B 174 7.09 0.90 -60.79
N HIS B 175 8.07 1.23 -61.63
CA HIS B 175 9.45 1.25 -61.17
C HIS B 175 9.75 2.48 -60.34
N ALA B 176 8.92 3.50 -60.40
CA ALA B 176 9.10 4.72 -59.64
C ALA B 176 8.24 4.78 -58.40
N ILE B 177 7.51 3.72 -58.09
CA ILE B 177 6.71 3.66 -56.88
C ILE B 177 7.63 3.51 -55.69
N MET B 178 7.43 4.33 -54.67
CA MET B 178 8.23 4.27 -53.46
C MET B 178 7.33 4.09 -52.26
N ARG B 179 7.64 3.08 -51.45
CA ARG B 179 6.93 2.78 -50.22
C ARG B 179 7.87 3.04 -49.05
N LEU B 180 7.34 3.59 -47.98
CA LEU B 180 8.13 3.95 -46.82
C LEU B 180 7.33 3.61 -45.58
N ASP B 181 7.83 2.68 -44.77
CA ASP B 181 7.11 2.22 -43.59
C ASP B 181 7.29 3.21 -42.44
N LEU B 182 6.79 4.41 -42.66
CA LEU B 182 6.80 5.48 -41.66
C LEU B 182 5.56 6.30 -41.88
N ALA B 183 4.68 6.32 -40.87
CA ALA B 183 3.37 6.91 -41.01
C ALA B 183 2.86 7.27 -39.62
N GLY B 184 1.55 7.41 -39.49
CA GLY B 184 0.99 7.99 -38.28
C GLY B 184 1.34 7.23 -37.02
N ARG B 185 1.40 5.90 -37.08
CA ARG B 185 1.68 5.15 -35.86
C ARG B 185 3.11 5.35 -35.39
N ASP B 186 4.05 5.51 -36.30
CA ASP B 186 5.43 5.80 -35.92
C ASP B 186 5.54 7.18 -35.31
N LEU B 187 4.75 8.14 -35.80
CA LEU B 187 4.75 9.47 -35.20
C LEU B 187 4.09 9.45 -33.82
N THR B 188 3.06 8.64 -33.65
CA THR B 188 2.47 8.49 -32.32
C THR B 188 3.46 7.89 -31.34
N ASP B 189 4.21 6.88 -31.77
CA ASP B 189 5.21 6.28 -30.91
C ASP B 189 6.33 7.27 -30.59
N TYR B 190 6.76 8.04 -31.58
CA TYR B 190 7.79 9.04 -31.33
C TYR B 190 7.29 10.11 -30.36
N LEU B 191 6.03 10.50 -30.48
CA LEU B 191 5.48 11.48 -29.55
C LEU B 191 5.38 10.90 -28.13
N MET B 192 5.00 9.64 -27.98
CA MET B 192 5.05 9.04 -26.66
C MET B 192 6.46 9.07 -26.10
N LYS B 193 7.45 8.82 -26.96
CA LYS B 193 8.83 8.79 -26.50
C LYS B 193 9.29 10.16 -26.05
N ILE B 194 9.02 11.20 -26.83
CA ILE B 194 9.52 12.54 -26.50
C ILE B 194 8.61 13.29 -25.55
N LEU B 195 7.45 12.73 -25.20
CA LEU B 195 6.66 13.32 -24.13
C LEU B 195 7.24 13.01 -22.77
N THR B 196 8.15 12.05 -22.67
CA THR B 196 8.78 11.70 -21.41
C THR B 196 9.76 12.76 -20.96
N GLU B 197 10.22 13.62 -21.87
CA GLU B 197 11.13 14.69 -21.51
C GLU B 197 10.48 15.70 -20.58
N ARG B 198 9.17 15.84 -20.65
CA ARG B 198 8.43 16.72 -19.77
C ARG B 198 7.87 16.00 -18.56
N GLY B 199 8.08 14.69 -18.46
CA GLY B 199 7.60 13.94 -17.33
C GLY B 199 6.28 13.23 -17.54
N TYR B 200 5.80 13.17 -18.77
CA TYR B 200 4.52 12.52 -19.07
C TYR B 200 4.81 11.12 -19.57
N SER B 201 4.31 10.12 -18.86
CA SER B 201 4.58 8.73 -19.19
C SER B 201 3.29 8.07 -19.65
N PHE B 202 3.20 7.76 -20.94
CA PHE B 202 2.09 7.05 -21.54
C PHE B 202 2.63 5.74 -22.08
N VAL B 203 2.27 4.63 -21.46
CA VAL B 203 2.83 3.33 -21.79
C VAL B 203 1.78 2.37 -22.33
N THR B 204 0.61 2.33 -21.69
CA THR B 204 -0.44 1.39 -22.07
C THR B 204 -0.92 1.68 -23.49
N THR B 205 -1.59 0.68 -24.09
CA THR B 205 -2.18 0.88 -25.41
C THR B 205 -3.27 1.94 -25.39
N ALA B 206 -4.06 1.97 -24.31
CA ALA B 206 -5.04 3.04 -24.16
C ALA B 206 -4.37 4.40 -24.09
N GLU B 207 -3.27 4.51 -23.35
CA GLU B 207 -2.54 5.76 -23.32
C GLU B 207 -1.91 6.07 -24.66
N ARG B 208 -1.65 5.06 -25.48
CA ARG B 208 -1.23 5.32 -26.85
C ARG B 208 -2.34 5.94 -27.66
N GLU B 209 -3.59 5.54 -27.43
CA GLU B 209 -4.71 6.22 -28.07
C GLU B 209 -4.83 7.66 -27.59
N ILE B 210 -4.59 7.89 -26.31
CA ILE B 210 -4.58 9.26 -25.78
C ILE B 210 -3.52 10.09 -26.48
N VAL B 211 -2.33 9.52 -26.67
CA VAL B 211 -1.25 10.26 -27.33
C VAL B 211 -1.56 10.50 -28.79
N ARG B 212 -2.23 9.55 -29.44
CA ARG B 212 -2.67 9.78 -30.81
C ARG B 212 -3.62 10.96 -30.88
N ASP B 213 -4.53 11.07 -29.91
CA ASP B 213 -5.41 12.24 -29.86
C ASP B 213 -4.63 13.53 -29.65
N ILE B 214 -3.65 13.51 -28.75
CA ILE B 214 -2.80 14.69 -28.52
C ILE B 214 -2.12 15.10 -29.82
N LYS B 215 -1.58 14.13 -30.55
CA LYS B 215 -0.88 14.42 -31.80
C LYS B 215 -1.83 15.00 -32.83
N GLU B 216 -3.04 14.45 -32.95
CA GLU B 216 -3.98 14.98 -33.92
C GLU B 216 -4.42 16.39 -33.57
N LYS B 217 -4.54 16.71 -32.29
CA LYS B 217 -5.07 18.01 -31.92
C LYS B 217 -4.02 19.10 -31.89
N LEU B 218 -2.79 18.78 -31.46
CA LEU B 218 -1.82 19.83 -31.14
C LEU B 218 -0.64 19.92 -32.09
N CYS B 219 -0.31 18.85 -32.82
CA CYS B 219 0.91 18.85 -33.60
C CYS B 219 0.72 19.54 -34.95
N TYR B 220 1.82 20.07 -35.49
CA TYR B 220 1.81 20.72 -36.78
C TYR B 220 3.19 20.62 -37.39
N VAL B 221 3.33 21.03 -38.63
CA VAL B 221 4.59 20.93 -39.37
C VAL B 221 5.19 22.33 -39.47
N ALA B 222 6.40 22.48 -38.94
CA ALA B 222 7.09 23.76 -39.01
C ALA B 222 7.60 24.01 -40.41
N LEU B 223 7.36 25.22 -40.92
CA LEU B 223 7.85 25.56 -42.25
C LEU B 223 9.37 25.56 -42.30
N ASP B 224 10.02 26.05 -41.24
CA ASP B 224 11.46 25.97 -41.11
C ASP B 224 11.77 25.47 -39.71
N PHE B 225 12.37 24.29 -39.62
CA PHE B 225 12.46 23.59 -38.35
C PHE B 225 13.37 24.31 -37.36
N GLU B 226 14.50 24.85 -37.85
CA GLU B 226 15.51 25.38 -36.94
C GLU B 226 15.07 26.68 -36.30
N ASN B 227 14.47 27.58 -37.08
CA ASN B 227 13.90 28.80 -36.51
C ASN B 227 12.73 28.48 -35.59
N GLU B 228 11.99 27.41 -35.84
CA GLU B 228 10.93 27.06 -34.90
C GLU B 228 11.50 26.53 -33.60
N MET B 229 12.59 25.77 -33.67
CA MET B 229 13.24 25.33 -32.44
C MET B 229 13.78 26.52 -31.66
N ALA B 230 14.39 27.47 -32.37
CA ALA B 230 14.87 28.69 -31.71
C ALA B 230 13.73 29.47 -31.08
N THR B 231 12.61 29.60 -31.79
CA THR B 231 11.46 30.32 -31.26
C THR B 231 10.90 29.64 -30.02
N ALA B 232 10.78 28.31 -30.06
CA ALA B 232 10.29 27.58 -28.90
C ALA B 232 11.25 27.69 -27.73
N ALA B 233 12.55 27.73 -27.99
CA ALA B 233 13.51 27.89 -26.90
C ALA B 233 13.45 29.28 -26.30
N SER B 234 13.28 30.31 -27.13
CA SER B 234 13.33 31.67 -26.64
C SER B 234 12.08 32.02 -25.84
N SER B 235 10.92 31.63 -26.33
CA SER B 235 9.65 32.08 -25.78
C SER B 235 8.86 30.89 -25.23
N SER B 236 7.62 31.15 -24.85
CA SER B 236 6.65 30.11 -24.54
C SER B 236 5.36 30.34 -25.31
N SER B 237 5.47 30.98 -26.48
CA SER B 237 4.30 31.26 -27.29
C SER B 237 3.75 30.04 -27.99
N LEU B 238 4.57 29.01 -28.21
CA LEU B 238 4.12 27.84 -28.94
C LEU B 238 3.57 26.75 -28.04
N GLU B 239 3.58 26.95 -26.73
CA GLU B 239 3.11 25.94 -25.80
C GLU B 239 1.60 25.92 -25.76
N LYS B 240 1.01 24.72 -25.88
CA LYS B 240 -0.41 24.53 -25.76
C LYS B 240 -0.69 23.45 -24.74
N SER B 241 -1.84 23.56 -24.08
CA SER B 241 -2.23 22.61 -23.06
C SER B 241 -3.21 21.59 -23.62
N TYR B 242 -3.35 20.49 -22.90
CA TYR B 242 -4.24 19.41 -23.27
C TYR B 242 -4.70 18.74 -22.00
N GLU B 243 -5.99 18.46 -21.90
CA GLU B 243 -6.56 17.86 -20.70
C GLU B 243 -6.74 16.37 -20.90
N LEU B 244 -6.16 15.60 -20.00
CA LEU B 244 -6.20 14.15 -20.08
C LEU B 244 -7.57 13.64 -19.65
N PRO B 245 -7.89 12.37 -19.93
CA PRO B 245 -9.23 11.87 -19.62
C PRO B 245 -9.60 11.95 -18.15
N ASP B 246 -8.65 12.08 -17.24
CA ASP B 246 -8.96 12.21 -15.82
C ASP B 246 -8.71 13.59 -15.28
N GLY B 247 -8.57 14.59 -16.14
CA GLY B 247 -8.52 15.97 -15.71
C GLY B 247 -7.14 16.55 -15.52
N GLN B 248 -6.07 15.76 -15.64
CA GLN B 248 -4.75 16.35 -15.61
C GLN B 248 -4.49 17.11 -16.89
N VAL B 249 -3.73 18.19 -16.78
CA VAL B 249 -3.43 19.06 -17.92
C VAL B 249 -1.94 18.95 -18.21
N ILE B 250 -1.61 18.66 -19.46
CA ILE B 250 -0.21 18.59 -19.88
C ILE B 250 0.04 19.75 -20.83
N THR B 251 1.30 20.18 -20.90
CA THR B 251 1.71 21.26 -21.78
C THR B 251 2.88 20.78 -22.62
N ILE B 252 2.83 21.04 -23.92
CA ILE B 252 3.90 20.65 -24.82
C ILE B 252 4.28 21.83 -25.71
N GLY B 253 5.56 22.17 -25.73
CA GLY B 253 5.99 23.30 -26.53
C GLY B 253 6.55 23.01 -27.91
N ASN B 254 7.61 22.21 -27.99
CA ASN B 254 8.21 21.91 -29.28
C ASN B 254 7.99 20.47 -29.70
N GLU B 255 7.38 19.66 -28.84
CA GLU B 255 6.91 18.37 -29.29
C GLU B 255 5.83 18.51 -30.33
N ARG B 256 5.25 19.70 -30.47
CA ARG B 256 4.19 19.92 -31.43
C ARG B 256 4.69 19.84 -32.86
N PHE B 257 5.85 20.40 -33.14
CA PHE B 257 6.40 20.33 -34.49
C PHE B 257 7.59 19.38 -34.60
N ARG B 258 8.07 18.83 -33.48
CA ARG B 258 9.12 17.83 -33.55
C ARG B 258 8.57 16.48 -33.99
N CYS B 259 7.38 16.13 -33.54
CA CYS B 259 6.79 14.85 -33.93
C CYS B 259 6.54 14.74 -35.43
N PRO B 260 5.88 15.70 -36.09
CA PRO B 260 5.72 15.59 -37.54
C PRO B 260 7.00 15.76 -38.32
N GLU B 261 8.05 16.33 -37.74
CA GLU B 261 9.30 16.49 -38.46
C GLU B 261 9.94 15.15 -38.80
N THR B 262 9.54 14.09 -38.13
CA THR B 262 10.05 12.76 -38.45
C THR B 262 9.66 12.32 -39.85
N LEU B 263 8.68 12.99 -40.46
CA LEU B 263 8.38 12.69 -41.85
C LEU B 263 9.41 13.26 -42.79
N PHE B 264 10.04 14.38 -42.42
CA PHE B 264 11.06 15.00 -43.22
C PHE B 264 12.47 14.69 -42.74
N GLN B 265 12.60 14.21 -41.51
CA GLN B 265 13.87 13.73 -40.98
C GLN B 265 13.61 12.38 -40.32
N PRO B 266 13.49 11.32 -41.12
CA PRO B 266 13.20 10.00 -40.53
C PRO B 266 14.25 9.52 -39.55
N SER B 267 15.43 10.13 -39.55
CA SER B 267 16.49 9.76 -38.61
C SER B 267 16.13 10.10 -37.17
N PHE B 268 15.06 10.86 -36.95
CA PHE B 268 14.61 11.12 -35.59
C PHE B 268 14.21 9.83 -34.88
N ILE B 269 13.61 8.90 -35.61
CA ILE B 269 13.24 7.61 -35.07
C ILE B 269 14.23 6.52 -35.49
N GLY B 270 15.43 6.91 -35.92
CA GLY B 270 16.47 5.95 -36.22
C GLY B 270 16.40 5.29 -37.56
N MET B 271 15.57 5.79 -38.47
CA MET B 271 15.50 5.24 -39.81
C MET B 271 16.50 5.92 -40.74
N GLU B 272 16.99 5.18 -41.70
CA GLU B 272 17.99 5.68 -42.62
C GLU B 272 17.39 6.29 -43.87
N SER B 273 16.09 6.14 -44.08
CA SER B 273 15.47 6.55 -45.32
C SER B 273 15.45 8.06 -45.45
N ALA B 274 14.90 8.53 -46.56
CA ALA B 274 14.80 9.94 -46.86
C ALA B 274 13.41 10.45 -46.49
N GLY B 275 13.32 11.75 -46.28
CA GLY B 275 12.05 12.36 -45.94
C GLY B 275 11.05 12.23 -47.07
N ILE B 276 9.80 12.61 -46.77
CA ILE B 276 8.77 12.45 -47.78
C ILE B 276 8.99 13.39 -48.96
N HIS B 277 9.62 14.54 -48.72
CA HIS B 277 9.95 15.44 -49.82
C HIS B 277 11.01 14.84 -50.71
N GLU B 278 12.05 14.26 -50.11
CA GLU B 278 13.11 13.63 -50.88
C GLU B 278 12.62 12.39 -51.59
N THR B 279 11.75 11.63 -50.94
CA THR B 279 11.15 10.46 -51.59
C THR B 279 10.27 10.88 -52.77
N THR B 280 9.50 11.94 -52.63
CA THR B 280 8.67 12.43 -53.72
C THR B 280 9.53 12.89 -54.89
N TYR B 281 10.59 13.64 -54.61
CA TYR B 281 11.49 14.08 -55.67
C TYR B 281 12.17 12.91 -56.35
N ASN B 282 12.63 11.93 -55.57
CA ASN B 282 13.31 10.78 -56.14
C ASN B 282 12.35 9.95 -56.97
N SER B 283 11.08 9.91 -56.61
CA SER B 283 10.10 9.21 -57.43
C SER B 283 9.82 9.96 -58.72
N ILE B 284 9.81 11.29 -58.66
CA ILE B 284 9.62 12.07 -59.88
C ILE B 284 10.79 11.91 -60.82
N MET B 285 12.01 11.80 -60.28
CA MET B 285 13.17 11.68 -61.15
C MET B 285 13.45 10.27 -61.63
N LYS B 286 12.71 9.27 -61.18
CA LYS B 286 12.73 7.98 -61.85
C LYS B 286 11.73 7.88 -62.99
N CYS B 287 10.93 8.91 -63.20
CA CYS B 287 9.98 8.93 -64.28
C CYS B 287 10.62 9.53 -65.52
N ASP B 288 9.95 9.34 -66.66
CA ASP B 288 10.48 9.83 -67.93
C ASP B 288 10.52 11.36 -67.91
N ILE B 289 11.56 11.91 -68.52
CA ILE B 289 11.81 13.35 -68.42
C ILE B 289 10.67 14.17 -68.96
N ASP B 290 9.88 13.61 -69.87
CA ASP B 290 8.80 14.35 -70.50
C ASP B 290 7.55 14.45 -69.65
N ILE B 291 7.44 13.63 -68.60
CA ILE B 291 6.29 13.70 -67.71
C ILE B 291 6.63 14.35 -66.38
N ARG B 292 7.88 14.72 -66.15
CA ARG B 292 8.28 15.28 -64.87
C ARG B 292 7.64 16.63 -64.62
N LYS B 293 7.48 17.44 -65.65
CA LYS B 293 6.85 18.75 -65.48
C LYS B 293 5.42 18.62 -65.00
N ASP B 294 4.66 17.68 -65.56
CA ASP B 294 3.29 17.48 -65.11
C ASP B 294 3.21 16.79 -63.77
N LEU B 295 4.22 16.00 -63.42
CA LEU B 295 4.23 15.41 -62.09
C LEU B 295 4.54 16.45 -61.02
N TYR B 296 5.40 17.41 -61.34
CA TYR B 296 5.72 18.47 -60.38
C TYR B 296 4.49 19.28 -60.04
N ALA B 297 3.65 19.56 -61.04
CA ALA B 297 2.50 20.44 -60.88
C ALA B 297 1.30 19.76 -60.26
N ASN B 298 1.32 18.44 -60.11
CA ASN B 298 0.20 17.69 -59.54
C ASN B 298 0.77 16.79 -58.45
N ASN B 299 0.95 17.33 -57.26
CA ASN B 299 1.41 16.57 -56.11
C ASN B 299 0.21 16.34 -55.20
N VAL B 300 -0.53 15.28 -55.47
CA VAL B 300 -1.72 14.98 -54.69
C VAL B 300 -1.28 14.37 -53.37
N MET B 301 -1.78 14.91 -52.27
CA MET B 301 -1.52 14.37 -50.95
C MET B 301 -2.81 13.85 -50.36
N SER B 302 -2.82 12.59 -49.97
CA SER B 302 -4.00 11.98 -49.36
C SER B 302 -3.58 11.24 -48.10
N GLY B 303 -4.56 10.79 -47.35
CA GLY B 303 -4.30 10.12 -46.10
C GLY B 303 -4.34 11.08 -44.92
N GLY B 304 -4.51 10.51 -43.74
CA GLY B 304 -4.67 11.32 -42.54
C GLY B 304 -3.40 11.84 -41.94
N THR B 305 -2.25 11.29 -42.32
CA THR B 305 -0.99 11.80 -41.80
C THR B 305 -0.55 13.04 -42.56
N THR B 306 -1.14 13.31 -43.71
CA THR B 306 -0.93 14.55 -44.43
C THR B 306 -1.85 15.66 -43.94
N MET B 307 -2.49 15.49 -42.80
CA MET B 307 -3.45 16.47 -42.30
C MET B 307 -2.87 17.41 -41.27
N TYR B 308 -1.55 17.42 -41.11
CA TYR B 308 -0.94 18.36 -40.18
C TYR B 308 -1.06 19.77 -40.72
N PRO B 309 -1.31 20.75 -39.86
CA PRO B 309 -1.27 22.15 -40.30
C PRO B 309 0.14 22.53 -40.76
N GLY B 310 0.25 22.89 -42.02
CA GLY B 310 1.50 23.36 -42.56
C GLY B 310 2.30 22.33 -43.33
N ILE B 311 1.75 21.14 -43.55
CA ILE B 311 2.52 20.11 -44.23
C ILE B 311 2.58 20.38 -45.73
N ALA B 312 1.56 21.01 -46.30
CA ALA B 312 1.60 21.31 -47.72
C ALA B 312 2.57 22.45 -48.03
N ASP B 313 2.65 23.44 -47.14
CA ASP B 313 3.58 24.53 -47.34
C ASP B 313 5.02 24.04 -47.23
N ARG B 314 5.33 23.27 -46.19
CA ARG B 314 6.65 22.70 -46.05
C ARG B 314 6.95 21.75 -47.22
N MET B 315 5.96 20.99 -47.63
CA MET B 315 6.13 20.05 -48.72
C MET B 315 6.54 20.78 -49.99
N GLN B 316 5.85 21.88 -50.30
CA GLN B 316 6.16 22.65 -51.49
C GLN B 316 7.50 23.36 -51.37
N LYS B 317 7.82 23.87 -50.19
CA LYS B 317 9.10 24.53 -50.00
C LYS B 317 10.25 23.57 -50.26
N GLU B 318 10.15 22.36 -49.72
CA GLU B 318 11.23 21.39 -49.89
C GLU B 318 11.33 20.92 -51.33
N ILE B 319 10.20 20.59 -51.96
CA ILE B 319 10.30 20.14 -53.35
C ILE B 319 10.75 21.27 -54.26
N THR B 320 10.38 22.51 -53.97
CA THR B 320 10.86 23.64 -54.75
C THR B 320 12.36 23.78 -54.60
N ALA B 321 12.89 23.54 -53.40
CA ALA B 321 14.33 23.56 -53.22
C ALA B 321 15.00 22.47 -54.04
N LEU B 322 14.39 21.29 -54.11
CA LEU B 322 15.01 20.18 -54.83
C LEU B 322 14.91 20.33 -56.35
N ALA B 323 13.74 20.73 -56.85
CA ALA B 323 13.47 20.77 -58.27
C ALA B 323 14.12 21.98 -58.93
N PRO B 324 14.23 21.99 -60.26
CA PRO B 324 14.75 23.19 -60.95
C PRO B 324 13.86 24.39 -60.69
N SER B 325 14.45 25.58 -60.89
CA SER B 325 13.78 26.82 -60.52
C SER B 325 12.70 27.22 -61.52
N THR B 326 12.73 26.69 -62.74
CA THR B 326 11.75 27.00 -63.75
C THR B 326 10.54 26.09 -63.70
N MET B 327 10.49 25.19 -62.71
CA MET B 327 9.45 24.19 -62.60
C MET B 327 8.22 24.73 -61.88
N LYS B 328 7.18 23.93 -61.91
CA LYS B 328 5.82 24.34 -61.62
C LYS B 328 5.34 23.52 -60.43
N ILE B 329 5.86 23.80 -59.24
CA ILE B 329 5.59 22.96 -58.09
C ILE B 329 4.26 23.38 -57.49
N LYS B 330 3.29 22.47 -57.50
CA LYS B 330 2.05 22.67 -56.79
C LYS B 330 1.74 21.43 -55.98
N ILE B 331 1.41 21.62 -54.71
CA ILE B 331 0.97 20.56 -53.82
C ILE B 331 -0.53 20.66 -53.70
N ILE B 332 -1.23 19.57 -54.00
CA ILE B 332 -2.67 19.53 -54.00
C ILE B 332 -3.12 18.79 -52.74
N ALA B 333 -3.69 19.51 -51.79
CA ALA B 333 -4.10 18.95 -50.51
C ALA B 333 -5.57 19.29 -50.30
N PRO B 334 -6.49 18.45 -50.78
CA PRO B 334 -7.90 18.75 -50.61
C PRO B 334 -8.27 18.75 -49.15
N PRO B 335 -9.30 19.51 -48.77
CA PRO B 335 -9.72 19.52 -47.37
C PRO B 335 -10.18 18.16 -46.88
N GLU B 336 -10.71 17.32 -47.78
CA GLU B 336 -11.25 16.03 -47.42
C GLU B 336 -10.28 14.89 -47.69
N ARG B 337 -8.98 15.19 -47.79
CA ARG B 337 -8.03 14.19 -48.22
C ARG B 337 -7.87 13.04 -47.24
N LYS B 338 -8.41 13.16 -46.03
CA LYS B 338 -8.43 12.01 -45.13
C LYS B 338 -9.27 10.87 -45.66
N TYR B 339 -10.13 11.12 -46.66
CA TYR B 339 -10.98 10.10 -47.25
C TYR B 339 -10.83 10.03 -48.75
N SER B 340 -9.71 10.49 -49.30
CA SER B 340 -9.53 10.47 -50.74
C SER B 340 -9.51 9.06 -51.28
N VAL B 341 -8.89 8.13 -50.55
CA VAL B 341 -8.84 6.75 -51.01
C VAL B 341 -10.23 6.16 -51.08
N TRP B 342 -11.05 6.41 -50.06
CA TRP B 342 -12.42 5.90 -50.10
C TRP B 342 -13.24 6.56 -51.20
N ILE B 343 -13.10 7.87 -51.36
CA ILE B 343 -13.88 8.57 -52.38
C ILE B 343 -13.51 8.06 -53.76
N GLY B 344 -12.21 7.87 -54.02
CA GLY B 344 -11.81 7.31 -55.29
C GLY B 344 -12.26 5.88 -55.47
N GLY B 345 -12.29 5.11 -54.40
CA GLY B 345 -12.80 3.76 -54.49
C GLY B 345 -14.27 3.71 -54.83
N SER B 346 -15.05 4.65 -54.29
CA SER B 346 -16.46 4.71 -54.64
C SER B 346 -16.68 5.26 -56.04
N ILE B 347 -15.79 6.14 -56.50
CA ILE B 347 -15.84 6.57 -57.90
C ILE B 347 -15.58 5.38 -58.83
N LEU B 348 -14.57 4.59 -58.51
CA LEU B 348 -14.20 3.48 -59.38
C LEU B 348 -15.24 2.36 -59.34
N ALA B 349 -15.68 1.98 -58.15
CA ALA B 349 -16.62 0.88 -58.03
C ALA B 349 -17.97 1.20 -58.65
N SER B 350 -18.30 2.48 -58.82
CA SER B 350 -19.53 2.88 -59.47
C SER B 350 -19.36 3.12 -60.96
N LEU B 351 -18.13 3.06 -61.46
CA LEU B 351 -17.88 3.32 -62.87
C LEU B 351 -18.58 2.28 -63.73
N SER B 352 -19.10 2.72 -64.87
CA SER B 352 -19.78 1.80 -65.77
C SER B 352 -18.78 0.88 -66.48
N THR B 353 -17.60 1.40 -66.82
CA THR B 353 -16.60 0.62 -67.52
C THR B 353 -15.84 -0.35 -66.62
N PHE B 354 -16.04 -0.26 -65.31
CA PHE B 354 -15.37 -1.11 -64.34
C PHE B 354 -16.09 -2.43 -64.09
N GLN B 355 -17.31 -2.58 -64.58
CA GLN B 355 -18.16 -3.68 -64.14
C GLN B 355 -17.73 -5.02 -64.71
N GLN B 356 -16.87 -5.03 -65.72
CA GLN B 356 -16.28 -6.29 -66.18
C GLN B 356 -14.95 -6.57 -65.52
N MET B 357 -14.51 -5.74 -64.57
CA MET B 357 -13.22 -5.88 -63.94
C MET B 357 -13.29 -6.45 -62.54
N TRP B 358 -14.49 -6.74 -62.05
CA TRP B 358 -14.62 -7.45 -60.80
C TRP B 358 -14.10 -8.86 -60.94
N ILE B 359 -13.62 -9.42 -59.83
CA ILE B 359 -13.26 -10.84 -59.77
C ILE B 359 -14.51 -11.57 -59.31
N THR B 360 -15.21 -12.20 -60.23
CA THR B 360 -16.42 -12.93 -59.88
C THR B 360 -16.04 -14.22 -59.16
N LYS B 361 -17.02 -14.78 -58.44
CA LYS B 361 -16.76 -16.01 -57.70
C LYS B 361 -16.57 -17.21 -58.62
N GLN B 362 -17.09 -17.14 -59.85
CA GLN B 362 -16.77 -18.18 -60.83
C GLN B 362 -15.29 -18.20 -61.14
N GLU B 363 -14.70 -17.03 -61.37
CA GLU B 363 -13.27 -16.96 -61.66
C GLU B 363 -12.45 -17.42 -60.48
N TYR B 364 -12.88 -17.07 -59.28
CA TYR B 364 -12.18 -17.55 -58.09
C TYR B 364 -12.26 -19.07 -58.00
N ASP B 365 -13.43 -19.64 -58.26
CA ASP B 365 -13.56 -21.09 -58.22
C ASP B 365 -12.71 -21.76 -59.27
N GLU B 366 -12.53 -21.14 -60.44
CA GLU B 366 -11.63 -21.72 -61.42
C GLU B 366 -10.18 -21.65 -60.95
N ALA B 367 -9.73 -20.49 -60.48
CA ALA B 367 -8.29 -20.23 -60.42
C ALA B 367 -7.74 -19.96 -59.02
N GLY B 368 -8.48 -20.27 -57.96
CA GLY B 368 -7.95 -20.12 -56.62
C GLY B 368 -7.72 -18.66 -56.27
N PRO B 369 -7.14 -18.41 -55.09
CA PRO B 369 -6.84 -17.03 -54.71
C PRO B 369 -5.81 -16.35 -55.59
N SER B 370 -5.07 -17.08 -56.41
CA SER B 370 -4.06 -16.48 -57.26
C SER B 370 -4.63 -15.68 -58.41
N ILE B 371 -5.96 -15.65 -58.57
CA ILE B 371 -6.60 -14.87 -59.62
C ILE B 371 -6.40 -13.37 -59.39
N VAL B 372 -6.13 -12.97 -58.15
CA VAL B 372 -6.11 -11.57 -57.78
C VAL B 372 -4.87 -10.85 -58.26
N HIS B 373 -3.80 -11.56 -58.59
CA HIS B 373 -2.60 -10.92 -59.08
C HIS B 373 -2.69 -10.61 -60.57
N ARG B 374 -3.60 -11.26 -61.27
CA ARG B 374 -3.70 -11.14 -62.71
C ARG B 374 -4.95 -10.39 -63.13
N LYS B 375 -5.99 -10.42 -62.28
CA LYS B 375 -7.16 -9.56 -62.46
C LYS B 375 -6.93 -8.16 -61.90
N CYS B 376 -6.20 -8.06 -60.81
CA CYS B 376 -5.84 -6.77 -60.23
C CYS B 376 -4.38 -6.44 -60.55
N THR C 7 41.68 16.90 -7.21
CA THR C 7 42.18 16.53 -8.54
C THR C 7 41.67 15.16 -8.92
N THR C 8 41.06 14.47 -7.97
CA THR C 8 40.44 13.17 -8.21
C THR C 8 38.93 13.34 -8.26
N ALA C 9 38.32 12.77 -9.29
CA ALA C 9 36.89 12.93 -9.50
C ALA C 9 36.11 12.08 -8.51
N LEU C 10 34.89 12.51 -8.23
CA LEU C 10 33.94 11.74 -7.45
C LEU C 10 32.95 11.05 -8.38
N VAL C 11 32.42 9.93 -7.93
CA VAL C 11 31.44 9.16 -8.68
C VAL C 11 30.31 8.83 -7.74
N CYS C 12 29.17 9.50 -7.91
CA CYS C 12 27.99 9.25 -7.10
C CYS C 12 26.94 8.62 -8.00
N ASP C 13 26.59 7.36 -7.72
CA ASP C 13 25.55 6.65 -8.44
C ASP C 13 24.27 6.78 -7.61
N ASN C 14 23.43 7.73 -7.98
CA ASN C 14 22.17 7.97 -7.28
C ASN C 14 21.13 7.01 -7.84
N GLY C 15 20.95 5.91 -7.18
CA GLY C 15 19.85 5.03 -7.53
C GLY C 15 18.61 5.40 -6.79
N SER C 16 17.53 4.74 -7.15
CA SER C 16 16.28 4.94 -6.43
C SER C 16 16.36 4.38 -5.02
N GLY C 17 17.09 3.29 -4.84
CA GLY C 17 17.18 2.63 -3.56
C GLY C 17 18.41 2.93 -2.75
N LEU C 18 19.58 2.89 -3.38
CA LEU C 18 20.85 3.03 -2.70
C LEU C 18 21.69 4.11 -3.34
N VAL C 19 22.52 4.75 -2.52
CA VAL C 19 23.55 5.67 -3.01
C VAL C 19 24.87 4.92 -3.03
N LYS C 20 25.52 4.90 -4.18
CA LYS C 20 26.84 4.29 -4.34
C LYS C 20 27.80 5.43 -4.66
N ALA C 21 28.64 5.79 -3.69
CA ALA C 21 29.54 6.92 -3.86
C ALA C 21 30.97 6.48 -3.60
N GLY C 22 31.91 7.15 -4.26
CA GLY C 22 33.30 6.81 -4.10
C GLY C 22 34.15 7.70 -4.98
N PHE C 23 35.42 7.32 -5.12
CA PHE C 23 36.38 8.11 -5.87
C PHE C 23 36.71 7.42 -7.18
N ALA C 24 36.81 8.22 -8.24
CA ALA C 24 37.17 7.67 -9.53
C ALA C 24 38.55 7.06 -9.48
N GLY C 25 38.74 5.95 -10.17
CA GLY C 25 39.95 5.19 -10.12
C GLY C 25 39.88 3.99 -9.20
N ASP C 26 39.14 4.10 -8.10
CA ASP C 26 38.95 2.98 -7.21
C ASP C 26 38.14 1.89 -7.89
N ASP C 27 38.10 0.71 -7.28
CA ASP C 27 37.40 -0.43 -7.81
C ASP C 27 36.16 -0.79 -7.02
N ALA C 28 35.76 0.04 -6.06
CA ALA C 28 34.56 -0.21 -5.28
C ALA C 28 34.12 1.09 -4.64
N PRO C 29 32.82 1.30 -4.48
CA PRO C 29 32.37 2.49 -3.76
C PRO C 29 32.79 2.44 -2.30
N ARG C 30 32.97 3.62 -1.71
CA ARG C 30 33.29 3.70 -0.30
C ARG C 30 32.09 4.04 0.56
N ALA C 31 30.99 4.46 -0.05
CA ALA C 31 29.74 4.73 0.66
C ALA C 31 28.61 4.07 -0.10
N VAL C 32 27.94 3.12 0.54
CA VAL C 32 26.76 2.47 0.00
C VAL C 32 25.74 2.43 1.12
N PHE C 33 24.80 3.35 1.10
CA PHE C 33 23.79 3.48 2.13
C PHE C 33 22.43 3.66 1.47
N PRO C 34 21.34 3.33 2.18
CA PRO C 34 20.01 3.55 1.61
C PRO C 34 19.75 5.00 1.30
N SER C 35 19.06 5.24 0.20
CA SER C 35 18.74 6.59 -0.25
C SER C 35 17.40 7.03 0.32
N ILE C 36 17.34 7.10 1.66
CA ILE C 36 16.12 7.42 2.37
C ILE C 36 16.39 8.56 3.34
N VAL C 37 15.33 9.30 3.67
CA VAL C 37 15.35 10.31 4.72
C VAL C 37 14.20 10.00 5.66
N GLY C 38 14.51 9.84 6.94
CA GLY C 38 13.51 9.50 7.95
C GLY C 38 13.25 10.67 8.86
N ARG C 39 12.00 10.82 9.26
CA ARG C 39 11.60 11.89 10.16
C ARG C 39 10.75 11.31 11.28
N PRO C 40 11.01 11.70 12.52
CA PRO C 40 10.29 11.11 13.65
C PRO C 40 8.79 11.31 13.53
N ARG C 41 8.03 10.30 13.93
CA ARG C 41 6.58 10.34 13.82
C ARG C 41 5.89 10.16 15.16
N HIS C 42 6.63 10.13 16.26
CA HIS C 42 6.07 9.92 17.58
C HIS C 42 6.38 11.12 18.46
N GLN C 43 6.04 11.01 19.74
CA GLN C 43 6.13 12.11 20.68
C GLN C 43 7.49 12.08 21.39
N GLY C 44 8.29 13.11 21.18
CA GLY C 44 9.53 13.25 21.92
C GLY C 44 9.25 13.68 23.34
N VAL C 45 9.60 12.85 24.31
CA VAL C 45 9.28 13.12 25.71
C VAL C 45 10.51 13.40 26.56
N MET C 46 11.71 13.21 26.04
CA MET C 46 12.93 13.51 26.77
C MET C 46 13.63 14.72 26.16
N VAL C 47 14.20 15.55 27.04
CA VAL C 47 14.67 16.87 26.66
C VAL C 47 16.01 16.72 25.94
N GLY C 48 16.08 17.23 24.71
CA GLY C 48 17.27 17.12 23.90
C GLY C 48 17.31 15.91 23.00
N MET C 49 16.45 14.93 23.24
CA MET C 49 16.40 13.72 22.42
C MET C 49 15.61 13.91 21.14
N GLY C 50 14.91 15.04 20.97
CA GLY C 50 14.13 15.25 19.77
C GLY C 50 14.55 16.46 18.98
N GLN C 51 15.79 16.90 19.16
CA GLN C 51 16.28 18.06 18.41
C GLN C 51 16.58 17.71 16.96
N LYS C 52 17.08 16.50 16.72
CA LYS C 52 17.37 16.09 15.35
C LYS C 52 16.07 15.71 14.67
N ASP C 53 15.74 16.43 13.59
CA ASP C 53 14.43 16.31 12.96
C ASP C 53 14.47 15.48 11.69
N SER C 54 15.61 14.87 11.37
CA SER C 54 15.75 14.20 10.09
C SER C 54 16.99 13.34 10.14
N TYR C 55 16.88 12.12 9.62
CA TYR C 55 17.98 11.18 9.56
C TYR C 55 18.13 10.70 8.12
N VAL C 56 19.35 10.44 7.71
CA VAL C 56 19.67 10.10 6.33
C VAL C 56 20.47 8.82 6.31
N GLY C 57 20.11 7.91 5.40
CA GLY C 57 20.91 6.73 5.18
C GLY C 57 20.80 5.69 6.26
N ASP C 58 21.92 5.06 6.62
CA ASP C 58 21.90 4.05 7.67
C ASP C 58 21.46 4.63 9.00
N GLU C 59 21.64 5.92 9.19
CA GLU C 59 21.08 6.64 10.33
C GLU C 59 19.58 6.41 10.47
N ALA C 60 18.86 6.35 9.36
CA ALA C 60 17.41 6.20 9.39
C ALA C 60 17.00 4.75 9.50
N GLN C 61 17.72 3.84 8.84
CA GLN C 61 17.42 2.42 9.00
C GLN C 61 17.71 1.95 10.42
N SER C 62 18.68 2.55 11.09
CA SER C 62 18.93 2.19 12.48
C SER C 62 17.75 2.56 13.37
N LYS C 63 17.18 3.75 13.16
CA LYS C 63 16.11 4.26 14.00
C LYS C 63 14.75 4.15 13.36
N ARG C 64 14.60 3.37 12.29
CA ARG C 64 13.37 3.32 11.53
C ARG C 64 12.16 2.91 12.34
N GLY C 65 12.33 2.45 13.57
CA GLY C 65 11.19 2.08 14.36
C GLY C 65 10.41 3.24 14.93
N ILE C 66 10.90 4.47 14.76
CA ILE C 66 10.20 5.64 15.25
C ILE C 66 10.16 6.71 14.17
N LEU C 67 10.50 6.34 12.94
CA LEU C 67 10.61 7.29 11.85
C LEU C 67 9.67 6.90 10.73
N THR C 68 9.39 7.86 9.87
CA THR C 68 8.70 7.63 8.60
C THR C 68 9.73 7.77 7.50
N LEU C 69 10.00 6.68 6.80
CA LEU C 69 11.05 6.65 5.80
C LEU C 69 10.50 7.08 4.45
N LYS C 70 11.21 7.99 3.78
CA LYS C 70 10.80 8.49 2.49
C LYS C 70 11.96 8.38 1.51
N TYR C 71 11.65 7.96 0.29
CA TYR C 71 12.64 7.90 -0.76
C TYR C 71 12.55 9.14 -1.62
N PRO C 72 13.59 9.95 -1.73
CA PRO C 72 13.53 11.13 -2.62
C PRO C 72 13.37 10.78 -4.08
N ILE C 73 13.72 9.57 -4.49
CA ILE C 73 13.67 9.16 -5.89
C ILE C 73 12.64 8.04 -6.04
N GLU C 74 11.68 8.24 -6.93
CA GLU C 74 10.80 7.14 -7.33
C GLU C 74 11.07 6.91 -8.81
N HIC C 75 11.34 5.68 -9.24
CA HIC C 75 11.37 5.37 -10.66
C HIC C 75 12.44 6.10 -11.46
O HIC C 75 12.55 6.09 -12.68
CB HIC C 75 10.05 5.67 -11.37
CG HIC C 75 9.01 4.74 -10.90
ND1 HIC C 75 9.15 3.36 -10.90
CD2 HIC C 75 7.76 5.10 -10.36
CE1 HIC C 75 8.01 2.88 -10.38
NE2 HIC C 75 7.13 3.90 -10.04
CZ HIC C 75 5.84 3.75 -9.47
N GLY C 76 13.28 6.79 -10.71
CA GLY C 76 14.56 7.26 -11.20
C GLY C 76 14.51 8.76 -11.32
N ILE C 77 13.32 9.29 -11.11
CA ILE C 77 13.06 10.73 -11.10
C ILE C 77 13.09 11.20 -9.66
N ILE C 78 13.84 12.26 -9.39
CA ILE C 78 13.90 12.85 -8.05
C ILE C 78 12.63 13.63 -7.82
N THR C 79 11.86 13.23 -6.81
CA THR C 79 10.59 13.86 -6.52
C THR C 79 10.64 14.84 -5.38
N ASN C 80 11.49 14.62 -4.38
CA ASN C 80 11.72 15.55 -3.28
C ASN C 80 13.11 16.13 -3.46
N TRP C 81 13.17 17.41 -3.80
CA TRP C 81 14.45 18.05 -4.04
C TRP C 81 15.09 18.63 -2.79
N ASP C 82 14.39 18.66 -1.68
CA ASP C 82 15.01 19.05 -0.42
C ASP C 82 15.56 17.84 0.34
N ASP C 83 14.93 16.68 0.16
CA ASP C 83 15.45 15.47 0.77
C ASP C 83 16.61 14.90 -0.03
N MET C 84 16.54 14.96 -1.36
CA MET C 84 17.67 14.55 -2.19
C MET C 84 18.87 15.43 -1.94
N GLU C 85 18.64 16.71 -1.73
CA GLU C 85 19.70 17.63 -1.36
C GLU C 85 20.34 17.22 -0.04
N LYS C 86 19.52 16.79 0.93
CA LYS C 86 20.07 16.24 2.15
C LYS C 86 20.88 14.98 1.89
N ILE C 87 20.41 14.12 0.99
CA ILE C 87 21.12 12.89 0.67
C ILE C 87 22.50 13.21 0.13
N TRP C 88 22.57 14.21 -0.76
CA TRP C 88 23.85 14.59 -1.34
C TRP C 88 24.77 15.23 -0.33
N HIS C 89 24.22 16.06 0.55
CA HIS C 89 25.04 16.64 1.62
C HIS C 89 25.62 15.54 2.50
N HIS C 90 24.80 14.57 2.88
CA HIS C 90 25.28 13.42 3.64
C HIS C 90 26.40 12.71 2.89
N THR C 91 26.14 12.37 1.62
CA THR C 91 27.13 11.67 0.81
C THR C 91 28.47 12.37 0.82
N PHE C 92 28.47 13.68 0.59
CA PHE C 92 29.74 14.40 0.47
C PHE C 92 30.42 14.57 1.82
N TYR C 93 29.67 14.94 2.85
CA TYR C 93 30.31 15.40 4.09
C TYR C 93 30.39 14.34 5.17
N ASN C 94 29.39 13.49 5.34
CA ASN C 94 29.44 12.50 6.41
C ASN C 94 29.99 11.16 5.96
N GLU C 95 29.67 10.73 4.75
CA GLU C 95 30.09 9.42 4.25
C GLU C 95 31.45 9.48 3.58
N LEU C 96 31.58 10.30 2.53
CA LEU C 96 32.86 10.44 1.87
C LEU C 96 33.80 11.37 2.61
N ARG C 97 33.28 12.39 3.30
CA ARG C 97 34.13 13.34 4.08
C ARG C 97 35.11 14.08 3.15
N VAL C 98 34.63 14.61 2.02
CA VAL C 98 35.41 15.41 1.10
C VAL C 98 34.84 16.81 1.10
N ALA C 99 35.53 17.71 0.41
CA ALA C 99 34.97 19.03 0.14
C ALA C 99 34.56 19.07 -1.31
N PRO C 100 33.27 19.17 -1.63
CA PRO C 100 32.83 18.98 -3.01
C PRO C 100 33.42 19.96 -4.00
N GLU C 101 33.84 21.14 -3.56
CA GLU C 101 34.30 22.15 -4.51
C GLU C 101 35.71 21.90 -5.03
N GLU C 102 36.34 20.81 -4.65
CA GLU C 102 37.64 20.45 -5.23
C GLU C 102 37.60 19.22 -6.12
N HIS C 103 36.55 18.40 -6.04
CA HIS C 103 36.45 17.20 -6.86
C HIS C 103 35.36 17.36 -7.91
N PRO C 104 35.66 17.13 -9.18
CA PRO C 104 34.58 16.96 -10.16
C PRO C 104 33.74 15.76 -9.80
N THR C 105 32.43 15.86 -10.03
CA THR C 105 31.49 14.82 -9.64
C THR C 105 30.82 14.23 -10.86
N LEU C 106 30.90 12.91 -11.00
CA LEU C 106 30.16 12.20 -12.04
C LEU C 106 28.88 11.66 -11.44
N LEU C 107 27.76 11.98 -12.07
CA LEU C 107 26.46 11.51 -11.65
C LEU C 107 25.86 10.63 -12.74
N THR C 108 24.90 9.80 -12.35
CA THR C 108 24.28 8.87 -13.27
C THR C 108 22.78 9.11 -13.33
N GLU C 109 22.18 8.72 -14.44
CA GLU C 109 20.76 8.92 -14.65
C GLU C 109 20.25 7.88 -15.61
N ALA C 110 19.00 7.48 -15.43
CA ALA C 110 18.36 6.54 -16.34
C ALA C 110 17.99 7.24 -17.65
N PRO C 111 17.89 6.49 -18.74
CA PRO C 111 17.45 7.10 -20.00
C PRO C 111 15.94 7.35 -20.00
N LEU C 112 15.52 8.18 -20.97
CA LEU C 112 14.10 8.50 -21.15
C LEU C 112 13.49 9.07 -19.89
N ASN C 113 14.24 9.92 -19.23
CA ASN C 113 13.97 10.49 -17.93
C ASN C 113 13.70 11.98 -18.14
N PRO C 114 12.87 12.65 -17.32
CA PRO C 114 12.61 14.07 -17.57
C PRO C 114 13.86 14.90 -17.62
N LYS C 115 13.86 15.90 -18.50
CA LYS C 115 15.01 16.78 -18.65
C LYS C 115 15.20 17.68 -17.44
N ALA C 116 14.11 18.03 -16.76
CA ALA C 116 14.24 18.86 -15.58
C ALA C 116 15.00 18.16 -14.48
N ASN C 117 14.94 16.83 -14.44
CA ASN C 117 15.73 16.08 -13.46
C ASN C 117 17.21 16.36 -13.63
N ARG C 118 17.71 16.19 -14.84
CA ARG C 118 19.12 16.39 -15.14
C ARG C 118 19.51 17.86 -14.96
N GLU C 119 18.64 18.77 -15.40
CA GLU C 119 18.93 20.19 -15.27
C GLU C 119 19.02 20.61 -13.80
N LYS C 120 18.12 20.12 -12.96
CA LYS C 120 18.16 20.50 -11.56
C LYS C 120 19.30 19.82 -10.83
N MET C 121 19.70 18.62 -11.25
CA MET C 121 20.91 18.04 -10.70
C MET C 121 22.12 18.90 -11.02
N THR C 122 22.22 19.36 -12.27
CA THR C 122 23.32 20.24 -12.65
C THR C 122 23.32 21.51 -11.80
N GLN C 123 22.16 22.12 -11.64
CA GLN C 123 22.07 23.35 -10.87
C GLN C 123 22.41 23.13 -9.41
N ILE C 124 21.91 22.04 -8.81
CA ILE C 124 22.18 21.80 -7.39
C ILE C 124 23.68 21.60 -7.20
N MET C 125 24.30 20.76 -8.03
CA MET C 125 25.74 20.61 -7.94
C MET C 125 26.43 21.96 -7.98
N PHE C 126 26.29 22.67 -9.11
CA PHE C 126 27.10 23.84 -9.35
C PHE C 126 26.80 24.99 -8.39
N GLU C 127 25.63 25.01 -7.75
CA GLU C 127 25.28 26.16 -6.94
C GLU C 127 25.17 25.89 -5.46
N THR C 128 24.83 24.69 -5.04
CA THR C 128 24.85 24.38 -3.63
C THR C 128 26.16 23.74 -3.19
N PHE C 129 26.77 22.93 -4.06
CA PHE C 129 27.98 22.23 -3.67
C PHE C 129 29.21 22.76 -4.38
N ASN C 130 29.04 23.70 -5.31
CA ASN C 130 30.15 24.42 -5.94
C ASN C 130 31.16 23.48 -6.59
N VAL C 131 30.69 22.38 -7.16
CA VAL C 131 31.66 21.44 -7.74
C VAL C 131 32.38 22.12 -8.90
N PRO C 132 33.68 21.89 -9.07
CA PRO C 132 34.38 22.53 -10.20
C PRO C 132 33.85 22.08 -11.54
N ALA C 133 33.38 20.85 -11.65
CA ALA C 133 32.82 20.32 -12.88
C ALA C 133 31.90 19.18 -12.51
N MET C 134 31.07 18.77 -13.46
CA MET C 134 30.21 17.63 -13.25
C MET C 134 29.81 17.06 -14.60
N TYR C 135 29.18 15.89 -14.55
CA TYR C 135 28.77 15.17 -15.74
C TYR C 135 27.67 14.22 -15.33
N VAL C 136 26.73 13.98 -16.24
CA VAL C 136 25.64 13.03 -16.02
C VAL C 136 25.74 11.97 -17.10
N ALA C 137 25.93 10.72 -16.69
CA ALA C 137 26.12 9.61 -17.61
C ALA C 137 24.96 8.63 -17.49
N ILE C 138 24.71 7.90 -18.57
CA ILE C 138 23.64 6.91 -18.58
C ILE C 138 24.15 5.63 -17.94
N GLN C 139 23.34 5.05 -17.07
CA GLN C 139 23.82 3.96 -16.24
C GLN C 139 24.11 2.69 -17.03
N ALA C 140 23.44 2.47 -18.15
CA ALA C 140 23.71 1.28 -18.95
C ALA C 140 25.03 1.41 -19.70
N VAL C 141 25.37 2.60 -20.17
CA VAL C 141 26.69 2.80 -20.76
C VAL C 141 27.78 2.54 -19.74
N LEU C 142 27.56 2.96 -18.50
CA LEU C 142 28.54 2.71 -17.46
C LEU C 142 28.63 1.22 -17.14
N SER C 143 27.50 0.51 -17.16
CA SER C 143 27.55 -0.93 -16.97
C SER C 143 28.37 -1.60 -18.06
N LEU C 144 28.22 -1.14 -19.31
CA LEU C 144 29.02 -1.70 -20.38
C LEU C 144 30.50 -1.34 -20.24
N TYR C 145 30.80 -0.16 -19.70
CA TYR C 145 32.19 0.16 -19.37
C TYR C 145 32.74 -0.85 -18.37
N ALA C 146 31.99 -1.10 -17.30
CA ALA C 146 32.46 -1.97 -16.23
C ALA C 146 32.60 -3.41 -16.69
N SER C 147 31.80 -3.83 -17.66
CA SER C 147 31.90 -5.21 -18.12
C SER C 147 33.07 -5.42 -19.07
N GLY C 148 33.82 -4.38 -19.40
CA GLY C 148 34.96 -4.56 -20.28
C GLY C 148 34.59 -4.80 -21.72
N ARG C 149 33.50 -4.22 -22.20
CA ARG C 149 33.06 -4.40 -23.57
C ARG C 149 32.74 -3.06 -24.18
N THR C 150 32.60 -3.06 -25.51
CA THR C 150 32.07 -1.91 -26.24
C THR C 150 30.89 -2.30 -27.10
N THR C 151 30.44 -3.55 -27.00
CA THR C 151 29.29 -4.05 -27.74
C THR C 151 28.47 -4.91 -26.79
N GLY C 152 27.16 -4.74 -26.84
CA GLY C 152 26.27 -5.54 -26.04
C GLY C 152 25.07 -4.75 -25.62
N ILE C 153 24.01 -5.46 -25.27
CA ILE C 153 22.77 -4.88 -24.79
C ILE C 153 22.74 -5.05 -23.28
N VAL C 154 22.58 -3.93 -22.58
CA VAL C 154 22.63 -3.98 -21.10
C VAL C 154 21.22 -3.92 -20.51
N LEU C 155 20.84 -4.93 -19.73
CA LEU C 155 19.56 -4.83 -19.01
C LEU C 155 19.97 -4.41 -17.60
N ASP C 156 19.52 -3.23 -17.17
CA ASP C 156 19.91 -2.73 -15.83
C ASP C 156 18.63 -2.64 -15.01
N SER C 157 18.60 -3.30 -13.86
CA SER C 157 17.42 -3.21 -12.97
C SER C 157 17.83 -2.69 -11.61
N GLY C 158 17.16 -1.65 -11.14
CA GLY C 158 17.49 -1.01 -9.85
C GLY C 158 16.28 -1.05 -8.95
N ASP C 159 16.25 -0.24 -7.89
CA ASP C 159 15.00 -0.13 -7.09
C ASP C 159 13.87 0.47 -7.93
N GLY C 160 14.15 1.48 -8.76
CA GLY C 160 13.06 2.16 -9.50
C GLY C 160 12.82 1.79 -10.96
N VAL C 161 13.85 1.59 -11.77
CA VAL C 161 13.62 1.41 -13.23
C VAL C 161 14.40 0.24 -13.84
N THR C 162 13.81 -0.46 -14.82
CA THR C 162 14.55 -1.49 -15.58
C THR C 162 14.72 -0.94 -17.00
N HIS C 163 15.96 -0.87 -17.49
CA HIS C 163 16.18 -0.25 -18.83
C HIS C 163 17.09 -1.11 -19.71
N ASN C 164 16.85 -1.11 -21.02
CA ASN C 164 17.73 -1.83 -21.98
C ASN C 164 18.36 -0.79 -22.90
N VAL C 165 19.68 -0.79 -23.03
CA VAL C 165 20.37 0.15 -23.97
C VAL C 165 21.29 -0.70 -24.85
N PRO C 166 20.97 -0.92 -26.14
CA PRO C 166 21.86 -1.67 -27.03
C PRO C 166 22.99 -0.81 -27.59
N ILE C 167 24.22 -1.24 -27.38
CA ILE C 167 25.40 -0.51 -27.81
C ILE C 167 26.23 -1.42 -28.69
N TYR C 168 26.70 -0.91 -29.83
CA TYR C 168 27.50 -1.68 -30.76
C TYR C 168 28.71 -0.87 -31.17
N GLU C 169 29.90 -1.37 -30.84
CA GLU C 169 31.15 -0.72 -31.16
C GLU C 169 31.23 0.68 -30.57
N GLY C 170 30.61 0.88 -29.42
CA GLY C 170 30.58 2.17 -28.78
C GLY C 170 29.52 3.11 -29.26
N TYR C 171 28.66 2.68 -30.18
CA TYR C 171 27.58 3.50 -30.70
C TYR C 171 26.26 2.98 -30.14
N ALA C 172 25.52 3.85 -29.47
CA ALA C 172 24.21 3.50 -28.97
C ALA C 172 23.16 3.68 -30.05
N LEU C 173 22.11 2.88 -29.97
CA LEU C 173 20.97 2.99 -30.86
C LEU C 173 19.81 3.54 -30.05
N PRO C 174 19.68 4.87 -29.93
CA PRO C 174 18.73 5.43 -28.98
C PRO C 174 17.28 5.12 -29.28
N HIS C 175 16.96 4.73 -30.51
CA HIS C 175 15.58 4.38 -30.83
C HIS C 175 15.20 3.01 -30.30
N ALA C 176 16.19 2.19 -29.94
CA ALA C 176 15.95 0.86 -29.41
C ALA C 176 16.09 0.80 -27.90
N ILE C 177 16.29 1.94 -27.25
CA ILE C 177 16.34 1.98 -25.79
C ILE C 177 14.94 1.77 -25.24
N MET C 178 14.80 0.87 -24.28
CA MET C 178 13.52 0.60 -23.65
C MET C 178 13.64 0.79 -22.15
N ARG C 179 12.73 1.59 -21.61
CA ARG C 179 12.65 1.83 -20.17
C ARG C 179 11.35 1.24 -19.66
N LEU C 180 11.40 0.66 -18.47
CA LEU C 180 10.25 -0.01 -17.89
C LEU C 180 10.22 0.30 -16.41
N ASP C 181 9.18 0.99 -15.95
CA ASP C 181 9.09 1.41 -14.56
C ASP C 181 8.61 0.26 -13.68
N LEU C 182 9.44 -0.78 -13.65
CA LEU C 182 9.19 -1.96 -12.82
C LEU C 182 10.53 -2.48 -12.37
N ALA C 183 10.77 -2.47 -11.07
CA ALA C 183 12.08 -2.76 -10.53
C ALA C 183 11.90 -3.20 -9.08
N GLY C 184 12.97 -3.12 -8.30
CA GLY C 184 12.98 -3.72 -6.98
C GLY C 184 11.88 -3.23 -6.06
N ARG C 185 11.54 -1.95 -6.12
CA ARG C 185 10.52 -1.45 -5.20
C ARG C 185 9.14 -1.99 -5.53
N ASP C 186 8.85 -2.20 -6.81
CA ASP C 186 7.59 -2.81 -7.18
C ASP C 186 7.52 -4.26 -6.75
N LEU C 187 8.65 -4.97 -6.79
CA LEU C 187 8.68 -6.34 -6.30
C LEU C 187 8.55 -6.39 -4.78
N THR C 188 9.12 -5.42 -4.08
CA THR C 188 8.93 -5.35 -2.63
C THR C 188 7.46 -5.10 -2.30
N ASP C 189 6.81 -4.20 -3.03
CA ASP C 189 5.40 -3.94 -2.79
C ASP C 189 4.55 -5.17 -3.10
N TYR C 190 4.87 -5.86 -4.19
CA TYR C 190 4.12 -7.07 -4.52
C TYR C 190 4.33 -8.14 -3.47
N LEU C 191 5.53 -8.25 -2.91
CA LEU C 191 5.76 -9.23 -1.87
C LEU C 191 5.01 -8.86 -0.59
N MET C 192 4.95 -7.57 -0.24
CA MET C 192 4.11 -7.19 0.89
C MET C 192 2.66 -7.58 0.64
N LYS C 193 2.20 -7.40 -0.59
CA LYS C 193 0.81 -7.71 -0.91
C LYS C 193 0.53 -9.19 -0.79
N ILE C 194 1.40 -10.04 -1.34
CA ILE C 194 1.14 -11.48 -1.34
C ILE C 194 1.62 -12.17 -0.07
N LEU C 195 2.28 -11.45 0.83
CA LEU C 195 2.55 -12.01 2.14
C LEU C 195 1.32 -12.01 3.02
N THR C 196 0.28 -11.28 2.65
CA THR C 196 -0.95 -11.25 3.43
C THR C 196 -1.74 -12.54 3.29
N GLU C 197 -1.47 -13.32 2.25
CA GLU C 197 -2.15 -14.60 2.07
C GLU C 197 -1.82 -15.58 3.18
N ARG C 198 -0.65 -15.45 3.79
CA ARG C 198 -0.26 -16.28 4.91
C ARG C 198 -0.57 -15.64 6.25
N GLY C 199 -1.10 -14.43 6.26
CA GLY C 199 -1.45 -13.76 7.48
C GLY C 199 -0.41 -12.79 7.99
N TYR C 200 0.60 -12.46 7.19
CA TYR C 200 1.64 -11.54 7.59
C TYR C 200 1.33 -10.16 7.05
N SER C 201 1.14 -9.19 7.93
CA SER C 201 0.74 -7.84 7.55
C SER C 201 1.89 -6.88 7.83
N PHE C 202 2.53 -6.40 6.76
CA PHE C 202 3.58 -5.40 6.84
C PHE C 202 3.07 -4.17 6.12
N VAL C 203 2.81 -3.10 6.87
CA VAL C 203 2.19 -1.90 6.33
C VAL C 203 3.09 -0.68 6.42
N THR C 204 3.76 -0.50 7.56
CA THR C 204 4.59 0.67 7.81
C THR C 204 5.75 0.69 6.82
N THR C 205 6.37 1.87 6.67
CA THR C 205 7.56 1.98 5.84
C THR C 205 8.72 1.17 6.39
N ALA C 206 8.85 1.13 7.71
CA ALA C 206 9.85 0.27 8.33
C ALA C 206 9.59 -1.19 8.01
N GLU C 207 8.34 -1.62 8.09
CA GLU C 207 8.01 -2.99 7.71
C GLU C 207 8.22 -3.22 6.23
N ARG C 208 8.16 -2.18 5.41
CA ARG C 208 8.56 -2.31 4.02
C ARG C 208 10.04 -2.59 3.88
N GLU C 209 10.86 -1.98 4.73
CA GLU C 209 12.28 -2.33 4.73
C GLU C 209 12.50 -3.77 5.18
N ILE C 210 11.71 -4.22 6.15
CA ILE C 210 11.78 -5.63 6.57
C ILE C 210 11.43 -6.54 5.40
N VAL C 211 10.40 -6.21 4.65
CA VAL C 211 9.99 -7.03 3.51
C VAL C 211 11.04 -6.99 2.41
N ARG C 212 11.69 -5.85 2.23
CA ARG C 212 12.79 -5.80 1.26
C ARG C 212 13.90 -6.75 1.67
N ASP C 213 14.20 -6.82 2.97
CA ASP C 213 15.19 -7.78 3.45
C ASP C 213 14.75 -9.21 3.19
N ILE C 214 13.48 -9.52 3.46
CA ILE C 214 12.96 -10.86 3.20
C ILE C 214 13.13 -11.20 1.72
N LYS C 215 12.80 -10.26 0.84
CA LYS C 215 12.91 -10.51 -0.59
C LYS C 215 14.34 -10.74 -1.01
N GLU C 216 15.27 -9.96 -0.48
CA GLU C 216 16.67 -10.14 -0.84
C GLU C 216 17.20 -11.47 -0.35
N LYS C 217 16.75 -11.94 0.82
CA LYS C 217 17.34 -13.15 1.38
C LYS C 217 16.70 -14.42 0.83
N LEU C 218 15.38 -14.42 0.59
CA LEU C 218 14.66 -15.66 0.34
C LEU C 218 14.18 -15.85 -1.09
N CYS C 219 14.00 -14.79 -1.86
CA CYS C 219 13.37 -14.91 -3.16
C CYS C 219 14.35 -15.34 -4.23
N TYR C 220 13.83 -16.01 -5.26
CA TYR C 220 14.64 -16.45 -6.39
C TYR C 220 13.74 -16.54 -7.61
N VAL C 221 14.36 -16.79 -8.76
CA VAL C 221 13.64 -16.85 -10.03
C VAL C 221 13.52 -18.30 -10.46
N ALA C 222 12.29 -18.76 -10.62
CA ALA C 222 12.05 -20.13 -11.06
C ALA C 222 12.37 -20.28 -12.53
N LEU C 223 13.12 -21.33 -12.87
CA LEU C 223 13.45 -21.56 -14.28
C LEU C 223 12.21 -21.86 -15.10
N ASP C 224 11.26 -22.61 -14.53
CA ASP C 224 9.97 -22.83 -15.16
C ASP C 224 8.90 -22.61 -14.11
N PHE C 225 8.07 -21.60 -14.31
CA PHE C 225 7.20 -21.11 -13.24
C PHE C 225 6.12 -22.13 -12.89
N GLU C 226 5.55 -22.80 -13.88
CA GLU C 226 4.38 -23.64 -13.63
C GLU C 226 4.75 -24.93 -12.89
N ASN C 227 5.86 -25.56 -13.28
CA ASN C 227 6.34 -26.70 -12.52
C ASN C 227 6.79 -26.30 -11.12
N GLU C 228 7.28 -25.09 -10.94
CA GLU C 228 7.62 -24.66 -9.58
C GLU C 228 6.37 -24.44 -8.74
N MET C 229 5.31 -23.91 -9.34
CA MET C 229 4.06 -23.79 -8.62
C MET C 229 3.51 -25.15 -8.25
N ALA C 230 3.58 -26.10 -9.18
CA ALA C 230 3.14 -27.47 -8.90
C ALA C 230 3.97 -28.10 -7.78
N THR C 231 5.29 -27.90 -7.83
CA THR C 231 6.16 -28.45 -6.79
C THR C 231 5.85 -27.86 -5.43
N ALA C 232 5.65 -26.54 -5.37
CA ALA C 232 5.32 -25.89 -4.11
C ALA C 232 3.97 -26.34 -3.60
N ALA C 233 3.02 -26.62 -4.49
CA ALA C 233 1.71 -27.11 -4.05
C ALA C 233 1.80 -28.53 -3.53
N SER C 234 2.60 -29.38 -4.19
CA SER C 234 2.65 -30.78 -3.81
C SER C 234 3.38 -30.99 -2.50
N SER C 235 4.50 -30.31 -2.31
CA SER C 235 5.39 -30.57 -1.19
C SER C 235 5.50 -29.33 -0.30
N SER C 236 6.41 -29.40 0.67
CA SER C 236 6.82 -28.24 1.45
C SER C 236 8.33 -28.10 1.44
N SER C 237 8.97 -28.58 0.37
CA SER C 237 10.42 -28.52 0.27
C SER C 237 10.93 -27.11 -0.03
N LEU C 238 10.10 -26.25 -0.61
CA LEU C 238 10.56 -24.92 -0.99
C LEU C 238 10.30 -23.89 0.09
N GLU C 239 9.70 -24.27 1.20
CA GLU C 239 9.39 -23.32 2.27
C GLU C 239 10.63 -23.01 3.08
N LYS C 240 10.88 -21.72 3.29
CA LYS C 240 11.98 -21.26 4.13
C LYS C 240 11.45 -20.31 5.18
N SER C 241 12.10 -20.29 6.33
CA SER C 241 11.69 -19.43 7.43
C SER C 241 12.55 -18.17 7.47
N TYR C 242 12.04 -17.17 8.19
CA TYR C 242 12.71 -15.89 8.34
C TYR C 242 12.30 -15.34 9.69
N GLU C 243 13.26 -14.82 10.44
CA GLU C 243 13.01 -14.30 11.78
C GLU C 243 12.89 -12.79 11.73
N LEU C 244 11.78 -12.27 12.21
CA LEU C 244 11.49 -10.85 12.20
C LEU C 244 12.31 -10.16 13.28
N PRO C 245 12.41 -8.83 13.22
CA PRO C 245 13.25 -8.12 14.19
C PRO C 245 12.86 -8.32 15.64
N ASP C 246 11.64 -8.77 15.93
CA ASP C 246 11.23 -9.02 17.30
C ASP C 246 11.09 -10.51 17.61
N GLY C 247 11.64 -11.37 16.78
CA GLY C 247 11.71 -12.78 17.09
C GLY C 247 10.61 -13.65 16.54
N GLN C 248 9.60 -13.07 15.91
CA GLN C 248 8.62 -13.92 15.25
C GLN C 248 9.21 -14.51 13.98
N VAL C 249 8.79 -15.73 13.67
CA VAL C 249 9.30 -16.48 12.53
C VAL C 249 8.17 -16.62 11.52
N ILE C 250 8.44 -16.23 10.28
CA ILE C 250 7.47 -16.37 9.21
C ILE C 250 8.00 -17.42 8.24
N THR C 251 7.09 -18.06 7.53
CA THR C 251 7.43 -19.07 6.54
C THR C 251 6.77 -18.72 5.23
N ILE C 252 7.52 -18.78 4.12
CA ILE C 252 6.96 -18.49 2.81
C ILE C 252 7.38 -19.58 1.84
N GLY C 253 6.41 -20.16 1.14
CA GLY C 253 6.71 -21.22 0.21
C GLY C 253 6.84 -20.86 -1.24
N ASN C 254 5.81 -20.28 -1.85
CA ASN C 254 5.86 -19.92 -3.25
C ASN C 254 5.91 -18.43 -3.46
N GLU C 255 5.81 -17.65 -2.40
CA GLU C 255 6.10 -16.23 -2.52
C GLU C 255 7.56 -16.00 -2.86
N ARG C 256 8.39 -17.03 -2.71
CA ARG C 256 9.81 -16.90 -2.99
C ARG C 256 10.08 -16.72 -4.47
N PHE C 257 9.39 -17.46 -5.33
CA PHE C 257 9.57 -17.30 -6.76
C PHE C 257 8.40 -16.60 -7.44
N ARG C 258 7.32 -16.32 -6.72
CA ARG C 258 6.24 -15.54 -7.29
C ARG C 258 6.58 -14.07 -7.36
N CYS C 259 7.28 -13.55 -6.36
CA CYS C 259 7.65 -12.14 -6.36
C CYS C 259 8.57 -11.77 -7.53
N PRO C 260 9.68 -12.48 -7.77
CA PRO C 260 10.51 -12.13 -8.93
C PRO C 260 9.86 -12.44 -10.26
N GLU C 261 8.83 -13.28 -10.31
CA GLU C 261 8.18 -13.58 -11.58
C GLU C 261 7.50 -12.37 -12.17
N THR C 262 7.24 -11.35 -11.36
CA THR C 262 6.65 -10.12 -11.87
C THR C 262 7.55 -9.42 -12.86
N LEU C 263 8.83 -9.79 -12.91
CA LEU C 263 9.71 -9.24 -13.93
C LEU C 263 9.44 -9.87 -15.29
N PHE C 264 9.00 -11.12 -15.31
CA PHE C 264 8.70 -11.83 -16.54
C PHE C 264 7.21 -11.87 -16.84
N GLN C 265 6.37 -11.60 -15.84
CA GLN C 265 4.93 -11.46 -16.03
C GLN C 265 4.49 -10.19 -15.30
N PRO C 266 4.73 -9.02 -15.90
CA PRO C 266 4.38 -7.77 -15.22
C PRO C 266 2.90 -7.65 -14.91
N SER C 267 2.06 -8.47 -15.52
CA SER C 267 0.63 -8.46 -15.25
C SER C 267 0.30 -8.91 -13.85
N PHE C 268 1.26 -9.47 -13.12
CA PHE C 268 1.03 -9.82 -11.72
C PHE C 268 0.70 -8.60 -10.89
N ILE C 269 1.33 -7.47 -11.18
CA ILE C 269 1.05 -6.22 -10.50
C ILE C 269 0.19 -5.30 -11.35
N GLY C 270 -0.51 -5.86 -12.33
CA GLY C 270 -1.47 -5.10 -13.10
C GLY C 270 -0.90 -4.25 -14.22
N MET C 271 0.36 -4.44 -14.59
CA MET C 271 0.95 -3.70 -15.69
C MET C 271 0.74 -4.44 -16.99
N GLU C 272 0.61 -3.67 -18.06
CA GLU C 272 0.36 -4.22 -19.38
C GLU C 272 1.62 -4.53 -20.16
N SER C 273 2.78 -4.10 -19.67
CA SER C 273 4.01 -4.18 -20.42
C SER C 273 4.45 -5.63 -20.55
N ALA C 274 5.57 -5.82 -21.23
CA ALA C 274 6.15 -7.13 -21.47
C ALA C 274 7.25 -7.40 -20.45
N GLY C 275 7.54 -8.68 -20.25
CA GLY C 275 8.58 -9.06 -19.32
C GLY C 275 9.93 -8.58 -19.77
N ILE C 276 10.93 -8.75 -18.89
CA ILE C 276 12.25 -8.24 -19.22
C ILE C 276 12.87 -9.04 -20.36
N HIS C 277 12.50 -10.31 -20.51
CA HIS C 277 12.99 -11.09 -21.63
C HIS C 277 12.39 -10.59 -22.94
N GLU C 278 11.10 -10.31 -22.94
CA GLU C 278 10.43 -9.81 -24.13
C GLU C 278 10.90 -8.41 -24.47
N THR C 279 11.12 -7.58 -23.45
CA THR C 279 11.66 -6.25 -23.68
C THR C 279 13.06 -6.31 -24.25
N THR C 280 13.91 -7.21 -23.74
CA THR C 280 15.26 -7.36 -24.27
C THR C 280 15.23 -7.82 -25.72
N TYR C 281 14.39 -8.79 -26.04
CA TYR C 281 14.27 -9.26 -27.42
C TYR C 281 13.74 -8.15 -28.32
N ASN C 282 12.74 -7.41 -27.87
CA ASN C 282 12.18 -6.34 -28.69
C ASN C 282 13.19 -5.22 -28.90
N SER C 283 14.06 -4.99 -27.93
CA SER C 283 15.11 -4.00 -28.11
C SER C 283 16.16 -4.50 -29.09
N ILE C 284 16.46 -5.80 -29.06
CA ILE C 284 17.42 -6.35 -30.02
C ILE C 284 16.86 -6.28 -31.44
N MET C 285 15.56 -6.48 -31.59
CA MET C 285 14.98 -6.48 -32.93
C MET C 285 14.65 -5.09 -33.46
N LYS C 286 14.80 -4.04 -32.68
CA LYS C 286 14.80 -2.70 -33.22
C LYS C 286 16.17 -2.25 -33.69
N CYS C 287 17.19 -3.07 -33.49
CA CYS C 287 18.53 -2.74 -33.93
C CYS C 287 18.76 -3.28 -35.34
N ASP C 288 19.82 -2.80 -35.97
CA ASP C 288 20.13 -3.20 -37.33
C ASP C 288 20.45 -4.69 -37.36
N ILE C 289 20.02 -5.34 -38.44
CA ILE C 289 20.10 -6.80 -38.52
C ILE C 289 21.53 -7.30 -38.41
N ASP C 290 22.50 -6.46 -38.77
CA ASP C 290 23.89 -6.89 -38.78
C ASP C 290 24.54 -6.86 -37.41
N ILE C 291 23.92 -6.20 -36.44
CA ILE C 291 24.45 -6.16 -35.08
C ILE C 291 23.67 -7.04 -34.12
N ARG C 292 22.60 -7.68 -34.58
CA ARG C 292 21.77 -8.48 -33.69
C ARG C 292 22.51 -9.71 -33.18
N LYS C 293 23.35 -10.32 -34.01
CA LYS C 293 24.11 -11.48 -33.55
C LYS C 293 25.03 -11.14 -32.41
N ASP C 294 25.72 -10.01 -32.48
CA ASP C 294 26.59 -9.60 -31.39
C ASP C 294 25.83 -9.10 -30.19
N LEU C 295 24.62 -8.58 -30.38
CA LEU C 295 23.81 -8.21 -29.24
C LEU C 295 23.28 -9.42 -28.50
N TYR C 296 22.96 -10.49 -29.24
CA TYR C 296 22.47 -11.71 -28.60
C TYR C 296 23.53 -12.30 -27.69
N ALA C 297 24.79 -12.27 -28.12
CA ALA C 297 25.88 -12.91 -27.41
C ALA C 297 26.41 -12.10 -26.25
N ASN C 298 26.01 -10.84 -26.10
CA ASN C 298 26.47 -9.98 -25.02
C ASN C 298 25.25 -9.36 -24.37
N ASN C 299 24.64 -10.10 -23.45
CA ASN C 299 23.50 -9.61 -22.68
C ASN C 299 24.00 -9.28 -21.28
N VAL C 300 24.50 -8.07 -21.11
CA VAL C 300 25.03 -7.66 -19.83
C VAL C 300 23.87 -7.33 -18.90
N MET C 301 23.87 -7.91 -17.72
CA MET C 301 22.87 -7.64 -16.70
C MET C 301 23.54 -6.95 -15.52
N SER C 302 23.05 -5.78 -15.15
CA SER C 302 23.58 -5.05 -14.02
C SER C 302 22.43 -4.59 -13.14
N GLY C 303 22.77 -4.06 -11.99
CA GLY C 303 21.77 -3.65 -11.03
C GLY C 303 21.46 -4.74 -10.02
N GLY C 304 20.87 -4.31 -8.90
CA GLY C 304 20.63 -5.24 -7.81
C GLY C 304 19.38 -6.07 -7.96
N THR C 305 18.48 -5.71 -8.86
CA THR C 305 17.29 -6.54 -9.07
C THR C 305 17.60 -7.72 -9.98
N THR C 306 18.72 -7.70 -10.66
CA THR C 306 19.21 -8.84 -11.41
C THR C 306 20.00 -9.81 -10.55
N MET C 307 19.93 -9.69 -9.23
CA MET C 307 20.73 -10.51 -8.34
C MET C 307 19.96 -11.68 -7.77
N TYR C 308 18.78 -11.98 -8.30
CA TYR C 308 18.04 -13.14 -7.85
C TYR C 308 18.75 -14.41 -8.27
N PRO C 309 18.77 -15.43 -7.43
CA PRO C 309 19.29 -16.73 -7.86
C PRO C 309 18.43 -17.31 -8.97
N GLY C 310 19.05 -17.50 -10.13
CA GLY C 310 18.38 -18.13 -11.24
C GLY C 310 17.85 -17.19 -12.28
N ILE C 311 18.12 -15.90 -12.17
CA ILE C 311 17.57 -14.94 -13.12
C ILE C 311 18.32 -15.00 -14.45
N ALA C 312 19.61 -15.34 -14.43
CA ALA C 312 20.35 -15.44 -15.68
C ALA C 312 19.97 -16.68 -16.45
N ASP C 313 19.70 -17.79 -15.76
CA ASP C 313 19.28 -19.01 -16.42
C ASP C 313 17.91 -18.84 -17.06
N ARG C 314 16.95 -18.29 -16.32
CA ARG C 314 15.64 -18.01 -16.87
C ARG C 314 15.73 -17.00 -18.00
N MET C 315 16.58 -15.99 -17.82
CA MET C 315 16.75 -14.96 -18.83
C MET C 315 17.22 -15.57 -20.15
N GLN C 316 18.21 -16.47 -20.07
CA GLN C 316 18.72 -17.11 -21.28
C GLN C 316 17.72 -18.08 -21.87
N LYS C 317 16.99 -18.81 -21.03
CA LYS C 317 15.98 -19.72 -21.55
C LYS C 317 14.92 -18.97 -22.34
N GLU C 318 14.44 -17.86 -21.79
CA GLU C 318 13.40 -17.11 -22.47
C GLU C 318 13.90 -16.46 -23.76
N ILE C 319 15.08 -15.83 -23.72
CA ILE C 319 15.57 -15.22 -24.95
C ILE C 319 15.92 -16.28 -25.99
N THR C 320 16.38 -17.45 -25.56
CA THR C 320 16.64 -18.53 -26.50
C THR C 320 15.35 -18.98 -27.16
N ALA C 321 14.26 -19.03 -26.39
CA ALA C 321 12.97 -19.35 -26.97
C ALA C 321 12.55 -18.31 -28.00
N LEU C 322 12.81 -17.04 -27.71
CA LEU C 322 12.38 -15.97 -28.63
C LEU C 322 13.24 -15.89 -29.88
N ALA C 323 14.57 -15.98 -29.72
CA ALA C 323 15.51 -15.77 -30.81
C ALA C 323 15.57 -16.97 -31.74
N PRO C 324 16.15 -16.82 -32.93
CA PRO C 324 16.34 -17.97 -33.80
C PRO C 324 17.24 -19.01 -33.17
N SER C 325 17.13 -20.25 -33.65
CA SER C 325 17.82 -21.37 -33.03
C SER C 325 19.31 -21.42 -33.34
N THR C 326 19.76 -20.73 -34.38
CA THR C 326 21.16 -20.70 -34.76
C THR C 326 21.92 -19.58 -34.07
N MET C 327 21.25 -18.84 -33.19
CA MET C 327 21.83 -17.68 -32.52
C MET C 327 22.63 -18.05 -31.29
N LYS C 328 23.32 -17.06 -30.77
CA LYS C 328 24.41 -17.25 -29.83
C LYS C 328 24.03 -16.53 -28.55
N ILE C 329 23.07 -17.07 -27.80
CA ILE C 329 22.53 -16.36 -26.65
C ILE C 329 23.44 -16.59 -25.46
N LYS C 330 24.04 -15.52 -24.96
CA LYS C 330 24.78 -15.56 -23.72
C LYS C 330 24.34 -14.41 -22.83
N ILE C 331 24.03 -14.72 -21.58
CA ILE C 331 23.70 -13.73 -20.57
C ILE C 331 24.93 -13.54 -19.70
N ILE C 332 25.39 -12.31 -19.58
CA ILE C 332 26.59 -11.99 -18.83
C ILE C 332 26.16 -11.36 -17.52
N ALA C 333 26.34 -12.08 -16.42
CA ALA C 333 25.92 -11.63 -15.10
C ALA C 333 27.13 -11.70 -14.17
N PRO C 334 27.92 -10.63 -14.10
CA PRO C 334 29.09 -10.67 -13.23
C PRO C 334 28.68 -10.81 -11.79
N PRO C 335 29.55 -11.40 -10.95
CA PRO C 335 29.20 -11.52 -9.53
C PRO C 335 29.02 -10.18 -8.85
N GLU C 336 29.70 -9.13 -9.32
CA GLU C 336 29.66 -7.81 -8.71
C GLU C 336 28.71 -6.87 -9.43
N ARG C 337 27.75 -7.40 -10.19
CA ARG C 337 26.91 -6.56 -11.02
C ARG C 337 26.02 -5.62 -10.23
N LYS C 338 25.91 -5.79 -8.92
CA LYS C 338 25.21 -4.81 -8.12
C LYS C 338 25.89 -3.46 -8.12
N TYR C 339 27.17 -3.39 -8.54
CA TYR C 339 27.92 -2.14 -8.58
C TYR C 339 28.52 -1.90 -9.96
N SER C 340 27.96 -2.49 -11.01
CA SER C 340 28.52 -2.30 -12.33
C SER C 340 28.43 -0.85 -12.78
N VAL C 341 27.33 -0.18 -12.45
CA VAL C 341 27.18 1.21 -12.85
C VAL C 341 28.24 2.07 -12.18
N TRP C 342 28.48 1.85 -10.89
CA TRP C 342 29.51 2.62 -10.21
C TRP C 342 30.90 2.29 -10.74
N ILE C 343 31.19 1.00 -10.98
CA ILE C 343 32.50 0.63 -11.48
C ILE C 343 32.76 1.25 -12.84
N GLY C 344 31.75 1.21 -13.72
CA GLY C 344 31.91 1.86 -15.01
C GLY C 344 32.02 3.35 -14.90
N GLY C 345 31.34 3.96 -13.94
CA GLY C 345 31.47 5.39 -13.74
C GLY C 345 32.86 5.77 -13.28
N SER C 346 33.48 4.94 -12.43
CA SER C 346 34.84 5.21 -12.01
C SER C 346 35.84 4.91 -13.11
N ILE C 347 35.55 3.95 -13.99
CA ILE C 347 36.39 3.74 -15.16
C ILE C 347 36.34 4.97 -16.06
N LEU C 348 35.15 5.50 -16.30
CA LEU C 348 35.00 6.63 -17.21
C LEU C 348 35.58 7.90 -16.62
N ALA C 349 35.26 8.20 -15.36
CA ALA C 349 35.73 9.43 -14.75
C ALA C 349 37.24 9.48 -14.60
N SER C 350 37.89 8.33 -14.60
CA SER C 350 39.34 8.26 -14.54
C SER C 350 39.99 8.20 -15.92
N LEU C 351 39.20 8.10 -16.98
CA LEU C 351 39.76 8.00 -18.31
C LEU C 351 40.52 9.27 -18.67
N SER C 352 41.62 9.10 -19.39
CA SER C 352 42.40 10.26 -19.80
C SER C 352 41.70 11.05 -20.91
N THR C 353 41.00 10.36 -21.80
CA THR C 353 40.33 11.02 -22.91
C THR C 353 39.02 11.68 -22.50
N PHE C 354 38.56 11.45 -21.27
CA PHE C 354 37.31 12.00 -20.77
C PHE C 354 37.47 13.38 -20.17
N GLN C 355 38.70 13.85 -19.95
CA GLN C 355 38.92 15.02 -19.11
C GLN C 355 38.52 16.32 -19.79
N GLN C 356 38.29 16.31 -21.10
CA GLN C 356 37.73 17.46 -21.78
C GLN C 356 36.22 17.39 -21.88
N MET C 357 35.59 16.36 -21.31
CA MET C 357 34.16 16.15 -21.44
C MET C 357 33.40 16.52 -20.17
N TRP C 358 34.09 16.97 -19.14
CA TRP C 358 33.41 17.51 -17.98
C TRP C 358 32.69 18.80 -18.35
N ILE C 359 31.62 19.09 -17.62
CA ILE C 359 30.95 20.38 -17.72
C ILE C 359 31.58 21.28 -16.68
N THR C 360 32.48 22.16 -17.10
CA THR C 360 33.13 23.05 -16.16
C THR C 360 32.15 24.13 -15.70
N LYS C 361 32.48 24.76 -14.57
CA LYS C 361 31.60 25.79 -14.06
C LYS C 361 31.60 27.05 -14.91
N GLN C 362 32.66 27.26 -15.70
CA GLN C 362 32.64 28.35 -16.68
C GLN C 362 31.53 28.12 -17.71
N GLU C 363 31.45 26.90 -18.24
CA GLU C 363 30.41 26.59 -19.22
C GLU C 363 29.02 26.72 -18.61
N TYR C 364 28.87 26.28 -17.37
CA TYR C 364 27.59 26.44 -16.69
C TYR C 364 27.25 27.92 -16.55
N ASP C 365 28.22 28.74 -16.16
CA ASP C 365 27.96 30.17 -16.03
C ASP C 365 27.59 30.81 -17.36
N GLU C 366 28.18 30.33 -18.46
CA GLU C 366 27.76 30.84 -19.76
C GLU C 366 26.34 30.44 -20.09
N ALA C 367 26.01 29.14 -19.95
CA ALA C 367 24.84 28.60 -20.63
C ALA C 367 23.76 28.04 -19.72
N GLY C 368 23.77 28.34 -18.43
CA GLY C 368 22.71 27.89 -17.56
C GLY C 368 22.70 26.39 -17.40
N PRO C 369 21.69 25.86 -16.70
CA PRO C 369 21.59 24.40 -16.54
C PRO C 369 21.34 23.67 -17.85
N SER C 370 20.94 24.36 -18.91
CA SER C 370 20.66 23.69 -20.17
C SER C 370 21.90 23.18 -20.88
N ILE C 371 23.09 23.45 -20.34
CA ILE C 371 24.33 22.95 -20.94
C ILE C 371 24.40 21.44 -20.87
N VAL C 372 23.67 20.83 -19.95
CA VAL C 372 23.80 19.40 -19.66
C VAL C 372 23.18 18.52 -20.73
N HIS C 373 22.28 19.05 -21.55
CA HIS C 373 21.67 18.26 -22.60
C HIS C 373 22.56 18.18 -23.83
N ARG C 374 23.50 19.10 -23.96
CA ARG C 374 24.34 19.20 -25.15
C ARG C 374 25.77 18.79 -24.88
N LYS C 375 26.21 18.90 -23.62
CA LYS C 375 27.49 18.32 -23.19
C LYS C 375 27.36 16.84 -22.86
N CYS C 376 26.23 16.44 -22.29
CA CYS C 376 25.95 15.03 -22.01
C CYS C 376 24.98 14.47 -23.03
N THR D 7 -34.14 -24.84 -1.35
CA THR D 7 -33.99 -24.39 -2.72
C THR D 7 -33.70 -22.90 -2.78
N THR D 8 -33.83 -22.24 -1.62
CA THR D 8 -33.51 -20.83 -1.49
C THR D 8 -32.18 -20.68 -0.77
N ALA D 9 -31.30 -19.87 -1.33
CA ALA D 9 -29.97 -19.70 -0.77
C ALA D 9 -30.01 -18.87 0.50
N LEU D 10 -29.02 -19.08 1.35
CA LEU D 10 -28.80 -18.26 2.52
C LEU D 10 -27.69 -17.27 2.25
N VAL D 11 -27.75 -16.12 2.92
CA VAL D 11 -26.74 -15.09 2.79
C VAL D 11 -26.35 -14.67 4.19
N CYS D 12 -25.15 -15.08 4.62
CA CYS D 12 -24.61 -14.69 5.91
C CYS D 12 -23.45 -13.75 5.70
N ASP D 13 -23.61 -12.51 6.14
CA ASP D 13 -22.55 -11.51 6.08
C ASP D 13 -21.87 -11.49 7.44
N ASN D 14 -20.75 -12.20 7.53
CA ASN D 14 -19.99 -12.28 8.77
C ASN D 14 -19.08 -11.07 8.85
N GLY D 15 -19.51 -10.05 9.53
CA GLY D 15 -18.64 -8.93 9.80
C GLY D 15 -17.88 -9.15 11.08
N SER D 16 -16.95 -8.23 11.34
CA SER D 16 -16.23 -8.28 12.59
C SER D 16 -17.12 -7.95 13.77
N GLY D 17 -18.10 -7.07 13.57
CA GLY D 17 -18.95 -6.63 14.64
C GLY D 17 -20.32 -7.28 14.69
N LEU D 18 -20.99 -7.38 13.55
CA LEU D 18 -22.35 -7.87 13.49
C LEU D 18 -22.48 -9.00 12.48
N VAL D 19 -23.41 -9.90 12.73
CA VAL D 19 -23.81 -10.92 11.78
C VAL D 19 -25.08 -10.46 11.10
N LYS D 20 -25.07 -10.40 9.78
CA LYS D 20 -26.24 -10.07 8.98
C LYS D 20 -26.60 -11.31 8.19
N ALA D 21 -27.68 -11.96 8.57
CA ALA D 21 -28.09 -13.22 7.95
C ALA D 21 -29.52 -13.11 7.45
N GLY D 22 -29.80 -13.85 6.39
CA GLY D 22 -31.13 -13.83 5.81
C GLY D 22 -31.19 -14.73 4.60
N PHE D 23 -32.26 -14.59 3.85
CA PHE D 23 -32.52 -15.44 2.70
C PHE D 23 -32.31 -14.66 1.41
N ALA D 24 -31.67 -15.30 0.44
CA ALA D 24 -31.47 -14.66 -0.85
C ALA D 24 -32.80 -14.36 -1.50
N GLY D 25 -32.89 -13.21 -2.17
CA GLY D 25 -34.11 -12.72 -2.72
C GLY D 25 -34.79 -11.68 -1.88
N ASP D 26 -34.69 -11.79 -0.56
CA ASP D 26 -35.25 -10.78 0.32
C ASP D 26 -34.49 -9.48 0.18
N ASP D 27 -35.06 -8.42 0.74
CA ASP D 27 -34.48 -7.09 0.67
C ASP D 27 -33.92 -6.60 2.00
N ALA D 28 -33.86 -7.46 3.01
CA ALA D 28 -33.31 -7.09 4.30
C ALA D 28 -32.95 -8.36 5.04
N PRO D 29 -31.88 -8.34 5.85
CA PRO D 29 -31.57 -9.50 6.68
C PRO D 29 -32.66 -9.73 7.71
N ARG D 30 -32.81 -10.99 8.10
CA ARG D 30 -33.75 -11.35 9.15
C ARG D 30 -33.09 -11.55 10.49
N ALA D 31 -31.77 -11.65 10.53
CA ALA D 31 -31.02 -11.76 11.77
C ALA D 31 -29.86 -10.79 11.71
N VAL D 32 -29.85 -9.83 12.63
CA VAL D 32 -28.76 -8.88 12.77
C VAL D 32 -28.46 -8.80 14.26
N PHE D 33 -27.43 -9.50 14.71
CA PHE D 33 -27.07 -9.57 16.11
C PHE D 33 -25.57 -9.39 16.24
N PRO D 34 -25.09 -8.96 17.41
CA PRO D 34 -23.65 -8.80 17.60
C PRO D 34 -22.93 -10.14 17.44
N SER D 35 -21.75 -10.06 16.85
CA SER D 35 -20.92 -11.24 16.60
C SER D 35 -19.98 -11.49 17.77
N ILE D 36 -20.58 -11.72 18.94
CA ILE D 36 -19.83 -11.90 20.18
C ILE D 36 -20.25 -13.20 20.85
N VAL D 37 -19.36 -13.75 21.66
CA VAL D 37 -19.65 -14.88 22.53
C VAL D 37 -19.23 -14.48 23.93
N GLY D 38 -20.15 -14.56 24.87
CA GLY D 38 -19.90 -14.18 26.26
C GLY D 38 -19.84 -15.40 27.15
N ARG D 39 -18.95 -15.35 28.13
CA ARG D 39 -18.81 -16.42 29.09
C ARG D 39 -18.81 -15.85 30.50
N PRO D 40 -19.54 -16.46 31.43
CA PRO D 40 -19.63 -15.90 32.78
C PRO D 40 -18.27 -15.79 33.44
N ARG D 41 -18.08 -14.71 34.18
CA ARG D 41 -16.81 -14.44 34.85
C ARG D 41 -16.93 -14.32 36.35
N HIS D 42 -18.10 -14.60 36.91
CA HIS D 42 -18.35 -14.46 38.34
C HIS D 42 -18.74 -15.82 38.92
N GLN D 43 -19.12 -15.82 40.18
CA GLN D 43 -19.39 -17.04 40.93
C GLN D 43 -20.87 -17.38 40.84
N GLY D 44 -21.20 -18.51 40.22
CA GLY D 44 -22.56 -18.99 40.22
C GLY D 44 -22.92 -19.56 41.58
N VAL D 45 -23.91 -18.97 42.24
CA VAL D 45 -24.26 -19.36 43.60
C VAL D 45 -25.63 -20.00 43.69
N MET D 46 -26.43 -19.97 42.63
CA MET D 46 -27.73 -20.61 42.63
C MET D 46 -27.72 -21.83 41.73
N VAL D 47 -28.42 -22.87 42.17
CA VAL D 47 -28.31 -24.20 41.58
C VAL D 47 -29.10 -24.23 40.28
N GLY D 48 -28.44 -24.55 39.18
CA GLY D 48 -29.06 -24.57 37.88
C GLY D 48 -28.95 -23.28 37.10
N MET D 49 -28.57 -22.19 37.77
CA MET D 49 -28.42 -20.90 37.12
C MET D 49 -27.09 -20.73 36.42
N GLY D 50 -26.16 -21.66 36.60
CA GLY D 50 -24.86 -21.55 35.98
C GLY D 50 -24.52 -22.70 35.05
N GLN D 51 -25.54 -23.40 34.57
CA GLN D 51 -25.29 -24.51 33.65
C GLN D 51 -24.91 -24.02 32.26
N LYS D 52 -25.50 -22.93 31.82
CA LYS D 52 -25.17 -22.38 30.51
C LYS D 52 -23.83 -21.66 30.60
N ASP D 53 -22.86 -22.14 29.84
CA ASP D 53 -21.49 -21.68 29.95
C ASP D 53 -21.10 -20.71 28.87
N SER D 54 -22.03 -20.29 28.03
CA SER D 54 -21.68 -19.48 26.86
C SER D 54 -22.95 -18.91 26.28
N TYR D 55 -22.90 -17.63 25.92
CA TYR D 55 -24.01 -16.93 25.32
C TYR D 55 -23.55 -16.29 24.02
N VAL D 56 -24.43 -16.23 23.04
CA VAL D 56 -24.09 -15.77 21.70
C VAL D 56 -25.06 -14.67 21.30
N GLY D 57 -24.54 -13.60 20.72
CA GLY D 57 -25.39 -12.58 20.14
C GLY D 57 -26.08 -11.70 21.15
N ASP D 58 -27.35 -11.36 20.89
CA ASP D 58 -28.10 -10.53 21.82
C ASP D 58 -28.25 -11.18 23.18
N GLU D 59 -28.17 -12.51 23.23
CA GLU D 59 -28.09 -13.25 24.48
C GLU D 59 -26.98 -12.76 25.37
N ALA D 60 -25.83 -12.39 24.79
CA ALA D 60 -24.67 -11.96 25.55
C ALA D 60 -24.74 -10.49 25.90
N GLN D 61 -25.23 -9.66 24.98
CA GLN D 61 -25.42 -8.25 25.29
C GLN D 61 -26.46 -8.05 26.37
N SER D 62 -27.46 -8.92 26.44
CA SER D 62 -28.44 -8.81 27.52
C SER D 62 -27.80 -9.06 28.87
N LYS D 63 -26.94 -10.06 28.97
CA LYS D 63 -26.33 -10.48 30.22
C LYS D 63 -24.90 -10.01 30.38
N ARG D 64 -24.45 -9.06 29.55
CA ARG D 64 -23.05 -8.67 29.52
C ARG D 64 -22.54 -8.14 30.85
N GLY D 65 -23.41 -7.91 31.82
CA GLY D 65 -22.93 -7.42 33.10
C GLY D 65 -22.27 -8.48 33.96
N ILE D 66 -22.30 -9.74 33.54
CA ILE D 66 -21.67 -10.81 34.30
C ILE D 66 -20.85 -11.69 33.37
N LEU D 67 -20.63 -11.23 32.15
CA LEU D 67 -19.94 -12.00 31.13
C LEU D 67 -18.69 -11.29 30.67
N THR D 68 -17.80 -12.05 30.05
CA THR D 68 -16.66 -11.50 29.33
C THR D 68 -16.93 -11.69 27.84
N LEU D 69 -17.09 -10.58 27.12
CA LEU D 69 -17.48 -10.63 25.73
C LEU D 69 -16.25 -10.74 24.84
N LYS D 70 -16.28 -11.67 23.90
CA LYS D 70 -15.18 -11.89 22.98
C LYS D 70 -15.69 -11.88 21.55
N TYR D 71 -14.94 -11.23 20.67
CA TYR D 71 -15.26 -11.23 19.26
C TYR D 71 -14.45 -12.29 18.55
N PRO D 72 -15.08 -13.28 17.91
CA PRO D 72 -14.30 -14.27 17.15
C PRO D 72 -13.53 -13.70 15.98
N ILE D 73 -13.92 -12.54 15.47
CA ILE D 73 -13.28 -11.93 14.31
C ILE D 73 -12.63 -10.62 14.73
N GLU D 74 -11.33 -10.49 14.47
CA GLU D 74 -10.66 -9.20 14.58
C GLU D 74 -10.22 -8.81 13.18
N HIC D 75 -10.54 -7.63 12.69
CA HIC D 75 -9.93 -7.13 11.47
C HIC D 75 -10.26 -7.93 10.21
O HIC D 75 -9.73 -7.78 9.12
CB HIC D 75 -8.41 -7.06 11.53
CG HIC D 75 -8.00 -6.02 12.49
ND1 HIC D 75 -8.45 -4.70 12.45
CD2 HIC D 75 -7.13 -6.19 13.59
CE1 HIC D 75 -7.88 -4.08 13.49
NE2 HIC D 75 -7.06 -4.95 14.20
CZ HIC D 75 -6.30 -4.63 15.36
N GLY D 76 -11.16 -8.88 10.41
CA GLY D 76 -11.87 -9.52 9.33
C GLY D 76 -11.40 -10.94 9.23
N ILE D 77 -10.38 -11.25 10.00
CA ILE D 77 -9.83 -12.59 10.12
C ILE D 77 -10.45 -13.27 11.33
N ILE D 78 -10.95 -14.48 11.15
CA ILE D 78 -11.51 -15.25 12.26
C ILE D 78 -10.37 -15.79 13.10
N THR D 79 -10.33 -15.40 14.37
CA THR D 79 -9.25 -15.79 15.26
C THR D 79 -9.63 -16.91 16.20
N ASN D 80 -10.88 -17.01 16.61
CA ASN D 80 -11.39 -18.10 17.43
C ASN D 80 -12.31 -18.92 16.55
N TRP D 81 -11.89 -20.14 16.20
CA TRP D 81 -12.68 -20.98 15.32
C TRP D 81 -13.69 -21.84 16.05
N ASP D 82 -13.66 -21.88 17.38
CA ASP D 82 -14.70 -22.56 18.13
C ASP D 82 -15.81 -21.61 18.52
N ASP D 83 -15.50 -20.34 18.71
CA ASP D 83 -16.52 -19.34 18.98
C ASP D 83 -17.23 -18.91 17.72
N MET D 84 -16.50 -18.77 16.61
CA MET D 84 -17.13 -18.48 15.33
C MET D 84 -18.06 -19.60 14.91
N GLU D 85 -17.64 -20.83 15.19
CA GLU D 85 -18.49 -21.99 14.94
C GLU D 85 -19.77 -21.91 15.76
N LYS D 86 -19.68 -21.46 17.01
CA LYS D 86 -20.88 -21.20 17.79
C LYS D 86 -21.73 -20.11 17.17
N ILE D 87 -21.10 -19.05 16.66
CA ILE D 87 -21.84 -17.96 16.04
C ILE D 87 -22.65 -18.47 14.86
N TRP D 88 -22.02 -19.32 14.05
CA TRP D 88 -22.71 -19.87 12.88
C TRP D 88 -23.82 -20.82 13.27
N HIS D 89 -23.59 -21.64 14.30
CA HIS D 89 -24.66 -22.51 14.77
C HIS D 89 -25.85 -21.69 15.25
N HIS D 90 -25.59 -20.64 16.02
CA HIS D 90 -26.65 -19.73 16.44
C HIS D 90 -27.38 -19.15 15.24
N THR D 91 -26.63 -18.59 14.29
CA THR D 91 -27.22 -17.99 13.11
C THR D 91 -28.18 -18.95 12.42
N PHE D 92 -27.74 -20.18 12.19
CA PHE D 92 -28.57 -21.12 11.43
C PHE D 92 -29.76 -21.60 12.23
N TYR D 93 -29.56 -21.97 13.49
CA TYR D 93 -30.58 -22.70 14.21
C TYR D 93 -31.44 -21.85 15.12
N ASN D 94 -30.89 -20.85 15.79
CA ASN D 94 -31.70 -20.06 16.70
C ASN D 94 -32.27 -18.80 16.07
N GLU D 95 -31.51 -18.15 15.20
CA GLU D 95 -31.94 -16.89 14.59
C GLU D 95 -32.72 -17.13 13.31
N LEU D 96 -32.12 -17.79 12.33
CA LEU D 96 -32.82 -18.09 11.10
C LEU D 96 -33.75 -19.29 11.23
N ARG D 97 -33.41 -20.27 12.08
CA ARG D 97 -34.27 -21.47 12.30
C ARG D 97 -34.45 -22.26 10.98
N VAL D 98 -33.36 -22.51 10.25
CA VAL D 98 -33.36 -23.31 9.03
C VAL D 98 -32.55 -24.56 9.30
N ALA D 99 -32.56 -25.48 8.33
CA ALA D 99 -31.65 -26.60 8.37
C ALA D 99 -30.57 -26.35 7.32
N PRO D 100 -29.32 -26.15 7.72
CA PRO D 100 -28.31 -25.67 6.76
C PRO D 100 -28.08 -26.61 5.59
N GLU D 101 -28.36 -27.90 5.73
CA GLU D 101 -28.04 -28.84 4.66
C GLU D 101 -29.01 -28.80 3.50
N GLU D 102 -30.00 -27.92 3.51
CA GLU D 102 -30.87 -27.75 2.37
C GLU D 102 -30.70 -26.42 1.64
N HIS D 103 -30.06 -25.44 2.26
CA HIS D 103 -29.87 -24.14 1.64
C HIS D 103 -28.40 -23.93 1.29
N PRO D 104 -28.08 -23.58 0.05
CA PRO D 104 -26.73 -23.07 -0.23
C PRO D 104 -26.50 -21.78 0.54
N THR D 105 -25.28 -21.59 1.01
CA THR D 105 -24.94 -20.45 1.84
C THR D 105 -23.92 -19.57 1.14
N LEU D 106 -24.23 -18.29 1.01
CA LEU D 106 -23.29 -17.30 0.52
C LEU D 106 -22.63 -16.61 1.70
N LEU D 107 -21.31 -16.61 1.72
CA LEU D 107 -20.54 -15.95 2.76
C LEU D 107 -19.72 -14.83 2.14
N THR D 108 -19.31 -13.89 2.98
CA THR D 108 -18.57 -12.73 2.54
C THR D 108 -17.24 -12.65 3.25
N GLU D 109 -16.27 -12.00 2.61
CA GLU D 109 -14.94 -11.88 3.17
C GLU D 109 -14.28 -10.62 2.62
N ALA D 110 -13.43 -10.02 3.42
CA ALA D 110 -12.68 -8.85 2.98
C ALA D 110 -11.56 -9.28 2.03
N PRO D 111 -11.11 -8.37 1.17
CA PRO D 111 -9.97 -8.70 0.30
C PRO D 111 -8.65 -8.64 1.06
N LEU D 112 -7.62 -9.22 0.45
CA LEU D 112 -6.27 -9.23 1.00
C LEU D 112 -6.25 -9.85 2.40
N ASN D 113 -6.98 -10.91 2.55
CA ASN D 113 -7.26 -11.58 3.80
C ASN D 113 -6.58 -12.95 3.73
N PRO D 114 -6.12 -13.55 4.83
CA PRO D 114 -5.44 -14.83 4.74
C PRO D 114 -6.26 -15.90 4.04
N LYS D 115 -5.58 -16.73 3.27
CA LYS D 115 -6.25 -17.79 2.53
C LYS D 115 -6.79 -18.87 3.44
N ALA D 116 -6.13 -19.09 4.58
CA ALA D 116 -6.61 -20.09 5.51
C ALA D 116 -7.96 -19.71 6.08
N ASN D 117 -8.26 -18.42 6.17
CA ASN D 117 -9.58 -17.98 6.63
C ASN D 117 -10.67 -18.53 5.71
N ARG D 118 -10.53 -18.28 4.41
CA ARG D 118 -11.50 -18.74 3.43
C ARG D 118 -11.56 -20.25 3.36
N GLU D 119 -10.40 -20.91 3.41
CA GLU D 119 -10.36 -22.36 3.36
C GLU D 119 -11.06 -22.99 4.55
N LYS D 120 -10.84 -22.45 5.74
CA LYS D 120 -11.47 -23.03 6.91
C LYS D 120 -12.95 -22.70 6.97
N MET D 121 -13.37 -21.55 6.43
CA MET D 121 -14.80 -21.31 6.29
C MET D 121 -15.44 -22.33 5.38
N THR D 122 -14.79 -22.63 4.25
CA THR D 122 -15.30 -23.65 3.34
C THR D 122 -15.42 -24.99 4.04
N GLN D 123 -14.37 -25.38 4.77
CA GLN D 123 -14.39 -26.67 5.45
C GLN D 123 -15.45 -26.72 6.53
N ILE D 124 -15.58 -25.66 7.34
CA ILE D 124 -16.58 -25.68 8.40
C ILE D 124 -17.97 -25.80 7.81
N MET D 125 -18.28 -25.00 6.79
CA MET D 125 -19.57 -25.15 6.13
C MET D 125 -19.80 -26.59 5.72
N PHE D 126 -18.94 -27.09 4.81
CA PHE D 126 -19.21 -28.37 4.17
C PHE D 126 -19.15 -29.55 5.12
N GLU D 127 -18.50 -29.43 6.27
CA GLU D 127 -18.32 -30.60 7.12
C GLU D 127 -19.03 -30.51 8.46
N THR D 128 -19.24 -29.33 9.01
CA THR D 128 -20.03 -29.25 10.22
C THR D 128 -21.49 -28.94 9.93
N PHE D 129 -21.77 -28.16 8.89
CA PHE D 129 -23.14 -27.77 8.62
C PHE D 129 -23.69 -28.43 7.37
N ASN D 130 -22.86 -29.18 6.64
CA ASN D 130 -23.30 -30.00 5.52
C ASN D 130 -24.05 -29.21 4.47
N VAL D 131 -23.66 -27.96 4.23
CA VAL D 131 -24.40 -27.16 3.26
C VAL D 131 -24.26 -27.80 1.88
N PRO D 132 -25.32 -27.82 1.07
CA PRO D 132 -25.20 -28.42 -0.27
C PRO D 132 -24.20 -27.70 -1.15
N ALA D 133 -24.05 -26.39 -0.96
CA ALA D 133 -23.11 -25.59 -1.73
C ALA D 133 -22.80 -24.35 -0.93
N MET D 134 -21.73 -23.66 -1.30
CA MET D 134 -21.40 -22.41 -0.65
C MET D 134 -20.55 -21.58 -1.60
N TYR D 135 -20.32 -20.33 -1.21
CA TYR D 135 -19.56 -19.38 -2.01
C TYR D 135 -19.08 -18.29 -1.07
N VAL D 136 -17.91 -17.74 -1.37
CA VAL D 136 -17.34 -16.64 -0.60
C VAL D 136 -17.15 -15.48 -1.56
N ALA D 137 -17.80 -14.37 -1.27
CA ALA D 137 -17.79 -13.20 -2.14
C ALA D 137 -17.11 -12.03 -1.43
N ILE D 138 -16.54 -11.12 -2.21
CA ILE D 138 -15.89 -9.95 -1.66
C ILE D 138 -16.94 -8.90 -1.35
N GLN D 139 -16.85 -8.30 -0.16
CA GLN D 139 -17.91 -7.45 0.33
C GLN D 139 -18.08 -6.17 -0.49
N ALA D 140 -17.02 -5.67 -1.09
CA ALA D 140 -17.15 -4.46 -1.90
C ALA D 140 -17.84 -4.73 -3.22
N VAL D 141 -17.61 -5.89 -3.82
CA VAL D 141 -18.35 -6.26 -5.01
C VAL D 141 -19.83 -6.37 -4.69
N LEU D 142 -20.17 -6.91 -3.52
CA LEU D 142 -21.56 -7.00 -3.11
C LEU D 142 -22.15 -5.63 -2.86
N SER D 143 -21.37 -4.72 -2.30
CA SER D 143 -21.86 -3.34 -2.12
C SER D 143 -22.17 -2.71 -3.48
N LEU D 144 -21.31 -2.96 -4.47
CA LEU D 144 -21.59 -2.41 -5.80
C LEU D 144 -22.81 -3.08 -6.43
N TYR D 145 -23.04 -4.36 -6.16
CA TYR D 145 -24.28 -4.99 -6.58
C TYR D 145 -25.49 -4.27 -5.98
N ALA D 146 -25.44 -4.03 -4.68
CA ALA D 146 -26.58 -3.43 -3.99
C ALA D 146 -26.82 -2.00 -4.43
N SER D 147 -25.78 -1.29 -4.83
CA SER D 147 -25.96 0.09 -5.27
C SER D 147 -26.53 0.20 -6.67
N GLY D 148 -26.74 -0.91 -7.36
CA GLY D 148 -27.30 -0.85 -8.70
C GLY D 148 -26.34 -0.33 -9.74
N ARG D 149 -25.06 -0.61 -9.61
CA ARG D 149 -24.05 -0.15 -10.54
C ARG D 149 -23.15 -1.30 -10.94
N THR D 150 -22.38 -1.09 -12.01
CA THR D 150 -21.30 -2.00 -12.37
C THR D 150 -19.98 -1.25 -12.50
N THR D 151 -19.95 0.02 -12.16
CA THR D 151 -18.76 0.85 -12.19
C THR D 151 -18.75 1.70 -10.95
N GLY D 152 -17.59 1.81 -10.32
CA GLY D 152 -17.44 2.65 -9.16
C GLY D 152 -16.45 2.07 -8.19
N ILE D 153 -15.91 2.93 -7.35
CA ILE D 153 -14.97 2.53 -6.30
C ILE D 153 -15.73 2.50 -4.99
N VAL D 154 -15.71 1.31 -4.37
CA VAL D 154 -16.50 1.13 -3.12
C VAL D 154 -15.60 1.26 -1.90
N LEU D 155 -15.97 2.11 -0.95
CA LEU D 155 -15.22 2.16 0.33
C LEU D 155 -16.13 1.46 1.32
N ASP D 156 -15.67 0.34 1.90
CA ASP D 156 -16.53 -0.40 2.84
C ASP D 156 -15.83 -0.34 4.19
N SER D 157 -16.52 0.17 5.21
CA SER D 157 -15.93 0.23 6.55
C SER D 157 -16.82 -0.52 7.53
N GLY D 158 -16.26 -1.46 8.28
CA GLY D 158 -17.00 -2.30 9.23
C GLY D 158 -16.44 -2.13 10.62
N ASP D 159 -16.73 -3.03 11.54
CA ASP D 159 -16.06 -2.99 12.86
C ASP D 159 -14.55 -3.21 12.70
N GLY D 160 -14.12 -4.14 11.84
CA GLY D 160 -12.68 -4.45 11.76
C GLY D 160 -11.86 -3.88 10.62
N VAL D 161 -12.38 -3.83 9.39
CA VAL D 161 -11.52 -3.44 8.23
C VAL D 161 -12.17 -2.39 7.32
N THR D 162 -11.37 -1.47 6.76
CA THR D 162 -11.88 -0.51 5.74
C THR D 162 -11.19 -0.86 4.42
N HIS D 163 -11.95 -1.09 3.36
CA HIS D 163 -11.31 -1.52 2.09
C HIS D 163 -11.85 -0.73 0.89
N ASN D 164 -10.99 -0.46 -0.09
CA ASN D 164 -11.42 0.21 -1.34
C ASN D 164 -11.22 -0.79 -2.47
N VAL D 165 -12.26 -1.04 -3.27
CA VAL D 165 -12.14 -1.95 -4.45
C VAL D 165 -12.69 -1.19 -5.66
N PRO D 166 -11.83 -0.76 -6.62
CA PRO D 166 -12.32 -0.09 -7.82
C PRO D 166 -12.78 -1.06 -8.90
N ILE D 167 -14.02 -0.92 -9.34
CA ILE D 167 -14.62 -1.81 -10.33
C ILE D 167 -15.08 -0.96 -11.50
N TYR D 168 -14.79 -1.40 -12.72
CA TYR D 168 -15.19 -0.67 -13.92
C TYR D 168 -15.80 -1.64 -14.90
N GLU D 169 -17.08 -1.44 -15.22
CA GLU D 169 -17.82 -2.27 -16.15
C GLU D 169 -17.83 -3.73 -15.72
N GLY D 170 -17.82 -3.96 -14.41
CA GLY D 170 -17.82 -5.29 -13.87
C GLY D 170 -16.45 -5.94 -13.77
N TYR D 171 -15.39 -5.22 -14.10
CA TYR D 171 -14.03 -5.71 -14.01
C TYR D 171 -13.34 -5.03 -12.84
N ALA D 172 -12.83 -5.83 -11.91
CA ALA D 172 -12.07 -5.29 -10.79
C ALA D 172 -10.62 -5.10 -11.18
N LEU D 173 -9.97 -4.13 -10.56
CA LEU D 173 -8.55 -3.88 -10.75
C LEU D 173 -7.85 -4.30 -9.47
N PRO D 174 -7.48 -5.57 -9.33
CA PRO D 174 -7.01 -6.07 -8.03
C PRO D 174 -5.73 -5.44 -7.54
N HIS D 175 -4.95 -4.82 -8.42
CA HIS D 175 -3.74 -4.16 -7.99
C HIS D 175 -4.02 -2.83 -7.31
N ALA D 176 -5.21 -2.28 -7.49
CA ALA D 176 -5.60 -1.03 -6.89
C ALA D 176 -6.47 -1.20 -5.66
N ILE D 177 -6.69 -2.44 -5.21
CA ILE D 177 -7.44 -2.69 -4.00
C ILE D 177 -6.59 -2.29 -2.80
N MET D 178 -7.18 -1.52 -1.89
CA MET D 178 -6.48 -1.10 -0.69
C MET D 178 -7.26 -1.51 0.53
N ARG D 179 -6.60 -2.19 1.46
CA ARG D 179 -7.17 -2.62 2.71
C ARG D 179 -6.48 -1.85 3.84
N LEU D 180 -7.25 -1.46 4.84
CA LEU D 180 -6.74 -0.67 5.95
C LEU D 180 -7.38 -1.18 7.22
N ASP D 181 -6.57 -1.70 8.13
CA ASP D 181 -7.07 -2.29 9.36
C ASP D 181 -7.38 -1.20 10.39
N LEU D 182 -8.35 -0.35 10.02
CA LEU D 182 -8.82 0.72 10.87
C LEU D 182 -10.30 0.89 10.58
N ALA D 183 -11.13 0.65 11.57
CA ALA D 183 -12.57 0.60 11.37
C ALA D 183 -13.24 0.86 12.72
N GLY D 184 -14.50 0.44 12.84
CA GLY D 184 -15.31 0.85 13.98
C GLY D 184 -14.73 0.47 15.32
N ARG D 185 -14.09 -0.70 15.42
CA ARG D 185 -13.58 -1.11 16.72
C ARG D 185 -12.40 -0.26 17.16
N ASP D 186 -11.57 0.17 16.21
CA ASP D 186 -10.48 1.07 16.55
C ASP D 186 -10.99 2.43 16.99
N LEU D 187 -12.09 2.90 16.38
CA LEU D 187 -12.69 4.15 16.81
C LEU D 187 -13.33 4.01 18.19
N THR D 188 -13.94 2.85 18.48
CA THR D 188 -14.46 2.62 19.82
C THR D 188 -13.35 2.62 20.85
N ASP D 189 -12.22 1.98 20.54
CA ASP D 189 -11.10 1.99 21.47
C ASP D 189 -10.54 3.38 21.66
N TYR D 190 -10.43 4.15 20.58
CA TYR D 190 -9.94 5.52 20.69
C TYR D 190 -10.89 6.37 21.51
N LEU D 191 -12.19 6.16 21.37
CA LEU D 191 -13.14 6.91 22.17
C LEU D 191 -13.05 6.51 23.65
N MET D 192 -12.87 5.23 23.95
CA MET D 192 -12.63 4.88 25.35
C MET D 192 -11.39 5.56 25.88
N LYS D 193 -10.35 5.67 25.06
CA LYS D 193 -9.12 6.29 25.51
C LYS D 193 -9.30 7.77 25.79
N ILE D 194 -9.96 8.49 24.87
CA ILE D 194 -10.09 9.94 25.04
C ILE D 194 -11.28 10.33 25.90
N LEU D 195 -12.11 9.38 26.31
CA LEU D 195 -13.12 9.69 27.32
C LEU D 195 -12.53 9.81 28.71
N THR D 196 -11.30 9.34 28.90
CA THR D 196 -10.65 9.46 30.21
C THR D 196 -10.22 10.89 30.51
N GLU D 197 -10.14 11.74 29.49
CA GLU D 197 -9.79 13.13 29.72
C GLU D 197 -10.85 13.86 30.52
N ARG D 198 -12.09 13.42 30.44
CA ARG D 198 -13.18 14.00 31.22
C ARG D 198 -13.43 13.25 32.51
N GLY D 199 -12.69 12.18 32.76
CA GLY D 199 -12.85 11.42 33.98
C GLY D 199 -13.72 10.20 33.87
N TYR D 200 -14.08 9.79 32.66
CA TYR D 200 -14.94 8.63 32.45
C TYR D 200 -14.06 7.44 32.12
N SER D 201 -14.11 6.41 32.95
CA SER D 201 -13.26 5.24 32.80
C SER D 201 -14.12 4.04 32.44
N PHE D 202 -14.01 3.59 31.19
CA PHE D 202 -14.69 2.40 30.69
C PHE D 202 -13.61 1.41 30.31
N VAL D 203 -13.50 0.32 31.07
CA VAL D 203 -12.42 -0.64 30.90
C VAL D 203 -12.93 -2.01 30.49
N THR D 204 -14.00 -2.48 31.13
CA THR D 204 -14.53 -3.81 30.88
C THR D 204 -15.02 -3.94 29.44
N THR D 205 -15.16 -5.18 28.98
CA THR D 205 -15.71 -5.41 27.64
C THR D 205 -17.15 -4.93 27.54
N ALA D 206 -17.94 -5.11 28.61
CA ALA D 206 -19.29 -4.55 28.64
C ALA D 206 -19.27 -3.04 28.54
N GLU D 207 -18.36 -2.39 29.25
CA GLU D 207 -18.24 -0.95 29.12
C GLU D 207 -17.73 -0.54 27.74
N ARG D 208 -17.03 -1.44 27.05
CA ARG D 208 -16.69 -1.19 25.66
C ARG D 208 -17.93 -1.20 24.78
N GLU D 209 -18.90 -2.07 25.08
CA GLU D 209 -20.16 -2.02 24.36
C GLU D 209 -20.91 -0.72 24.66
N ILE D 210 -20.86 -0.26 25.91
CA ILE D 210 -21.45 1.02 26.26
C ILE D 210 -20.82 2.15 25.45
N VAL D 211 -19.49 2.13 25.33
CA VAL D 211 -18.81 3.18 24.59
C VAL D 211 -19.13 3.09 23.09
N ARG D 212 -19.29 1.87 22.58
CA ARG D 212 -19.72 1.74 21.19
C ARG D 212 -21.08 2.38 20.98
N ASP D 213 -21.99 2.21 21.95
CA ASP D 213 -23.28 2.87 21.86
C ASP D 213 -23.14 4.39 21.90
N ILE D 214 -22.29 4.90 22.79
CA ILE D 214 -22.04 6.35 22.85
C ILE D 214 -21.55 6.85 21.51
N LYS D 215 -20.61 6.13 20.91
CA LYS D 215 -20.05 6.54 19.63
C LYS D 215 -21.10 6.55 18.54
N GLU D 216 -21.95 5.52 18.50
CA GLU D 216 -22.98 5.48 17.48
C GLU D 216 -24.00 6.59 17.66
N LYS D 217 -24.30 6.97 18.90
CA LYS D 217 -25.36 7.94 19.09
C LYS D 217 -24.87 9.38 18.98
N LEU D 218 -23.66 9.67 19.45
CA LEU D 218 -23.23 11.06 19.62
C LEU D 218 -22.16 11.54 18.66
N CYS D 219 -21.38 10.65 18.06
CA CYS D 219 -20.23 11.09 17.28
C CYS D 219 -20.64 11.46 15.86
N TYR D 220 -19.86 12.35 15.25
CA TYR D 220 -20.08 12.79 13.88
C TYR D 220 -18.75 13.21 13.29
N VAL D 221 -18.76 13.50 12.00
CA VAL D 221 -17.54 13.88 11.28
C VAL D 221 -17.59 15.36 11.00
N ALA D 222 -16.59 16.09 11.49
CA ALA D 222 -16.51 17.51 11.27
C ALA D 222 -16.09 17.81 9.83
N LEU D 223 -16.80 18.72 9.18
CA LEU D 223 -16.45 19.08 7.82
C LEU D 223 -15.07 19.74 7.76
N ASP D 224 -14.75 20.57 8.75
CA ASP D 224 -13.41 21.13 8.87
C ASP D 224 -12.98 20.99 10.32
N PHE D 225 -11.94 20.19 10.55
CA PHE D 225 -11.62 19.75 11.91
C PHE D 225 -11.15 20.90 12.78
N GLU D 226 -10.34 21.81 12.23
CA GLU D 226 -9.70 22.81 13.06
C GLU D 226 -10.69 23.88 13.54
N ASN D 227 -11.57 24.34 12.65
CA ASN D 227 -12.63 25.24 13.07
C ASN D 227 -13.60 24.57 14.03
N GLU D 228 -13.80 23.26 13.92
CA GLU D 228 -14.64 22.59 14.90
C GLU D 228 -13.96 22.51 16.26
N MET D 229 -12.66 22.29 16.28
CA MET D 229 -11.93 22.32 17.55
C MET D 229 -11.99 23.70 18.16
N ALA D 230 -11.81 24.74 17.34
CA ALA D 230 -11.93 26.11 17.84
C ALA D 230 -13.32 26.40 18.38
N THR D 231 -14.36 25.95 17.66
CA THR D 231 -15.72 26.16 18.12
C THR D 231 -16.00 25.46 19.43
N ALA D 232 -15.53 24.21 19.56
CA ALA D 232 -15.72 23.48 20.79
C ALA D 232 -14.96 24.11 21.94
N ALA D 233 -13.78 24.68 21.67
CA ALA D 233 -13.04 25.35 22.72
C ALA D 233 -13.72 26.65 23.15
N SER D 234 -14.26 27.40 22.20
CA SER D 234 -14.83 28.71 22.52
C SER D 234 -16.14 28.57 23.28
N SER D 235 -17.01 27.66 22.85
CA SER D 235 -18.37 27.58 23.36
C SER D 235 -18.59 26.23 24.04
N SER D 236 -19.85 25.99 24.41
CA SER D 236 -20.30 24.67 24.85
C SER D 236 -21.52 24.23 24.05
N SER D 237 -21.63 24.72 22.82
CA SER D 237 -22.78 24.38 21.99
C SER D 237 -22.73 22.96 21.45
N LEU D 238 -21.53 22.37 21.35
CA LEU D 238 -21.40 21.04 20.77
C LEU D 238 -21.47 19.94 21.81
N GLU D 239 -21.61 20.28 23.08
CA GLU D 239 -21.64 19.27 24.13
C GLU D 239 -23.01 18.60 24.18
N LYS D 240 -23.01 17.27 24.22
CA LYS D 240 -24.22 16.49 24.37
C LYS D 240 -24.06 15.53 25.52
N SER D 241 -25.17 15.21 26.17
CA SER D 241 -25.16 14.31 27.30
C SER D 241 -25.58 12.91 26.88
N TYR D 242 -25.27 11.94 27.73
CA TYR D 242 -25.61 10.55 27.50
C TYR D 242 -25.79 9.89 28.86
N GLU D 243 -26.84 9.11 28.99
CA GLU D 243 -27.16 8.46 30.26
C GLU D 243 -26.67 7.02 30.25
N LEU D 244 -25.85 6.68 31.23
CA LEU D 244 -25.27 5.36 31.34
C LEU D 244 -26.31 4.36 31.84
N PRO D 245 -26.05 3.07 31.71
CA PRO D 245 -27.06 2.07 32.09
C PRO D 245 -27.49 2.14 33.54
N ASP D 246 -26.72 2.78 34.43
CA ASP D 246 -27.13 2.92 35.82
C ASP D 246 -27.52 4.33 36.18
N GLY D 247 -27.78 5.19 35.21
CA GLY D 247 -28.34 6.49 35.46
C GLY D 247 -27.35 7.63 35.57
N GLN D 248 -26.05 7.37 35.54
CA GLN D 248 -25.11 8.47 35.49
C GLN D 248 -25.14 9.11 34.11
N VAL D 249 -24.92 10.42 34.08
CA VAL D 249 -24.96 11.20 32.86
C VAL D 249 -23.57 11.71 32.57
N ILE D 250 -23.08 11.45 31.35
CA ILE D 250 -21.77 11.94 30.93
C ILE D 250 -22.00 12.98 29.86
N THR D 251 -21.04 13.88 29.72
CA THR D 251 -21.09 14.94 28.72
C THR D 251 -19.79 14.91 27.92
N ILE D 252 -19.89 14.97 26.60
CA ILE D 252 -18.70 14.98 25.76
C ILE D 252 -18.84 16.11 24.73
N GLY D 253 -17.83 16.95 24.64
CA GLY D 253 -17.88 18.06 23.71
C GLY D 253 -17.18 17.88 22.38
N ASN D 254 -15.89 17.62 22.38
CA ASN D 254 -15.15 17.46 21.14
C ASN D 254 -14.72 16.03 20.91
N GLU D 255 -14.96 15.13 21.86
CA GLU D 255 -14.82 13.72 21.58
C GLU D 255 -15.80 13.26 20.53
N ARG D 256 -16.82 14.07 20.25
CA ARG D 256 -17.84 13.70 19.28
C ARG D 256 -17.28 13.68 17.87
N PHE D 257 -16.46 14.66 17.50
CA PHE D 257 -15.88 14.67 16.18
C PHE D 257 -14.40 14.31 16.18
N ARG D 258 -13.78 14.15 17.35
CA ARG D 258 -12.40 13.71 17.39
C ARG D 258 -12.29 12.21 17.13
N CYS D 259 -13.24 11.43 17.62
CA CYS D 259 -13.20 9.98 17.41
C CYS D 259 -13.32 9.62 15.93
N PRO D 260 -14.30 10.11 15.16
CA PRO D 260 -14.33 9.78 13.73
C PRO D 260 -13.20 10.39 12.93
N GLU D 261 -12.52 11.42 13.43
CA GLU D 261 -11.43 12.02 12.68
C GLU D 261 -10.27 11.06 12.51
N THR D 262 -10.20 10.00 13.31
CA THR D 262 -9.16 9.00 13.16
C THR D 262 -9.27 8.29 11.82
N LEU D 263 -10.39 8.39 11.13
CA LEU D 263 -10.48 7.83 9.80
C LEU D 263 -9.75 8.69 8.78
N PHE D 264 -9.67 9.99 9.01
CA PHE D 264 -8.98 10.91 8.13
C PHE D 264 -7.60 11.29 8.63
N GLN D 265 -7.33 11.06 9.91
CA GLN D 265 -6.00 11.23 10.49
C GLN D 265 -5.69 9.99 11.31
N PRO D 266 -5.32 8.88 10.66
CA PRO D 266 -5.04 7.65 11.41
C PRO D 266 -3.92 7.78 12.41
N SER D 267 -3.12 8.83 12.35
CA SER D 267 -2.06 9.07 13.30
C SER D 267 -2.59 9.38 14.70
N PHE D 268 -3.89 9.62 14.84
CA PHE D 268 -4.48 9.82 16.15
C PHE D 268 -4.31 8.58 17.01
N ILE D 269 -4.43 7.40 16.41
CA ILE D 269 -4.22 6.16 17.12
C ILE D 269 -2.85 5.56 16.81
N GLY D 270 -1.91 6.36 16.34
CA GLY D 270 -0.56 5.93 16.15
C GLY D 270 -0.28 5.15 14.90
N MET D 271 -1.20 5.14 13.94
CA MET D 271 -0.97 4.46 12.67
C MET D 271 -0.32 5.40 11.68
N GLU D 272 0.51 4.82 10.80
CA GLU D 272 1.23 5.60 9.82
C GLU D 272 0.48 5.76 8.51
N SER D 273 -0.62 5.03 8.33
CA SER D 273 -1.30 4.98 7.05
C SER D 273 -1.95 6.32 6.74
N ALA D 274 -2.60 6.37 5.59
CA ALA D 274 -3.28 7.56 5.11
C ALA D 274 -4.77 7.47 5.42
N GLY D 275 -5.42 8.62 5.47
CA GLY D 275 -6.84 8.65 5.74
C GLY D 275 -7.63 7.97 4.66
N ILE D 276 -8.93 7.81 4.91
CA ILE D 276 -9.76 7.11 3.93
C ILE D 276 -9.89 7.91 2.65
N HIS D 277 -9.84 9.24 2.74
CA HIS D 277 -9.87 10.05 1.54
C HIS D 277 -8.62 9.88 0.71
N GLU D 278 -7.46 9.86 1.37
CA GLU D 278 -6.20 9.68 0.68
C GLU D 278 -6.08 8.27 0.13
N THR D 279 -6.57 7.28 0.87
CA THR D 279 -6.58 5.92 0.37
C THR D 279 -7.48 5.78 -0.84
N THR D 280 -8.66 6.42 -0.81
CA THR D 280 -9.56 6.36 -1.96
C THR D 280 -8.93 7.01 -3.18
N TYR D 281 -8.30 8.18 -3.00
CA TYR D 281 -7.64 8.84 -4.12
C TYR D 281 -6.49 8.00 -4.65
N ASN D 282 -5.69 7.43 -3.76
CA ASN D 282 -4.56 6.61 -4.19
C ASN D 282 -5.03 5.36 -4.91
N SER D 283 -6.17 4.82 -4.54
CA SER D 283 -6.73 3.67 -5.25
C SER D 283 -7.23 4.09 -6.61
N ILE D 284 -7.82 5.27 -6.72
CA ILE D 284 -8.27 5.75 -8.02
C ILE D 284 -7.10 6.01 -8.95
N MET D 285 -5.98 6.48 -8.42
CA MET D 285 -4.84 6.78 -9.26
C MET D 285 -3.95 5.58 -9.57
N LYS D 286 -4.23 4.42 -9.00
CA LYS D 286 -3.62 3.19 -9.50
C LYS D 286 -4.42 2.56 -10.61
N CYS D 287 -5.58 3.11 -10.95
CA CYS D 287 -6.40 2.60 -12.02
C CYS D 287 -6.02 3.26 -13.33
N ASP D 288 -6.49 2.68 -14.43
CA ASP D 288 -6.16 3.20 -15.74
C ASP D 288 -6.77 4.58 -15.92
N ILE D 289 -6.05 5.46 -16.60
CA ILE D 289 -6.43 6.86 -16.68
C ILE D 289 -7.80 7.05 -17.31
N ASP D 290 -8.23 6.10 -18.13
CA ASP D 290 -9.49 6.23 -18.85
C ASP D 290 -10.70 5.89 -18.00
N ILE D 291 -10.51 5.22 -16.87
CA ILE D 291 -11.60 4.89 -15.98
C ILE D 291 -11.65 5.76 -14.74
N ARG D 292 -10.68 6.66 -14.57
CA ARG D 292 -10.61 7.48 -13.36
C ARG D 292 -11.79 8.44 -13.28
N LYS D 293 -12.23 8.99 -14.41
CA LYS D 293 -13.36 9.91 -14.39
C LYS D 293 -14.63 9.23 -13.88
N ASP D 294 -14.88 8.00 -14.31
CA ASP D 294 -16.06 7.28 -13.85
C ASP D 294 -15.89 6.78 -12.42
N LEU D 295 -14.66 6.55 -11.98
CA LEU D 295 -14.45 6.17 -10.59
C LEU D 295 -14.67 7.37 -9.66
N TYR D 296 -14.29 8.56 -10.11
CA TYR D 296 -14.50 9.76 -9.29
C TYR D 296 -15.98 9.99 -9.04
N ALA D 297 -16.80 9.76 -10.05
CA ALA D 297 -18.22 10.07 -9.99
C ALA D 297 -19.05 9.01 -9.29
N ASN D 298 -18.48 7.86 -8.97
CA ASN D 298 -19.19 6.78 -8.30
C ASN D 298 -18.35 6.33 -7.13
N ASN D 299 -18.46 7.03 -6.02
CA ASN D 299 -17.77 6.68 -4.77
C ASN D 299 -18.80 6.06 -3.85
N VAL D 300 -19.01 4.77 -3.98
CA VAL D 300 -19.98 4.07 -3.15
C VAL D 300 -19.39 3.86 -1.77
N MET D 301 -20.12 4.26 -0.74
CA MET D 301 -19.71 4.05 0.64
C MET D 301 -20.69 3.09 1.28
N SER D 302 -20.18 2.00 1.83
CA SER D 302 -21.01 1.02 2.53
C SER D 302 -20.37 0.68 3.86
N GLY D 303 -21.10 -0.06 4.67
CA GLY D 303 -20.64 -0.40 5.99
C GLY D 303 -21.13 0.57 7.04
N GLY D 304 -21.09 0.13 8.29
CA GLY D 304 -21.64 0.91 9.37
C GLY D 304 -20.74 2.00 9.90
N THR D 305 -19.45 1.95 9.59
CA THR D 305 -18.56 3.01 10.02
C THR D 305 -18.66 4.23 9.11
N THR D 306 -19.25 4.08 7.95
CA THR D 306 -19.57 5.20 7.08
C THR D 306 -20.88 5.86 7.43
N MET D 307 -21.45 5.56 8.59
CA MET D 307 -22.76 6.08 8.97
C MET D 307 -22.68 7.28 9.88
N TYR D 308 -21.51 7.89 10.02
CA TYR D 308 -21.40 9.09 10.82
C TYR D 308 -22.09 10.25 10.12
N PRO D 309 -22.77 11.12 10.85
CA PRO D 309 -23.31 12.34 10.24
C PRO D 309 -22.18 13.22 9.74
N GLY D 310 -22.18 13.46 8.43
CA GLY D 310 -21.21 14.35 7.83
C GLY D 310 -20.03 13.69 7.18
N ILE D 311 -20.00 12.35 7.12
CA ILE D 311 -18.83 11.69 6.56
C ILE D 311 -18.83 11.77 5.05
N ALA D 312 -20.00 11.85 4.41
CA ALA D 312 -20.02 11.97 2.96
C ALA D 312 -19.62 13.36 2.51
N ASP D 313 -20.01 14.38 3.27
CA ASP D 313 -19.62 15.75 2.93
C ASP D 313 -18.12 15.95 3.08
N ARG D 314 -17.57 15.51 4.21
CA ARG D 314 -16.12 15.57 4.40
C ARG D 314 -15.40 14.73 3.37
N MET D 315 -15.94 13.56 3.06
CA MET D 315 -15.34 12.67 2.08
C MET D 315 -15.23 13.36 0.73
N GLN D 316 -16.31 14.00 0.31
CA GLN D 316 -16.30 14.70 -0.98
C GLN D 316 -15.40 15.92 -0.96
N LYS D 317 -15.39 16.66 0.15
CA LYS D 317 -14.51 17.82 0.24
C LYS D 317 -13.06 17.42 0.09
N GLU D 318 -12.65 16.36 0.79
CA GLU D 318 -11.26 15.94 0.73
C GLU D 318 -10.90 15.39 -0.65
N ILE D 319 -11.74 14.54 -1.23
CA ILE D 319 -11.40 14.01 -2.55
C ILE D 319 -11.44 15.11 -3.60
N THR D 320 -12.32 16.11 -3.44
CA THR D 320 -12.33 17.24 -4.36
C THR D 320 -11.03 18.03 -4.25
N ALA D 321 -10.52 18.17 -3.04
CA ALA D 321 -9.23 18.83 -2.87
C ALA D 321 -8.12 18.05 -3.56
N LEU D 322 -8.17 16.72 -3.47
CA LEU D 322 -7.10 15.91 -4.06
C LEU D 322 -7.18 15.82 -5.58
N ALA D 323 -8.39 15.63 -6.12
CA ALA D 323 -8.58 15.38 -7.54
C ALA D 323 -8.48 16.67 -8.34
N PRO D 324 -8.33 16.57 -9.67
CA PRO D 324 -8.34 17.78 -10.49
C PRO D 324 -9.66 18.53 -10.38
N SER D 325 -9.64 19.81 -10.74
CA SER D 325 -10.78 20.67 -10.51
C SER D 325 -11.89 20.47 -11.54
N THR D 326 -11.57 19.86 -12.69
CA THR D 326 -12.55 19.61 -13.73
C THR D 326 -13.25 18.27 -13.55
N MET D 327 -12.96 17.56 -12.46
CA MET D 327 -13.48 16.22 -12.22
C MET D 327 -14.84 16.26 -11.56
N LYS D 328 -15.44 15.09 -11.48
CA LYS D 328 -16.87 14.92 -11.23
C LYS D 328 -17.01 14.11 -9.95
N ILE D 329 -16.71 14.72 -8.81
CA ILE D 329 -16.65 13.98 -7.56
C ILE D 329 -18.05 13.85 -7.01
N LYS D 330 -18.54 12.61 -6.90
CA LYS D 330 -19.78 12.34 -6.21
C LYS D 330 -19.56 11.18 -5.25
N ILE D 331 -20.01 11.37 -4.02
CA ILE D 331 -19.99 10.34 -3.00
C ILE D 331 -21.39 9.78 -2.88
N ILE D 332 -21.54 8.48 -3.04
CA ILE D 332 -22.84 7.82 -3.01
C ILE D 332 -22.96 7.11 -1.67
N ALA D 333 -23.83 7.62 -0.81
CA ALA D 333 -24.04 7.09 0.53
C ALA D 333 -25.51 6.78 0.70
N PRO D 334 -25.95 5.58 0.33
CA PRO D 334 -27.37 5.26 0.48
C PRO D 334 -27.77 5.27 1.94
N PRO D 335 -29.05 5.55 2.22
CA PRO D 335 -29.49 5.54 3.63
C PRO D 335 -29.35 4.18 4.27
N GLU D 336 -29.42 3.10 3.50
CA GLU D 336 -29.37 1.75 4.01
C GLU D 336 -28.00 1.11 3.86
N ARG D 337 -26.95 1.92 3.73
CA ARG D 337 -25.64 1.40 3.41
C ARG D 337 -25.05 0.55 4.53
N LYS D 338 -25.65 0.56 5.71
CA LYS D 338 -25.22 -0.37 6.75
C LYS D 338 -25.46 -1.83 6.37
N TYR D 339 -26.30 -2.08 5.36
CA TYR D 339 -26.60 -3.43 4.91
C TYR D 339 -26.37 -3.60 3.42
N SER D 340 -25.52 -2.77 2.81
CA SER D 340 -25.29 -2.87 1.38
C SER D 340 -24.64 -4.19 1.02
N VAL D 341 -23.72 -4.67 1.85
CA VAL D 341 -23.06 -5.94 1.56
C VAL D 341 -24.07 -7.08 1.58
N TRP D 342 -24.97 -7.09 2.57
CA TRP D 342 -25.97 -8.14 2.60
C TRP D 342 -26.94 -8.02 1.44
N ILE D 343 -27.37 -6.80 1.11
CA ILE D 343 -28.33 -6.63 0.02
C ILE D 343 -27.71 -7.08 -1.29
N GLY D 344 -26.46 -6.73 -1.53
CA GLY D 344 -25.79 -7.20 -2.73
C GLY D 344 -25.57 -8.70 -2.73
N GLY D 345 -25.32 -9.27 -1.56
CA GLY D 345 -25.20 -10.72 -1.48
C GLY D 345 -26.49 -11.43 -1.81
N SER D 346 -27.61 -10.86 -1.39
CA SER D 346 -28.91 -11.45 -1.73
C SER D 346 -29.27 -11.21 -3.18
N ILE D 347 -28.82 -10.11 -3.76
CA ILE D 347 -28.99 -9.91 -5.20
C ILE D 347 -28.20 -10.95 -5.97
N LEU D 348 -26.97 -11.19 -5.56
CA LEU D 348 -26.12 -12.13 -6.29
C LEU D 348 -26.59 -13.57 -6.11
N ALA D 349 -26.87 -13.97 -4.88
CA ALA D 349 -27.26 -15.35 -4.62
C ALA D 349 -28.58 -15.70 -5.27
N SER D 350 -29.41 -14.72 -5.58
CA SER D 350 -30.67 -14.95 -6.28
C SER D 350 -30.54 -14.84 -7.78
N LEU D 351 -29.39 -14.43 -8.29
CA LEU D 351 -29.22 -14.25 -9.72
C LEU D 351 -29.36 -15.58 -10.44
N SER D 352 -29.97 -15.54 -11.62
CA SER D 352 -30.14 -16.76 -12.40
C SER D 352 -28.82 -17.23 -12.99
N THR D 353 -27.96 -16.31 -13.40
CA THR D 353 -26.69 -16.65 -14.01
C THR D 353 -25.63 -17.08 -13.00
N PHE D 354 -25.91 -16.94 -11.71
CA PHE D 354 -24.99 -17.30 -10.64
C PHE D 354 -25.08 -18.76 -10.23
N GLN D 355 -26.11 -19.48 -10.68
CA GLN D 355 -26.41 -20.78 -10.11
C GLN D 355 -25.42 -21.87 -10.52
N GLN D 356 -24.60 -21.63 -11.51
CA GLN D 356 -23.51 -22.54 -11.83
C GLN D 356 -22.21 -22.15 -11.14
N MET D 357 -22.23 -21.11 -10.31
CA MET D 357 -21.02 -20.60 -9.69
C MET D 357 -20.92 -20.99 -8.22
N TRP D 358 -21.89 -21.71 -7.69
CA TRP D 358 -21.76 -22.25 -6.35
C TRP D 358 -20.67 -23.32 -6.33
N ILE D 359 -20.05 -23.48 -5.16
CA ILE D 359 -19.14 -24.59 -4.93
C ILE D 359 -19.97 -25.73 -4.37
N THR D 360 -20.30 -26.70 -5.22
CA THR D 360 -21.08 -27.84 -4.76
C THR D 360 -20.23 -28.75 -3.88
N LYS D 361 -20.91 -29.59 -3.10
CA LYS D 361 -20.17 -30.49 -2.22
C LYS D 361 -19.46 -31.58 -2.98
N GLN D 362 -19.89 -31.90 -4.20
CA GLN D 362 -19.12 -32.80 -5.05
C GLN D 362 -17.75 -32.21 -5.37
N GLU D 363 -17.71 -30.94 -5.75
CA GLU D 363 -16.44 -30.30 -6.06
C GLU D 363 -15.55 -30.22 -4.83
N TYR D 364 -16.14 -29.95 -3.67
CA TYR D 364 -15.36 -29.94 -2.44
C TYR D 364 -14.79 -31.33 -2.17
N ASP D 365 -15.59 -32.37 -2.35
CA ASP D 365 -15.09 -33.72 -2.13
C ASP D 365 -13.99 -34.08 -3.10
N GLU D 366 -14.04 -33.59 -4.33
CA GLU D 366 -12.93 -33.81 -5.24
C GLU D 366 -11.67 -33.09 -4.79
N ALA D 367 -11.78 -31.80 -4.47
CA ALA D 367 -10.60 -30.94 -4.46
C ALA D 367 -10.28 -30.30 -3.10
N GLY D 368 -10.86 -30.77 -2.01
CA GLY D 368 -10.52 -30.25 -0.71
C GLY D 368 -10.95 -28.81 -0.53
N PRO D 369 -10.58 -28.21 0.59
CA PRO D 369 -10.92 -26.79 0.81
C PRO D 369 -10.25 -25.84 -0.17
N SER D 370 -9.23 -26.28 -0.90
CA SER D 370 -8.53 -25.40 -1.82
C SER D 370 -9.34 -25.06 -3.05
N ILE D 371 -10.54 -25.62 -3.21
CA ILE D 371 -11.40 -25.32 -4.33
C ILE D 371 -11.86 -23.87 -4.30
N VAL D 372 -11.86 -23.25 -3.11
CA VAL D 372 -12.46 -21.94 -2.91
C VAL D 372 -11.62 -20.82 -3.49
N HIS D 373 -10.34 -21.03 -3.73
CA HIS D 373 -9.50 -20.00 -4.32
C HIS D 373 -9.65 -19.93 -5.83
N ARG D 374 -10.16 -20.99 -6.44
CA ARG D 374 -10.24 -21.09 -7.88
C ARG D 374 -11.68 -21.00 -8.37
N LYS D 375 -12.64 -21.37 -7.53
CA LYS D 375 -14.04 -21.13 -7.80
C LYS D 375 -14.46 -19.72 -7.42
N CYS D 376 -13.89 -19.19 -6.35
CA CYS D 376 -14.15 -17.80 -5.95
C CYS D 376 -12.97 -16.92 -6.31
N THR E 7 16.11 29.91 43.44
CA THR E 7 16.78 29.64 42.17
C THR E 7 16.92 28.14 41.96
N THR E 8 16.62 27.37 42.99
CA THR E 8 16.63 25.92 42.92
C THR E 8 15.20 25.41 42.85
N ALA E 9 14.94 24.52 41.90
CA ALA E 9 13.60 24.02 41.70
C ALA E 9 13.21 23.04 42.78
N LEU E 10 11.91 22.92 43.01
CA LEU E 10 11.34 21.92 43.89
C LEU E 10 10.81 20.77 43.06
N VAL E 11 10.79 19.58 43.65
CA VAL E 11 10.27 18.39 42.99
C VAL E 11 9.35 17.71 43.99
N CYS E 12 8.05 17.80 43.75
CA CYS E 12 7.05 17.14 44.58
C CYS E 12 6.41 16.03 43.77
N ASP E 13 6.63 14.79 44.21
CA ASP E 13 6.02 13.62 43.60
C ASP E 13 4.78 13.27 44.41
N ASN E 14 3.62 13.72 43.93
CA ASN E 14 2.36 13.47 44.60
C ASN E 14 1.86 12.11 44.17
N GLY E 15 2.14 11.11 44.96
CA GLY E 15 1.54 9.82 44.73
C GLY E 15 0.22 9.69 45.44
N SER E 16 -0.45 8.58 45.16
CA SER E 16 -1.69 8.31 45.86
C SER E 16 -1.45 8.01 47.32
N GLY E 17 -0.32 7.37 47.64
CA GLY E 17 -0.02 6.96 48.99
C GLY E 17 0.93 7.85 49.75
N LEU E 18 2.02 8.26 49.11
CA LEU E 18 3.08 9.01 49.77
C LEU E 18 3.41 10.26 48.99
N VAL E 19 3.84 11.29 49.71
CA VAL E 19 4.39 12.49 49.11
C VAL E 19 5.91 12.40 49.17
N LYS E 20 6.56 12.53 48.03
CA LYS E 20 8.01 12.54 47.95
C LYS E 20 8.41 13.93 47.49
N ALA E 21 8.96 14.73 48.38
CA ALA E 21 9.29 16.11 48.08
C ALA E 21 10.76 16.37 48.38
N GLY E 22 11.34 17.29 47.63
CA GLY E 22 12.75 17.61 47.82
C GLY E 22 13.16 18.67 46.83
N PHE E 23 14.48 18.86 46.73
CA PHE E 23 15.05 19.90 45.90
C PHE E 23 15.70 19.28 44.67
N ALA E 24 15.49 19.92 43.52
CA ALA E 24 16.11 19.43 42.30
C ALA E 24 17.62 19.50 42.43
N GLY E 25 18.30 18.50 41.87
CA GLY E 25 19.72 18.35 42.01
C GLY E 25 20.12 17.36 43.07
N ASP E 26 19.35 17.25 44.14
CA ASP E 26 19.63 16.27 45.17
C ASP E 26 19.39 14.86 44.63
N ASP E 27 19.84 13.87 45.38
CA ASP E 27 19.73 12.48 45.00
C ASP E 27 18.72 11.70 45.84
N ALA E 28 17.96 12.38 46.69
CA ALA E 28 16.95 11.74 47.51
C ALA E 28 15.97 12.78 47.99
N PRO E 29 14.70 12.44 48.13
CA PRO E 29 13.74 13.39 48.70
C PRO E 29 14.08 13.68 50.15
N ARG E 30 13.70 14.88 50.59
CA ARG E 30 13.89 15.26 51.98
C ARG E 30 12.63 15.13 52.80
N ALA E 31 11.48 14.96 52.15
CA ALA E 31 10.21 14.75 52.82
C ALA E 31 9.51 13.57 52.17
N VAL E 32 9.28 12.51 52.93
CA VAL E 32 8.53 11.36 52.47
C VAL E 32 7.57 11.01 53.60
N PHE E 33 6.32 11.43 53.47
CA PHE E 33 5.30 11.22 54.48
C PHE E 33 4.03 10.72 53.82
N PRO E 34 3.16 10.04 54.56
CA PRO E 34 1.90 9.58 53.99
C PRO E 34 1.05 10.75 53.51
N SER E 35 0.37 10.54 52.39
CA SER E 35 -0.48 11.55 51.77
C SER E 35 -1.90 11.43 52.30
N ILE E 36 -2.04 11.61 53.61
CA ILE E 36 -3.31 11.46 54.29
C ILE E 36 -3.61 12.71 55.11
N VAL E 37 -4.90 12.94 55.35
CA VAL E 37 -5.36 13.97 56.27
C VAL E 37 -6.30 13.31 57.26
N GLY E 38 -6.03 13.44 58.54
CA GLY E 38 -6.82 12.82 59.59
C GLY E 38 -7.61 13.86 60.35
N ARG E 39 -8.82 13.50 60.75
CA ARG E 39 -9.68 14.37 61.51
C ARG E 39 -10.24 13.62 62.70
N PRO E 40 -10.24 14.23 63.89
CA PRO E 40 -10.69 13.51 65.08
C PRO E 40 -12.12 13.04 64.95
N ARG E 41 -12.39 11.85 65.47
CA ARG E 41 -13.70 11.24 65.37
C ARG E 41 -14.31 10.94 66.72
N HIS E 42 -13.69 11.35 67.81
CA HIS E 42 -14.16 11.08 69.15
C HIS E 42 -14.44 12.39 69.88
N GLN E 43 -14.75 12.28 71.17
CA GLN E 43 -15.19 13.41 71.96
C GLN E 43 -13.99 14.05 72.66
N GLY E 44 -13.70 15.29 72.32
CA GLY E 44 -12.68 16.04 73.02
C GLY E 44 -13.18 16.46 74.39
N VAL E 45 -12.55 15.99 75.45
CA VAL E 45 -13.02 16.25 76.81
C VAL E 45 -12.08 17.14 77.61
N MET E 46 -10.88 17.41 77.11
CA MET E 46 -9.95 18.30 77.78
C MET E 46 -9.80 19.61 77.03
N VAL E 47 -9.69 20.69 77.79
CA VAL E 47 -9.82 22.04 77.25
C VAL E 47 -8.51 22.40 76.55
N GLY E 48 -8.61 22.74 75.26
CA GLY E 48 -7.45 23.07 74.46
C GLY E 48 -6.86 21.90 73.73
N MET E 49 -7.23 20.68 74.08
CA MET E 49 -6.71 19.49 73.42
C MET E 49 -7.44 19.17 72.13
N GLY E 50 -8.54 19.86 71.82
CA GLY E 50 -9.29 19.58 70.62
C GLY E 50 -9.39 20.76 69.68
N GLN E 51 -8.47 21.71 69.80
CA GLN E 51 -8.49 22.87 68.91
C GLN E 51 -8.01 22.51 67.52
N LYS E 52 -7.02 21.63 67.41
CA LYS E 52 -6.52 21.23 66.11
C LYS E 52 -7.51 20.25 65.48
N ASP E 53 -8.06 20.63 64.33
CA ASP E 53 -9.15 19.89 63.73
C ASP E 53 -8.70 19.02 62.57
N SER E 54 -7.40 18.92 62.32
CA SER E 54 -6.92 18.24 61.13
C SER E 54 -5.43 18.01 61.27
N TYR E 55 -4.99 16.82 60.91
CA TYR E 55 -3.59 16.44 60.95
C TYR E 55 -3.19 15.91 59.59
N VAL E 56 -1.94 16.17 59.20
CA VAL E 56 -1.45 15.84 57.87
C VAL E 56 -0.17 15.03 58.00
N GLY E 57 -0.07 13.97 57.21
CA GLY E 57 1.17 13.22 57.13
C GLY E 57 1.47 12.37 58.33
N ASP E 58 2.73 12.34 58.76
CA ASP E 58 3.10 11.54 59.92
C ASP E 58 2.40 12.01 61.18
N GLU E 59 1.99 13.28 61.20
CA GLU E 59 1.13 13.81 62.26
C GLU E 59 -0.13 12.97 62.43
N ALA E 60 -0.71 12.48 61.34
CA ALA E 60 -1.95 11.73 61.39
C ALA E 60 -1.70 10.26 61.70
N GLN E 61 -0.63 9.68 61.14
CA GLN E 61 -0.29 8.31 61.48
C GLN E 61 0.09 8.16 62.94
N SER E 62 0.68 9.20 63.53
CA SER E 62 0.99 9.13 64.95
C SER E 62 -0.27 9.05 65.78
N LYS E 63 -1.28 9.85 65.45
CA LYS E 63 -2.51 9.95 66.23
C LYS E 63 -3.67 9.19 65.62
N ARG E 64 -3.40 8.30 64.65
CA ARG E 64 -4.45 7.64 63.90
C ARG E 64 -5.41 6.84 64.76
N GLY E 65 -5.12 6.65 66.04
CA GLY E 65 -6.02 5.90 66.88
C GLY E 65 -7.25 6.67 67.30
N ILE E 66 -7.33 7.96 66.99
CA ILE E 66 -8.49 8.78 67.33
C ILE E 66 -8.94 9.59 66.13
N LEU E 67 -8.41 9.27 64.96
CA LEU E 67 -8.66 10.03 63.75
C LEU E 67 -9.31 9.16 62.70
N THR E 68 -9.93 9.80 61.72
CA THR E 68 -10.39 9.15 60.50
C THR E 68 -9.47 9.60 59.38
N LEU E 69 -8.71 8.65 58.82
CA LEU E 69 -7.71 8.97 57.82
C LEU E 69 -8.33 8.96 56.44
N LYS E 70 -8.06 10.00 55.65
CA LYS E 70 -8.58 10.12 54.31
C LYS E 70 -7.44 10.42 53.35
N TYR E 71 -7.47 9.77 52.19
CA TYR E 71 -6.51 10.02 51.15
C TYR E 71 -7.09 11.00 50.14
N PRO E 72 -6.50 12.17 49.94
CA PRO E 72 -7.01 13.08 48.90
C PRO E 72 -6.93 12.54 47.50
N ILE E 73 -6.08 11.56 47.24
CA ILE E 73 -5.89 11.02 45.90
C ILE E 73 -6.32 9.56 45.90
N GLU E 74 -7.24 9.20 45.00
CA GLU E 74 -7.54 7.81 44.73
C GLU E 74 -7.13 7.55 43.30
N HIC E 75 -6.34 6.52 43.01
CA HIC E 75 -6.10 6.10 41.64
C HIC E 75 -5.41 7.13 40.76
O HIC E 75 -5.27 7.02 39.54
CB HIC E 75 -7.39 5.71 40.91
CG HIC E 75 -7.96 4.49 41.51
ND1 HIC E 75 -7.24 3.31 41.68
CD2 HIC E 75 -9.27 4.33 42.01
CE1 HIC E 75 -8.08 2.45 42.25
NE2 HIC E 75 -9.32 3.02 42.47
CZ HIC E 75 -10.45 2.40 43.06
N GLY E 76 -4.99 8.20 41.41
CA GLY E 76 -4.02 9.11 40.85
C GLY E 76 -4.70 10.41 40.56
N ILE E 77 -6.02 10.39 40.70
CA ILE E 77 -6.86 11.57 40.54
C ILE E 77 -7.10 12.17 41.92
N ILE E 78 -6.90 13.48 42.04
CA ILE E 78 -7.16 14.17 43.30
C ILE E 78 -8.66 14.35 43.44
N THR E 79 -9.22 13.79 44.50
CA THR E 79 -10.66 13.82 44.72
C THR E 79 -11.09 14.86 45.74
N ASN E 80 -10.26 15.13 46.74
CA ASN E 80 -10.52 16.19 47.71
C ASN E 80 -9.50 17.29 47.46
N TRP E 81 -9.98 18.43 46.97
CA TRP E 81 -9.09 19.53 46.63
C TRP E 81 -8.82 20.47 47.80
N ASP E 82 -9.52 20.31 48.92
CA ASP E 82 -9.18 21.06 50.11
C ASP E 82 -8.22 20.31 51.01
N ASP E 83 -8.25 18.98 50.98
CA ASP E 83 -7.30 18.18 51.73
C ASP E 83 -5.98 18.09 50.99
N MET E 84 -6.00 17.97 49.67
CA MET E 84 -4.77 17.99 48.88
C MET E 84 -4.07 19.33 49.02
N GLU E 85 -4.85 20.40 49.07
CA GLU E 85 -4.30 21.72 49.32
C GLU E 85 -3.62 21.78 50.68
N LYS E 86 -4.21 21.15 51.69
CA LYS E 86 -3.53 21.03 52.97
C LYS E 86 -2.24 20.23 52.86
N ILE E 87 -2.26 19.15 52.07
CA ILE E 87 -1.07 18.32 51.90
C ILE E 87 0.05 19.15 51.31
N TRP E 88 -0.26 19.96 50.31
CA TRP E 88 0.75 20.79 49.67
C TRP E 88 1.25 21.89 50.61
N HIS E 89 0.36 22.49 51.38
CA HIS E 89 0.80 23.47 52.36
C HIS E 89 1.76 22.85 53.36
N HIS E 90 1.41 21.67 53.86
CA HIS E 90 2.31 20.94 54.75
C HIS E 90 3.66 20.69 54.09
N THR E 91 3.63 20.14 52.87
CA THR E 91 4.87 19.84 52.15
C THR E 91 5.77 21.05 52.07
N PHE E 92 5.22 22.20 51.68
CA PHE E 92 6.05 23.37 51.46
C PHE E 92 6.54 23.97 52.77
N TYR E 93 5.65 24.11 53.76
CA TYR E 93 5.97 24.93 54.92
C TYR E 93 6.45 24.14 56.13
N ASN E 94 5.90 22.96 56.40
CA ASN E 94 6.32 22.22 57.58
C ASN E 94 7.42 21.22 57.30
N GLU E 95 7.37 20.55 56.15
CA GLU E 95 8.33 19.51 55.82
C GLU E 95 9.56 20.07 55.13
N LEU E 96 9.39 20.73 53.99
CA LEU E 96 10.51 21.34 53.31
C LEU E 96 10.93 22.66 53.92
N ARG E 97 9.99 23.43 54.48
CA ARG E 97 10.31 24.73 55.15
C ARG E 97 10.89 25.72 54.13
N VAL E 98 10.29 25.85 52.94
CA VAL E 98 10.71 26.80 51.92
C VAL E 98 9.58 27.82 51.75
N ALA E 99 9.86 28.84 50.96
CA ALA E 99 8.80 29.74 50.53
C ALA E 99 8.48 29.44 49.08
N PRO E 100 7.29 28.93 48.77
CA PRO E 100 7.04 28.41 47.42
C PRO E 100 7.19 29.44 46.32
N GLU E 101 7.05 30.72 46.61
CA GLU E 101 7.07 31.72 45.53
C GLU E 101 8.47 32.05 45.04
N GLU E 102 9.50 31.38 45.54
CA GLU E 102 10.84 31.55 45.01
C GLU E 102 11.38 30.34 44.27
N HIS E 103 10.78 29.16 44.46
CA HIS E 103 11.24 27.95 43.80
C HIS E 103 10.24 27.50 42.74
N PRO E 104 10.68 27.28 41.50
CA PRO E 104 9.81 26.56 40.56
C PRO E 104 9.56 25.15 41.07
N THR E 105 8.35 24.66 40.84
CA THR E 105 7.93 23.36 41.37
C THR E 105 7.63 22.41 40.22
N LEU E 106 8.28 21.24 40.25
CA LEU E 106 7.97 20.17 39.32
C LEU E 106 7.01 19.21 39.98
N LEU E 107 5.89 18.93 39.32
CA LEU E 107 4.90 18.00 39.80
C LEU E 107 4.79 16.84 38.84
N THR E 108 4.26 15.72 39.33
CA THR E 108 4.15 14.51 38.54
C THR E 108 2.69 14.07 38.46
N GLU E 109 2.38 13.34 37.40
CA GLU E 109 1.02 12.88 37.19
C GLU E 109 1.06 11.61 36.36
N ALA E 110 0.08 10.73 36.59
CA ALA E 110 -0.04 9.52 35.81
C ALA E 110 -0.61 9.83 34.43
N PRO E 111 -0.34 9.00 33.44
CA PRO E 111 -0.93 9.21 32.12
C PRO E 111 -2.40 8.79 32.10
N LEU E 112 -3.09 9.23 31.05
CA LEU E 112 -4.50 8.89 30.83
C LEU E 112 -5.36 9.28 32.03
N ASN E 113 -5.09 10.44 32.56
CA ASN E 113 -5.62 10.97 33.78
C ASN E 113 -6.50 12.17 33.39
N PRO E 114 -7.56 12.50 34.12
CA PRO E 114 -8.41 13.63 33.71
C PRO E 114 -7.63 14.92 33.56
N LYS E 115 -8.02 15.71 32.56
CA LYS E 115 -7.36 16.97 32.29
C LYS E 115 -7.62 18.00 33.38
N ALA E 116 -8.79 17.92 34.02
CA ALA E 116 -9.09 18.85 35.09
C ALA E 116 -8.15 18.67 36.27
N ASN E 117 -7.64 17.46 36.47
CA ASN E 117 -6.65 17.24 37.53
C ASN E 117 -5.43 18.11 37.31
N ARG E 118 -4.85 18.03 36.12
CA ARG E 118 -3.66 18.80 35.79
C ARG E 118 -3.94 20.29 35.78
N GLU E 119 -5.10 20.70 35.24
CA GLU E 119 -5.45 22.10 35.21
C GLU E 119 -5.61 22.68 36.60
N LYS E 120 -6.26 21.95 37.50
CA LYS E 120 -6.44 22.47 38.84
C LYS E 120 -5.15 22.43 39.64
N MET E 121 -4.26 21.48 39.38
CA MET E 121 -2.94 21.55 39.99
C MET E 121 -2.21 22.80 39.56
N THR E 122 -2.26 23.12 38.26
CA THR E 122 -1.63 24.34 37.77
C THR E 122 -2.21 25.56 38.45
N GLN E 123 -3.54 25.63 38.55
CA GLN E 123 -4.18 26.78 39.16
C GLN E 123 -3.84 26.89 40.65
N ILE E 124 -3.86 25.78 41.37
CA ILE E 124 -3.57 25.84 42.80
C ILE E 124 -2.15 26.33 43.02
N MET E 125 -1.19 25.75 42.28
CA MET E 125 0.18 26.25 42.39
C MET E 125 0.22 27.75 42.16
N PHE E 126 -0.17 28.19 40.96
CA PHE E 126 0.07 29.58 40.58
C PHE E 126 -0.74 30.57 41.39
N GLU E 127 -1.83 30.16 42.04
CA GLU E 127 -2.67 31.13 42.69
C GLU E 127 -2.73 31.01 44.20
N THR E 128 -2.54 29.82 44.76
CA THR E 128 -2.45 29.73 46.21
C THR E 128 -1.02 29.77 46.70
N PHE E 129 -0.08 29.21 45.94
CA PHE E 129 1.29 29.14 46.40
C PHE E 129 2.21 30.07 45.62
N ASN E 130 1.70 30.74 44.60
CA ASN E 130 2.41 31.79 43.86
C ASN E 130 3.76 31.31 43.34
N VAL E 131 3.84 30.06 42.90
CA VAL E 131 5.14 29.57 42.44
C VAL E 131 5.56 30.35 41.20
N PRO E 132 6.83 30.71 41.04
CA PRO E 132 7.25 31.45 39.84
C PRO E 132 7.02 30.67 38.56
N ALA E 133 7.14 29.35 38.62
CA ALA E 133 6.91 28.49 37.46
C ALA E 133 6.56 27.12 37.98
N MET E 134 6.02 26.29 37.09
CA MET E 134 5.73 24.91 37.45
C MET E 134 5.69 24.08 36.17
N TYR E 135 5.62 22.77 36.37
CA TYR E 135 5.61 21.81 35.27
C TYR E 135 5.01 20.52 35.81
N VAL E 136 4.31 19.80 34.94
CA VAL E 136 3.72 18.51 35.29
C VAL E 136 4.31 17.47 34.34
N ALA E 137 5.00 16.49 34.91
CA ALA E 137 5.69 15.47 34.13
C ALA E 137 5.07 14.11 34.37
N ILE E 138 5.20 13.23 33.39
CA ILE E 138 4.66 11.89 33.51
C ILE E 138 5.65 11.03 34.29
N GLN E 139 5.13 10.26 35.25
CA GLN E 139 5.98 9.57 36.20
C GLN E 139 6.83 8.48 35.55
N ALA E 140 6.37 7.87 34.48
CA ALA E 140 7.17 6.84 33.84
C ALA E 140 8.34 7.43 33.06
N VAL E 141 8.15 8.60 32.46
CA VAL E 141 9.29 9.26 31.82
C VAL E 141 10.32 9.63 32.86
N LEU E 142 9.89 10.05 34.04
CA LEU E 142 10.83 10.37 35.11
C LEU E 142 11.54 9.11 35.60
N SER E 143 10.83 7.98 35.67
CA SER E 143 11.49 6.74 36.04
C SER E 143 12.56 6.37 35.03
N LEU E 144 12.29 6.58 33.74
CA LEU E 144 13.31 6.30 32.74
C LEU E 144 14.46 7.28 32.82
N TYR E 145 14.21 8.53 33.21
CA TYR E 145 15.31 9.44 33.50
C TYR E 145 16.19 8.90 34.61
N ALA E 146 15.58 8.47 35.70
CA ALA E 146 16.33 8.02 36.87
C ALA E 146 17.10 6.74 36.58
N SER E 147 16.60 5.90 35.69
CA SER E 147 17.30 4.66 35.39
C SER E 147 18.49 4.87 34.47
N GLY E 148 18.74 6.08 34.01
CA GLY E 148 19.88 6.33 33.15
C GLY E 148 19.73 5.78 31.75
N ARG E 149 18.52 5.77 31.21
CA ARG E 149 18.25 5.26 29.88
C ARG E 149 17.41 6.26 29.10
N THR E 150 17.35 6.05 27.79
CA THR E 150 16.42 6.77 26.93
C THR E 150 15.55 5.80 26.13
N THR E 151 15.68 4.51 26.38
CA THR E 151 14.90 3.48 25.73
C THR E 151 14.48 2.47 26.77
N GLY E 152 13.24 2.04 26.71
CA GLY E 152 12.74 1.03 27.62
C GLY E 152 11.30 1.26 27.94
N ILE E 153 10.63 0.21 28.38
CA ILE E 153 9.24 0.26 28.80
C ILE E 153 9.21 0.26 30.32
N VAL E 154 8.56 1.27 30.88
CA VAL E 154 8.55 1.42 32.36
C VAL E 154 7.24 0.91 32.93
N LEU E 155 7.31 0.00 33.89
CA LEU E 155 6.08 -0.40 34.60
C LEU E 155 6.16 0.34 35.94
N ASP E 156 5.19 1.20 36.20
CA ASP E 156 5.21 1.99 37.45
C ASP E 156 4.01 1.56 38.27
N SER E 157 4.23 1.10 39.49
CA SER E 157 3.09 0.76 40.36
C SER E 157 3.20 1.53 41.67
N GLY E 158 2.15 2.25 42.05
CA GLY E 158 2.12 3.07 43.27
C GLY E 158 0.98 2.62 44.15
N ASP E 159 0.56 3.42 45.12
CA ASP E 159 -0.66 3.07 45.90
C ASP E 159 -1.89 3.04 44.99
N GLY E 160 -2.03 3.99 44.06
CA GLY E 160 -3.27 4.05 43.25
C GLY E 160 -3.28 3.48 41.85
N VAL E 161 -2.22 3.67 41.05
CA VAL E 161 -2.31 3.27 39.60
C VAL E 161 -1.07 2.51 39.12
N THR E 162 -1.24 1.56 38.19
CA THR E 162 -0.08 0.89 37.55
C THR E 162 -0.08 1.30 36.08
N HIS E 163 1.04 1.84 35.58
CA HIS E 163 1.07 2.31 34.18
C HIS E 163 2.29 1.78 33.41
N ASN E 164 2.10 1.44 32.14
CA ASN E 164 3.22 1.01 31.27
C ASN E 164 3.38 2.09 30.21
N VAL E 165 4.58 2.66 30.06
CA VAL E 165 4.84 3.70 29.04
C VAL E 165 6.09 3.29 28.26
N PRO E 166 5.97 2.87 26.99
CA PRO E 166 7.14 2.48 26.19
C PRO E 166 7.81 3.66 25.51
N ILE E 167 9.10 3.84 25.77
CA ILE E 167 9.87 4.97 25.24
C ILE E 167 11.05 4.39 24.47
N TYR E 168 11.30 4.93 23.29
CA TYR E 168 12.40 4.49 22.45
C TYR E 168 13.16 5.68 21.93
N GLU E 169 14.43 5.79 22.32
CA GLU E 169 15.31 6.88 21.91
C GLU E 169 14.75 8.22 22.32
N GLY E 170 14.04 8.27 23.44
CA GLY E 170 13.44 9.49 23.92
C GLY E 170 12.10 9.82 23.34
N TYR E 171 11.55 8.96 22.48
CA TYR E 171 10.25 9.16 21.87
C TYR E 171 9.26 8.19 22.51
N ALA E 172 8.19 8.72 23.06
CA ALA E 172 7.13 7.89 23.61
C ALA E 172 6.16 7.48 22.53
N LEU E 173 5.55 6.32 22.71
CA LEU E 173 4.52 5.82 21.82
C LEU E 173 3.20 5.91 22.56
N PRO E 174 2.50 7.04 22.51
CA PRO E 174 1.35 7.25 23.41
C PRO E 174 0.20 6.31 23.14
N HIS E 175 0.13 5.69 21.98
CA HIS E 175 -0.93 4.74 21.72
C HIS E 175 -0.71 3.42 22.42
N ALA E 176 0.51 3.15 22.86
CA ALA E 176 0.84 1.92 23.55
C ALA E 176 0.91 2.09 25.06
N ILE E 177 0.57 3.27 25.57
CA ILE E 177 0.54 3.50 27.01
C ILE E 177 -0.66 2.77 27.59
N MET E 178 -0.44 2.01 28.65
CA MET E 178 -1.51 1.29 29.33
C MET E 178 -1.56 1.67 30.78
N ARG E 179 -2.73 2.06 31.23
CA ARG E 179 -2.99 2.41 32.62
C ARG E 179 -3.93 1.38 33.21
N LEU E 180 -3.68 1.01 34.47
CA LEU E 180 -4.47 -0.02 35.13
C LEU E 180 -4.69 0.42 36.56
N ASP E 181 -5.95 0.64 36.94
CA ASP E 181 -6.28 1.13 38.28
C ASP E 181 -6.26 -0.02 39.29
N LEU E 182 -5.06 -0.58 39.45
CA LEU E 182 -4.83 -1.64 40.41
C LEU E 182 -3.41 -1.48 40.91
N ALA E 183 -3.26 -1.22 42.20
CA ALA E 183 -1.98 -0.86 42.76
C ALA E 183 -2.02 -1.17 44.25
N GLY E 184 -1.13 -0.53 45.01
CA GLY E 184 -0.92 -0.93 46.39
C GLY E 184 -2.16 -0.86 47.26
N ARG E 185 -3.02 0.13 47.04
CA ARG E 185 -4.19 0.25 47.90
C ARG E 185 -5.19 -0.88 47.65
N ASP E 186 -5.30 -1.32 46.41
CA ASP E 186 -6.16 -2.46 46.11
C ASP E 186 -5.62 -3.74 46.73
N LEU E 187 -4.30 -3.89 46.77
CA LEU E 187 -3.70 -5.04 47.42
C LEU E 187 -3.87 -4.98 48.93
N THR E 188 -3.80 -3.78 49.51
CA THR E 188 -4.08 -3.63 50.94
C THR E 188 -5.52 -4.01 51.25
N ASP E 189 -6.46 -3.57 50.42
CA ASP E 189 -7.86 -3.93 50.64
C ASP E 189 -8.08 -5.42 50.49
N TYR E 190 -7.44 -6.03 49.48
CA TYR E 190 -7.57 -7.47 49.30
C TYR E 190 -6.99 -8.22 50.49
N LEU E 191 -5.88 -7.74 51.03
CA LEU E 191 -5.30 -8.40 52.20
C LEU E 191 -6.19 -8.24 53.43
N MET E 192 -6.81 -7.07 53.62
CA MET E 192 -7.80 -6.98 54.69
C MET E 192 -8.92 -7.97 54.50
N LYS E 193 -9.36 -8.15 53.26
CA LYS E 193 -10.47 -9.07 52.99
C LYS E 193 -10.08 -10.51 53.31
N ILE E 194 -8.91 -10.95 52.84
CA ILE E 194 -8.53 -12.34 53.03
C ILE E 194 -7.85 -12.61 54.37
N LEU E 195 -7.61 -11.58 55.17
CA LEU E 195 -7.18 -11.82 56.54
C LEU E 195 -8.34 -12.25 57.42
N THR E 196 -9.57 -12.08 56.97
CA THR E 196 -10.74 -12.50 57.75
C THR E 196 -10.89 -14.01 57.77
N GLU E 197 -10.25 -14.71 56.83
CA GLU E 197 -10.31 -16.17 56.81
C GLU E 197 -9.64 -16.78 58.03
N ARG E 198 -8.68 -16.09 58.62
CA ARG E 198 -8.02 -16.54 59.82
C ARG E 198 -8.63 -15.94 61.07
N GLY E 199 -9.64 -15.09 60.94
CA GLY E 199 -10.29 -14.50 62.08
C GLY E 199 -9.80 -13.12 62.46
N TYR E 200 -8.99 -12.49 61.61
CA TYR E 200 -8.46 -11.17 61.90
C TYR E 200 -9.32 -10.13 61.18
N SER E 201 -9.94 -9.25 61.94
CA SER E 201 -10.86 -8.26 61.40
C SER E 201 -10.26 -6.88 61.56
N PHE E 202 -9.84 -6.28 60.44
CA PHE E 202 -9.32 -4.93 60.38
C PHE E 202 -10.28 -4.12 59.52
N VAL E 203 -11.01 -3.19 60.14
CA VAL E 203 -12.06 -2.45 59.45
C VAL E 203 -11.76 -0.96 59.40
N THR E 204 -11.30 -0.38 60.50
CA THR E 204 -11.06 1.04 60.59
C THR E 204 -9.97 1.46 59.61
N THR E 205 -9.92 2.76 59.31
CA THR E 205 -8.86 3.29 58.45
C THR E 205 -7.49 3.12 59.10
N ALA E 206 -7.41 3.30 60.42
CA ALA E 206 -6.17 3.03 61.13
C ALA E 206 -5.75 1.57 60.99
N GLU E 207 -6.71 0.66 61.13
CA GLU E 207 -6.40 -0.74 60.92
C GLU E 207 -6.05 -1.05 59.48
N ARG E 208 -6.50 -0.22 58.54
CA ARG E 208 -6.03 -0.33 57.17
C ARG E 208 -4.57 0.06 57.06
N GLU E 209 -4.13 1.05 57.83
CA GLU E 209 -2.69 1.35 57.86
C GLU E 209 -1.90 0.20 58.47
N ILE E 210 -2.46 -0.43 59.50
CA ILE E 210 -1.82 -1.60 60.09
C ILE E 210 -1.68 -2.71 59.05
N VAL E 211 -2.73 -2.94 58.26
CA VAL E 211 -2.68 -3.99 57.25
C VAL E 211 -1.70 -3.63 56.14
N ARG E 212 -1.60 -2.34 55.80
CA ARG E 212 -0.58 -1.93 54.84
C ARG E 212 0.82 -2.25 55.34
N ASP E 213 1.05 -2.03 56.64
CA ASP E 213 2.33 -2.41 57.23
C ASP E 213 2.56 -3.92 57.15
N ILE E 214 1.54 -4.71 57.47
CA ILE E 214 1.66 -6.17 57.36
C ILE E 214 2.03 -6.57 55.95
N LYS E 215 1.37 -5.97 54.97
CA LYS E 215 1.63 -6.31 53.57
C LYS E 215 3.05 -5.94 53.18
N GLU E 216 3.53 -4.77 53.60
CA GLU E 216 4.88 -4.38 53.25
C GLU E 216 5.91 -5.28 53.90
N LYS E 217 5.65 -5.76 55.12
CA LYS E 217 6.67 -6.53 55.82
C LYS E 217 6.67 -8.01 55.43
N LEU E 218 5.50 -8.60 55.21
CA LEU E 218 5.40 -10.04 55.11
C LEU E 218 5.10 -10.58 53.72
N CYS E 219 4.52 -9.80 52.83
CA CYS E 219 4.06 -10.34 51.56
C CYS E 219 5.19 -10.41 50.55
N TYR E 220 5.05 -11.35 49.61
CA TYR E 220 6.02 -11.53 48.54
C TYR E 220 5.31 -12.13 47.33
N VAL E 221 6.02 -12.22 46.21
CA VAL E 221 5.45 -12.72 44.97
C VAL E 221 5.99 -14.13 44.72
N ALA E 222 5.09 -15.09 44.63
CA ALA E 222 5.48 -16.47 44.36
C ALA E 222 5.91 -16.63 42.91
N LEU E 223 7.05 -17.28 42.70
CA LEU E 223 7.51 -17.51 41.34
C LEU E 223 6.56 -18.41 40.57
N ASP E 224 6.01 -19.41 41.24
CA ASP E 224 4.96 -20.25 40.64
C ASP E 224 3.85 -20.39 41.66
N PHE E 225 2.68 -19.86 41.34
CA PHE E 225 1.63 -19.69 42.35
C PHE E 225 1.09 -21.02 42.83
N GLU E 226 0.91 -21.99 41.93
CA GLU E 226 0.20 -23.22 42.29
C GLU E 226 1.05 -24.11 43.19
N ASN E 227 2.34 -24.25 42.87
CA ASN E 227 3.24 -24.97 43.76
C ASN E 227 3.40 -24.28 45.09
N GLU E 228 3.31 -22.95 45.12
CA GLU E 228 3.37 -22.27 46.42
C GLU E 228 2.11 -22.52 47.23
N MET E 229 0.95 -22.57 46.58
CA MET E 229 -0.26 -22.92 47.29
C MET E 229 -0.20 -24.34 47.83
N ALA E 230 0.33 -25.26 47.02
CA ALA E 230 0.51 -26.64 47.47
C ALA E 230 1.47 -26.72 48.65
N THR E 231 2.58 -25.98 48.57
CA THR E 231 3.55 -25.97 49.66
C THR E 231 2.95 -25.42 50.94
N ALA E 232 2.21 -24.33 50.83
CA ALA E 232 1.57 -23.75 52.01
C ALA E 232 0.52 -24.68 52.59
N ALA E 233 -0.18 -25.43 51.74
CA ALA E 233 -1.16 -26.38 52.25
C ALA E 233 -0.50 -27.55 52.94
N SER E 234 0.62 -28.04 52.38
CA SER E 234 1.25 -29.24 52.93
C SER E 234 1.94 -28.96 54.25
N SER E 235 2.65 -27.85 54.35
CA SER E 235 3.51 -27.57 55.48
C SER E 235 3.03 -26.31 56.21
N SER E 236 3.83 -25.87 57.17
CA SER E 236 3.67 -24.57 57.82
C SER E 236 4.98 -23.80 57.76
N SER E 237 5.81 -24.07 56.75
CA SER E 237 7.09 -23.39 56.65
C SER E 237 6.96 -21.94 56.18
N LEU E 238 5.87 -21.60 55.50
CA LEU E 238 5.73 -20.26 54.96
C LEU E 238 5.01 -19.32 55.90
N GLU E 239 4.57 -19.80 57.06
CA GLU E 239 3.83 -18.96 58.00
C GLU E 239 4.78 -18.05 58.76
N LYS E 240 4.44 -16.76 58.81
CA LYS E 240 5.19 -15.79 59.58
C LYS E 240 4.25 -15.04 60.51
N SER E 241 4.78 -14.61 61.64
CA SER E 241 4.00 -13.89 62.63
C SER E 241 4.22 -12.40 62.51
N TYR E 242 3.30 -11.65 63.10
CA TYR E 242 3.35 -10.20 63.09
C TYR E 242 2.68 -9.72 64.37
N GLU E 243 3.29 -8.76 65.04
CA GLU E 243 2.77 -8.25 66.31
C GLU E 243 2.02 -6.95 66.06
N LEU E 244 0.78 -6.92 66.50
CA LEU E 244 -0.08 -5.78 66.32
C LEU E 244 0.29 -4.67 67.30
N PRO E 245 -0.18 -3.45 67.08
CA PRO E 245 0.22 -2.34 67.95
C PRO E 245 -0.11 -2.53 69.41
N ASP E 246 -1.02 -3.42 69.76
CA ASP E 246 -1.35 -3.67 71.16
C ASP E 246 -0.86 -5.02 71.65
N GLY E 247 0.05 -5.66 70.92
CA GLY E 247 0.71 -6.85 71.41
C GLY E 247 0.11 -8.16 70.97
N GLN E 248 -1.03 -8.16 70.28
CA GLN E 248 -1.51 -9.41 69.73
C GLN E 248 -0.66 -9.83 68.55
N VAL E 249 -0.51 -11.14 68.39
CA VAL E 249 0.33 -11.71 67.34
C VAL E 249 -0.58 -12.44 66.37
N ILE E 250 -0.44 -12.12 65.09
CA ILE E 250 -1.20 -12.79 64.05
C ILE E 250 -0.23 -13.60 63.21
N THR E 251 -0.74 -14.66 62.59
CA THR E 251 0.05 -15.53 61.73
C THR E 251 -0.65 -15.64 60.38
N ILE E 252 0.11 -15.50 59.30
CA ILE E 252 -0.46 -15.62 57.96
C ILE E 252 0.43 -16.53 57.13
N GLY E 253 -0.16 -17.55 56.52
CA GLY E 253 0.61 -18.48 55.73
C GLY E 253 0.65 -18.26 54.23
N ASN E 254 -0.51 -18.27 53.57
CA ASN E 254 -0.55 -18.07 52.13
C ASN E 254 -1.14 -16.74 51.73
N GLU E 255 -1.62 -15.96 52.69
CA GLU E 255 -1.95 -14.58 52.41
C GLU E 255 -0.72 -13.79 52.03
N ARG E 256 0.47 -14.33 52.30
CA ARG E 256 1.70 -13.63 51.99
C ARG E 256 1.93 -13.52 50.49
N PHE E 257 1.67 -14.57 49.74
CA PHE E 257 1.83 -14.52 48.31
C PHE E 257 0.52 -14.47 47.55
N ARG E 258 -0.61 -14.60 48.23
CA ARG E 258 -1.90 -14.45 47.58
C ARG E 258 -2.23 -12.99 47.33
N CYS E 259 -1.87 -12.12 48.26
CA CYS E 259 -2.14 -10.69 48.07
C CYS E 259 -1.41 -10.10 46.87
N PRO E 260 -0.09 -10.27 46.71
CA PRO E 260 0.56 -9.75 45.51
C PRO E 260 0.17 -10.45 44.23
N GLU E 261 -0.40 -11.65 44.29
CA GLU E 261 -0.80 -12.34 43.07
C GLU E 261 -1.90 -11.62 42.34
N THR E 262 -2.61 -10.73 43.03
CA THR E 262 -3.65 -9.94 42.37
C THR E 262 -3.09 -9.03 41.29
N LEU E 263 -1.78 -8.81 41.29
CA LEU E 263 -1.17 -8.06 40.20
C LEU E 263 -1.08 -8.89 38.93
N PHE E 264 -0.93 -10.21 39.07
CA PHE E 264 -0.85 -11.10 37.93
C PHE E 264 -2.16 -11.82 37.65
N GLN E 265 -3.08 -11.84 38.61
CA GLN E 265 -4.43 -12.35 38.43
C GLN E 265 -5.40 -11.32 38.99
N PRO E 266 -5.66 -10.24 38.26
CA PRO E 266 -6.55 -9.20 38.77
C PRO E 266 -7.95 -9.69 39.07
N SER E 267 -8.34 -10.86 38.58
CA SER E 267 -9.64 -11.44 38.86
C SER E 267 -9.81 -11.83 40.31
N PHE E 268 -8.73 -11.82 41.09
CA PHE E 268 -8.85 -12.08 42.52
C PHE E 268 -9.72 -11.04 43.20
N ILE E 269 -9.60 -9.79 42.77
CA ILE E 269 -10.43 -8.71 43.29
C ILE E 269 -11.57 -8.37 42.34
N GLY E 270 -11.92 -9.27 41.44
CA GLY E 270 -13.07 -9.10 40.58
C GLY E 270 -12.86 -8.21 39.38
N MET E 271 -11.63 -7.89 39.02
CA MET E 271 -11.37 -7.09 37.84
C MET E 271 -11.19 -7.99 36.63
N GLU E 272 -11.57 -7.48 35.48
CA GLU E 272 -11.51 -8.23 34.24
C GLU E 272 -10.19 -8.05 33.50
N SER E 273 -9.37 -7.11 33.93
CA SER E 273 -8.18 -6.74 33.17
C SER E 273 -7.16 -7.86 33.22
N ALA E 274 -6.03 -7.62 32.56
CA ALA E 274 -4.94 -8.57 32.48
C ALA E 274 -3.87 -8.22 33.51
N GLY E 275 -3.08 -9.21 33.87
CA GLY E 275 -2.02 -9.00 34.84
C GLY E 275 -0.98 -8.04 34.31
N ILE E 276 -0.06 -7.66 35.21
CA ILE E 276 0.93 -6.67 34.81
C ILE E 276 1.88 -7.25 33.77
N HIS E 277 2.12 -8.56 33.78
CA HIS E 277 2.94 -9.17 32.76
C HIS E 277 2.25 -9.12 31.40
N GLU E 278 0.96 -9.44 31.38
CA GLU E 278 0.20 -9.42 30.14
C GLU E 278 0.03 -8.00 29.63
N THR E 279 -0.16 -7.04 30.54
CA THR E 279 -0.24 -5.65 30.15
C THR E 279 1.08 -5.15 29.58
N THR E 280 2.20 -5.54 30.18
CA THR E 280 3.51 -5.17 29.66
C THR E 280 3.74 -5.74 28.28
N TYR E 281 3.42 -7.02 28.09
CA TYR E 281 3.58 -7.63 26.78
C TYR E 281 2.67 -6.98 25.75
N ASN E 282 1.42 -6.70 26.12
CA ASN E 282 0.49 -6.07 25.18
C ASN E 282 0.93 -4.67 24.83
N SER E 283 1.58 -3.97 25.75
CA SER E 283 2.11 -2.65 25.45
C SER E 283 3.32 -2.75 24.53
N ILE E 284 4.14 -3.77 24.71
CA ILE E 284 5.28 -3.96 23.82
C ILE E 284 4.82 -4.30 22.41
N MET E 285 3.74 -5.07 22.29
CA MET E 285 3.27 -5.47 20.97
C MET E 285 2.41 -4.44 20.27
N LYS E 286 2.07 -3.34 20.92
CA LYS E 286 1.50 -2.20 20.21
C LYS E 286 2.57 -1.26 19.69
N CYS E 287 3.84 -1.52 19.98
CA CYS E 287 4.92 -0.69 19.48
C CYS E 287 5.42 -1.24 18.15
N ASP E 288 6.20 -0.42 17.47
CA ASP E 288 6.72 -0.81 16.16
C ASP E 288 7.64 -2.00 16.30
N ILE E 289 7.59 -2.90 15.33
CA ILE E 289 8.29 -4.17 15.43
C ILE E 289 9.79 -3.98 15.59
N ASP E 290 10.33 -2.86 15.12
CA ASP E 290 11.76 -2.64 15.15
C ASP E 290 12.27 -2.19 16.50
N ILE E 291 11.38 -1.74 17.39
CA ILE E 291 11.78 -1.32 18.72
C ILE E 291 11.42 -2.35 19.79
N ARG E 292 10.75 -3.43 19.43
CA ARG E 292 10.30 -4.41 20.40
C ARG E 292 11.47 -5.12 21.07
N LYS E 293 12.53 -5.41 20.31
CA LYS E 293 13.69 -6.06 20.89
C LYS E 293 14.32 -5.23 21.99
N ASP E 294 14.45 -3.93 21.77
CA ASP E 294 15.03 -3.06 22.80
C ASP E 294 14.06 -2.81 23.94
N LEU E 295 12.76 -2.89 23.69
CA LEU E 295 11.81 -2.77 24.78
C LEU E 295 11.82 -4.01 25.67
N TYR E 296 12.02 -5.18 25.07
CA TYR E 296 12.08 -6.42 25.85
C TYR E 296 13.24 -6.38 26.82
N ALA E 297 14.38 -5.86 26.38
CA ALA E 297 15.61 -5.89 27.15
C ALA E 297 15.68 -4.79 28.21
N ASN E 298 14.77 -3.83 28.20
CA ASN E 298 14.78 -2.74 29.16
C ASN E 298 13.38 -2.64 29.74
N ASN E 299 13.11 -3.46 30.75
CA ASN E 299 11.83 -3.43 31.46
C ASN E 299 12.08 -2.76 32.81
N VAL E 300 12.00 -1.43 32.82
CA VAL E 300 12.24 -0.69 34.05
C VAL E 300 11.00 -0.80 34.93
N MET E 301 11.21 -1.19 36.19
CA MET E 301 10.13 -1.26 37.15
C MET E 301 10.40 -0.21 38.24
N SER E 302 9.42 0.66 38.47
CA SER E 302 9.54 1.67 39.50
C SER E 302 8.26 1.69 40.32
N GLY E 303 8.29 2.43 41.41
CA GLY E 303 7.17 2.49 42.32
C GLY E 303 7.30 1.49 43.45
N GLY E 304 6.54 1.74 44.51
CA GLY E 304 6.66 0.93 45.70
C GLY E 304 5.91 -0.38 45.67
N THR E 305 4.98 -0.54 44.74
CA THR E 305 4.27 -1.81 44.63
C THR E 305 5.10 -2.85 43.88
N THR E 306 6.15 -2.42 43.19
CA THR E 306 7.11 -3.32 42.59
C THR E 306 8.20 -3.74 43.55
N MET E 307 8.02 -3.51 44.84
CA MET E 307 9.05 -3.80 45.83
C MET E 307 8.83 -5.12 46.54
N TYR E 308 7.92 -5.95 46.06
CA TYR E 308 7.73 -7.26 46.65
C TYR E 308 8.94 -8.14 46.39
N PRO E 309 9.35 -8.95 47.35
CA PRO E 309 10.40 -9.93 47.07
C PRO E 309 9.93 -10.94 46.05
N GLY E 310 10.63 -10.99 44.92
CA GLY E 310 10.34 -11.97 43.89
C GLY E 310 9.51 -11.47 42.74
N ILE E 311 9.19 -10.17 42.70
CA ILE E 311 8.33 -9.67 41.64
C ILE E 311 9.10 -9.55 40.33
N ALA E 312 10.40 -9.30 40.38
CA ALA E 312 11.17 -9.21 39.15
C ALA E 312 11.40 -10.58 38.53
N ASP E 313 11.60 -11.60 39.37
CA ASP E 313 11.77 -12.95 38.85
C ASP E 313 10.49 -13.46 38.20
N ARG E 314 9.36 -13.31 38.89
CA ARG E 314 8.08 -13.69 38.31
C ARG E 314 7.78 -12.86 37.07
N MET E 315 8.11 -11.57 37.11
CA MET E 315 7.87 -10.69 35.98
C MET E 315 8.61 -11.19 34.75
N GLN E 316 9.89 -11.54 34.92
CA GLN E 316 10.67 -12.04 33.81
C GLN E 316 10.21 -13.40 33.34
N LYS E 317 9.84 -14.28 34.27
CA LYS E 317 9.35 -15.59 33.87
C LYS E 317 8.11 -15.47 33.01
N GLU E 318 7.16 -14.62 33.42
CA GLU E 318 5.93 -14.48 32.66
C GLU E 318 6.17 -13.82 31.30
N ILE E 319 6.96 -12.75 31.26
CA ILE E 319 7.20 -12.12 29.96
C ILE E 319 8.01 -13.04 29.05
N THR E 320 8.91 -13.84 29.62
CA THR E 320 9.65 -14.80 28.81
C THR E 320 8.72 -15.84 28.23
N ALA E 321 7.72 -16.27 29.00
CA ALA E 321 6.71 -17.18 28.47
C ALA E 321 5.95 -16.54 27.32
N LEU E 322 5.62 -15.26 27.44
CA LEU E 322 4.82 -14.60 26.41
C LEU E 322 5.62 -14.29 25.15
N ALA E 323 6.83 -13.78 25.31
CA ALA E 323 7.65 -13.30 24.21
C ALA E 323 8.27 -14.46 23.43
N PRO E 324 8.78 -14.21 22.22
CA PRO E 324 9.48 -15.26 21.50
C PRO E 324 10.73 -15.73 22.26
N SER E 325 11.18 -16.94 21.91
CA SER E 325 12.24 -17.57 22.67
C SER E 325 13.62 -17.00 22.36
N THR E 326 13.78 -16.31 21.24
CA THR E 326 15.05 -15.72 20.85
C THR E 326 15.21 -14.31 21.39
N MET E 327 14.26 -13.84 22.18
CA MET E 327 14.25 -12.48 22.69
C MET E 327 15.07 -12.34 23.95
N LYS E 328 15.24 -11.09 24.35
CA LYS E 328 16.27 -10.68 25.30
C LYS E 328 15.55 -10.04 26.49
N ILE E 329 14.89 -10.87 27.30
CA ILE E 329 14.04 -10.33 28.35
C ILE E 329 14.90 -10.01 29.56
N LYS E 330 14.97 -8.73 29.91
CA LYS E 330 15.60 -8.31 31.15
C LYS E 330 14.66 -7.37 31.89
N ILE E 331 14.46 -7.64 33.17
CA ILE E 331 13.68 -6.79 34.06
C ILE E 331 14.67 -5.99 34.89
N ILE E 332 14.54 -4.67 34.85
CA ILE E 332 15.46 -3.78 35.55
C ILE E 332 14.73 -3.25 36.78
N ALA E 333 15.15 -3.70 37.96
CA ALA E 333 14.52 -3.32 39.22
C ALA E 333 15.60 -2.77 40.15
N PRO E 334 15.86 -1.46 40.07
CA PRO E 334 16.89 -0.88 40.92
C PRO E 334 16.51 -1.02 42.38
N PRO E 335 17.50 -1.08 43.28
CA PRO E 335 17.18 -1.17 44.71
C PRO E 335 16.40 0.02 45.22
N GLU E 336 16.59 1.19 44.62
CA GLU E 336 15.96 2.42 45.06
C GLU E 336 14.73 2.78 44.24
N ARG E 337 14.13 1.80 43.57
CA ARG E 337 13.05 2.11 42.64
C ARG E 337 11.81 2.64 43.31
N LYS E 338 11.73 2.59 44.63
CA LYS E 338 10.62 3.26 45.31
C LYS E 338 10.66 4.77 45.14
N TYR E 339 11.80 5.33 44.71
CA TYR E 339 11.94 6.76 44.51
C TYR E 339 12.45 7.09 43.11
N SER E 340 12.25 6.20 42.14
CA SER E 340 12.73 6.46 40.80
C SER E 340 12.05 7.66 40.18
N VAL E 341 10.75 7.83 40.43
CA VAL E 341 10.03 8.97 39.87
C VAL E 341 10.60 10.26 40.42
N TRP E 342 10.84 10.32 41.73
CA TRP E 342 11.41 11.53 42.30
C TRP E 342 12.83 11.77 41.80
N ILE E 343 13.65 10.72 41.72
CA ILE E 343 15.02 10.90 41.27
C ILE E 343 15.05 11.41 39.84
N GLY E 344 14.21 10.84 38.98
CA GLY E 344 14.13 11.34 37.62
C GLY E 344 13.58 12.74 37.53
N GLY E 345 12.65 13.09 38.42
CA GLY E 345 12.15 14.45 38.45
C GLY E 345 13.22 15.44 38.85
N SER E 346 14.10 15.07 39.78
CA SER E 346 15.19 15.95 40.16
C SER E 346 16.27 15.98 39.10
N ILE E 347 16.46 14.90 38.35
CA ILE E 347 17.36 14.95 37.20
C ILE E 347 16.84 15.91 36.16
N LEU E 348 15.54 15.85 35.87
CA LEU E 348 14.96 16.68 34.82
C LEU E 348 14.91 18.15 35.25
N ALA E 349 14.44 18.42 36.47
CA ALA E 349 14.30 19.79 36.92
C ALA E 349 15.64 20.50 37.05
N SER E 350 16.73 19.75 37.19
CA SER E 350 18.06 20.33 37.24
C SER E 350 18.72 20.42 35.88
N LEU E 351 18.11 19.86 34.84
CA LEU E 351 18.72 19.85 33.53
C LEU E 351 18.87 21.27 33.01
N SER E 352 19.97 21.52 32.31
CA SER E 352 20.20 22.85 31.75
C SER E 352 19.28 23.13 30.57
N THR E 353 18.99 22.11 29.76
CA THR E 353 18.14 22.28 28.60
C THR E 353 16.67 22.35 28.93
N PHE E 354 16.30 22.08 30.18
CA PHE E 354 14.91 22.09 30.62
C PHE E 354 14.43 23.48 31.05
N GLN E 355 15.33 24.44 31.20
CA GLN E 355 14.98 25.68 31.88
C GLN E 355 14.10 26.60 31.05
N GLN E 356 13.96 26.34 29.75
CA GLN E 356 12.99 27.05 28.95
C GLN E 356 11.66 26.31 28.86
N MET E 357 11.51 25.19 29.56
CA MET E 357 10.31 24.36 29.47
C MET E 357 9.41 24.51 30.68
N TRP E 358 9.78 25.34 31.64
CA TRP E 358 8.88 25.65 32.74
C TRP E 358 7.70 26.46 32.22
N ILE E 359 6.58 26.34 32.92
CA ILE E 359 5.42 27.19 32.66
C ILE E 359 5.56 28.38 33.59
N THR E 360 6.01 29.51 33.05
CA THR E 360 6.16 30.70 33.87
C THR E 360 4.81 31.29 34.20
N LYS E 361 4.77 32.12 35.24
CA LYS E 361 3.51 32.73 35.63
C LYS E 361 3.02 33.75 34.63
N GLN E 362 3.91 34.31 33.81
CA GLN E 362 3.47 35.16 32.71
C GLN E 362 2.63 34.36 31.73
N GLU E 363 3.09 33.18 31.35
CA GLU E 363 2.35 32.35 30.42
C GLU E 363 1.02 31.92 31.01
N TYR E 364 1.00 31.61 32.31
CA TYR E 364 -0.26 31.28 32.96
C TYR E 364 -1.20 32.46 32.93
N ASP E 365 -0.70 33.67 33.21
CA ASP E 365 -1.56 34.85 33.17
C ASP E 365 -2.10 35.10 31.77
N GLU E 366 -1.31 34.80 30.74
CA GLU E 366 -1.85 34.94 29.38
C GLU E 366 -2.94 33.92 29.11
N ALA E 367 -2.70 32.65 29.41
CA ALA E 367 -3.48 31.57 28.80
C ALA E 367 -4.26 30.71 29.79
N GLY E 368 -4.43 31.12 31.04
CA GLY E 368 -5.24 30.36 31.97
C GLY E 368 -4.61 29.02 32.31
N PRO E 369 -5.33 28.20 33.07
CA PRO E 369 -4.81 26.87 33.40
C PRO E 369 -4.65 25.95 32.20
N SER E 370 -5.26 26.28 31.06
CA SER E 370 -5.17 25.42 29.89
C SER E 370 -3.79 25.43 29.24
N ILE E 371 -2.86 26.24 29.74
CA ILE E 371 -1.50 26.26 29.20
C ILE E 371 -0.78 24.94 29.45
N VAL E 372 -1.22 24.19 30.45
CA VAL E 372 -0.50 23.00 30.90
C VAL E 372 -0.64 21.82 29.96
N HIS E 373 -1.64 21.82 29.09
CA HIS E 373 -1.80 20.73 28.14
C HIS E 373 -0.91 20.91 26.93
N ARG E 374 -0.44 22.12 26.68
CA ARG E 374 0.32 22.43 25.48
C ARG E 374 1.78 22.71 25.79
N LYS E 375 2.07 23.14 27.02
CA LYS E 375 3.44 23.23 27.51
C LYS E 375 3.94 21.89 28.02
N CYS E 376 3.07 21.10 28.64
CA CYS E 376 3.42 19.76 29.09
C CYS E 376 2.83 18.71 28.15
N THR F 7 -34.63 -39.49 54.89
CA THR F 7 -34.62 -39.17 53.46
C THR F 7 -35.00 -37.72 53.23
N THR F 8 -35.45 -37.07 54.30
CA THR F 8 -35.78 -35.64 54.25
C THR F 8 -34.68 -34.85 54.94
N ALA F 9 -34.20 -33.81 54.28
CA ALA F 9 -33.09 -33.03 54.80
C ALA F 9 -33.54 -32.16 55.96
N LEU F 10 -32.60 -31.82 56.83
CA LEU F 10 -32.81 -30.85 57.89
C LEU F 10 -32.22 -29.52 57.48
N VAL F 11 -32.80 -28.45 58.02
CA VAL F 11 -32.33 -27.10 57.75
C VAL F 11 -32.21 -26.40 59.09
N CYS F 12 -30.98 -26.20 59.55
CA CYS F 12 -30.73 -25.48 60.80
C CYS F 12 -30.06 -24.15 60.46
N ASP F 13 -30.76 -23.06 60.75
CA ASP F 13 -30.24 -21.72 60.56
C ASP F 13 -29.69 -21.26 61.90
N ASN F 14 -28.38 -21.39 62.07
CA ASN F 14 -27.72 -20.99 63.31
C ASN F 14 -27.41 -19.51 63.22
N GLY F 15 -28.27 -18.71 63.78
CA GLY F 15 -27.98 -17.31 63.91
C GLY F 15 -27.26 -17.03 65.20
N SER F 16 -26.83 -15.78 65.33
CA SER F 16 -26.20 -15.37 66.58
C SER F 16 -27.21 -15.33 67.71
N GLY F 17 -28.47 -14.98 67.42
CA GLY F 17 -29.48 -14.83 68.44
C GLY F 17 -30.42 -16.00 68.57
N LEU F 18 -30.93 -16.51 67.45
CA LEU F 18 -31.95 -17.54 67.46
C LEU F 18 -31.55 -18.71 66.60
N VAL F 19 -32.00 -19.89 66.97
CA VAL F 19 -31.88 -21.10 66.15
C VAL F 19 -33.20 -21.30 65.43
N LYS F 20 -33.14 -21.40 64.10
CA LYS F 20 -34.31 -21.68 63.29
C LYS F 20 -34.08 -23.04 62.66
N ALA F 21 -34.79 -24.05 63.13
CA ALA F 21 -34.58 -25.42 62.66
C ALA F 21 -35.89 -26.00 62.16
N GLY F 22 -35.79 -26.91 61.20
CA GLY F 22 -36.96 -27.52 60.63
C GLY F 22 -36.57 -28.49 59.55
N PHE F 23 -37.57 -28.92 58.79
CA PHE F 23 -37.38 -29.92 57.76
C PHE F 23 -37.47 -29.27 56.38
N ALA F 24 -36.58 -29.68 55.49
CA ALA F 24 -36.60 -29.16 54.13
C ALA F 24 -37.91 -29.55 53.46
N GLY F 25 -38.44 -28.63 52.65
CA GLY F 25 -39.73 -28.78 52.04
C GLY F 25 -40.84 -28.05 52.77
N ASP F 26 -40.75 -27.95 54.09
CA ASP F 26 -41.73 -27.19 54.84
C ASP F 26 -41.60 -25.71 54.54
N ASP F 27 -42.60 -24.95 54.98
CA ASP F 27 -42.65 -23.51 54.73
C ASP F 27 -42.40 -22.69 55.99
N ALA F 28 -42.03 -23.32 57.10
CA ALA F 28 -41.75 -22.60 58.33
C ALA F 28 -40.91 -23.50 59.23
N PRO F 29 -40.00 -22.93 60.01
CA PRO F 29 -39.26 -23.74 60.97
C PRO F 29 -40.19 -24.31 62.03
N ARG F 30 -39.80 -25.45 62.58
CA ARG F 30 -40.55 -26.06 63.66
C ARG F 30 -39.93 -25.81 65.02
N ALA F 31 -38.70 -25.32 65.06
CA ALA F 31 -38.02 -24.96 66.29
C ALA F 31 -37.39 -23.59 66.11
N VAL F 32 -37.83 -22.63 66.91
CA VAL F 32 -37.27 -21.28 66.93
C VAL F 32 -37.10 -20.92 68.39
N PHE F 33 -35.89 -21.06 68.91
CA PHE F 33 -35.60 -20.80 70.31
C PHE F 33 -34.33 -19.98 70.41
N PRO F 34 -34.15 -19.25 71.51
CA PRO F 34 -32.92 -18.48 71.67
C PRO F 34 -31.68 -19.36 71.67
N SER F 35 -30.62 -18.87 71.06
CA SER F 35 -29.37 -19.60 70.96
C SER F 35 -28.46 -19.28 72.14
N ILE F 36 -28.95 -19.61 73.33
CA ILE F 36 -28.25 -19.30 74.58
C ILE F 36 -28.11 -20.58 75.40
N VAL F 37 -27.11 -20.58 76.27
CA VAL F 37 -26.92 -21.62 77.27
C VAL F 37 -26.78 -20.93 78.61
N GLY F 38 -27.62 -21.30 79.56
CA GLY F 38 -27.62 -20.69 80.88
C GLY F 38 -27.09 -21.66 81.92
N ARG F 39 -26.35 -21.12 82.90
CA ARG F 39 -25.81 -21.91 83.97
C ARG F 39 -26.11 -21.23 85.30
N PRO F 40 -26.55 -22.00 86.30
CA PRO F 40 -26.95 -21.38 87.57
C PRO F 40 -25.79 -20.62 88.20
N ARG F 41 -26.12 -19.48 88.81
CA ARG F 41 -25.12 -18.63 89.42
C ARG F 41 -25.35 -18.40 90.90
N HIS F 42 -26.31 -19.09 91.50
CA HIS F 42 -26.65 -18.91 92.90
C HIS F 42 -26.45 -20.23 93.64
N GLN F 43 -26.86 -20.25 94.91
CA GLN F 43 -26.62 -21.38 95.79
C GLN F 43 -27.79 -22.33 95.75
N GLY F 44 -27.58 -23.55 95.28
CA GLY F 44 -28.60 -24.57 95.35
C GLY F 44 -28.75 -25.08 96.77
N VAL F 45 -29.91 -24.90 97.36
CA VAL F 45 -30.13 -25.25 98.76
C VAL F 45 -31.10 -26.41 98.94
N MET F 46 -31.78 -26.85 97.90
CA MET F 46 -32.67 -27.98 97.97
C MET F 46 -32.11 -29.17 97.23
N VAL F 47 -32.31 -30.36 97.80
CA VAL F 47 -31.61 -31.56 97.37
C VAL F 47 -32.26 -32.08 96.09
N GLY F 48 -31.47 -32.20 95.04
CA GLY F 48 -31.96 -32.63 93.75
C GLY F 48 -32.38 -31.52 92.82
N MET F 49 -32.54 -30.31 93.35
CA MET F 49 -32.93 -29.15 92.55
C MET F 49 -31.76 -28.51 91.82
N GLY F 50 -30.53 -28.92 92.12
CA GLY F 50 -29.37 -28.33 91.47
C GLY F 50 -28.54 -29.32 90.70
N GLN F 51 -29.13 -30.44 90.30
CA GLN F 51 -28.39 -31.43 89.52
C GLN F 51 -28.20 -30.98 88.09
N LYS F 52 -29.18 -30.32 87.51
CA LYS F 52 -29.06 -29.84 86.14
C LYS F 52 -28.16 -28.61 86.13
N ASP F 53 -27.04 -28.69 85.43
CA ASP F 53 -26.01 -27.68 85.48
C ASP F 53 -26.02 -26.76 84.28
N SER F 54 -27.01 -26.88 83.40
CA SER F 54 -26.98 -26.15 82.15
C SER F 54 -28.35 -26.24 81.50
N TYR F 55 -28.83 -25.11 80.99
CA TYR F 55 -30.12 -25.03 80.32
C TYR F 55 -29.90 -24.40 78.95
N VAL F 56 -30.69 -24.84 77.98
CA VAL F 56 -30.51 -24.43 76.59
C VAL F 56 -31.84 -23.92 76.07
N GLY F 57 -31.80 -22.79 75.36
CA GLY F 57 -32.98 -22.31 74.66
C GLY F 57 -34.02 -21.71 75.56
N ASP F 58 -35.30 -21.98 75.27
CA ASP F 58 -36.38 -21.46 76.10
C ASP F 58 -36.29 -21.96 77.52
N GLU F 59 -35.66 -23.11 77.74
CA GLU F 59 -35.33 -23.59 79.07
C GLU F 59 -34.57 -22.57 79.89
N ALA F 60 -33.67 -21.81 79.26
CA ALA F 60 -32.85 -20.84 79.96
C ALA F 60 -33.56 -19.52 80.12
N GLN F 61 -34.32 -19.09 79.11
CA GLN F 61 -35.09 -17.87 79.25
C GLN F 61 -36.17 -18.01 80.30
N SER F 62 -36.71 -19.22 80.49
CA SER F 62 -37.69 -19.42 81.55
C SER F 62 -37.07 -19.23 82.92
N LYS F 63 -35.86 -19.74 83.13
CA LYS F 63 -35.20 -19.70 84.42
C LYS F 63 -34.12 -18.65 84.51
N ARG F 64 -34.07 -17.71 83.57
CA ARG F 64 -32.98 -16.75 83.48
C ARG F 64 -32.81 -15.91 84.72
N GLY F 65 -33.74 -15.97 85.68
CA GLY F 65 -33.57 -15.18 86.88
C GLY F 65 -32.57 -15.74 87.86
N ILE F 66 -32.03 -16.93 87.59
CA ILE F 66 -31.03 -17.54 88.47
C ILE F 66 -29.87 -18.06 87.66
N LEU F 67 -29.81 -17.70 86.38
CA LEU F 67 -28.82 -18.22 85.47
C LEU F 67 -27.98 -17.08 84.91
N THR F 68 -26.81 -17.45 84.38
CA THR F 68 -25.98 -16.55 83.58
C THR F 68 -26.09 -17.01 82.14
N LEU F 69 -26.67 -16.16 81.29
CA LEU F 69 -26.94 -16.53 79.91
C LEU F 69 -25.73 -16.20 79.05
N LYS F 70 -25.33 -17.15 78.21
CA LYS F 70 -24.20 -16.98 77.33
C LYS F 70 -24.60 -17.35 75.91
N TYR F 71 -24.16 -16.55 74.95
CA TYR F 71 -24.39 -16.83 73.55
C TYR F 71 -23.16 -17.52 72.97
N PRO F 72 -23.28 -18.75 72.46
CA PRO F 72 -22.12 -19.38 71.82
C PRO F 72 -21.61 -18.67 70.59
N ILE F 73 -22.44 -17.85 69.95
CA ILE F 73 -22.06 -17.17 68.71
C ILE F 73 -22.06 -15.67 68.96
N GLU F 74 -20.94 -15.02 68.67
CA GLU F 74 -20.89 -13.56 68.63
C GLU F 74 -20.59 -13.19 67.19
N HIC F 75 -21.36 -12.31 66.56
CA HIC F 75 -20.98 -11.75 65.28
C HIC F 75 -20.87 -12.75 64.13
O HIC F 75 -20.41 -12.51 63.02
CB HIC F 75 -19.63 -11.01 65.33
CG HIC F 75 -19.75 -9.80 66.15
ND1 HIC F 75 -20.72 -8.82 65.94
CD2 HIC F 75 -18.95 -9.46 67.25
CE1 HIC F 75 -20.52 -7.90 66.89
NE2 HIC F 75 -19.45 -8.25 67.71
CZ HIC F 75 -18.95 -7.50 68.81
N GLY F 76 -21.28 -13.97 64.45
CA GLY F 76 -21.60 -14.97 63.46
C GLY F 76 -20.57 -16.05 63.53
N ILE F 77 -19.54 -15.80 64.33
CA ILE F 77 -18.47 -16.75 64.61
C ILE F 77 -18.81 -17.48 65.89
N ILE F 78 -18.72 -18.81 65.87
CA ILE F 78 -18.96 -19.61 67.07
C ILE F 78 -17.73 -19.51 67.96
N THR F 79 -17.92 -18.99 69.16
CA THR F 79 -16.82 -18.77 70.09
C THR F 79 -16.72 -19.84 71.16
N ASN F 80 -17.84 -20.41 71.59
CA ASN F 80 -17.85 -21.53 72.54
C ASN F 80 -18.29 -22.75 71.77
N TRP F 81 -17.39 -23.70 71.57
CA TRP F 81 -17.70 -24.89 70.80
C TRP F 81 -18.27 -26.02 71.64
N ASP F 82 -18.27 -25.89 72.96
CA ASP F 82 -18.97 -26.86 73.79
C ASP F 82 -20.39 -26.45 74.08
N ASP F 83 -20.66 -25.15 74.11
CA ASP F 83 -22.02 -24.68 74.28
C ASP F 83 -22.79 -24.74 72.97
N MET F 84 -22.15 -24.42 71.84
CA MET F 84 -22.79 -24.58 70.54
C MET F 84 -23.11 -26.03 70.27
N GLU F 85 -22.23 -26.92 70.70
CA GLU F 85 -22.48 -28.35 70.60
C GLU F 85 -23.72 -28.74 71.40
N LYS F 86 -23.87 -28.15 72.59
CA LYS F 86 -25.10 -28.36 73.35
C LYS F 86 -26.31 -27.81 72.61
N ILE F 87 -26.18 -26.65 71.97
CA ILE F 87 -27.28 -26.06 71.22
C ILE F 87 -27.73 -27.00 70.12
N TRP F 88 -26.77 -27.59 69.41
CA TRP F 88 -27.11 -28.50 68.32
C TRP F 88 -27.72 -29.79 68.83
N HIS F 89 -27.20 -30.31 69.95
CA HIS F 89 -27.82 -31.50 70.54
C HIS F 89 -29.26 -31.22 70.92
N HIS F 90 -29.51 -30.08 71.56
CA HIS F 90 -30.87 -29.68 71.86
C HIS F 90 -31.73 -29.61 70.61
N THR F 91 -31.25 -28.89 69.60
CA THR F 91 -31.99 -28.74 68.35
C THR F 91 -32.41 -30.08 67.79
N PHE F 92 -31.48 -31.03 67.72
CA PHE F 92 -31.79 -32.30 67.08
C PHE F 92 -32.69 -33.16 67.93
N TYR F 93 -32.41 -33.26 69.23
CA TYR F 93 -33.05 -34.28 70.05
C TYR F 93 -34.24 -33.80 70.85
N ASN F 94 -34.20 -32.59 71.39
CA ASN F 94 -35.31 -32.12 72.21
C ASN F 94 -36.33 -31.31 71.43
N GLU F 95 -35.88 -30.50 70.47
CA GLU F 95 -36.78 -29.62 69.73
C GLU F 95 -37.33 -30.32 68.48
N LEU F 96 -36.45 -30.77 67.60
CA LEU F 96 -36.91 -31.47 66.41
C LEU F 96 -37.23 -32.93 66.70
N ARG F 97 -36.55 -33.57 67.64
CA ARG F 97 -36.82 -35.00 68.02
C ARG F 97 -36.58 -35.91 66.81
N VAL F 98 -35.45 -35.76 66.10
CA VAL F 98 -35.06 -36.61 64.99
C VAL F 98 -33.79 -37.35 65.41
N ALA F 99 -33.38 -38.28 64.56
CA ALA F 99 -32.07 -38.89 64.73
C ALA F 99 -31.16 -38.33 63.65
N PRO F 100 -30.13 -37.56 64.01
CA PRO F 100 -29.38 -36.81 62.99
C PRO F 100 -28.72 -37.68 61.94
N GLU F 101 -28.43 -38.94 62.24
CA GLU F 101 -27.67 -39.76 61.29
C GLU F 101 -28.52 -40.28 60.14
N GLU F 102 -29.80 -39.91 60.06
CA GLU F 102 -30.60 -40.26 58.90
C GLU F 102 -30.99 -39.08 58.02
N HIS F 103 -30.86 -37.85 58.51
CA HIS F 103 -31.20 -36.68 57.73
C HIS F 103 -29.97 -35.90 57.35
N PRO F 104 -29.77 -35.59 56.07
CA PRO F 104 -28.76 -34.58 55.73
C PRO F 104 -29.13 -33.23 56.33
N THR F 105 -28.13 -32.49 56.76
CA THR F 105 -28.36 -31.23 57.45
C THR F 105 -27.78 -30.07 56.64
N LEU F 106 -28.61 -29.08 56.36
CA LEU F 106 -28.16 -27.85 55.74
C LEU F 106 -27.92 -26.81 56.83
N LEU F 107 -26.73 -26.23 56.84
CA LEU F 107 -26.37 -25.21 57.79
C LEU F 107 -26.08 -23.91 57.03
N THR F 108 -26.15 -22.80 57.75
CA THR F 108 -25.96 -21.49 57.16
C THR F 108 -24.82 -20.76 57.85
N GLU F 109 -24.20 -19.84 57.13
CA GLU F 109 -23.08 -19.09 57.65
C GLU F 109 -23.00 -17.75 56.95
N ALA F 110 -22.52 -16.74 57.66
CA ALA F 110 -22.33 -15.43 57.08
C ALA F 110 -21.10 -15.43 56.19
N PRO F 111 -21.02 -14.53 55.22
CA PRO F 111 -19.83 -14.42 54.39
C PRO F 111 -18.70 -13.72 55.13
N LEU F 112 -17.49 -13.86 54.58
CA LEU F 112 -16.30 -13.22 55.12
C LEU F 112 -16.08 -13.61 56.58
N ASN F 113 -16.29 -14.85 56.87
CA ASN F 113 -16.31 -15.44 58.19
C ASN F 113 -15.10 -16.38 58.27
N PRO F 114 -14.49 -16.59 59.45
CA PRO F 114 -13.31 -17.45 59.50
C PRO F 114 -13.56 -18.84 58.94
N LYS F 115 -12.55 -19.38 58.27
CA LYS F 115 -12.67 -20.71 57.67
C LYS F 115 -12.73 -21.80 58.72
N ALA F 116 -12.10 -21.59 59.86
CA ALA F 116 -12.15 -22.59 60.93
C ALA F 116 -13.56 -22.76 61.45
N ASN F 117 -14.39 -21.73 61.39
CA ASN F 117 -15.78 -21.85 61.79
C ASN F 117 -16.48 -22.91 60.96
N ARG F 118 -16.40 -22.79 59.64
CA ARG F 118 -17.04 -23.71 58.73
C ARG F 118 -16.44 -25.11 58.84
N GLU F 119 -15.11 -25.19 58.96
CA GLU F 119 -14.46 -26.48 59.07
C GLU F 119 -14.88 -27.21 60.35
N LYS F 120 -14.95 -26.50 61.47
CA LYS F 120 -15.33 -27.15 62.70
C LYS F 120 -16.81 -27.49 62.72
N MET F 121 -17.65 -26.71 62.06
CA MET F 121 -19.05 -27.12 61.90
C MET F 121 -19.14 -28.42 61.12
N THR F 122 -18.38 -28.53 60.04
CA THR F 122 -18.36 -29.76 59.26
C THR F 122 -17.92 -30.94 60.12
N GLN F 123 -16.84 -30.75 60.88
CA GLN F 123 -16.34 -31.83 61.71
C GLN F 123 -17.32 -32.21 62.80
N ILE F 124 -17.94 -31.23 63.47
CA ILE F 124 -18.88 -31.56 64.54
C ILE F 124 -20.04 -32.34 63.98
N MET F 125 -20.63 -31.87 62.87
CA MET F 125 -21.70 -32.64 62.25
C MET F 125 -21.26 -34.07 62.00
N PHE F 126 -20.24 -34.25 61.16
CA PHE F 126 -19.90 -35.58 60.69
C PHE F 126 -19.38 -36.50 61.77
N GLU F 127 -18.91 -35.99 62.90
CA GLU F 127 -18.28 -36.86 63.87
C GLU F 127 -19.01 -36.94 65.20
N THR F 128 -19.74 -35.91 65.61
CA THR F 128 -20.55 -36.03 66.80
C THR F 128 -21.98 -36.43 66.49
N PHE F 129 -22.52 -35.97 65.37
CA PHE F 129 -23.91 -36.24 65.06
C PHE F 129 -24.06 -37.21 63.90
N ASN F 130 -22.96 -37.61 63.27
CA ASN F 130 -22.95 -38.66 62.25
C ASN F 130 -23.92 -38.39 61.11
N VAL F 131 -24.08 -37.13 60.73
CA VAL F 131 -25.06 -36.84 59.66
C VAL F 131 -24.60 -37.52 58.38
N PRO F 132 -25.50 -38.09 57.58
CA PRO F 132 -25.07 -38.71 56.33
C PRO F 132 -24.44 -37.73 55.36
N ALA F 133 -24.88 -36.47 55.38
CA ALA F 133 -24.34 -35.44 54.52
C ALA F 133 -24.63 -34.10 55.17
N MET F 134 -23.94 -33.08 54.70
CA MET F 134 -24.21 -31.73 55.18
C MET F 134 -23.75 -30.73 54.14
N TYR F 135 -24.10 -29.48 54.37
CA TYR F 135 -23.79 -28.38 53.46
C TYR F 135 -23.86 -27.10 54.25
N VAL F 136 -23.02 -26.13 53.88
CA VAL F 136 -23.02 -24.82 54.50
C VAL F 136 -23.30 -23.80 53.42
N ALA F 137 -24.39 -23.06 53.57
CA ALA F 137 -24.83 -22.09 52.57
C ALA F 137 -24.76 -20.68 53.13
N ILE F 138 -24.60 -19.72 52.24
CA ILE F 138 -24.53 -18.32 52.64
C ILE F 138 -25.95 -17.80 52.83
N GLN F 139 -26.18 -17.09 53.92
CA GLN F 139 -27.53 -16.73 54.33
C GLN F 139 -28.18 -15.76 53.36
N ALA F 140 -27.41 -14.91 52.68
CA ALA F 140 -28.02 -13.98 51.75
C ALA F 140 -28.46 -14.66 50.46
N VAL F 141 -27.73 -15.67 50.02
CA VAL F 141 -28.20 -16.45 48.88
C VAL F 141 -29.50 -17.16 49.23
N LEU F 142 -29.61 -17.66 50.46
CA LEU F 142 -30.85 -18.30 50.87
C LEU F 142 -31.98 -17.29 50.96
N SER F 143 -31.70 -16.07 51.41
CA SER F 143 -32.74 -15.04 51.41
C SER F 143 -33.23 -14.75 50.00
N LEU F 144 -32.31 -14.72 49.03
CA LEU F 144 -32.73 -14.51 47.66
C LEU F 144 -33.51 -15.70 47.11
N TYR F 145 -33.17 -16.91 47.55
CA TYR F 145 -34.01 -18.06 47.21
C TYR F 145 -35.43 -17.86 47.73
N ALA F 146 -35.56 -17.48 48.99
CA ALA F 146 -36.88 -17.36 49.60
C ALA F 146 -37.69 -16.23 48.99
N SER F 147 -37.03 -15.19 48.50
CA SER F 147 -37.76 -14.08 47.92
C SER F 147 -38.26 -14.39 46.51
N GLY F 148 -37.94 -15.56 45.95
CA GLY F 148 -38.41 -15.89 44.63
C GLY F 148 -37.73 -15.13 43.52
N ARG F 149 -36.45 -14.81 43.68
CA ARG F 149 -35.70 -14.07 42.68
C ARG F 149 -34.37 -14.77 42.43
N THR F 150 -33.72 -14.36 41.34
CA THR F 150 -32.34 -14.74 41.07
C THR F 150 -31.46 -13.53 40.85
N THR F 151 -32.00 -12.33 41.03
CA THR F 151 -31.28 -11.08 40.89
C THR F 151 -31.69 -10.17 42.02
N GLY F 152 -30.72 -9.50 42.63
CA GLY F 152 -31.01 -8.55 43.67
C GLY F 152 -29.90 -8.54 44.69
N ILE F 153 -29.81 -7.45 45.43
CA ILE F 153 -28.85 -7.27 46.50
C ILE F 153 -29.58 -7.49 47.82
N VAL F 154 -29.07 -8.43 48.60
CA VAL F 154 -29.75 -8.80 49.86
C VAL F 154 -29.05 -8.16 51.05
N LEU F 155 -29.80 -7.45 51.89
CA LEU F 155 -29.20 -6.96 53.14
C LEU F 155 -29.79 -7.86 54.21
N ASP F 156 -28.93 -8.58 54.93
CA ASP F 156 -29.42 -9.49 55.98
C ASP F 156 -28.90 -8.97 57.31
N SER F 157 -29.80 -8.73 58.26
CA SER F 157 -29.35 -8.29 59.60
C SER F 157 -29.83 -9.27 60.66
N GLY F 158 -28.93 -9.76 61.49
CA GLY F 158 -29.23 -10.76 62.53
C GLY F 158 -28.88 -10.21 63.88
N ASP F 159 -28.76 -11.05 64.91
CA ASP F 159 -28.27 -10.56 66.21
C ASP F 159 -26.82 -10.06 66.08
N GLY F 160 -25.94 -10.75 65.35
CA GLY F 160 -24.53 -10.31 65.33
C GLY F 160 -23.96 -9.73 64.04
N VAL F 161 -24.50 -10.03 62.87
CA VAL F 161 -23.82 -9.56 61.63
C VAL F 161 -24.81 -8.94 60.62
N THR F 162 -24.41 -7.88 59.93
CA THR F 162 -25.25 -7.33 58.83
C THR F 162 -24.44 -7.49 57.54
N HIS F 163 -25.00 -8.11 56.51
CA HIS F 163 -24.19 -8.34 55.29
C HIS F 163 -24.95 -8.00 54.02
N ASN F 164 -24.24 -7.53 53.00
CA ASN F 164 -24.85 -7.25 51.68
C ASN F 164 -24.19 -8.18 50.67
N VAL F 165 -24.99 -8.94 49.91
CA VAL F 165 -24.45 -9.85 48.86
C VAL F 165 -25.22 -9.56 47.57
N PRO F 166 -24.59 -8.90 46.57
CA PRO F 166 -25.27 -8.65 45.29
C PRO F 166 -25.22 -9.83 44.35
N ILE F 167 -26.37 -10.29 43.90
CA ILE F 167 -26.49 -11.45 43.03
C ILE F 167 -27.22 -11.03 41.77
N TYR F 168 -26.72 -11.43 40.61
CA TYR F 168 -27.33 -11.09 39.34
C TYR F 168 -27.41 -12.33 38.48
N GLU F 169 -28.64 -12.74 38.15
CA GLU F 169 -28.90 -13.92 37.33
C GLU F 169 -28.31 -15.17 37.94
N GLY F 170 -28.27 -15.23 39.27
CA GLY F 170 -27.71 -16.36 39.96
C GLY F 170 -26.22 -16.33 40.14
N TYR F 171 -25.55 -15.27 39.72
CA TYR F 171 -24.11 -15.12 39.85
C TYR F 171 -23.83 -14.07 40.93
N ALA F 172 -23.07 -14.46 41.95
CA ALA F 172 -22.68 -13.53 42.98
C ALA F 172 -21.43 -12.78 42.56
N LEU F 173 -21.29 -11.56 43.05
CA LEU F 173 -20.10 -10.74 42.82
C LEU F 173 -19.35 -10.67 44.14
N PRO F 174 -18.47 -11.64 44.43
CA PRO F 174 -17.91 -11.74 45.78
C PRO F 174 -17.04 -10.56 46.17
N HIS F 175 -16.56 -9.77 45.23
CA HIS F 175 -15.77 -8.60 45.57
C HIS F 175 -16.62 -7.46 46.07
N ALA F 176 -17.93 -7.51 45.85
CA ALA F 176 -18.85 -6.48 46.29
C ALA F 176 -19.60 -6.88 47.54
N ILE F 177 -19.29 -8.03 48.13
CA ILE F 177 -19.92 -8.44 49.37
C ILE F 177 -19.38 -7.59 50.51
N MET F 178 -20.28 -7.04 51.31
CA MET F 178 -19.90 -6.23 52.46
C MET F 178 -20.48 -6.80 53.73
N ARG F 179 -19.63 -7.01 54.71
CA ARG F 179 -20.01 -7.49 56.03
C ARG F 179 -19.78 -6.40 57.04
N LEU F 180 -20.69 -6.27 57.99
CA LEU F 180 -20.61 -5.21 58.99
C LEU F 180 -21.03 -5.80 60.32
N ASP F 181 -20.12 -5.81 61.28
CA ASP F 181 -20.38 -6.42 62.59
C ASP F 181 -21.17 -5.46 63.47
N LEU F 182 -22.38 -5.15 63.01
CA LEU F 182 -23.32 -4.31 63.74
C LEU F 182 -24.71 -4.82 63.43
N ALA F 183 -25.40 -5.29 64.45
CA ALA F 183 -26.67 -5.97 64.27
C ALA F 183 -27.44 -5.88 65.58
N GLY F 184 -28.40 -6.77 65.75
CA GLY F 184 -29.36 -6.63 66.84
C GLY F 184 -28.74 -6.59 68.22
N ARG F 185 -27.67 -7.34 68.45
CA ARG F 185 -27.09 -7.34 69.79
C ARG F 185 -26.41 -6.02 70.11
N ASP F 186 -25.81 -5.38 69.11
CA ASP F 186 -25.22 -4.07 69.33
C ASP F 186 -26.28 -3.03 69.60
N LEU F 187 -27.45 -3.15 68.96
CA LEU F 187 -28.55 -2.24 69.24
C LEU F 187 -29.14 -2.49 70.62
N THR F 188 -29.19 -3.74 71.06
CA THR F 188 -29.63 -4.04 72.42
C THR F 188 -28.68 -3.43 73.43
N ASP F 189 -27.38 -3.56 73.20
CA ASP F 189 -26.40 -2.96 74.11
C ASP F 189 -26.51 -1.45 74.13
N TYR F 190 -26.68 -0.84 72.95
CA TYR F 190 -26.84 0.61 72.90
C TYR F 190 -28.10 1.06 73.62
N LEU F 191 -29.17 0.28 73.51
CA LEU F 191 -30.39 0.64 74.23
C LEU F 191 -30.21 0.49 75.74
N MET F 192 -29.50 -0.55 76.20
CA MET F 192 -29.19 -0.61 77.62
C MET F 192 -28.40 0.61 78.06
N LYS F 193 -27.47 1.06 77.22
CA LYS F 193 -26.64 2.20 77.57
C LYS F 193 -27.46 3.48 77.68
N ILE F 194 -28.32 3.74 76.69
CA ILE F 194 -29.07 4.99 76.68
C ILE F 194 -30.35 4.92 77.49
N LEU F 195 -30.71 3.76 78.03
CA LEU F 195 -31.79 3.71 78.99
C LEU F 195 -31.37 4.24 80.36
N THR F 196 -30.07 4.38 80.60
CA THR F 196 -29.60 4.90 81.87
C THR F 196 -29.85 6.40 82.00
N GLU F 197 -30.09 7.09 80.89
CA GLU F 197 -30.38 8.52 80.93
C GLU F 197 -31.68 8.80 81.64
N ARG F 198 -32.61 7.85 81.63
CA ARG F 198 -33.87 7.98 82.35
C ARG F 198 -33.83 7.35 83.72
N GLY F 199 -32.72 6.74 84.10
CA GLY F 199 -32.60 6.13 85.40
C GLY F 199 -32.85 4.65 85.44
N TYR F 200 -32.95 3.99 84.29
CA TYR F 200 -33.22 2.56 84.23
C TYR F 200 -31.90 1.84 84.04
N SER F 201 -31.54 0.98 84.99
CA SER F 201 -30.27 0.29 84.98
C SER F 201 -30.51 -1.20 84.76
N PHE F 202 -30.16 -1.69 83.58
CA PHE F 202 -30.24 -3.10 83.24
C PHE F 202 -28.82 -3.57 82.97
N VAL F 203 -28.29 -4.41 83.85
CA VAL F 203 -26.90 -4.82 83.79
C VAL F 203 -26.75 -6.32 83.56
N THR F 204 -27.54 -7.13 84.26
CA THR F 204 -27.43 -8.58 84.19
C THR F 204 -27.75 -9.05 82.77
N THR F 205 -27.34 -10.28 82.46
CA THR F 205 -27.67 -10.88 81.17
C THR F 205 -29.18 -11.08 81.02
N ALA F 206 -29.86 -11.45 82.11
CA ALA F 206 -31.30 -11.54 82.08
C ALA F 206 -31.93 -10.19 81.79
N GLU F 207 -31.43 -9.13 82.41
CA GLU F 207 -31.93 -7.80 82.10
C GLU F 207 -31.58 -7.38 80.69
N ARG F 208 -30.53 -7.95 80.11
CA ARG F 208 -30.28 -7.75 78.70
C ARG F 208 -31.35 -8.39 77.84
N GLU F 209 -31.86 -9.55 78.25
CA GLU F 209 -33.00 -10.13 77.54
C GLU F 209 -34.24 -9.26 77.68
N ILE F 210 -34.43 -8.69 78.85
CA ILE F 210 -35.55 -7.75 79.06
C ILE F 210 -35.42 -6.56 78.12
N VAL F 211 -34.22 -6.02 77.98
CA VAL F 211 -34.00 -4.87 77.11
C VAL F 211 -34.18 -5.25 75.65
N ARG F 212 -33.79 -6.48 75.28
CA ARG F 212 -34.07 -6.94 73.93
C ARG F 212 -35.55 -6.97 73.65
N ASP F 213 -36.34 -7.42 74.63
CA ASP F 213 -37.79 -7.38 74.48
C ASP F 213 -38.31 -5.96 74.33
N ILE F 214 -37.81 -5.04 75.15
CA ILE F 214 -38.20 -3.63 75.03
C ILE F 214 -37.92 -3.11 73.64
N LYS F 215 -36.73 -3.42 73.12
CA LYS F 215 -36.34 -2.95 71.80
C LYS F 215 -37.25 -3.53 70.72
N GLU F 216 -37.56 -4.81 70.82
CA GLU F 216 -38.43 -5.42 69.81
C GLU F 216 -39.83 -4.84 69.86
N LYS F 217 -40.33 -4.49 71.04
CA LYS F 217 -41.72 -4.05 71.13
C LYS F 217 -41.88 -2.57 70.84
N LEU F 218 -40.94 -1.72 71.26
CA LEU F 218 -41.16 -0.28 71.26
C LEU F 218 -40.35 0.49 70.23
N CYS F 219 -39.24 -0.03 69.76
CA CYS F 219 -38.35 0.77 68.92
C CYS F 219 -38.82 0.77 67.46
N TYR F 220 -38.47 1.83 66.74
CA TYR F 220 -38.80 1.97 65.34
C TYR F 220 -37.75 2.86 64.69
N VAL F 221 -37.82 2.97 63.37
CA VAL F 221 -36.85 3.75 62.60
C VAL F 221 -37.51 5.03 62.14
N ALA F 222 -36.94 6.16 62.53
CA ALA F 222 -37.48 7.45 62.14
C ALA F 222 -37.16 7.73 60.68
N LEU F 223 -38.16 8.18 59.93
CA LEU F 223 -37.94 8.50 58.52
C LEU F 223 -36.97 9.67 58.38
N ASP F 224 -37.08 10.66 59.25
CA ASP F 224 -36.13 11.76 59.30
C ASP F 224 -35.74 11.98 60.75
N PHE F 225 -34.47 11.74 61.07
CA PHE F 225 -34.06 11.64 62.45
C PHE F 225 -34.16 12.96 63.19
N GLU F 226 -33.80 14.06 62.53
CA GLU F 226 -33.68 15.34 63.23
C GLU F 226 -35.05 15.92 63.57
N ASN F 227 -36.01 15.84 62.64
CA ASN F 227 -37.37 16.24 62.96
C ASN F 227 -38.00 15.34 64.00
N GLU F 228 -37.61 14.06 64.06
CA GLU F 228 -38.14 13.21 65.12
C GLU F 228 -37.55 13.58 66.47
N MET F 229 -36.27 13.96 66.50
CA MET F 229 -35.70 14.43 67.75
C MET F 229 -36.36 15.72 68.20
N ALA F 230 -36.62 16.63 67.26
CA ALA F 230 -37.33 17.87 67.59
C ALA F 230 -38.74 17.58 68.09
N THR F 231 -39.45 16.65 67.44
CA THR F 231 -40.79 16.31 67.88
C THR F 231 -40.79 15.70 69.27
N ALA F 232 -39.85 14.80 69.54
CA ALA F 232 -39.76 14.20 70.87
C ALA F 232 -39.40 15.23 71.92
N ALA F 233 -38.58 16.22 71.58
CA ALA F 233 -38.23 17.26 72.54
C ALA F 233 -39.43 18.17 72.81
N SER F 234 -40.19 18.50 71.77
CA SER F 234 -41.28 19.46 71.93
C SER F 234 -42.44 18.86 72.72
N SER F 235 -42.81 17.62 72.40
CA SER F 235 -44.02 17.02 72.93
C SER F 235 -43.68 15.79 73.77
N SER F 236 -44.73 15.07 74.18
CA SER F 236 -44.59 13.76 74.78
C SER F 236 -45.46 12.75 74.05
N SER F 237 -45.72 12.99 72.76
CA SER F 237 -46.57 12.10 71.99
C SER F 237 -45.88 10.80 71.63
N LEU F 238 -44.55 10.77 71.60
CA LEU F 238 -43.84 9.57 71.18
C LEU F 238 -43.48 8.67 72.34
N GLU F 239 -43.80 9.05 73.56
CA GLU F 239 -43.46 8.26 74.73
C GLU F 239 -44.40 7.08 74.87
N LYS F 240 -43.83 5.89 75.07
CA LYS F 240 -44.60 4.68 75.32
C LYS F 240 -44.08 4.02 76.59
N SER F 241 -44.98 3.33 77.27
CA SER F 241 -44.65 2.65 78.51
C SER F 241 -44.40 1.17 78.26
N TYR F 242 -43.74 0.54 79.23
CA TYR F 242 -43.43 -0.88 79.17
C TYR F 242 -43.39 -1.39 80.59
N GLU F 243 -44.00 -2.54 80.83
CA GLU F 243 -44.07 -3.11 82.17
C GLU F 243 -43.01 -4.18 82.32
N LEU F 244 -42.17 -4.03 83.34
CA LEU F 244 -41.09 -4.96 83.60
C LEU F 244 -41.62 -6.23 84.22
N PRO F 245 -40.81 -7.30 84.24
CA PRO F 245 -41.32 -8.57 84.77
C PRO F 245 -41.81 -8.54 86.19
N ASP F 246 -41.43 -7.54 86.98
CA ASP F 246 -41.92 -7.44 88.35
C ASP F 246 -42.90 -6.29 88.54
N GLY F 247 -43.45 -5.74 87.47
CA GLY F 247 -44.53 -4.79 87.58
C GLY F 247 -44.13 -3.34 87.53
N GLN F 248 -42.84 -3.02 87.53
CA GLN F 248 -42.46 -1.63 87.34
C GLN F 248 -42.70 -1.22 85.89
N VAL F 249 -43.07 0.04 85.70
CA VAL F 249 -43.38 0.58 84.39
C VAL F 249 -42.32 1.61 84.03
N ILE F 250 -41.72 1.45 82.86
CA ILE F 250 -40.74 2.41 82.38
C ILE F 250 -41.33 3.12 81.17
N THR F 251 -40.85 4.32 80.92
CA THR F 251 -41.30 5.13 79.81
C THR F 251 -40.09 5.58 79.01
N ILE F 252 -40.14 5.45 77.69
CA ILE F 252 -39.03 5.88 76.84
C ILE F 252 -39.59 6.69 75.68
N GLY F 253 -39.04 7.89 75.48
CA GLY F 253 -39.52 8.76 74.44
C GLY F 253 -38.75 8.74 73.13
N ASN F 254 -37.47 9.06 73.15
CA ASN F 254 -36.68 9.10 71.93
C ASN F 254 -35.66 7.97 71.87
N GLU F 255 -35.55 7.18 72.92
CA GLU F 255 -34.79 5.95 72.82
C GLU F 255 -35.43 5.00 71.84
N ARG F 256 -36.69 5.24 71.48
CA ARG F 256 -37.41 4.36 70.57
C ARG F 256 -36.83 4.42 69.16
N PHE F 257 -36.49 5.61 68.67
CA PHE F 257 -35.90 5.73 67.36
C PHE F 257 -34.42 6.05 67.38
N ARG F 258 -33.85 6.31 68.56
CA ARG F 258 -32.41 6.51 68.66
C ARG F 258 -31.66 5.19 68.57
N CYS F 259 -32.21 4.13 69.16
CA CYS F 259 -31.55 2.83 69.12
C CYS F 259 -31.42 2.29 67.70
N PRO F 260 -32.48 2.23 66.89
CA PRO F 260 -32.29 1.75 65.50
C PRO F 260 -31.51 2.69 64.62
N GLU F 261 -31.37 3.96 64.99
CA GLU F 261 -30.60 4.88 64.18
C GLU F 261 -29.13 4.50 64.11
N THR F 262 -28.66 3.69 65.03
CA THR F 262 -27.28 3.22 64.99
C THR F 262 -27.01 2.38 63.75
N LEU F 263 -28.04 1.91 63.07
CA LEU F 263 -27.82 1.22 61.80
C LEU F 263 -27.48 2.19 60.69
N PHE F 264 -27.98 3.41 60.76
CA PHE F 264 -27.71 4.44 59.77
C PHE F 264 -26.65 5.42 60.21
N GLN F 265 -26.36 5.48 61.51
CA GLN F 265 -25.27 6.28 62.06
C GLN F 265 -24.49 5.39 63.01
N PRO F 266 -23.64 4.49 62.50
CA PRO F 266 -22.90 3.59 63.38
C PRO F 266 -22.01 4.29 64.36
N SER F 267 -21.73 5.58 64.16
CA SER F 267 -20.91 6.36 65.08
C SER F 267 -21.58 6.57 66.43
N PHE F 268 -22.87 6.24 66.54
CA PHE F 268 -23.54 6.31 67.84
C PHE F 268 -22.90 5.36 68.83
N ILE F 269 -22.47 4.20 68.39
CA ILE F 269 -21.79 3.24 69.23
C ILE F 269 -20.28 3.27 69.00
N GLY F 270 -19.76 4.34 68.42
CA GLY F 270 -18.34 4.51 68.28
C GLY F 270 -17.70 3.79 67.12
N MET F 271 -18.47 3.29 66.18
CA MET F 271 -17.91 2.63 65.01
C MET F 271 -17.69 3.64 63.90
N GLU F 272 -16.66 3.38 63.10
CA GLU F 272 -16.29 4.28 62.02
C GLU F 272 -16.98 3.95 60.70
N SER F 273 -17.65 2.80 60.63
CA SER F 273 -18.17 2.32 59.37
C SER F 273 -19.33 3.20 58.89
N ALA F 274 -19.88 2.84 57.75
CA ALA F 274 -20.99 3.56 57.15
C ALA F 274 -22.30 2.86 57.47
N GLY F 275 -23.38 3.62 57.38
CA GLY F 275 -24.69 3.07 57.66
C GLY F 275 -25.07 1.99 56.66
N ILE F 276 -26.19 1.32 56.95
CA ILE F 276 -26.58 0.22 56.08
C ILE F 276 -27.00 0.74 54.71
N HIS F 277 -27.51 1.97 54.63
CA HIS F 277 -27.84 2.54 53.33
C HIS F 277 -26.59 2.84 52.52
N GLU F 278 -25.58 3.39 53.18
CA GLU F 278 -24.32 3.70 52.51
C GLU F 278 -23.59 2.43 52.13
N THR F 279 -23.64 1.42 52.99
CA THR F 279 -23.04 0.13 52.66
C THR F 279 -23.74 -0.53 51.48
N THR F 280 -25.07 -0.46 51.44
CA THR F 280 -25.81 -1.02 50.31
C THR F 280 -25.47 -0.30 49.01
N TYR F 281 -25.42 1.03 49.05
CA TYR F 281 -25.05 1.78 47.86
C TYR F 281 -23.62 1.48 47.43
N ASN F 282 -22.70 1.40 48.37
CA ASN F 282 -21.31 1.10 48.03
C ASN F 282 -21.16 -0.30 47.47
N SER F 283 -21.98 -1.23 47.92
CA SER F 283 -21.95 -2.57 47.35
C SER F 283 -22.53 -2.58 45.95
N ILE F 284 -23.56 -1.77 45.70
CA ILE F 284 -24.11 -1.69 44.36
C ILE F 284 -23.11 -1.07 43.40
N MET F 285 -22.34 -0.09 43.87
CA MET F 285 -21.39 0.58 42.98
C MET F 285 -20.08 -0.15 42.81
N LYS F 286 -19.84 -1.25 43.52
CA LYS F 286 -18.76 -2.14 43.16
C LYS F 286 -19.16 -3.19 42.15
N CYS F 287 -20.42 -3.23 41.76
CA CYS F 287 -20.89 -4.17 40.76
C CYS F 287 -20.77 -3.55 39.37
N ASP F 288 -20.89 -4.40 38.36
CA ASP F 288 -20.76 -3.94 36.99
C ASP F 288 -21.89 -2.99 36.65
N ILE F 289 -21.58 -1.96 35.87
CA ILE F 289 -22.53 -0.89 35.62
C ILE F 289 -23.81 -1.39 34.98
N ASP F 290 -23.76 -2.51 34.28
CA ASP F 290 -24.92 -3.01 33.57
C ASP F 290 -25.89 -3.75 34.46
N ILE F 291 -25.49 -4.13 35.67
CA ILE F 291 -26.38 -4.81 36.59
C ILE F 291 -26.85 -3.90 37.71
N ARG F 292 -26.38 -2.65 37.77
CA ARG F 292 -26.72 -1.76 38.87
C ARG F 292 -28.20 -1.40 38.84
N LYS F 293 -28.77 -1.23 37.65
CA LYS F 293 -30.19 -0.89 37.57
C LYS F 293 -31.06 -1.98 38.17
N ASP F 294 -30.75 -3.24 37.89
CA ASP F 294 -31.53 -4.35 38.45
C ASP F 294 -31.22 -4.56 39.92
N LEU F 295 -30.03 -4.18 40.37
CA LEU F 295 -29.76 -4.28 41.80
C LEU F 295 -30.50 -3.20 42.58
N TYR F 296 -30.65 -2.01 41.99
CA TYR F 296 -31.39 -0.95 42.65
C TYR F 296 -32.84 -1.34 42.89
N ALA F 297 -33.44 -2.01 41.92
CA ALA F 297 -34.86 -2.35 41.95
C ALA F 297 -35.17 -3.57 42.79
N ASN F 298 -34.17 -4.32 43.23
CA ASN F 298 -34.38 -5.52 44.03
C ASN F 298 -33.49 -5.42 45.26
N ASN F 299 -33.95 -4.71 46.27
CA ASN F 299 -33.22 -4.60 47.53
C ASN F 299 -33.94 -5.49 48.54
N VAL F 300 -33.56 -6.76 48.57
CA VAL F 300 -34.18 -7.70 49.48
C VAL F 300 -33.61 -7.48 50.88
N MET F 301 -34.50 -7.33 51.86
CA MET F 301 -34.09 -7.18 53.24
C MET F 301 -34.60 -8.39 54.02
N SER F 302 -33.70 -9.08 54.69
CA SER F 302 -34.05 -10.24 55.50
C SER F 302 -33.39 -10.12 56.86
N GLY F 303 -33.77 -11.00 57.75
CA GLY F 303 -33.27 -10.96 59.11
C GLY F 303 -34.18 -10.19 60.03
N GLY F 304 -34.01 -10.43 61.32
CA GLY F 304 -34.90 -9.84 62.31
C GLY F 304 -34.57 -8.41 62.69
N THR F 305 -33.38 -7.94 62.38
CA THR F 305 -33.04 -6.55 62.67
C THR F 305 -33.62 -5.60 61.63
N THR F 306 -34.03 -6.13 60.50
CA THR F 306 -34.76 -5.36 59.50
C THR F 306 -36.24 -5.30 59.77
N MET F 307 -36.68 -5.68 60.97
CA MET F 307 -38.10 -5.74 61.29
C MET F 307 -38.59 -4.52 62.05
N TYR F 308 -37.79 -3.47 62.10
CA TYR F 308 -38.25 -2.24 62.75
C TYR F 308 -39.34 -1.58 61.92
N PRO F 309 -40.36 -1.02 62.54
CA PRO F 309 -41.33 -0.24 61.79
C PRO F 309 -40.68 0.99 61.18
N GLY F 310 -40.72 1.05 59.85
CA GLY F 310 -40.21 2.20 59.15
C GLY F 310 -38.83 2.04 58.58
N ILE F 311 -38.22 0.86 58.67
CA ILE F 311 -36.86 0.70 58.19
C ILE F 311 -36.82 0.62 56.68
N ALA F 312 -37.87 0.10 56.04
CA ALA F 312 -37.88 0.03 54.58
C ALA F 312 -38.09 1.41 53.97
N ASP F 313 -38.93 2.24 54.60
CA ASP F 313 -39.15 3.59 54.10
C ASP F 313 -37.88 4.43 54.22
N ARG F 314 -37.24 4.41 55.39
CA ARG F 314 -35.98 5.11 55.56
C ARG F 314 -34.92 4.54 54.63
N MET F 315 -34.89 3.23 54.47
CA MET F 315 -33.92 2.58 53.60
C MET F 315 -34.05 3.10 52.18
N GLN F 316 -35.28 3.17 51.68
CA GLN F 316 -35.52 3.64 50.33
C GLN F 316 -35.23 5.12 50.19
N LYS F 317 -35.59 5.92 51.19
CA LYS F 317 -35.31 7.34 51.14
C LYS F 317 -33.80 7.60 51.03
N GLU F 318 -33.02 6.90 51.85
CA GLU F 318 -31.58 7.12 51.83
C GLU F 318 -30.95 6.63 50.53
N ILE F 319 -31.33 5.44 50.06
CA ILE F 319 -30.73 4.96 48.81
C ILE F 319 -31.19 5.82 47.64
N THR F 320 -32.41 6.34 47.68
CA THR F 320 -32.86 7.25 46.63
C THR F 320 -32.05 8.52 46.63
N ALA F 321 -31.70 9.02 47.81
CA ALA F 321 -30.82 10.17 47.90
C ALA F 321 -29.46 9.88 47.29
N LEU F 322 -28.93 8.67 47.54
CA LEU F 322 -27.59 8.35 47.05
C LEU F 322 -27.57 8.06 45.55
N ALA F 323 -28.54 7.31 45.05
CA ALA F 323 -28.55 6.84 43.67
C ALA F 323 -28.97 7.96 42.71
N PRO F 324 -28.74 7.78 41.42
CA PRO F 324 -29.22 8.76 40.45
C PRO F 324 -30.74 8.87 40.47
N SER F 325 -31.25 10.00 39.98
CA SER F 325 -32.67 10.29 40.09
C SER F 325 -33.52 9.52 39.10
N THR F 326 -32.94 8.97 38.05
CA THR F 326 -33.66 8.21 37.05
C THR F 326 -33.73 6.74 37.39
N MET F 327 -33.20 6.35 38.55
CA MET F 327 -33.10 4.96 38.97
C MET F 327 -34.39 4.47 39.62
N LYS F 328 -34.43 3.18 39.84
CA LYS F 328 -35.64 2.44 40.12
C LYS F 328 -35.48 1.80 41.49
N ILE F 329 -35.53 2.61 42.55
CA ILE F 329 -35.22 2.11 43.88
C ILE F 329 -36.45 1.45 44.46
N LYS F 330 -36.36 0.14 44.71
CA LYS F 330 -37.41 -0.57 45.44
C LYS F 330 -36.76 -1.39 46.54
N ILE F 331 -37.29 -1.28 47.74
CA ILE F 331 -36.88 -2.08 48.87
C ILE F 331 -37.91 -3.17 49.07
N ILE F 332 -37.48 -4.41 49.07
CA ILE F 332 -38.36 -5.56 49.18
C ILE F 332 -38.24 -6.11 50.59
N ALA F 333 -39.28 -5.92 51.40
CA ALA F 333 -39.29 -6.34 52.80
C ALA F 333 -40.51 -7.22 53.03
N PRO F 334 -40.37 -8.54 52.80
CA PRO F 334 -41.52 -9.42 53.00
C PRO F 334 -41.96 -9.42 54.44
N PRO F 335 -43.23 -9.68 54.70
CA PRO F 335 -43.69 -9.74 56.09
C PRO F 335 -43.02 -10.81 56.90
N GLU F 336 -42.59 -11.89 56.27
CA GLU F 336 -41.98 -13.04 56.93
C GLU F 336 -40.46 -13.01 56.86
N ARG F 337 -39.86 -11.85 56.62
CA ARG F 337 -38.43 -11.80 56.36
C ARG F 337 -37.59 -12.17 57.57
N LYS F 338 -38.19 -12.30 58.75
CA LYS F 338 -37.44 -12.82 59.88
C LYS F 338 -37.03 -14.27 59.69
N TYR F 339 -37.63 -14.97 58.72
CA TYR F 339 -37.30 -16.37 58.43
C TYR F 339 -36.95 -16.58 56.98
N SER F 340 -36.51 -15.54 56.27
CA SER F 340 -36.20 -15.70 54.86
C SER F 340 -35.03 -16.64 54.66
N VAL F 341 -34.03 -16.58 55.54
CA VAL F 341 -32.88 -17.47 55.40
C VAL F 341 -33.30 -18.91 55.56
N TRP F 342 -34.15 -19.20 56.55
CA TRP F 342 -34.60 -20.57 56.72
C TRP F 342 -35.48 -21.01 55.55
N ILE F 343 -36.38 -20.14 55.09
CA ILE F 343 -37.26 -20.53 53.99
C ILE F 343 -36.46 -20.82 52.74
N GLY F 344 -35.46 -19.98 52.45
CA GLY F 344 -34.60 -20.25 51.31
C GLY F 344 -33.76 -21.49 51.49
N GLY F 345 -33.34 -21.78 52.73
CA GLY F 345 -32.61 -23.00 52.97
C GLY F 345 -33.46 -24.23 52.74
N SER F 346 -34.73 -24.17 53.11
CA SER F 346 -35.63 -25.29 52.85
C SER F 346 -35.99 -25.40 51.37
N ILE F 347 -36.04 -24.27 50.66
CA ILE F 347 -36.21 -24.33 49.21
C ILE F 347 -35.03 -25.02 48.57
N LEU F 348 -33.82 -24.66 48.99
CA LEU F 348 -32.62 -25.21 48.37
C LEU F 348 -32.43 -26.67 48.73
N ALA F 349 -32.57 -27.02 50.01
CA ALA F 349 -32.34 -28.38 50.44
C ALA F 349 -33.35 -29.36 49.85
N SER F 350 -34.51 -28.86 49.43
CA SER F 350 -35.51 -29.69 48.77
C SER F 350 -35.37 -29.72 47.26
N LEU F 351 -34.49 -28.91 46.70
CA LEU F 351 -34.34 -28.83 45.26
C LEU F 351 -33.87 -30.16 44.71
N SER F 352 -34.39 -30.52 43.53
CA SER F 352 -33.98 -31.77 42.92
C SER F 352 -32.55 -31.70 42.37
N THR F 353 -32.15 -30.54 41.85
CA THR F 353 -30.83 -30.37 41.27
C THR F 353 -29.75 -30.19 42.32
N PHE F 354 -30.12 -30.04 43.58
CA PHE F 354 -29.18 -29.83 44.67
C PHE F 354 -28.66 -31.14 45.26
N GLN F 355 -29.25 -32.28 44.91
CA GLN F 355 -29.00 -33.51 45.65
C GLN F 355 -27.63 -34.10 45.37
N GLN F 356 -26.93 -33.64 44.33
CA GLN F 356 -25.54 -34.02 44.13
C GLN F 356 -24.57 -33.03 44.75
N MET F 357 -25.07 -32.02 45.45
CA MET F 357 -24.23 -30.97 46.00
C MET F 357 -24.03 -31.10 47.50
N TRP F 358 -24.63 -32.12 48.12
CA TRP F 358 -24.34 -32.39 49.52
C TRP F 358 -22.90 -32.88 49.67
N ILE F 359 -22.33 -32.63 50.83
CA ILE F 359 -21.04 -33.19 51.19
C ILE F 359 -21.32 -34.51 51.90
N THR F 360 -21.16 -35.62 51.18
CA THR F 360 -21.40 -36.92 51.77
C THR F 360 -20.28 -37.26 52.75
N LYS F 361 -20.57 -38.22 53.63
CA LYS F 361 -19.57 -38.61 54.61
C LYS F 361 -18.41 -39.37 53.98
N GLN F 362 -18.62 -39.97 52.80
CA GLN F 362 -17.49 -40.54 52.07
C GLN F 362 -16.50 -39.47 51.68
N GLU F 363 -16.98 -38.35 51.13
CA GLU F 363 -16.10 -37.26 50.74
C GLU F 363 -15.39 -36.68 51.95
N TYR F 364 -16.09 -36.56 53.07
CA TYR F 364 -15.45 -36.08 54.28
C TYR F 364 -14.35 -37.04 54.72
N ASP F 365 -14.63 -38.34 54.67
CA ASP F 365 -13.60 -39.31 55.05
C ASP F 365 -12.40 -39.26 54.13
N GLU F 366 -12.60 -38.98 52.84
CA GLU F 366 -11.46 -38.81 51.96
C GLU F 366 -10.66 -37.56 52.30
N ALA F 367 -11.33 -36.42 52.46
CA ALA F 367 -10.64 -35.14 52.37
C ALA F 367 -10.68 -34.28 53.64
N GLY F 368 -11.06 -34.82 54.78
CA GLY F 368 -11.03 -34.07 56.01
C GLY F 368 -12.04 -32.94 56.01
N PRO F 369 -12.01 -32.11 57.05
CA PRO F 369 -12.94 -30.97 57.09
C PRO F 369 -12.70 -29.94 56.01
N SER F 370 -11.56 -29.98 55.33
CA SER F 370 -11.26 -28.99 54.30
C SER F 370 -12.08 -29.18 53.04
N ILE F 371 -12.91 -30.22 52.96
CA ILE F 371 -13.77 -30.44 51.81
C ILE F 371 -14.81 -29.34 51.68
N VAL F 372 -15.13 -28.65 52.79
CA VAL F 372 -16.24 -27.71 52.82
C VAL F 372 -15.94 -26.41 52.11
N HIS F 373 -14.68 -26.08 51.88
CA HIS F 373 -14.34 -24.85 51.17
C HIS F 373 -14.44 -25.03 49.67
N ARG F 374 -14.41 -26.26 49.19
CA ARG F 374 -14.37 -26.55 47.77
C ARG F 374 -15.69 -27.15 47.28
N LYS F 375 -16.44 -27.81 48.17
CA LYS F 375 -17.79 -28.23 47.88
C LYS F 375 -18.79 -27.09 48.09
N CYS F 376 -18.57 -26.26 49.09
CA CYS F 376 -19.40 -25.08 49.32
C CYS F 376 -18.70 -23.82 48.84
N ASN G 693 -26.20 19.11 -86.98
CA ASN G 693 -25.56 17.95 -86.39
C ASN G 693 -25.68 17.98 -84.87
N ASP G 694 -26.24 16.91 -84.31
CA ASP G 694 -26.43 16.84 -82.86
C ASP G 694 -25.08 16.78 -82.14
N ILE G 695 -24.14 15.99 -82.66
CA ILE G 695 -22.84 15.84 -82.01
C ILE G 695 -22.14 17.18 -81.92
N ILE G 696 -22.12 17.93 -83.02
CA ILE G 696 -21.39 19.20 -83.05
C ILE G 696 -21.99 20.19 -82.08
N VAL G 697 -23.32 20.32 -82.07
CA VAL G 697 -23.95 21.33 -81.23
C VAL G 697 -23.80 20.95 -79.76
N LEU G 698 -23.90 19.66 -79.44
CA LEU G 698 -23.71 19.24 -78.04
C LEU G 698 -22.29 19.52 -77.58
N ALA G 699 -21.30 19.12 -78.37
CA ALA G 699 -19.92 19.36 -77.98
C ALA G 699 -19.63 20.85 -77.86
N LYS G 700 -20.19 21.65 -78.76
CA LYS G 700 -19.87 23.08 -78.78
C LYS G 700 -20.57 23.83 -77.65
N GLN G 701 -21.76 23.41 -77.24
CA GLN G 701 -22.35 24.03 -76.05
C GLN G 701 -21.61 23.60 -74.79
N MET G 702 -21.11 22.37 -74.75
CA MET G 702 -20.23 22.00 -73.67
C MET G 702 -18.96 22.83 -73.67
N CYS G 703 -18.47 23.18 -74.86
CA CYS G 703 -17.33 24.08 -74.97
C CYS G 703 -17.66 25.45 -74.41
N MET G 704 -18.91 25.91 -74.59
CA MET G 704 -19.34 27.16 -73.95
C MET G 704 -19.25 27.04 -72.43
N ILE G 705 -19.73 25.93 -71.87
CA ILE G 705 -19.63 25.71 -70.43
C ILE G 705 -18.18 25.70 -69.98
N MET G 706 -17.32 25.05 -70.75
CA MET G 706 -15.93 24.84 -70.33
C MET G 706 -15.17 26.17 -70.44
N MET G 707 -15.55 27.00 -71.42
CA MET G 707 -15.09 28.40 -71.43
C MET G 707 -15.51 29.15 -70.20
N GLU G 708 -16.76 28.99 -69.75
CA GLU G 708 -17.15 29.72 -68.54
C GLU G 708 -16.35 29.24 -67.33
N MET G 709 -16.01 27.94 -67.31
CA MET G 709 -15.17 27.42 -66.24
C MET G 709 -13.76 28.02 -66.27
N THR G 710 -13.12 28.08 -67.44
CA THR G 710 -11.83 28.74 -67.50
C THR G 710 -11.93 30.22 -67.14
N ASP G 711 -13.04 30.86 -67.48
CA ASP G 711 -13.19 32.28 -67.16
C ASP G 711 -13.25 32.47 -65.65
N PHE G 712 -13.93 31.55 -64.95
CA PHE G 712 -13.85 31.57 -63.49
C PHE G 712 -12.42 31.33 -63.02
N THR G 713 -11.69 30.46 -63.71
CA THR G 713 -10.28 30.22 -63.36
C THR G 713 -9.46 31.50 -63.44
N ARG G 714 -9.66 32.28 -64.51
CA ARG G 714 -9.02 33.58 -64.64
C ARG G 714 -9.54 34.60 -63.64
N GLY G 715 -10.61 34.27 -62.92
CA GLY G 715 -11.12 35.13 -61.88
C GLY G 715 -12.11 36.18 -62.32
N LYS G 716 -12.55 36.16 -63.58
CA LYS G 716 -13.49 37.16 -64.09
C LYS G 716 -14.37 36.48 -65.13
N GLY G 717 -15.57 36.08 -64.70
CA GLY G 717 -16.50 35.38 -65.55
C GLY G 717 -17.89 35.32 -64.95
N PRO G 718 -18.79 34.57 -65.59
CA PRO G 718 -20.18 34.50 -65.12
C PRO G 718 -20.41 33.64 -63.89
N LEU G 719 -19.36 33.14 -63.24
CA LEU G 719 -19.49 32.30 -62.06
C LEU G 719 -18.83 33.00 -60.88
N LYS G 720 -19.54 33.09 -59.77
CA LYS G 720 -19.06 33.89 -58.64
C LYS G 720 -18.07 33.12 -57.78
N ASN G 721 -18.39 31.87 -57.42
CA ASN G 721 -17.45 31.06 -56.65
C ASN G 721 -17.82 29.59 -56.83
N THR G 722 -17.33 28.75 -55.90
CA THR G 722 -17.31 27.30 -56.09
C THR G 722 -18.68 26.71 -56.41
N SER G 723 -19.75 27.27 -55.86
CA SER G 723 -21.08 26.68 -56.06
C SER G 723 -21.47 26.71 -57.53
N ASP G 724 -21.23 27.83 -58.20
CA ASP G 724 -21.51 27.91 -59.63
C ASP G 724 -20.66 26.90 -60.40
N VAL G 725 -19.42 26.70 -59.95
CA VAL G 725 -18.54 25.74 -60.61
C VAL G 725 -19.07 24.32 -60.44
N ILE G 726 -19.59 24.00 -59.25
CA ILE G 726 -20.15 22.68 -59.00
C ILE G 726 -21.35 22.44 -59.90
N SER G 727 -22.23 23.45 -60.00
CA SER G 727 -23.39 23.32 -60.88
C SER G 727 -22.95 23.13 -62.33
N ALA G 728 -21.96 23.91 -62.78
CA ALA G 728 -21.49 23.80 -64.14
C ALA G 728 -20.88 22.43 -64.40
N ALA G 729 -20.15 21.88 -63.42
CA ALA G 729 -19.60 20.54 -63.56
C ALA G 729 -20.71 19.51 -63.70
N LYS G 730 -21.78 19.65 -62.92
CA LYS G 730 -22.89 18.72 -63.03
C LYS G 730 -23.51 18.76 -64.42
N LYS G 731 -23.74 19.96 -64.96
CA LYS G 731 -24.40 19.99 -66.26
C LYS G 731 -23.46 19.57 -67.38
N ILE G 732 -22.16 19.87 -67.27
CA ILE G 732 -21.23 19.42 -68.30
C ILE G 732 -21.11 17.90 -68.26
N ALA G 733 -21.19 17.29 -67.09
CA ALA G 733 -21.18 15.83 -67.02
C ALA G 733 -22.44 15.23 -67.63
N GLU G 734 -23.60 15.85 -67.38
CA GLU G 734 -24.84 15.37 -68.00
C GLU G 734 -24.75 15.43 -69.53
N ALA G 735 -24.28 16.56 -70.04
CA ALA G 735 -24.11 16.70 -71.49
C ALA G 735 -23.06 15.73 -72.01
N GLY G 736 -22.07 15.39 -71.19
CA GLY G 736 -21.11 14.37 -71.59
C GLY G 736 -21.74 12.99 -71.71
N SER G 737 -22.68 12.67 -70.81
CA SER G 737 -23.39 11.39 -70.95
C SER G 737 -24.24 11.37 -72.22
N ARG G 738 -24.88 12.50 -72.54
CA ARG G 738 -25.59 12.58 -73.81
C ARG G 738 -24.64 12.33 -74.98
N MET G 739 -23.50 13.03 -74.97
CA MET G 739 -22.44 12.78 -75.94
C MET G 739 -22.05 11.31 -75.97
N ASP G 740 -22.10 10.65 -74.82
CA ASP G 740 -21.72 9.25 -74.75
C ASP G 740 -22.68 8.39 -75.56
N LYS G 741 -24.00 8.62 -75.42
CA LYS G 741 -24.92 7.88 -76.31
C LYS G 741 -24.71 8.22 -77.78
N LEU G 742 -24.50 9.50 -78.10
CA LEU G 742 -24.26 9.84 -79.51
C LEU G 742 -23.08 9.05 -80.08
N GLY G 743 -21.97 9.01 -79.34
CA GLY G 743 -20.86 8.17 -79.76
C GLY G 743 -21.18 6.70 -79.81
N ARG G 744 -21.93 6.19 -78.82
CA ARG G 744 -22.34 4.79 -78.83
C ARG G 744 -23.07 4.43 -80.11
N THR G 745 -24.01 5.26 -80.54
CA THR G 745 -24.78 4.96 -81.73
C THR G 745 -23.89 4.96 -82.97
N ILE G 746 -23.05 5.99 -83.11
CA ILE G 746 -22.16 6.06 -84.27
C ILE G 746 -21.22 4.87 -84.29
N ALA G 747 -20.76 4.42 -83.12
CA ALA G 747 -19.92 3.23 -83.06
C ALA G 747 -20.69 1.98 -83.45
N ASP G 748 -21.90 1.81 -82.91
CA ASP G 748 -22.70 0.63 -83.17
C ASP G 748 -23.06 0.50 -84.63
N HIS G 749 -23.07 1.60 -85.38
CA HIS G 749 -23.32 1.53 -86.81
C HIS G 749 -22.03 1.49 -87.64
N CYS G 750 -20.96 0.89 -87.10
CA CYS G 750 -19.67 0.89 -87.77
C CYS G 750 -19.09 -0.52 -87.81
N PRO G 751 -18.34 -0.84 -88.86
CA PRO G 751 -17.66 -2.15 -88.91
C PRO G 751 -16.64 -2.31 -87.80
N ASP G 752 -16.36 -3.58 -87.47
CA ASP G 752 -15.57 -3.90 -86.28
C ASP G 752 -14.16 -3.35 -86.37
N SER G 753 -13.37 -3.83 -87.32
CA SER G 753 -11.97 -3.43 -87.43
C SER G 753 -11.83 -2.09 -88.16
N ALA G 754 -12.55 -1.09 -87.67
CA ALA G 754 -12.64 0.22 -88.29
C ALA G 754 -12.32 1.30 -87.26
N CYS G 755 -12.62 2.55 -87.62
CA CYS G 755 -12.36 3.70 -86.77
C CYS G 755 -13.19 3.65 -85.48
N LYS G 756 -14.01 2.61 -85.32
CA LYS G 756 -14.78 2.48 -84.09
C LYS G 756 -13.91 2.16 -82.89
N GLN G 757 -12.71 1.63 -83.10
CA GLN G 757 -11.83 1.31 -81.98
C GLN G 757 -11.37 2.57 -81.25
N ASP G 758 -10.87 3.55 -82.00
CA ASP G 758 -10.49 4.82 -81.41
C ASP G 758 -11.70 5.51 -80.79
N LEU G 759 -12.85 5.42 -81.46
CA LEU G 759 -14.05 6.10 -80.96
C LEU G 759 -14.48 5.52 -79.63
N LEU G 760 -14.43 4.19 -79.49
CA LEU G 760 -14.76 3.56 -78.21
C LEU G 760 -13.73 3.88 -77.15
N ALA G 761 -12.46 3.99 -77.53
CA ALA G 761 -11.45 4.44 -76.58
C ALA G 761 -11.81 5.81 -76.00
N TYR G 762 -12.10 6.77 -76.88
CA TYR G 762 -12.45 8.10 -76.41
C TYR G 762 -13.76 8.11 -75.63
N LEU G 763 -14.71 7.25 -75.99
CA LEU G 763 -15.95 7.18 -75.23
C LEU G 763 -15.72 6.64 -73.82
N GLN G 764 -14.82 5.68 -73.65
CA GLN G 764 -14.51 5.21 -72.30
C GLN G 764 -13.84 6.30 -71.49
N ARG G 765 -12.97 7.09 -72.12
CA ARG G 765 -12.42 8.25 -71.42
C ARG G 765 -13.52 9.21 -70.99
N ILE G 766 -14.49 9.44 -71.88
CA ILE G 766 -15.61 10.31 -71.55
C ILE G 766 -16.38 9.78 -70.35
N ALA G 767 -16.62 8.47 -70.32
CA ALA G 767 -17.35 7.88 -69.20
C ALA G 767 -16.61 8.08 -67.89
N LEU G 768 -15.30 7.79 -67.87
CA LEU G 768 -14.51 7.99 -66.66
C LEU G 768 -14.58 9.45 -66.20
N TYR G 769 -14.39 10.39 -67.12
CA TYR G 769 -14.33 11.82 -66.72
C TYR G 769 -15.69 12.30 -66.20
N CYS G 770 -16.78 11.97 -66.88
CA CYS G 770 -18.12 12.44 -66.46
C CYS G 770 -18.46 11.90 -65.08
N HIS G 771 -18.19 10.62 -64.84
CA HIS G 771 -18.45 10.00 -63.52
C HIS G 771 -17.61 10.66 -62.43
N GLN G 772 -16.34 10.95 -62.74
CA GLN G 772 -15.45 11.57 -61.74
C GLN G 772 -16.02 12.94 -61.38
N LEU G 773 -16.49 13.70 -62.37
CA LEU G 773 -17.00 15.06 -62.11
C LEU G 773 -18.23 14.96 -61.21
N ASN G 774 -19.14 14.02 -61.48
CA ASN G 774 -20.38 13.98 -60.67
C ASN G 774 -20.11 13.66 -59.20
N ILE G 775 -19.26 12.65 -58.93
CA ILE G 775 -18.90 12.35 -57.51
C ILE G 775 -18.07 13.49 -56.89
N CYS G 776 -17.12 14.04 -57.64
CA CYS G 776 -16.25 15.12 -57.11
C CYS G 776 -17.10 16.35 -56.79
N SER G 777 -18.04 16.68 -57.67
CA SER G 777 -18.96 17.83 -57.40
C SER G 777 -19.80 17.54 -56.16
N LYS G 778 -20.29 16.31 -56.01
CA LYS G 778 -21.06 15.92 -54.80
C LYS G 778 -20.17 16.01 -53.56
N VAL G 779 -18.91 15.57 -53.66
CA VAL G 779 -17.95 15.65 -52.52
C VAL G 779 -17.70 17.12 -52.18
N LYS G 780 -17.54 17.97 -53.20
CA LYS G 780 -17.23 19.40 -52.95
C LYS G 780 -18.47 20.07 -52.38
N ALA G 781 -19.65 19.63 -52.83
CA ALA G 781 -20.90 20.17 -52.29
C ALA G 781 -21.03 19.83 -50.81
N GLU G 782 -20.74 18.58 -50.45
CA GLU G 782 -20.78 18.20 -49.04
C GLU G 782 -19.75 18.96 -48.23
N VAL G 783 -18.55 19.13 -48.77
CA VAL G 783 -17.49 19.85 -48.06
C VAL G 783 -17.89 21.30 -47.80
N GLN G 784 -18.47 21.96 -48.81
CA GLN G 784 -18.96 23.32 -48.63
C GLN G 784 -20.09 23.36 -47.61
N ASN G 785 -21.00 22.38 -47.66
CA ASN G 785 -22.11 22.37 -46.71
C ASN G 785 -21.63 22.14 -45.28
N LEU G 786 -20.49 21.48 -45.10
CA LEU G 786 -20.00 21.23 -43.75
C LEU G 786 -19.18 22.39 -43.23
N GLY G 787 -18.21 22.85 -44.01
CA GLY G 787 -17.35 23.94 -43.58
C GLY G 787 -17.95 25.31 -43.81
N GLY G 794 -12.71 28.74 -52.04
CA GLY G 794 -11.98 27.53 -52.34
C GLY G 794 -11.68 27.34 -53.81
N VAL G 795 -10.88 28.24 -54.38
CA VAL G 795 -10.48 28.12 -55.77
C VAL G 795 -9.65 26.86 -55.98
N ASP G 796 -8.81 26.54 -55.00
CA ASP G 796 -8.05 25.29 -55.03
C ASP G 796 -8.99 24.10 -55.18
N SER G 797 -10.14 24.14 -54.48
CA SER G 797 -11.15 23.10 -54.67
C SER G 797 -11.68 23.13 -56.09
N ALA G 798 -11.91 24.32 -56.64
CA ALA G 798 -12.41 24.42 -58.01
C ALA G 798 -11.44 23.83 -59.03
N MET G 799 -10.15 23.79 -58.70
CA MET G 799 -9.17 23.29 -59.66
C MET G 799 -9.40 21.82 -60.03
N SER G 800 -9.78 20.98 -59.08
CA SER G 800 -10.00 19.57 -59.43
C SER G 800 -11.14 19.43 -60.43
N LEU G 801 -12.26 20.11 -60.17
CA LEU G 801 -13.39 20.06 -61.08
C LEU G 801 -13.04 20.65 -62.44
N ILE G 802 -12.29 21.75 -62.46
CA ILE G 802 -11.91 22.37 -63.73
C ILE G 802 -10.95 21.48 -64.50
N GLN G 803 -10.04 20.79 -63.81
CA GLN G 803 -9.15 19.86 -64.49
C GLN G 803 -9.91 18.68 -65.06
N ALA G 804 -10.85 18.13 -64.31
CA ALA G 804 -11.70 17.07 -64.83
C ALA G 804 -12.50 17.56 -66.04
N ALA G 805 -12.97 18.81 -66.00
CA ALA G 805 -13.70 19.37 -67.12
C ALA G 805 -12.83 19.56 -68.35
N LYS G 806 -11.59 20.02 -68.15
CA LYS G 806 -10.65 20.10 -69.27
C LYS G 806 -10.42 18.74 -69.88
N ASN G 807 -10.21 17.73 -69.04
CA ASN G 807 -9.99 16.38 -69.53
C ASN G 807 -11.20 15.90 -70.34
N LEU G 808 -12.41 16.12 -69.81
CA LEU G 808 -13.63 15.72 -70.50
C LEU G 808 -13.78 16.43 -71.84
N MET G 809 -13.52 17.72 -71.88
CA MET G 809 -13.66 18.48 -73.12
C MET G 809 -12.65 18.01 -74.16
N ASN G 810 -11.42 17.69 -73.73
CA ASN G 810 -10.44 17.16 -74.67
C ASN G 810 -10.89 15.81 -75.22
N ALA G 811 -11.40 14.94 -74.35
CA ALA G 811 -11.92 13.66 -74.80
C ALA G 811 -13.09 13.84 -75.75
N VAL G 812 -13.91 14.86 -75.52
CA VAL G 812 -15.06 15.11 -76.39
C VAL G 812 -14.61 15.61 -77.76
N VAL G 813 -13.59 16.47 -77.80
CA VAL G 813 -13.07 16.88 -79.11
C VAL G 813 -12.53 15.68 -79.87
N GLN G 814 -11.78 14.81 -79.19
CA GLN G 814 -11.29 13.60 -79.83
C GLN G 814 -12.43 12.73 -80.33
N THR G 815 -13.49 12.59 -79.53
CA THR G 815 -14.66 11.81 -79.92
C THR G 815 -15.37 12.43 -81.12
N VAL G 816 -15.44 13.76 -81.17
CA VAL G 816 -16.08 14.43 -82.30
C VAL G 816 -15.35 14.12 -83.60
N LYS G 817 -14.03 14.29 -83.62
CA LYS G 817 -13.29 14.02 -84.86
C LYS G 817 -13.33 12.54 -85.21
N ALA G 818 -13.25 11.66 -84.21
CA ALA G 818 -13.36 10.23 -84.47
C ALA G 818 -14.70 9.88 -85.07
N SER G 819 -15.78 10.48 -84.55
CA SER G 819 -17.11 10.24 -85.09
C SER G 819 -17.21 10.73 -86.52
N TYR G 820 -16.64 11.90 -86.80
CA TYR G 820 -16.68 12.43 -88.16
C TYR G 820 -15.96 11.49 -89.13
N VAL G 821 -14.79 11.01 -88.73
CA VAL G 821 -14.04 10.09 -89.59
C VAL G 821 -14.82 8.80 -89.80
N ALA G 822 -15.43 8.28 -88.73
CA ALA G 822 -16.20 7.04 -88.84
C ALA G 822 -17.38 7.21 -89.79
N SER G 823 -18.08 8.34 -89.69
CA SER G 823 -19.26 8.56 -90.53
C SER G 823 -18.86 8.81 -91.98
N THR G 824 -17.85 9.65 -92.22
CA THR G 824 -17.43 9.92 -93.58
C THR G 824 -16.87 8.68 -94.26
N LYS G 825 -16.02 7.93 -93.54
CA LYS G 825 -15.34 6.78 -94.15
C LYS G 825 -16.31 5.67 -94.52
N TYR G 826 -17.41 5.56 -93.78
CA TYR G 826 -18.38 4.48 -93.98
C TYR G 826 -19.79 5.04 -94.17
N GLN G 827 -19.93 6.03 -95.06
CA GLN G 827 -21.23 6.67 -95.23
C GLN G 827 -22.28 5.72 -95.78
N LYS G 828 -22.08 5.19 -97.00
CA LYS G 828 -23.13 4.35 -97.55
C LYS G 828 -23.01 2.89 -97.15
N SER G 829 -22.27 2.61 -96.08
CA SER G 829 -22.54 1.40 -95.32
C SER G 829 -23.90 1.53 -94.64
N GLN G 830 -24.62 0.41 -94.54
CA GLN G 830 -25.95 0.46 -93.97
C GLN G 830 -25.88 0.82 -92.49
N GLY G 831 -26.92 1.49 -92.01
CA GLY G 831 -26.97 2.00 -90.66
C GLY G 831 -26.48 3.42 -90.51
N MET G 832 -25.34 3.74 -91.14
CA MET G 832 -24.85 5.12 -91.12
C MET G 832 -25.78 6.05 -91.89
N ALA G 833 -26.40 5.56 -92.97
CA ALA G 833 -27.35 6.39 -93.71
C ALA G 833 -28.54 6.77 -92.84
N SER G 834 -29.01 5.84 -92.01
CA SER G 834 -30.10 6.15 -91.09
C SER G 834 -29.70 7.25 -90.12
N LEU G 835 -28.43 7.25 -89.69
CA LEU G 835 -27.93 8.34 -88.86
C LEU G 835 -27.97 9.67 -89.60
N ASN G 836 -27.83 9.64 -90.92
CA ASN G 836 -27.92 10.82 -91.77
C ASN G 836 -26.91 11.89 -91.34
N LEU G 837 -25.64 11.54 -91.46
CA LEU G 837 -24.54 12.40 -91.05
C LEU G 837 -23.58 12.52 -92.23
N PRO G 838 -23.98 13.27 -93.26
CA PRO G 838 -23.31 13.16 -94.57
C PRO G 838 -22.09 14.05 -94.74
N ALA G 839 -21.20 14.09 -93.74
CA ALA G 839 -19.92 14.80 -93.86
C ALA G 839 -20.09 16.29 -94.12
N VAL G 840 -21.33 16.77 -94.17
CA VAL G 840 -21.62 18.19 -94.33
C VAL G 840 -22.27 18.77 -93.08
N SER G 841 -23.13 17.99 -92.41
CA SER G 841 -23.62 18.38 -91.10
C SER G 841 -22.46 18.64 -90.14
N TRP G 842 -21.37 17.92 -90.32
CA TRP G 842 -20.13 18.26 -89.64
C TRP G 842 -19.56 19.54 -90.24
N LYS G 843 -19.29 20.53 -89.38
CA LYS G 843 -18.72 21.80 -89.85
C LYS G 843 -17.20 21.72 -89.80
N MET G 844 -16.65 20.94 -90.72
CA MET G 844 -15.20 20.76 -90.80
C MET G 844 -14.60 21.82 -91.73
N LYS G 845 -13.80 22.71 -91.15
CA LYS G 845 -13.03 23.66 -91.93
C LYS G 845 -11.97 22.91 -92.72
N ALA G 846 -11.49 23.51 -93.80
CA ALA G 846 -10.27 23.02 -94.41
C ALA G 846 -9.08 23.35 -93.50
N PRO G 847 -8.14 22.42 -93.33
CA PRO G 847 -6.95 22.73 -92.54
C PRO G 847 -6.17 23.88 -93.17
N GLU G 848 -5.64 24.75 -92.32
CA GLU G 848 -4.92 25.92 -92.81
C GLU G 848 -3.48 25.56 -93.14
N LYS G 849 -2.92 26.26 -94.11
CA LYS G 849 -1.59 25.95 -94.61
C LYS G 849 -0.54 26.17 -93.54
N LYS G 850 0.55 25.42 -93.65
CA LYS G 850 1.67 25.60 -92.75
C LYS G 850 2.50 26.82 -93.14
N PRO G 851 3.17 27.44 -92.18
CA PRO G 851 4.14 28.49 -92.53
C PRO G 851 5.39 27.88 -93.15
N LEU G 852 5.71 28.32 -94.37
CA LEU G 852 6.87 27.80 -95.07
C LEU G 852 8.16 28.13 -94.33
N VAL G 853 8.29 29.35 -93.85
CA VAL G 853 9.43 29.77 -93.06
C VAL G 853 8.97 30.07 -91.65
N LYS G 854 9.76 29.65 -90.67
CA LYS G 854 9.32 29.68 -89.28
C LYS G 854 10.06 30.74 -88.49
N ASN H 693 62.41 -2.14 -35.12
CA ASN H 693 61.28 -1.23 -34.91
C ASN H 693 60.64 -1.46 -33.53
N ASP H 694 60.58 -0.38 -32.74
CA ASP H 694 60.01 -0.49 -31.39
C ASP H 694 58.52 -0.81 -31.46
N ILE H 695 57.80 -0.16 -32.37
CA ILE H 695 56.36 -0.36 -32.48
C ILE H 695 56.05 -1.82 -32.79
N ILE H 696 56.76 -2.38 -33.76
CA ILE H 696 56.47 -3.75 -34.20
C ILE H 696 56.74 -4.74 -33.07
N VAL H 697 57.88 -4.60 -32.40
CA VAL H 697 58.24 -5.58 -31.36
C VAL H 697 57.31 -5.45 -30.17
N LEU H 698 56.91 -4.23 -29.81
CA LEU H 698 55.97 -4.05 -28.72
C LEU H 698 54.62 -4.69 -29.04
N ALA H 699 54.09 -4.38 -30.22
CA ALA H 699 52.80 -4.95 -30.59
C ALA H 699 52.87 -6.46 -30.68
N LYS H 700 53.97 -7.00 -31.18
CA LYS H 700 54.06 -8.43 -31.40
C LYS H 700 54.27 -9.20 -30.09
N GLN H 701 54.97 -8.61 -29.12
CA GLN H 701 55.03 -9.27 -27.81
C GLN H 701 53.68 -9.19 -27.10
N MET H 702 52.95 -8.09 -27.29
CA MET H 702 51.59 -8.07 -26.79
C MET H 702 50.73 -9.13 -27.48
N CYS H 703 51.00 -9.39 -28.76
CA CYS H 703 50.32 -10.47 -29.45
C CYS H 703 50.65 -11.81 -28.82
N MET H 704 51.89 -11.98 -28.37
CA MET H 704 52.24 -13.21 -27.63
C MET H 704 51.40 -13.34 -26.36
N ILE H 705 51.25 -12.23 -25.62
CA ILE H 705 50.41 -12.26 -24.41
C ILE H 705 48.97 -12.61 -24.77
N MET H 706 48.47 -12.03 -25.85
CA MET H 706 47.06 -12.17 -26.20
C MET H 706 46.79 -13.58 -26.71
N MET H 707 47.80 -14.17 -27.37
CA MET H 707 47.77 -15.62 -27.67
C MET H 707 47.69 -16.45 -26.40
N GLU H 708 48.47 -16.11 -25.38
CA GLU H 708 48.39 -16.92 -24.16
C GLU H 708 47.02 -16.78 -23.51
N MET H 709 46.40 -15.60 -23.64
CA MET H 709 45.04 -15.42 -23.14
C MET H 709 44.02 -16.28 -23.90
N THR H 710 44.09 -16.28 -25.24
CA THR H 710 43.19 -17.18 -25.97
C THR H 710 43.46 -18.63 -25.65
N ASP H 711 44.72 -18.99 -25.39
CA ASP H 711 45.02 -20.38 -25.07
C ASP H 711 44.39 -20.78 -23.74
N PHE H 712 44.38 -19.85 -22.77
CA PHE H 712 43.61 -20.11 -21.56
C PHE H 712 42.12 -20.22 -21.87
N THR H 713 41.63 -19.42 -22.83
CA THR H 713 40.23 -19.52 -23.23
C THR H 713 39.90 -20.92 -23.76
N ARG H 714 40.78 -21.47 -24.59
CA ARG H 714 40.63 -22.84 -25.06
C ARG H 714 40.83 -23.86 -23.96
N GLY H 715 41.28 -23.45 -22.78
CA GLY H 715 41.41 -24.32 -21.66
C GLY H 715 42.71 -25.08 -21.56
N LYS H 716 43.69 -24.79 -22.41
CA LYS H 716 44.96 -25.50 -22.40
C LYS H 716 46.05 -24.51 -22.82
N GLY H 717 46.74 -23.96 -21.83
CA GLY H 717 47.77 -22.97 -22.06
C GLY H 717 48.62 -22.71 -20.83
N PRO H 718 49.50 -21.72 -20.90
CA PRO H 718 50.42 -21.44 -19.79
C PRO H 718 49.80 -20.75 -18.59
N LEU H 719 48.48 -20.57 -18.56
CA LEU H 719 47.80 -19.89 -17.47
C LEU H 719 46.83 -20.87 -16.81
N LYS H 720 46.91 -20.98 -15.48
CA LYS H 720 46.16 -22.02 -14.79
C LYS H 720 44.71 -21.60 -14.53
N ASN H 721 44.50 -20.38 -14.03
CA ASN H 721 43.13 -19.89 -13.83
C ASN H 721 43.16 -18.36 -13.75
N THR H 722 42.10 -17.79 -13.20
CA THR H 722 41.81 -16.36 -13.32
C THR H 722 42.98 -15.47 -12.89
N SER H 723 43.74 -15.89 -11.87
CA SER H 723 44.80 -15.00 -11.36
C SER H 723 45.86 -14.74 -12.42
N ASP H 724 46.27 -15.78 -13.14
CA ASP H 724 47.22 -15.60 -14.23
C ASP H 724 46.63 -14.67 -15.29
N VAL H 725 45.33 -14.79 -15.54
CA VAL H 725 44.68 -13.93 -16.54
C VAL H 725 44.69 -12.48 -16.08
N ILE H 726 44.46 -12.25 -14.79
CA ILE H 726 44.49 -10.89 -14.25
C ILE H 726 45.88 -10.29 -14.40
N SER H 727 46.91 -11.07 -14.07
CA SER H 727 48.27 -10.60 -14.23
C SER H 727 48.58 -10.29 -15.69
N ALA H 728 48.17 -11.17 -16.60
CA ALA H 728 48.41 -10.95 -18.03
C ALA H 728 47.69 -9.71 -18.51
N ALA H 729 46.47 -9.46 -18.04
CA ALA H 729 45.74 -8.25 -18.40
C ALA H 729 46.49 -7.01 -17.93
N LYS H 730 47.04 -7.06 -16.72
CA LYS H 730 47.78 -5.92 -16.22
C LYS H 730 48.99 -5.63 -17.09
N LYS H 731 49.74 -6.66 -17.47
CA LYS H 731 50.95 -6.37 -18.26
C LYS H 731 50.60 -5.99 -19.69
N ILE H 732 49.54 -6.56 -20.26
CA ILE H 732 49.15 -6.15 -21.61
C ILE H 732 48.67 -4.71 -21.60
N ALA H 733 48.00 -4.27 -20.53
CA ALA H 733 47.61 -2.87 -20.45
C ALA H 733 48.82 -1.95 -20.31
N GLU H 734 49.81 -2.36 -19.52
CA GLU H 734 51.03 -1.56 -19.41
C GLU H 734 51.72 -1.41 -20.77
N ALA H 735 51.86 -2.53 -21.48
CA ALA H 735 52.46 -2.48 -22.80
C ALA H 735 51.60 -1.67 -23.77
N GLY H 736 50.29 -1.66 -23.57
CA GLY H 736 49.44 -0.81 -24.37
C GLY H 736 49.68 0.67 -24.12
N SER H 737 49.94 1.05 -22.87
CA SER H 737 50.30 2.44 -22.59
C SER H 737 51.62 2.82 -23.24
N ARG H 738 52.59 1.90 -23.21
CA ARG H 738 53.82 2.14 -23.95
C ARG H 738 53.54 2.36 -25.43
N MET H 739 52.76 1.46 -26.02
CA MET H 739 52.29 1.64 -27.40
C MET H 739 51.61 2.99 -27.59
N ASP H 740 50.93 3.46 -26.55
CA ASP H 740 50.24 4.75 -26.64
C ASP H 740 51.23 5.88 -26.83
N LYS H 741 52.32 5.90 -26.05
CA LYS H 741 53.33 6.93 -26.33
C LYS H 741 53.97 6.77 -27.70
N LEU H 742 54.26 5.54 -28.12
CA LEU H 742 54.85 5.38 -29.46
C LEU H 742 53.94 5.98 -30.53
N GLY H 743 52.64 5.70 -30.46
CA GLY H 743 51.71 6.34 -31.37
C GLY H 743 51.64 7.85 -31.21
N ARG H 744 51.67 8.34 -29.97
CA ARG H 744 51.66 9.78 -29.73
C ARG H 744 52.80 10.46 -30.45
N THR H 745 54.02 9.91 -30.34
CA THR H 745 55.17 10.52 -30.98
C THR H 745 55.03 10.52 -32.50
N ILE H 746 54.65 9.37 -33.07
CA ILE H 746 54.49 9.31 -34.52
C ILE H 746 53.42 10.29 -34.99
N ALA H 747 52.36 10.45 -34.22
CA ALA H 747 51.32 11.44 -34.56
C ALA H 747 51.87 12.86 -34.48
N ASP H 748 52.56 13.17 -33.39
CA ASP H 748 53.06 14.52 -33.17
C ASP H 748 54.05 14.93 -34.24
N HIS H 749 54.70 13.98 -34.91
CA HIS H 749 55.60 14.30 -36.00
C HIS H 749 54.91 14.21 -37.37
N CYS H 750 53.62 14.49 -37.44
CA CYS H 750 52.86 14.34 -38.66
C CYS H 750 52.05 15.60 -38.98
N PRO H 751 51.85 15.91 -40.25
CA PRO H 751 51.00 17.05 -40.61
C PRO H 751 49.56 16.85 -40.17
N ASP H 752 48.85 17.97 -40.00
CA ASP H 752 47.53 17.95 -39.37
C ASP H 752 46.53 17.14 -40.19
N SER H 753 46.22 17.59 -41.39
CA SER H 753 45.19 16.94 -42.21
C SER H 753 45.77 15.73 -42.95
N ALA H 754 46.38 14.82 -42.18
CA ALA H 754 47.08 13.67 -42.70
C ALA H 754 46.57 12.40 -42.01
N CYS H 755 47.30 11.31 -42.20
CA CYS H 755 46.95 10.02 -41.62
C CYS H 755 47.00 10.04 -40.10
N LYS H 756 47.35 11.18 -39.51
CA LYS H 756 47.36 11.30 -38.06
C LYS H 756 45.96 11.25 -37.46
N GLN H 757 44.93 11.55 -38.24
CA GLN H 757 43.57 11.53 -37.73
C GLN H 757 43.15 10.12 -37.36
N ASP H 758 43.34 9.17 -38.29
CA ASP H 758 43.03 7.77 -38.01
C ASP H 758 43.90 7.26 -36.87
N LEU H 759 45.17 7.67 -36.85
CA LEU H 759 46.09 7.18 -35.83
C LEU H 759 45.66 7.64 -34.45
N LEU H 760 45.22 8.90 -34.33
CA LEU H 760 44.72 9.38 -33.05
C LEU H 760 43.42 8.70 -32.66
N ALA H 761 42.56 8.40 -33.65
CA ALA H 761 41.37 7.62 -33.36
C ALA H 761 41.72 6.29 -32.71
N TYR H 762 42.63 5.55 -33.33
CA TYR H 762 43.02 4.26 -32.79
C TYR H 762 43.73 4.39 -31.46
N LEU H 763 44.49 5.46 -31.25
CA LEU H 763 45.14 5.67 -29.97
C LEU H 763 44.13 5.93 -28.86
N GLN H 764 43.05 6.67 -29.14
CA GLN H 764 42.02 6.86 -28.14
C GLN H 764 41.32 5.55 -27.81
N ARG H 765 41.10 4.72 -28.81
CA ARG H 765 40.58 3.37 -28.53
C ARG H 765 41.52 2.61 -27.62
N ILE H 766 42.83 2.70 -27.88
CA ILE H 766 43.82 2.03 -27.05
C ILE H 766 43.73 2.52 -25.62
N ALA H 767 43.61 3.84 -25.44
CA ALA H 767 43.55 4.43 -24.09
C ALA H 767 42.40 3.79 -23.30
N LEU H 768 41.20 3.78 -23.87
CA LEU H 768 40.02 3.25 -23.14
C LEU H 768 40.20 1.76 -22.85
N TYR H 769 40.69 0.97 -23.82
CA TYR H 769 40.79 -0.49 -23.60
C TYR H 769 41.77 -0.81 -22.47
N CYS H 770 42.91 -0.11 -22.43
CA CYS H 770 43.92 -0.33 -21.36
C CYS H 770 43.32 0.06 -20.00
N HIS H 771 42.61 1.19 -19.95
CA HIS H 771 41.98 1.64 -18.68
C HIS H 771 40.91 0.65 -18.22
N GLN H 772 40.10 0.14 -19.16
CA GLN H 772 39.03 -0.81 -18.79
C GLN H 772 39.71 -2.05 -18.21
N LEU H 773 40.78 -2.52 -18.85
CA LEU H 773 41.45 -3.75 -18.36
C LEU H 773 42.00 -3.53 -16.96
N ASN H 774 42.65 -2.38 -16.72
CA ASN H 774 43.29 -2.17 -15.39
C ASN H 774 42.27 -2.12 -14.25
N ILE H 775 41.18 -1.34 -14.41
CA ILE H 775 40.12 -1.32 -13.35
C ILE H 775 39.41 -2.67 -13.25
N CYS H 776 39.09 -3.28 -14.39
CA CYS H 776 38.35 -4.58 -14.38
C CYS H 776 39.21 -5.65 -13.71
N SER H 777 40.51 -5.68 -13.99
CA SER H 777 41.43 -6.64 -13.34
C SER H 777 41.46 -6.38 -11.83
N LYS H 778 41.51 -5.11 -11.42
CA LYS H 778 41.48 -4.75 -9.98
C LYS H 778 40.15 -5.19 -9.37
N VAL H 779 39.03 -5.01 -10.09
CA VAL H 779 37.69 -5.45 -9.60
C VAL H 779 37.69 -6.97 -9.48
N LYS H 780 38.27 -7.67 -10.46
CA LYS H 780 38.27 -9.16 -10.47
C LYS H 780 39.19 -9.64 -9.35
N ALA H 781 40.30 -8.94 -9.13
CA ALA H 781 41.21 -9.28 -8.05
C ALA H 781 40.50 -9.15 -6.71
N GLU H 782 39.78 -8.04 -6.52
CA GLU H 782 39.03 -7.88 -5.26
C GLU H 782 37.95 -8.95 -5.12
N VAL H 783 37.25 -9.27 -6.20
CA VAL H 783 36.20 -10.27 -6.15
C VAL H 783 36.77 -11.63 -5.76
N GLN H 784 37.90 -12.02 -6.35
CA GLN H 784 38.56 -13.26 -5.97
C GLN H 784 39.01 -13.23 -4.53
N ASN H 785 39.56 -12.10 -4.08
CA ASN H 785 40.02 -11.99 -2.70
C ASN H 785 38.87 -12.08 -1.70
N LEU H 786 37.66 -11.69 -2.11
CA LEU H 786 36.53 -11.73 -1.20
C LEU H 786 35.86 -13.10 -1.20
N GLY H 787 35.55 -13.63 -2.38
CA GLY H 787 34.90 -14.92 -2.48
C GLY H 787 35.85 -16.09 -2.41
N GLY H 794 36.35 -19.26 -12.24
CA GLY H 794 35.57 -18.19 -12.84
C GLY H 794 36.00 -17.85 -14.25
N VAL H 795 35.83 -18.80 -15.17
CA VAL H 795 36.16 -18.55 -16.57
C VAL H 795 35.25 -17.47 -17.14
N ASP H 796 33.98 -17.46 -16.72
CA ASP H 796 33.07 -16.40 -17.10
C ASP H 796 33.64 -15.04 -16.71
N SER H 797 34.26 -14.96 -15.54
CA SER H 797 34.94 -13.73 -15.15
C SER H 797 36.10 -13.43 -16.10
N ALA H 798 36.85 -14.46 -16.50
CA ALA H 798 37.96 -14.25 -17.41
C ALA H 798 37.51 -13.74 -18.77
N MET H 799 36.25 -14.00 -19.14
CA MET H 799 35.78 -13.56 -20.46
C MET H 799 35.79 -12.05 -20.63
N SER H 800 35.44 -11.28 -19.59
CA SER H 800 35.46 -9.83 -19.75
C SER H 800 36.86 -9.31 -20.00
N LEU H 801 37.83 -9.80 -19.24
CA LEU H 801 39.22 -9.38 -19.44
C LEU H 801 39.73 -9.84 -20.79
N ILE H 802 39.38 -11.05 -21.22
CA ILE H 802 39.85 -11.53 -22.52
C ILE H 802 39.20 -10.74 -23.66
N GLN H 803 37.94 -10.36 -23.51
CA GLN H 803 37.28 -9.54 -24.53
C GLN H 803 37.91 -8.16 -24.61
N ALA H 804 38.21 -7.56 -23.45
CA ALA H 804 38.91 -6.27 -23.46
C ALA H 804 40.29 -6.41 -24.08
N ALA H 805 40.97 -7.54 -23.84
CA ALA H 805 42.27 -7.77 -24.44
C ALA H 805 42.19 -7.95 -25.95
N LYS H 806 41.16 -8.67 -26.43
CA LYS H 806 40.94 -8.78 -27.87
C LYS H 806 40.72 -7.41 -28.48
N ASN H 807 39.89 -6.60 -27.84
CA ASN H 807 39.63 -5.26 -28.34
C ASN H 807 40.91 -4.44 -28.41
N LEU H 808 41.71 -4.50 -27.34
CA LEU H 808 42.97 -3.75 -27.30
C LEU H 808 43.93 -4.21 -28.39
N MET H 809 44.05 -5.52 -28.59
CA MET H 809 44.96 -6.04 -29.59
C MET H 809 44.51 -5.64 -31.00
N ASN H 810 43.20 -5.64 -31.25
CA ASN H 810 42.70 -5.18 -32.54
C ASN H 810 43.02 -3.70 -32.75
N ALA H 811 42.80 -2.89 -31.73
CA ALA H 811 43.15 -1.47 -31.82
C ALA H 811 44.65 -1.28 -32.03
N VAL H 812 45.47 -2.14 -31.44
CA VAL H 812 46.91 -2.02 -31.61
C VAL H 812 47.33 -2.40 -33.03
N VAL H 813 46.70 -3.41 -33.61
CA VAL H 813 47.01 -3.74 -35.00
C VAL H 813 46.65 -2.57 -35.91
N GLN H 814 45.47 -1.97 -35.68
CA GLN H 814 45.07 -0.81 -36.45
C GLN H 814 46.06 0.34 -36.28
N THR H 815 46.52 0.56 -35.04
CA THR H 815 47.49 1.61 -34.77
C THR H 815 48.83 1.33 -35.45
N VAL H 816 49.25 0.06 -35.49
CA VAL H 816 50.50 -0.30 -36.16
C VAL H 816 50.44 0.05 -37.63
N LYS H 817 49.39 -0.38 -38.33
CA LYS H 817 49.32 -0.08 -39.76
C LYS H 817 49.16 1.42 -40.01
N ALA H 818 48.39 2.11 -39.16
CA ALA H 818 48.26 3.55 -39.30
C ALA H 818 49.60 4.25 -39.12
N SER H 819 50.38 3.80 -38.15
CA SER H 819 51.70 4.38 -37.91
C SER H 819 52.61 4.13 -39.11
N TYR H 820 52.55 2.92 -39.67
CA TYR H 820 53.38 2.62 -40.83
C TYR H 820 53.03 3.53 -42.00
N VAL H 821 51.73 3.70 -42.25
CA VAL H 821 51.30 4.57 -43.35
C VAL H 821 51.74 6.00 -43.09
N ALA H 822 51.60 6.47 -41.86
CA ALA H 822 52.00 7.84 -41.52
C ALA H 822 53.49 8.05 -41.73
N SER H 823 54.31 7.08 -41.31
CA SER H 823 55.75 7.23 -41.45
C SER H 823 56.19 7.11 -42.90
N THR H 824 55.67 6.13 -43.64
CA THR H 824 56.06 5.99 -45.04
C THR H 824 55.61 7.18 -45.87
N LYS H 825 54.37 7.64 -45.67
CA LYS H 825 53.82 8.70 -46.52
C LYS H 825 54.54 10.02 -46.30
N TYR H 826 55.07 10.25 -45.11
CA TYR H 826 55.71 11.50 -44.75
C TYR H 826 57.11 11.27 -44.21
N GLN H 827 57.92 10.48 -44.94
CA GLN H 827 59.24 10.13 -44.42
C GLN H 827 60.16 11.34 -44.35
N LYS H 828 60.46 11.99 -45.47
CA LYS H 828 61.40 13.10 -45.39
C LYS H 828 60.74 14.43 -45.07
N SER H 829 59.53 14.41 -44.52
CA SER H 829 59.09 15.52 -43.71
C SER H 829 59.93 15.56 -42.43
N GLN H 830 60.20 16.77 -41.96
CA GLN H 830 61.05 16.90 -40.78
C GLN H 830 60.36 16.33 -39.55
N GLY H 831 61.16 15.82 -38.62
CA GLY H 831 60.66 15.14 -37.44
C GLY H 831 60.52 13.64 -37.61
N MET H 832 59.96 13.20 -38.74
CA MET H 832 59.88 11.77 -39.01
C MET H 832 61.26 11.15 -39.22
N ALA H 833 62.18 11.91 -39.81
CA ALA H 833 63.54 11.40 -39.99
C ALA H 833 64.21 11.14 -38.64
N SER H 834 63.96 12.02 -37.66
CA SER H 834 64.50 11.80 -36.33
C SER H 834 63.96 10.51 -35.71
N LEU H 835 62.69 10.19 -36.00
CA LEU H 835 62.13 8.91 -35.57
C LEU H 835 62.85 7.75 -36.21
N ASN H 836 63.38 7.94 -37.43
CA ASN H 836 64.16 6.93 -38.14
C ASN H 836 63.36 5.64 -38.31
N LEU H 837 62.27 5.74 -39.05
CA LEU H 837 61.35 4.63 -39.29
C LEU H 837 61.17 4.49 -40.80
N PRO H 838 62.20 3.99 -41.49
CA PRO H 838 62.25 4.17 -42.96
C PRO H 838 61.54 3.09 -43.75
N ALA H 839 60.32 2.72 -43.35
CA ALA H 839 59.48 1.79 -44.11
C ALA H 839 60.11 0.42 -44.29
N VAL H 840 61.29 0.22 -43.71
CA VAL H 840 61.96 -1.07 -43.73
C VAL H 840 62.03 -1.69 -42.34
N SER H 841 62.23 -0.87 -41.31
CA SER H 841 62.09 -1.34 -39.94
C SER H 841 60.72 -1.96 -39.72
N TRP H 842 59.70 -1.46 -40.42
CA TRP H 842 58.42 -2.14 -40.48
C TRP H 842 58.56 -3.40 -41.31
N LYS H 843 58.16 -4.53 -40.75
CA LYS H 843 58.22 -5.80 -41.46
C LYS H 843 56.90 -6.05 -42.19
N MET H 844 56.70 -5.26 -43.25
CA MET H 844 55.49 -5.36 -44.06
C MET H 844 55.70 -6.37 -45.19
N LYS H 845 54.96 -7.47 -45.11
CA LYS H 845 54.94 -8.43 -46.20
C LYS H 845 54.25 -7.80 -47.41
N ALA H 846 54.53 -8.33 -48.59
CA ALA H 846 53.70 -8.01 -49.73
C ALA H 846 52.33 -8.70 -49.58
N PRO H 847 51.23 -8.01 -49.88
CA PRO H 847 49.92 -8.66 -49.82
C PRO H 847 49.86 -9.83 -50.78
N GLU H 848 49.22 -10.91 -50.35
CA GLU H 848 49.14 -12.11 -51.16
C GLU H 848 48.01 -12.00 -52.17
N LYS H 849 48.20 -12.66 -53.31
CA LYS H 849 47.26 -12.54 -54.42
C LYS H 849 45.90 -13.12 -54.04
N LYS H 850 44.86 -12.60 -54.68
CA LYS H 850 43.52 -13.12 -54.47
C LYS H 850 43.33 -14.41 -55.27
N PRO H 851 42.43 -15.28 -54.80
CA PRO H 851 42.07 -16.44 -55.63
C PRO H 851 41.18 -16.02 -56.79
N LEU H 852 41.62 -16.32 -58.01
CA LEU H 852 40.86 -15.94 -59.19
C LEU H 852 39.49 -16.62 -59.22
N VAL H 853 39.45 -17.91 -58.89
CA VAL H 853 38.21 -18.66 -58.82
C VAL H 853 37.98 -19.06 -57.38
N LYS H 854 36.74 -18.95 -56.93
CA LYS H 854 36.43 -19.09 -55.52
C LYS H 854 35.69 -20.40 -55.24
N ASN I 693 -42.45 -6.49 -35.46
CA ASN I 693 -41.40 -7.19 -34.74
C ASN I 693 -41.59 -7.04 -33.22
N ASP I 694 -41.67 -8.18 -32.53
CA ASP I 694 -41.87 -8.15 -31.09
C ASP I 694 -40.67 -7.54 -30.37
N ILE I 695 -39.46 -7.90 -30.81
CA ILE I 695 -38.24 -7.40 -30.15
C ILE I 695 -38.19 -5.89 -30.23
N ILE I 696 -38.45 -5.33 -31.42
CA ILE I 696 -38.33 -3.89 -31.61
C ILE I 696 -39.35 -3.15 -30.76
N VAL I 697 -40.60 -3.61 -30.77
CA VAL I 697 -41.64 -2.88 -30.05
C VAL I 697 -41.41 -2.98 -28.53
N LEU I 698 -40.96 -4.14 -28.06
CA LEU I 698 -40.67 -4.28 -26.64
C LEU I 698 -39.53 -3.36 -26.21
N ALA I 699 -38.44 -3.38 -26.97
CA ALA I 699 -37.31 -2.53 -26.61
C ALA I 699 -37.70 -1.05 -26.68
N LYS I 700 -38.50 -0.69 -27.67
CA LYS I 700 -38.82 0.73 -27.87
C LYS I 700 -39.83 1.24 -26.84
N GLN I 701 -40.74 0.39 -26.37
CA GLN I 701 -41.59 0.83 -25.26
C GLN I 701 -40.80 0.92 -23.96
N MET I 702 -39.82 0.02 -23.77
CA MET I 702 -38.91 0.20 -22.66
C MET I 702 -38.12 1.49 -22.79
N CYS I 703 -37.78 1.88 -24.01
CA CYS I 703 -37.14 3.15 -24.23
C CYS I 703 -38.05 4.30 -23.84
N MET I 704 -39.36 4.16 -24.08
CA MET I 704 -40.31 5.17 -23.59
C MET I 704 -40.25 5.28 -22.06
N ILE I 705 -40.23 4.14 -21.37
CA ILE I 705 -40.12 4.16 -19.92
C ILE I 705 -38.82 4.83 -19.48
N MET I 706 -37.73 4.52 -20.17
CA MET I 706 -36.41 4.98 -19.73
C MET I 706 -36.28 6.48 -20.02
N MET I 707 -36.94 6.95 -21.08
CA MET I 707 -37.12 8.40 -21.29
C MET I 707 -37.88 9.04 -20.14
N GLU I 708 -38.96 8.41 -19.66
CA GLU I 708 -39.68 9.03 -18.55
C GLU I 708 -38.82 9.08 -17.30
N MET I 709 -37.95 8.07 -17.13
CA MET I 709 -37.01 8.09 -16.00
C MET I 709 -36.00 9.23 -16.12
N THR I 710 -35.39 9.43 -17.30
CA THR I 710 -34.51 10.58 -17.45
C THR I 710 -35.24 11.89 -17.27
N ASP I 711 -36.50 11.95 -17.69
CA ASP I 711 -37.26 13.19 -17.53
C ASP I 711 -37.48 13.50 -16.06
N PHE I 712 -37.71 12.48 -15.25
CA PHE I 712 -37.73 12.70 -13.80
C PHE I 712 -36.35 13.15 -13.32
N THR I 713 -35.29 12.60 -13.90
CA THR I 713 -33.94 13.03 -13.53
C THR I 713 -33.74 14.53 -13.79
N ARG I 714 -34.21 15.02 -14.93
CA ARG I 714 -34.18 16.44 -15.24
C ARG I 714 -35.14 17.24 -14.36
N GLY I 715 -35.99 16.57 -13.60
CA GLY I 715 -36.87 17.24 -12.67
C GLY I 715 -38.19 17.70 -13.23
N LYS I 716 -38.52 17.34 -14.47
CA LYS I 716 -39.76 17.78 -15.10
C LYS I 716 -40.22 16.67 -16.02
N GLY I 717 -41.15 15.85 -15.55
CA GLY I 717 -41.66 14.72 -16.30
C GLY I 717 -42.91 14.14 -15.68
N PRO I 718 -43.37 13.00 -16.21
CA PRO I 718 -44.62 12.40 -15.73
C PRO I 718 -44.51 11.67 -14.40
N LEU I 719 -43.38 11.75 -13.70
CA LEU I 719 -43.18 11.08 -12.42
C LEU I 719 -42.94 12.13 -11.35
N LYS I 720 -43.69 12.03 -10.24
CA LYS I 720 -43.64 13.08 -9.24
C LYS I 720 -42.46 12.91 -8.29
N ASN I 721 -42.23 11.71 -7.78
CA ASN I 721 -41.08 11.47 -6.92
C ASN I 721 -40.76 9.98 -6.91
N THR I 722 -40.00 9.55 -5.89
CA THR I 722 -39.36 8.24 -5.89
C THR I 722 -40.33 7.08 -6.14
N SER I 723 -41.56 7.19 -5.64
CA SER I 723 -42.49 6.05 -5.77
C SER I 723 -42.79 5.75 -7.22
N ASP I 724 -43.04 6.78 -8.02
CA ASP I 724 -43.25 6.56 -9.45
C ASP I 724 -42.02 5.93 -10.09
N VAL I 725 -40.82 6.34 -9.63
CA VAL I 725 -39.59 5.78 -10.18
C VAL I 725 -39.46 4.30 -9.83
N ILE I 726 -39.85 3.94 -8.60
CA ILE I 726 -39.81 2.54 -8.19
C ILE I 726 -40.75 1.70 -9.04
N SER I 727 -41.96 2.21 -9.26
CA SER I 727 -42.91 1.50 -10.11
C SER I 727 -42.38 1.35 -11.53
N ALA I 728 -41.80 2.42 -12.08
CA ALA I 728 -41.25 2.37 -13.43
C ALA I 728 -40.11 1.37 -13.51
N ALA I 729 -39.26 1.31 -12.48
CA ALA I 729 -38.19 0.33 -12.46
C ALA I 729 -38.75 -1.08 -12.46
N LYS I 730 -39.80 -1.32 -11.69
CA LYS I 730 -40.40 -2.65 -11.68
C LYS I 730 -40.91 -3.04 -13.06
N LYS I 731 -41.61 -2.13 -13.74
CA LYS I 731 -42.15 -2.53 -15.03
C LYS I 731 -41.07 -2.64 -16.10
N ILE I 732 -40.03 -1.80 -16.03
CA ILE I 732 -38.96 -1.92 -17.00
C ILE I 732 -38.20 -3.22 -16.79
N ALA I 733 -38.06 -3.68 -15.53
CA ALA I 733 -37.44 -4.96 -15.28
C ALA I 733 -38.29 -6.12 -15.81
N GLU I 734 -39.62 -6.03 -15.63
CA GLU I 734 -40.49 -7.07 -16.17
C GLU I 734 -40.36 -7.14 -17.70
N ALA I 735 -40.40 -5.98 -18.35
CA ALA I 735 -40.25 -5.97 -19.80
C ALA I 735 -38.86 -6.44 -20.21
N GLY I 736 -37.85 -6.22 -19.38
CA GLY I 736 -36.54 -6.77 -19.64
C GLY I 736 -36.51 -8.28 -19.59
N SER I 737 -37.25 -8.88 -18.65
CA SER I 737 -37.35 -10.34 -18.62
C SER I 737 -38.05 -10.88 -19.87
N ARG I 738 -39.10 -10.18 -20.32
CA ARG I 738 -39.71 -10.55 -21.59
C ARG I 738 -38.69 -10.50 -22.72
N MET I 739 -37.95 -9.38 -22.81
CA MET I 739 -36.86 -9.27 -23.76
C MET I 739 -35.87 -10.41 -23.61
N ASP I 740 -35.69 -10.89 -22.38
CA ASP I 740 -34.75 -11.98 -22.14
C ASP I 740 -35.20 -13.25 -22.83
N LYS I 741 -36.50 -13.60 -22.71
CA LYS I 741 -36.97 -14.75 -23.49
C LYS I 741 -36.86 -14.53 -25.00
N LEU I 742 -37.20 -13.33 -25.48
CA LEU I 742 -37.08 -13.10 -26.92
C LEU I 742 -35.65 -13.36 -27.40
N GLY I 743 -34.66 -12.83 -26.67
CA GLY I 743 -33.27 -13.14 -26.99
C GLY I 743 -32.94 -14.61 -26.84
N ARG I 744 -33.44 -15.27 -25.81
CA ARG I 744 -33.20 -16.70 -25.64
C ARG I 744 -33.65 -17.49 -26.85
N THR I 745 -34.85 -17.20 -27.37
CA THR I 745 -35.35 -17.94 -28.52
C THR I 745 -34.49 -17.69 -29.75
N ILE I 746 -34.17 -16.42 -30.02
CA ILE I 746 -33.35 -16.11 -31.18
C ILE I 746 -31.97 -16.79 -31.07
N ALA I 747 -31.42 -16.85 -29.86
CA ALA I 747 -30.15 -17.55 -29.66
C ALA I 747 -30.30 -19.05 -29.88
N ASP I 748 -31.35 -19.65 -29.32
CA ASP I 748 -31.54 -21.09 -29.42
C ASP I 748 -31.74 -21.53 -30.86
N HIS I 749 -32.20 -20.63 -31.73
CA HIS I 749 -32.33 -20.97 -33.14
C HIS I 749 -31.11 -20.55 -33.96
N CYS I 750 -29.92 -20.56 -33.38
CA CYS I 750 -28.72 -20.08 -34.03
C CYS I 750 -27.59 -21.10 -33.92
N PRO I 751 -26.72 -21.18 -34.92
CA PRO I 751 -25.55 -22.06 -34.82
C PRO I 751 -24.61 -21.64 -33.70
N ASP I 752 -23.83 -22.61 -33.22
CA ASP I 752 -23.04 -22.43 -32.00
C ASP I 752 -21.99 -21.33 -32.17
N SER I 753 -21.04 -21.53 -33.06
CA SER I 753 -19.94 -20.58 -33.24
C SER I 753 -20.35 -19.41 -34.12
N ALA I 754 -21.45 -18.77 -33.76
CA ALA I 754 -22.06 -17.71 -34.54
C ALA I 754 -22.28 -16.48 -33.65
N CYS I 755 -23.07 -15.54 -34.16
CA CYS I 755 -23.38 -14.30 -33.45
C CYS I 755 -24.16 -14.54 -32.17
N LYS I 756 -24.46 -15.81 -31.87
CA LYS I 756 -25.16 -16.13 -30.63
C LYS I 756 -24.29 -15.89 -29.40
N GLN I 757 -22.97 -15.87 -29.56
CA GLN I 757 -22.09 -15.66 -28.42
C GLN I 757 -22.25 -14.25 -27.86
N ASP I 758 -22.19 -13.25 -28.73
CA ASP I 758 -22.41 -11.87 -28.30
C ASP I 758 -23.83 -11.71 -27.75
N LEU I 759 -24.79 -12.36 -28.40
CA LEU I 759 -26.19 -12.20 -27.98
C LEU I 759 -26.39 -12.77 -26.57
N LEU I 760 -25.77 -13.91 -26.28
CA LEU I 760 -25.87 -14.47 -24.94
C LEU I 760 -25.13 -13.61 -23.93
N ALA I 761 -24.01 -13.00 -24.33
CA ALA I 761 -23.33 -12.06 -23.45
C ALA I 761 -24.26 -10.93 -23.04
N TYR I 762 -24.90 -10.31 -24.02
CA TYR I 762 -25.82 -9.21 -23.73
C TYR I 762 -27.03 -9.66 -22.94
N LEU I 763 -27.51 -10.88 -23.19
CA LEU I 763 -28.63 -11.40 -22.41
C LEU I 763 -28.26 -11.61 -20.94
N GLN I 764 -27.04 -12.08 -20.67
CA GLN I 764 -26.62 -12.20 -19.27
C GLN I 764 -26.52 -10.84 -18.60
N ARG I 765 -26.04 -9.84 -19.33
CA ARG I 765 -26.07 -8.48 -18.79
C ARG I 765 -27.50 -8.06 -18.48
N ILE I 766 -28.42 -8.31 -19.41
CA ILE I 766 -29.85 -7.95 -19.21
C ILE I 766 -30.33 -8.59 -17.90
N ALA I 767 -30.02 -9.87 -17.70
CA ALA I 767 -30.54 -10.59 -16.51
C ALA I 767 -30.02 -9.96 -15.21
N LEU I 768 -28.74 -9.60 -15.15
CA LEU I 768 -28.21 -8.93 -13.94
C LEU I 768 -28.89 -7.58 -13.72
N TYR I 769 -29.05 -6.79 -14.78
CA TYR I 769 -29.62 -5.43 -14.62
C TYR I 769 -31.07 -5.52 -14.14
N CYS I 770 -31.86 -6.44 -14.72
CA CYS I 770 -33.27 -6.60 -14.29
C CYS I 770 -33.33 -7.06 -12.84
N HIS I 771 -32.47 -8.00 -12.47
CA HIS I 771 -32.46 -8.52 -11.07
C HIS I 771 -32.06 -7.42 -10.10
N GLN I 772 -31.06 -6.62 -10.48
CA GLN I 772 -30.60 -5.54 -9.57
C GLN I 772 -31.77 -4.58 -9.38
N LEU I 773 -32.48 -4.25 -10.47
CA LEU I 773 -33.58 -3.26 -10.35
C LEU I 773 -34.66 -3.81 -9.43
N ASN I 774 -35.04 -5.10 -9.59
CA ASN I 774 -36.16 -5.62 -8.76
C ASN I 774 -35.83 -5.65 -7.26
N ILE I 775 -34.64 -6.14 -6.90
CA ILE I 775 -34.25 -6.12 -5.45
C ILE I 775 -34.05 -4.69 -4.95
N CYS I 776 -33.40 -3.83 -5.75
CA CYS I 776 -33.14 -2.43 -5.34
C CYS I 776 -34.45 -1.67 -5.16
N SER I 777 -35.42 -1.87 -6.07
CA SER I 777 -36.75 -1.22 -5.95
C SER I 777 -37.44 -1.70 -4.68
N LYS I 778 -37.34 -3.00 -4.36
CA LYS I 778 -37.90 -3.55 -3.11
C LYS I 778 -37.19 -2.91 -1.91
N VAL I 779 -35.87 -2.75 -2.01
CA VAL I 779 -35.06 -2.15 -0.90
C VAL I 779 -35.54 -0.72 -0.69
N LYS I 780 -35.63 0.07 -1.76
CA LYS I 780 -36.00 1.48 -1.58
C LYS I 780 -37.48 1.65 -1.25
N ALA I 781 -38.34 0.73 -1.69
CA ALA I 781 -39.71 0.74 -1.21
C ALA I 781 -39.75 0.55 0.30
N GLU I 782 -38.97 -0.40 0.80
CA GLU I 782 -38.91 -0.59 2.25
C GLU I 782 -38.34 0.63 2.96
N VAL I 783 -37.30 1.24 2.38
CA VAL I 783 -36.69 2.42 3.00
C VAL I 783 -37.69 3.57 3.07
N GLN I 784 -38.45 3.80 1.99
CA GLN I 784 -39.48 4.83 2.01
C GLN I 784 -40.56 4.49 3.03
N ASN I 785 -40.96 3.22 3.10
CA ASN I 785 -42.00 2.84 4.06
C ASN I 785 -41.54 3.00 5.50
N LEU I 786 -40.24 2.92 5.75
CA LEU I 786 -39.74 3.05 7.11
C LEU I 786 -39.52 4.51 7.49
N GLY I 787 -38.82 5.26 6.65
CA GLY I 787 -38.52 6.65 6.92
C GLY I 787 -39.64 7.59 6.53
N GLY I 794 -36.01 11.97 -2.10
CA GLY I 794 -34.81 11.17 -2.25
C GLY I 794 -34.39 10.95 -3.69
N VAL I 795 -34.04 12.05 -4.38
CA VAL I 795 -33.56 11.95 -5.75
C VAL I 795 -32.26 11.16 -5.81
N ASP I 796 -31.40 11.34 -4.79
CA ASP I 796 -30.19 10.54 -4.68
C ASP I 796 -30.52 9.05 -4.66
N SER I 797 -31.60 8.68 -3.98
CA SER I 797 -32.06 7.30 -4.02
C SER I 797 -32.49 6.91 -5.43
N ALA I 798 -33.18 7.82 -6.13
CA ALA I 798 -33.61 7.54 -7.49
C ALA I 798 -32.44 7.32 -8.43
N MET I 799 -31.27 7.87 -8.12
CA MET I 799 -30.12 7.74 -9.01
C MET I 799 -29.69 6.29 -9.20
N SER I 800 -29.72 5.47 -8.15
CA SER I 800 -29.30 4.08 -8.32
C SER I 800 -30.21 3.34 -9.28
N LEU I 801 -31.53 3.51 -9.11
CA LEU I 801 -32.49 2.87 -9.99
C LEU I 801 -32.37 3.39 -11.42
N ILE I 802 -32.15 4.69 -11.57
CA ILE I 802 -32.02 5.26 -12.91
C ILE I 802 -30.74 4.79 -13.58
N GLN I 803 -29.66 4.65 -12.81
CA GLN I 803 -28.41 4.12 -13.37
C GLN I 803 -28.57 2.68 -13.80
N ALA I 804 -29.22 1.86 -12.97
CA ALA I 804 -29.51 0.49 -13.36
C ALA I 804 -30.39 0.43 -14.60
N ALA I 805 -31.35 1.36 -14.71
CA ALA I 805 -32.20 1.41 -15.89
C ALA I 805 -31.43 1.83 -17.13
N LYS I 806 -30.52 2.79 -17.01
CA LYS I 806 -29.66 3.14 -18.14
C LYS I 806 -28.84 1.95 -18.58
N ASN I 807 -28.26 1.24 -17.62
CA ASN I 807 -27.47 0.06 -17.95
C ASN I 807 -28.30 -0.98 -18.67
N LEU I 808 -29.52 -1.24 -18.17
CA LEU I 808 -30.40 -2.21 -18.79
C LEU I 808 -30.79 -1.80 -20.21
N MET I 809 -31.11 -0.52 -20.41
CA MET I 809 -31.49 -0.06 -21.73
C MET I 809 -30.34 -0.16 -22.72
N ASN I 810 -29.12 0.13 -22.26
CA ASN I 810 -27.96 -0.03 -23.13
C ASN I 810 -27.76 -1.50 -23.52
N ALA I 811 -27.88 -2.39 -22.53
CA ALA I 811 -27.79 -3.81 -22.83
C ALA I 811 -28.88 -4.26 -23.78
N VAL I 812 -30.08 -3.68 -23.67
CA VAL I 812 -31.18 -4.06 -24.56
C VAL I 812 -30.92 -3.57 -25.97
N VAL I 813 -30.36 -2.37 -26.14
CA VAL I 813 -30.00 -1.92 -27.48
C VAL I 813 -28.97 -2.86 -28.09
N GLN I 814 -27.96 -3.23 -27.31
CA GLN I 814 -26.96 -4.17 -27.81
C GLN I 814 -27.60 -5.50 -28.18
N THR I 815 -28.53 -5.99 -27.36
CA THR I 815 -29.24 -7.24 -27.65
C THR I 815 -30.08 -7.12 -28.91
N VAL I 816 -30.72 -5.97 -29.13
CA VAL I 816 -31.53 -5.77 -30.33
C VAL I 816 -30.68 -5.90 -31.58
N LYS I 817 -29.55 -5.17 -31.63
CA LYS I 817 -28.73 -5.24 -32.83
C LYS I 817 -28.10 -6.62 -33.00
N ALA I 818 -27.71 -7.26 -31.89
CA ALA I 818 -27.17 -8.61 -31.98
C ALA I 818 -28.21 -9.58 -32.53
N SER I 819 -29.46 -9.45 -32.08
CA SER I 819 -30.53 -10.30 -32.56
C SER I 819 -30.77 -10.07 -34.05
N TYR I 820 -30.74 -8.80 -34.48
CA TYR I 820 -30.95 -8.50 -35.89
C TYR I 820 -29.85 -9.14 -36.73
N VAL I 821 -28.60 -9.02 -36.29
CA VAL I 821 -27.50 -9.63 -37.04
C VAL I 821 -27.64 -11.14 -37.08
N ALA I 822 -28.01 -11.74 -35.94
CA ALA I 822 -28.17 -13.20 -35.89
C ALA I 822 -29.27 -13.66 -36.85
N SER I 823 -30.39 -12.95 -36.89
CA SER I 823 -31.50 -13.35 -37.74
C SER I 823 -31.19 -13.13 -39.21
N THR I 824 -30.62 -11.97 -39.55
CA THR I 824 -30.30 -11.70 -40.95
C THR I 824 -29.22 -12.65 -41.46
N LYS I 825 -28.18 -12.88 -40.68
CA LYS I 825 -27.04 -13.67 -41.14
C LYS I 825 -27.42 -15.13 -41.36
N TYR I 826 -28.41 -15.63 -40.61
CA TYR I 826 -28.81 -17.02 -40.66
C TYR I 826 -30.31 -17.15 -40.91
N GLN I 827 -30.83 -16.44 -41.91
CA GLN I 827 -32.26 -16.43 -42.15
C GLN I 827 -32.78 -17.81 -42.57
N LYS I 828 -32.31 -18.33 -43.71
CA LYS I 828 -32.88 -19.60 -44.15
C LYS I 828 -32.15 -20.80 -43.57
N SER I 829 -31.42 -20.63 -42.48
CA SER I 829 -31.17 -21.73 -41.58
C SER I 829 -32.49 -22.12 -40.90
N GLN I 830 -32.66 -23.42 -40.67
CA GLN I 830 -33.92 -23.89 -40.09
C GLN I 830 -34.08 -23.37 -38.67
N GLY I 831 -35.32 -23.15 -38.26
CA GLY I 831 -35.65 -22.57 -36.98
C GLY I 831 -35.82 -21.06 -37.02
N MET I 832 -34.90 -20.36 -37.68
CA MET I 832 -35.06 -18.91 -37.85
C MET I 832 -36.25 -18.57 -38.72
N ALA I 833 -36.56 -19.40 -39.72
CA ALA I 833 -37.73 -19.15 -40.55
C ALA I 833 -39.00 -19.22 -39.72
N SER I 834 -39.07 -20.16 -38.78
CA SER I 834 -40.24 -20.25 -37.90
C SER I 834 -40.38 -18.98 -37.07
N LEU I 835 -39.27 -18.38 -36.67
CA LEU I 835 -39.32 -17.09 -35.97
C LEU I 835 -39.89 -16.01 -36.87
N ASN I 836 -39.69 -16.13 -38.19
CA ASN I 836 -40.24 -15.20 -39.18
C ASN I 836 -39.81 -13.77 -38.89
N LEU I 837 -38.50 -13.55 -38.97
CA LEU I 837 -37.89 -12.25 -38.68
C LEU I 837 -37.03 -11.86 -39.88
N PRO I 838 -37.66 -11.49 -40.99
CA PRO I 838 -36.95 -11.45 -42.28
C PRO I 838 -36.22 -10.15 -42.57
N ALA I 839 -35.49 -9.60 -41.60
CA ALA I 839 -34.63 -8.45 -41.80
C ALA I 839 -35.41 -7.21 -42.25
N VAL I 840 -36.73 -7.32 -42.34
CA VAL I 840 -37.60 -6.20 -42.68
C VAL I 840 -38.49 -5.82 -41.51
N SER I 841 -38.95 -6.80 -40.73
CA SER I 841 -39.63 -6.51 -39.48
C SER I 841 -38.74 -5.67 -38.57
N TRP I 842 -37.43 -5.86 -38.66
CA TRP I 842 -36.50 -4.94 -38.05
C TRP I 842 -36.50 -3.63 -38.81
N LYS I 843 -36.72 -2.53 -38.08
CA LYS I 843 -36.72 -1.20 -38.70
C LYS I 843 -35.33 -0.60 -38.66
N MET I 844 -34.45 -1.16 -39.48
CA MET I 844 -33.06 -0.72 -39.55
C MET I 844 -32.93 0.38 -40.60
N LYS I 845 -32.62 1.58 -40.15
CA LYS I 845 -32.29 2.67 -41.05
C LYS I 845 -30.97 2.37 -41.75
N ALA I 846 -30.76 3.01 -42.89
CA ALA I 846 -29.42 3.01 -43.45
C ALA I 846 -28.53 3.93 -42.61
N PRO I 847 -27.29 3.52 -42.33
CA PRO I 847 -26.38 4.40 -41.58
C PRO I 847 -26.14 5.70 -42.35
N GLU I 848 -26.07 6.80 -41.63
CA GLU I 848 -25.90 8.10 -42.27
C GLU I 848 -24.43 8.36 -42.56
N LYS I 849 -24.19 9.12 -43.62
CA LYS I 849 -22.84 9.35 -44.09
C LYS I 849 -22.02 10.12 -43.06
N LYS I 850 -20.72 9.92 -43.10
CA LYS I 850 -19.82 10.66 -42.22
C LYS I 850 -19.58 12.06 -42.76
N PRO I 851 -19.28 13.01 -41.90
CA PRO I 851 -18.85 14.33 -42.39
C PRO I 851 -17.43 14.26 -42.95
N LEU I 852 -17.27 14.65 -44.22
CA LEU I 852 -15.97 14.60 -44.85
C LEU I 852 -14.98 15.53 -44.17
N VAL I 853 -15.42 16.74 -43.83
CA VAL I 853 -14.59 17.71 -43.12
C VAL I 853 -15.21 17.92 -41.75
N LYS I 854 -14.36 18.00 -40.74
CA LYS I 854 -14.82 18.00 -39.36
C LYS I 854 -14.65 19.37 -38.71
N ASN J 693 -48.46 -30.60 18.95
CA ASN J 693 -47.25 -30.69 19.75
C ASN J 693 -47.56 -30.46 21.23
N ASP J 694 -47.18 -31.43 22.07
CA ASP J 694 -47.43 -31.33 23.50
C ASP J 694 -46.64 -30.18 24.12
N ILE J 695 -45.38 -30.03 23.73
CA ILE J 695 -44.53 -28.99 24.30
C ILE J 695 -45.12 -27.62 24.03
N ILE J 696 -45.53 -27.37 22.79
CA ILE J 696 -46.02 -26.06 22.41
C ILE J 696 -47.29 -25.72 23.17
N VAL J 697 -48.24 -26.67 23.23
CA VAL J 697 -49.52 -26.37 23.86
C VAL J 697 -49.35 -26.19 25.36
N LEU J 698 -48.46 -26.98 25.99
CA LEU J 698 -48.21 -26.82 27.41
C LEU J 698 -47.60 -25.46 27.70
N ALA J 699 -46.56 -25.09 26.96
CA ALA J 699 -45.92 -23.81 27.19
C ALA J 699 -46.89 -22.66 26.93
N LYS J 700 -47.73 -22.78 25.92
CA LYS J 700 -48.60 -21.68 25.54
C LYS J 700 -49.78 -21.54 26.50
N GLN J 701 -50.27 -22.63 27.08
CA GLN J 701 -51.27 -22.47 28.13
C GLN J 701 -50.66 -21.90 29.41
N MET J 702 -49.42 -22.26 29.69
CA MET J 702 -48.72 -21.59 30.78
C MET J 702 -48.55 -20.10 30.48
N CYS J 703 -48.34 -19.76 29.20
CA CYS J 703 -48.28 -18.35 28.82
C CYS J 703 -49.63 -17.67 29.08
N MET J 704 -50.73 -18.38 28.87
CA MET J 704 -52.04 -17.83 29.23
C MET J 704 -52.12 -17.53 30.72
N ILE J 705 -51.65 -18.47 31.56
CA ILE J 705 -51.62 -18.23 33.01
C ILE J 705 -50.75 -17.02 33.34
N MET J 706 -49.60 -16.91 32.69
CA MET J 706 -48.63 -15.88 33.04
C MET J 706 -49.14 -14.52 32.58
N MET J 707 -49.89 -14.49 31.47
CA MET J 707 -50.65 -13.31 31.08
C MET J 707 -51.67 -12.93 32.14
N GLU J 708 -52.40 -13.89 32.71
CA GLU J 708 -53.36 -13.51 33.72
C GLU J 708 -52.66 -12.95 34.96
N MET J 709 -51.46 -13.45 35.25
CA MET J 709 -50.67 -12.91 36.36
C MET J 709 -50.24 -11.47 36.09
N THR J 710 -49.71 -11.18 34.89
CA THR J 710 -49.39 -9.78 34.58
C THR J 710 -50.63 -8.91 34.60
N ASP J 711 -51.77 -9.44 34.19
CA ASP J 711 -53.00 -8.63 34.19
C ASP J 711 -53.39 -8.26 35.62
N PHE J 712 -53.22 -9.20 36.56
CA PHE J 712 -53.38 -8.82 37.96
C PHE J 712 -52.36 -7.78 38.37
N THR J 713 -51.13 -7.88 37.85
CA THR J 713 -50.11 -6.87 38.16
C THR J 713 -50.56 -5.49 37.71
N ARG J 714 -51.13 -5.38 36.52
CA ARG J 714 -51.70 -4.12 36.04
C ARG J 714 -52.95 -3.72 36.81
N GLY J 715 -53.47 -4.59 37.66
CA GLY J 715 -54.59 -4.26 38.51
C GLY J 715 -55.95 -4.48 37.89
N LYS J 716 -56.04 -5.08 36.71
CA LYS J 716 -57.32 -5.29 36.05
C LYS J 716 -57.22 -6.60 35.27
N GLY J 717 -57.74 -7.68 35.86
CA GLY J 717 -57.68 -8.99 35.26
C GLY J 717 -58.59 -9.98 35.96
N PRO J 718 -58.51 -11.26 35.58
CA PRO J 718 -59.39 -12.27 36.14
C PRO J 718 -59.05 -12.72 37.55
N LEU J 719 -58.09 -12.08 38.22
CA LEU J 719 -57.70 -12.45 39.58
C LEU J 719 -57.97 -11.28 40.51
N LYS J 720 -58.66 -11.56 41.61
CA LYS J 720 -59.11 -10.48 42.48
C LYS J 720 -58.01 -10.00 43.44
N ASN J 721 -57.32 -10.93 44.09
CA ASN J 721 -56.22 -10.55 44.96
C ASN J 721 -55.30 -11.75 45.16
N THR J 722 -54.48 -11.69 46.22
CA THR J 722 -53.34 -12.59 46.38
C THR J 722 -53.71 -14.07 46.30
N SER J 723 -54.90 -14.45 46.79
CA SER J 723 -55.25 -15.87 46.81
C SER J 723 -55.32 -16.45 45.41
N ASP J 724 -55.94 -15.73 44.48
CA ASP J 724 -55.97 -16.17 43.09
C ASP J 724 -54.56 -16.28 42.53
N VAL J 725 -53.68 -15.37 42.92
CA VAL J 725 -52.30 -15.40 42.44
C VAL J 725 -51.57 -16.62 42.98
N ILE J 726 -51.83 -16.98 44.25
CA ILE J 726 -51.20 -18.16 44.83
C ILE J 726 -51.66 -19.41 44.10
N SER J 727 -52.97 -19.50 43.83
CA SER J 727 -53.49 -20.65 43.09
C SER J 727 -52.88 -20.72 41.70
N ALA J 728 -52.78 -19.58 41.01
CA ALA J 728 -52.19 -19.55 39.68
C ALA J 728 -50.73 -19.96 39.71
N ALA J 729 -49.99 -19.53 40.73
CA ALA J 729 -48.60 -19.95 40.87
C ALA J 729 -48.51 -21.45 41.05
N LYS J 730 -49.39 -22.04 41.85
CA LYS J 730 -49.36 -23.48 42.04
C LYS J 730 -49.60 -24.21 40.72
N LYS J 731 -50.59 -23.76 39.94
CA LYS J 731 -50.85 -24.52 38.72
C LYS J 731 -49.78 -24.28 37.66
N ILE J 732 -49.20 -23.06 37.61
CA ILE J 732 -48.13 -22.83 36.65
C ILE J 732 -46.89 -23.65 37.03
N ALA J 733 -46.65 -23.85 38.32
CA ALA J 733 -45.53 -24.70 38.74
C ALA J 733 -45.80 -26.16 38.37
N GLU J 734 -47.03 -26.63 38.55
CA GLU J 734 -47.37 -28.00 38.14
C GLU J 734 -47.14 -28.20 36.64
N ALA J 735 -47.63 -27.26 35.84
CA ALA J 735 -47.44 -27.34 34.40
C ALA J 735 -45.96 -27.23 34.04
N GLY J 736 -45.19 -26.49 34.84
CA GLY J 736 -43.75 -26.45 34.63
C GLY J 736 -43.09 -27.79 34.88
N SER J 737 -43.55 -28.54 35.88
CA SER J 737 -43.01 -29.88 36.11
C SER J 737 -43.36 -30.80 34.94
N ARG J 738 -44.58 -30.68 34.42
CA ARG J 738 -44.92 -31.43 33.21
C ARG J 738 -43.97 -31.08 32.07
N MET J 739 -43.77 -29.78 31.83
CA MET J 739 -42.78 -29.31 30.87
C MET J 739 -41.41 -29.90 31.16
N ASP J 740 -41.10 -30.10 32.43
CA ASP J 740 -39.80 -30.66 32.81
C ASP J 740 -39.64 -32.07 32.29
N LYS J 741 -40.66 -32.92 32.46
CA LYS J 741 -40.56 -34.25 31.83
C LYS J 741 -40.49 -34.18 30.31
N LEU J 742 -41.29 -33.31 29.68
CA LEU J 742 -41.20 -33.22 28.23
C LEU J 742 -39.77 -32.89 27.77
N GLY J 743 -39.14 -31.91 28.43
CA GLY J 743 -37.74 -31.64 28.14
C GLY J 743 -36.82 -32.79 28.45
N ARG J 744 -37.05 -33.48 29.58
CA ARG J 744 -36.23 -34.64 29.92
C ARG J 744 -36.23 -35.67 28.82
N THR J 745 -37.41 -35.99 28.29
CA THR J 745 -37.50 -37.00 27.24
C THR J 745 -36.77 -36.56 25.99
N ILE J 746 -37.01 -35.32 25.55
CA ILE J 746 -36.34 -34.83 24.34
C ILE J 746 -34.82 -34.82 24.54
N ALA J 747 -34.35 -34.51 25.74
CA ALA J 747 -32.92 -34.57 26.02
C ALA J 747 -32.41 -35.99 25.98
N ASP J 748 -33.13 -36.91 26.64
CA ASP J 748 -32.69 -38.30 26.72
C ASP J 748 -32.61 -38.96 25.35
N HIS J 749 -33.36 -38.44 24.38
CA HIS J 749 -33.27 -38.97 23.02
C HIS J 749 -32.30 -38.17 22.14
N CYS J 750 -31.26 -37.60 22.72
CA CYS J 750 -30.33 -36.73 22.00
C CYS J 750 -28.89 -37.15 22.23
N PRO J 751 -28.02 -36.97 21.24
CA PRO J 751 -26.59 -37.25 21.44
C PRO J 751 -25.97 -36.33 22.49
N ASP J 752 -24.88 -36.82 23.08
CA ASP J 752 -24.30 -36.17 24.27
C ASP J 752 -23.82 -34.76 23.96
N SER J 753 -22.82 -34.63 23.08
CA SER J 753 -22.23 -33.34 22.78
C SER J 753 -23.06 -32.56 21.76
N ALA J 754 -24.34 -32.42 22.05
CA ALA J 754 -25.31 -31.82 21.14
C ALA J 754 -26.07 -30.71 21.86
N CYS J 755 -27.16 -30.26 21.25
CA CYS J 755 -28.00 -29.20 21.80
C CYS J 755 -28.65 -29.61 23.10
N LYS J 756 -28.41 -30.83 23.56
CA LYS J 756 -28.96 -31.26 24.84
C LYS J 756 -28.34 -30.54 26.02
N GLN J 757 -27.14 -29.98 25.86
CA GLN J 757 -26.50 -29.28 26.96
C GLN J 757 -27.26 -28.01 27.33
N ASP J 758 -27.59 -27.19 26.34
CA ASP J 758 -28.40 -26.00 26.59
C ASP J 758 -29.78 -26.40 27.12
N LEU J 759 -30.35 -27.46 26.57
CA LEU J 759 -31.68 -27.88 26.99
C LEU J 759 -31.70 -28.30 28.45
N LEU J 760 -30.67 -29.03 28.87
CA LEU J 760 -30.58 -29.41 30.28
C LEU J 760 -30.32 -28.21 31.18
N ALA J 761 -29.55 -27.24 30.68
CA ALA J 761 -29.38 -25.99 31.43
C ALA J 761 -30.73 -25.34 31.70
N TYR J 762 -31.53 -25.16 30.65
CA TYR J 762 -32.83 -24.53 30.81
C TYR J 762 -33.78 -25.37 31.66
N LEU J 763 -33.67 -26.69 31.58
CA LEU J 763 -34.51 -27.55 32.42
C LEU J 763 -34.15 -27.41 33.90
N GLN J 764 -32.86 -27.26 34.22
CA GLN J 764 -32.50 -27.03 35.61
C GLN J 764 -33.01 -25.69 36.11
N ARG J 765 -32.97 -24.67 35.25
CA ARG J 765 -33.60 -23.40 35.61
C ARG J 765 -35.09 -23.60 35.88
N ILE J 766 -35.77 -24.32 34.99
CA ILE J 766 -37.24 -24.58 35.14
C ILE J 766 -37.46 -25.22 36.51
N ALA J 767 -36.67 -26.25 36.86
CA ALA J 767 -36.90 -26.98 38.12
C ALA J 767 -36.72 -26.06 39.32
N LEU J 768 -35.70 -25.20 39.31
CA LEU J 768 -35.50 -24.25 40.42
C LEU J 768 -36.68 -23.28 40.51
N TYR J 769 -37.13 -22.75 39.37
CA TYR J 769 -38.23 -21.75 39.40
C TYR J 769 -39.52 -22.38 39.93
N CYS J 770 -39.82 -23.61 39.48
CA CYS J 770 -41.06 -24.29 39.93
C CYS J 770 -40.98 -24.54 41.43
N HIS J 771 -39.83 -24.99 41.91
CA HIS J 771 -39.67 -25.28 43.36
C HIS J 771 -39.81 -24.00 44.18
N GLN J 772 -39.23 -22.91 43.69
CA GLN J 772 -39.31 -21.63 44.43
C GLN J 772 -40.78 -21.23 44.49
N LEU J 773 -41.50 -21.38 43.38
CA LEU J 773 -42.92 -20.96 43.35
C LEU J 773 -43.73 -21.80 44.34
N ASN J 774 -43.50 -23.12 44.37
CA ASN J 774 -44.35 -23.97 45.25
C ASN J 774 -44.14 -23.64 46.73
N ILE J 775 -42.89 -23.50 47.17
CA ILE J 775 -42.64 -23.10 48.60
C ILE J 775 -43.12 -21.68 48.86
N CYS J 776 -42.85 -20.75 47.94
CA CYS J 776 -43.25 -19.33 48.14
C CYS J 776 -44.77 -19.20 48.24
N SER J 777 -45.49 -19.94 47.38
CA SER J 777 -46.97 -19.94 47.45
C SER J 777 -47.42 -20.53 48.80
N LYS J 778 -46.77 -21.60 49.25
CA LYS J 778 -47.08 -22.22 50.56
C LYS J 778 -46.80 -21.23 51.69
N VAL J 779 -45.69 -20.48 51.59
CA VAL J 779 -45.30 -19.49 52.63
C VAL J 779 -46.37 -18.40 52.66
N LYS J 780 -46.70 -17.83 51.49
CA LYS J 780 -47.65 -16.71 51.50
C LYS J 780 -49.06 -17.14 51.81
N ALA J 781 -49.43 -18.38 51.50
CA ALA J 781 -50.70 -18.91 51.98
C ALA J 781 -50.72 -18.92 53.50
N GLU J 782 -49.63 -19.37 54.13
CA GLU J 782 -49.57 -19.35 55.59
C GLU J 782 -49.60 -17.92 56.13
N VAL J 783 -48.90 -17.01 55.47
CA VAL J 783 -48.88 -15.62 55.92
C VAL J 783 -50.28 -15.00 55.86
N GLN J 784 -51.00 -15.25 54.76
CA GLN J 784 -52.37 -14.77 54.66
C GLN J 784 -53.26 -15.40 55.72
N ASN J 785 -53.09 -16.71 55.96
CA ASN J 785 -53.90 -17.39 56.96
C ASN J 785 -53.63 -16.86 58.36
N LEU J 786 -52.43 -16.35 58.62
CA LEU J 786 -52.11 -15.86 59.96
C LEU J 786 -52.55 -14.42 60.13
N GLY J 787 -52.18 -13.55 59.20
CA GLY J 787 -52.52 -12.14 59.29
C GLY J 787 -53.92 -11.82 58.79
N GLY J 794 -52.09 -7.37 49.64
CA GLY J 794 -50.65 -7.58 49.59
C GLY J 794 -50.11 -7.76 48.19
N VAL J 795 -50.23 -6.72 47.37
CA VAL J 795 -49.68 -6.77 46.01
C VAL J 795 -48.17 -6.93 46.06
N ASP J 796 -47.52 -6.28 47.02
CA ASP J 796 -46.09 -6.46 47.22
C ASP J 796 -45.76 -7.93 47.43
N SER J 797 -46.61 -8.65 48.16
CA SER J 797 -46.44 -10.09 48.30
C SER J 797 -46.59 -10.78 46.95
N ALA J 798 -47.57 -10.35 46.15
CA ALA J 798 -47.77 -10.95 44.85
C ALA J 798 -46.57 -10.75 43.93
N MET J 799 -45.77 -9.72 44.16
CA MET J 799 -44.63 -9.45 43.28
C MET J 799 -43.61 -10.59 43.28
N SER J 800 -43.34 -11.21 44.42
CA SER J 800 -42.36 -12.29 44.43
C SER J 800 -42.84 -13.47 43.58
N LEU J 801 -44.10 -13.85 43.75
CA LEU J 801 -44.65 -14.95 42.96
C LEU J 801 -44.69 -14.59 41.48
N ILE J 802 -45.05 -13.35 41.15
CA ILE J 802 -45.11 -12.95 39.75
C ILE J 802 -43.72 -12.89 39.14
N GLN J 803 -42.72 -12.48 39.90
CA GLN J 803 -41.35 -12.48 39.40
C GLN J 803 -40.84 -13.90 39.17
N ALA J 804 -41.13 -14.80 40.11
CA ALA J 804 -40.79 -16.20 39.89
C ALA J 804 -41.50 -16.77 38.68
N ALA J 805 -42.75 -16.37 38.45
CA ALA J 805 -43.49 -16.83 37.29
C ALA J 805 -42.91 -16.27 35.99
N LYS J 806 -42.50 -15.00 35.99
CA LYS J 806 -41.82 -14.45 34.82
C LYS J 806 -40.55 -15.23 34.52
N ASN J 807 -39.77 -15.50 35.56
CA ASN J 807 -38.54 -16.26 35.38
C ASN J 807 -38.82 -17.63 34.80
N LEU J 808 -39.83 -18.32 35.34
CA LEU J 808 -40.19 -19.65 34.85
C LEU J 808 -40.64 -19.60 33.40
N MET J 809 -41.46 -18.63 33.04
CA MET J 809 -41.95 -18.53 31.66
C MET J 809 -40.82 -18.25 30.70
N ASN J 810 -39.86 -17.40 31.10
CA ASN J 810 -38.70 -17.16 30.24
C ASN J 810 -37.88 -18.43 30.06
N ALA J 811 -37.66 -19.17 31.14
CA ALA J 811 -36.94 -20.44 31.04
C ALA J 811 -37.70 -21.42 30.15
N VAL J 812 -39.04 -21.40 30.20
CA VAL J 812 -39.82 -22.31 29.39
C VAL J 812 -39.74 -21.93 27.91
N VAL J 813 -39.73 -20.64 27.59
CA VAL J 813 -39.54 -20.25 26.19
C VAL J 813 -38.17 -20.70 25.69
N GLN J 814 -37.14 -20.52 26.52
CA GLN J 814 -35.82 -20.99 26.13
C GLN J 814 -35.81 -22.51 25.93
N THR J 815 -36.48 -23.25 26.82
CA THR J 815 -36.57 -24.70 26.70
C THR J 815 -37.32 -25.11 25.44
N VAL J 816 -38.37 -24.37 25.08
CA VAL J 816 -39.14 -24.68 23.86
C VAL J 816 -38.25 -24.57 22.64
N LYS J 817 -37.55 -23.45 22.49
CA LYS J 817 -36.71 -23.30 21.30
C LYS J 817 -35.56 -24.29 21.30
N ALA J 818 -34.97 -24.56 22.48
CA ALA J 818 -33.91 -25.56 22.56
C ALA J 818 -34.42 -26.93 22.16
N SER J 819 -35.62 -27.30 22.60
CA SER J 819 -36.21 -28.58 22.21
C SER J 819 -36.45 -28.65 20.72
N TYR J 820 -36.95 -27.55 20.14
CA TYR J 820 -37.18 -27.54 18.70
C TYR J 820 -35.88 -27.75 17.94
N VAL J 821 -34.83 -27.04 18.34
CA VAL J 821 -33.53 -27.20 17.67
C VAL J 821 -33.02 -28.62 17.84
N ALA J 822 -33.15 -29.20 19.03
CA ALA J 822 -32.69 -30.56 19.26
C ALA J 822 -33.43 -31.55 18.39
N SER J 823 -34.75 -31.40 18.27
CA SER J 823 -35.54 -32.34 17.49
C SER J 823 -35.28 -32.18 15.99
N THR J 824 -35.25 -30.94 15.50
CA THR J 824 -35.00 -30.72 14.08
C THR J 824 -33.60 -31.17 13.68
N LYS J 825 -32.60 -30.84 14.48
CA LYS J 825 -31.21 -31.11 14.11
C LYS J 825 -30.92 -32.61 14.10
N TYR J 826 -31.63 -33.39 14.90
CA TYR J 826 -31.41 -34.82 15.04
C TYR J 826 -32.69 -35.60 14.82
N GLN J 827 -33.41 -35.30 13.73
CA GLN J 827 -34.70 -35.94 13.51
C GLN J 827 -34.56 -37.44 13.27
N LYS J 828 -33.87 -37.85 12.20
CA LYS J 828 -33.82 -39.28 11.93
C LYS J 828 -32.68 -39.98 12.66
N SER J 829 -32.15 -39.38 13.71
CA SER J 829 -31.50 -40.16 14.75
C SER J 829 -32.56 -40.98 15.47
N GLN J 830 -32.17 -42.19 15.87
CA GLN J 830 -33.13 -43.08 16.51
C GLN J 830 -33.56 -42.52 17.86
N GLY J 831 -34.80 -42.82 18.24
CA GLY J 831 -35.41 -42.28 19.44
C GLY J 831 -36.20 -41.01 19.21
N MET J 832 -35.63 -40.06 18.45
CA MET J 832 -36.38 -38.85 18.12
C MET J 832 -37.57 -39.16 17.20
N ALA J 833 -37.44 -40.14 16.32
CA ALA J 833 -38.57 -40.53 15.48
C ALA J 833 -39.73 -41.04 16.32
N SER J 834 -39.43 -41.80 17.38
CA SER J 834 -40.49 -42.27 18.27
C SER J 834 -41.20 -41.10 18.93
N LEU J 835 -40.47 -40.03 19.25
CA LEU J 835 -41.10 -38.83 19.77
C LEU J 835 -42.03 -38.21 18.74
N ASN J 836 -41.73 -38.37 17.46
CA ASN J 836 -42.57 -37.91 16.36
C ASN J 836 -42.82 -36.39 16.46
N LEU J 837 -41.72 -35.64 16.33
CA LEU J 837 -41.73 -34.19 16.46
C LEU J 837 -41.06 -33.62 15.21
N PRO J 838 -41.74 -33.69 14.07
CA PRO J 838 -41.06 -33.50 12.79
C PRO J 838 -40.93 -32.06 12.33
N ALA J 839 -40.55 -31.14 13.22
CA ALA J 839 -40.26 -29.75 12.85
C ALA J 839 -41.46 -29.03 12.26
N VAL J 840 -42.62 -29.72 12.19
CA VAL J 840 -43.85 -29.11 11.73
C VAL J 840 -44.88 -29.02 12.84
N SER J 841 -44.92 -30.01 13.73
CA SER J 841 -45.71 -29.89 14.95
C SER J 841 -45.30 -28.65 15.74
N TRP J 842 -44.03 -28.27 15.66
CA TRP J 842 -43.60 -26.97 16.15
C TRP J 842 -44.13 -25.88 15.23
N LYS J 843 -44.84 -24.91 15.80
CA LYS J 843 -45.38 -23.80 15.03
C LYS J 843 -44.37 -22.66 14.99
N MET J 844 -43.30 -22.88 14.23
CA MET J 844 -42.23 -21.89 14.09
C MET J 844 -42.52 -20.98 12.90
N LYS J 845 -42.78 -19.71 13.20
CA LYS J 845 -42.91 -18.70 12.17
C LYS J 845 -41.55 -18.49 11.50
N ALA J 846 -41.57 -17.97 10.29
CA ALA J 846 -40.35 -17.45 9.72
C ALA J 846 -39.96 -16.16 10.44
N PRO J 847 -38.68 -15.96 10.77
CA PRO J 847 -38.27 -14.69 11.37
C PRO J 847 -38.57 -13.52 10.45
N GLU J 848 -39.01 -12.41 11.02
CA GLU J 848 -39.38 -11.26 10.23
C GLU J 848 -38.15 -10.42 9.90
N LYS J 849 -38.20 -9.76 8.74
CA LYS J 849 -37.06 -9.03 8.23
C LYS J 849 -36.71 -7.87 9.15
N LYS J 850 -35.42 -7.50 9.13
CA LYS J 850 -34.97 -6.35 9.90
C LYS J 850 -35.33 -5.06 9.17
N PRO J 851 -35.51 -3.96 9.91
CA PRO J 851 -35.65 -2.66 9.25
C PRO J 851 -34.31 -2.19 8.71
N LEU J 852 -34.27 -1.92 7.40
CA LEU J 852 -33.04 -1.49 6.76
C LEU J 852 -32.57 -0.14 7.31
N VAL J 853 -33.50 0.80 7.49
CA VAL J 853 -33.20 2.10 8.08
C VAL J 853 -33.92 2.19 9.41
N LYS J 854 -33.23 2.74 10.39
CA LYS J 854 -33.72 2.70 11.76
C LYS J 854 -34.18 4.08 12.23
N ASN K 693 16.75 35.30 68.20
CA ASN K 693 15.33 35.03 68.27
C ASN K 693 14.91 34.67 69.70
N ASP K 694 13.95 35.43 70.23
CA ASP K 694 13.49 35.18 71.60
C ASP K 694 12.79 33.83 71.70
N ILE K 695 11.96 33.50 70.73
CA ILE K 695 11.22 32.24 70.76
C ILE K 695 12.16 31.06 70.81
N ILE K 696 13.17 31.06 69.93
CA ILE K 696 14.09 29.93 69.83
C ILE K 696 14.86 29.75 71.14
N VAL K 697 15.40 30.85 71.69
CA VAL K 697 16.23 30.72 72.88
C VAL K 697 15.38 30.30 74.08
N LEU K 698 14.15 30.81 74.18
CA LEU K 698 13.28 30.40 75.27
C LEU K 698 12.94 28.93 75.18
N ALA K 699 12.53 28.47 73.99
CA ALA K 699 12.19 27.07 73.85
C ALA K 699 13.39 26.18 74.10
N LYS K 700 14.57 26.60 73.66
CA LYS K 700 15.76 25.76 73.75
C LYS K 700 16.29 25.71 75.18
N GLN K 701 16.16 26.79 75.96
CA GLN K 701 16.53 26.68 77.37
C GLN K 701 15.52 25.83 78.13
N MET K 702 14.25 25.90 77.76
CA MET K 702 13.29 24.96 78.32
C MET K 702 13.65 23.53 77.94
N CYS K 703 14.18 23.32 76.74
CA CYS K 703 14.66 22.01 76.36
C CYS K 703 15.82 21.57 77.24
N MET K 704 16.68 22.50 77.64
CA MET K 704 17.72 22.17 78.61
C MET K 704 17.12 21.68 79.93
N ILE K 705 16.10 22.39 80.41
CA ILE K 705 15.42 21.95 81.65
C ILE K 705 14.81 20.57 81.46
N MET K 706 14.20 20.32 80.32
CA MET K 706 13.45 19.09 80.10
C MET K 706 14.43 17.92 79.94
N MET K 707 15.61 18.21 79.36
CA MET K 707 16.72 17.25 79.40
C MET K 707 17.15 16.93 80.83
N GLU K 708 17.25 17.93 81.70
CA GLU K 708 17.65 17.62 83.06
C GLU K 708 16.59 16.76 83.75
N MET K 709 15.31 16.98 83.41
CA MET K 709 14.24 16.14 83.94
C MET K 709 14.35 14.69 83.46
N THR K 710 14.56 14.48 82.16
CA THR K 710 14.77 13.10 81.70
C THR K 710 16.01 12.48 82.32
N ASP K 711 17.05 13.28 82.57
CA ASP K 711 18.25 12.74 83.18
C ASP K 711 17.98 12.26 84.60
N PHE K 712 17.15 13.00 85.33
CA PHE K 712 16.68 12.48 86.62
C PHE K 712 15.87 11.20 86.43
N THR K 713 15.08 11.14 85.35
CA THR K 713 14.31 9.93 85.07
C THR K 713 15.23 8.72 84.90
N ARG K 714 16.33 8.90 84.15
CA ARG K 714 17.34 7.85 84.01
C ARG K 714 18.10 7.59 85.30
N GLY K 715 17.91 8.43 86.32
CA GLY K 715 18.51 8.20 87.61
C GLY K 715 19.90 8.76 87.78
N LYS K 716 20.41 9.53 86.82
CA LYS K 716 21.76 10.08 86.91
C LYS K 716 21.75 11.44 86.21
N GLY K 717 21.64 12.50 87.00
CA GLY K 717 21.57 13.85 86.49
C GLY K 717 21.77 14.88 87.58
N PRO K 718 21.57 16.15 87.23
CA PRO K 718 21.80 17.25 88.19
C PRO K 718 20.71 17.41 89.24
N LEU K 719 19.74 16.52 89.31
CA LEU K 719 18.65 16.62 90.27
C LEU K 719 18.70 15.40 91.20
N LYS K 720 18.66 15.65 92.51
CA LYS K 720 18.87 14.57 93.46
C LYS K 720 17.60 13.77 93.71
N ASN K 721 16.47 14.44 93.94
CA ASN K 721 15.21 13.73 94.12
C ASN K 721 14.05 14.70 93.85
N THR K 722 12.86 14.34 94.34
CA THR K 722 11.61 14.97 93.91
C THR K 722 11.62 16.48 94.06
N SER K 723 12.28 17.01 95.08
CA SER K 723 12.23 18.46 95.32
C SER K 723 12.84 19.24 94.16
N ASP K 724 13.99 18.78 93.67
CA ASP K 724 14.59 19.41 92.50
C ASP K 724 13.65 19.32 91.30
N VAL K 725 12.94 18.20 91.16
CA VAL K 725 12.02 18.04 90.05
C VAL K 725 10.86 19.01 90.17
N ILE K 726 10.37 19.23 91.40
CA ILE K 726 9.28 20.18 91.60
C ILE K 726 9.72 21.59 91.23
N SER K 727 10.93 21.96 91.67
CA SER K 727 11.45 23.28 91.32
C SER K 727 11.61 23.42 89.80
N ALA K 728 12.14 22.39 89.14
CA ALA K 728 12.30 22.43 87.70
C ALA K 728 10.97 22.55 86.99
N ALA K 729 9.95 21.84 87.48
CA ALA K 729 8.62 21.96 86.90
C ALA K 729 8.09 23.37 87.04
N LYS K 730 8.31 24.00 88.19
CA LYS K 730 7.85 25.37 88.37
C LYS K 730 8.51 26.31 87.38
N LYS K 731 9.83 26.18 87.19
CA LYS K 731 10.47 27.13 86.28
C LYS K 731 10.15 26.83 84.83
N ILE K 732 9.99 25.55 84.47
CA ILE K 732 9.61 25.25 83.10
C ILE K 732 8.20 25.75 82.80
N ALA K 733 7.30 25.71 83.79
CA ALA K 733 5.97 26.28 83.60
C ALA K 733 6.02 27.80 83.45
N GLU K 734 6.86 28.46 84.24
CA GLU K 734 7.01 29.91 84.08
C GLU K 734 7.52 30.27 82.69
N ALA K 735 8.56 29.56 82.23
CA ALA K 735 9.08 29.80 80.90
C ALA K 735 8.04 29.46 79.83
N GLY K 736 7.17 28.48 80.11
CA GLY K 736 6.08 28.20 79.19
C GLY K 736 5.08 29.33 79.10
N SER K 737 4.80 30.00 80.21
CA SER K 737 3.92 31.18 80.15
C SER K 737 4.57 32.30 79.34
N ARG K 738 5.88 32.50 79.52
CA ARG K 738 6.58 33.46 78.67
C ARG K 738 6.43 33.08 77.19
N MET K 739 6.69 31.81 76.86
CA MET K 739 6.44 31.30 75.53
C MET K 739 5.01 31.57 75.08
N ASP K 740 4.07 31.53 76.03
CA ASP K 740 2.68 31.76 75.70
C ASP K 740 2.45 33.18 75.20
N LYS K 741 3.03 34.18 75.88
CA LYS K 741 2.93 35.53 75.32
C LYS K 741 3.64 35.66 73.97
N LEU K 742 4.82 35.06 73.81
CA LEU K 742 5.49 35.15 72.52
C LEU K 742 4.60 34.62 71.40
N GLY K 743 3.98 33.46 71.61
CA GLY K 743 3.01 32.96 70.65
C GLY K 743 1.80 33.85 70.47
N ARG K 744 1.29 34.42 71.57
CA ARG K 744 0.15 35.34 71.48
C ARG K 744 0.45 36.50 70.55
N THR K 745 1.63 37.11 70.70
CA THR K 745 1.98 38.25 69.86
C THR K 745 2.09 37.85 68.40
N ILE K 746 2.80 36.75 68.12
CA ILE K 746 2.94 36.32 66.74
C ILE K 746 1.58 35.99 66.13
N ALA K 747 0.67 35.42 66.92
CA ALA K 747 -0.68 35.16 66.42
C ALA K 747 -1.44 36.46 66.17
N ASP K 748 -1.37 37.40 67.11
CA ASP K 748 -2.10 38.65 66.99
C ASP K 748 -1.66 39.46 65.78
N HIS K 749 -0.43 39.24 65.31
CA HIS K 749 0.05 39.92 64.11
C HIS K 749 -0.14 39.08 62.85
N CYS K 750 -1.18 38.24 62.80
CA CYS K 750 -1.38 37.33 61.69
C CYS K 750 -2.81 37.42 61.16
N PRO K 751 -3.01 37.20 59.86
CA PRO K 751 -4.37 37.18 59.32
C PRO K 751 -5.18 36.02 59.89
N ASP K 752 -6.50 36.20 59.85
CA ASP K 752 -7.41 35.30 60.55
C ASP K 752 -7.34 33.88 60.00
N SER K 753 -7.71 33.68 58.75
CA SER K 753 -7.76 32.34 58.16
C SER K 753 -6.38 31.90 57.69
N ALA K 754 -5.40 31.97 58.59
CA ALA K 754 -4.01 31.70 58.30
C ALA K 754 -3.46 30.66 59.28
N CYS K 755 -2.15 30.53 59.30
CA CYS K 755 -1.46 29.58 60.16
C CYS K 755 -1.64 29.92 61.64
N LYS K 756 -2.37 31.00 61.94
CA LYS K 756 -2.64 31.36 63.32
C LYS K 756 -3.57 30.37 64.01
N GLN K 757 -4.35 29.61 63.24
CA GLN K 757 -5.27 28.65 63.84
C GLN K 757 -4.51 27.53 64.54
N ASP K 758 -3.56 26.93 63.83
CA ASP K 758 -2.71 25.89 64.44
C ASP K 758 -1.91 26.47 65.60
N LEU K 759 -1.43 27.69 65.44
CA LEU K 759 -0.60 28.30 66.49
C LEU K 759 -1.41 28.51 67.76
N LEU K 760 -2.66 28.96 67.62
CA LEU K 760 -3.51 29.12 68.80
C LEU K 760 -3.89 27.78 69.40
N ALA K 761 -4.06 26.75 68.57
CA ALA K 761 -4.27 25.41 69.10
C ALA K 761 -3.12 24.99 70.01
N TYR K 762 -1.90 25.12 69.51
CA TYR K 762 -0.73 24.73 70.30
C TYR K 762 -0.56 25.62 71.52
N LEU K 763 -0.92 26.90 71.43
CA LEU K 763 -0.84 27.77 72.59
C LEU K 763 -1.83 27.36 73.68
N GLN K 764 -3.03 26.93 73.30
CA GLN K 764 -3.97 26.45 74.30
C GLN K 764 -3.46 25.18 74.97
N ARG K 765 -2.83 24.30 74.19
CA ARG K 765 -2.18 23.13 74.80
C ARG K 765 -1.11 23.57 75.79
N ILE K 766 -0.28 24.54 75.39
CA ILE K 766 0.81 25.05 76.27
C ILE K 766 0.18 25.50 77.59
N ALA K 767 -0.89 26.30 77.52
CA ALA K 767 -1.48 26.86 78.75
C ALA K 767 -2.00 25.74 79.66
N LEU K 768 -2.67 24.73 79.09
CA LEU K 768 -3.23 23.64 79.91
C LEU K 768 -2.09 22.88 80.60
N TYR K 769 -1.01 22.60 79.87
CA TYR K 769 0.15 21.86 80.44
C TYR K 769 0.82 22.68 81.54
N CYS K 770 0.99 23.99 81.32
CA CYS K 770 1.65 24.85 82.32
C CYS K 770 0.83 24.89 83.60
N HIS K 771 -0.49 25.01 83.47
CA HIS K 771 -1.38 25.03 84.66
C HIS K 771 -1.28 23.68 85.36
N GLN K 772 -1.26 22.58 84.60
CA GLN K 772 -1.22 21.24 85.22
C GLN K 772 0.08 21.09 86.01
N LEU K 773 1.20 21.54 85.43
CA LEU K 773 2.51 21.41 86.12
C LEU K 773 2.48 22.21 87.41
N ASN K 774 1.96 23.45 87.36
CA ASN K 774 1.99 24.29 88.58
C ASN K 774 1.12 23.69 89.70
N ILE K 775 -0.08 23.23 89.36
CA ILE K 775 -0.98 22.63 90.38
C ILE K 775 -0.36 21.33 90.92
N CYS K 776 0.18 20.48 90.03
CA CYS K 776 0.79 19.20 90.46
C CYS K 776 2.02 19.45 91.33
N SER K 777 2.85 20.44 90.96
CA SER K 777 4.04 20.78 91.75
C SER K 777 3.61 21.26 93.14
N LYS K 778 2.55 22.06 93.21
CA LYS K 778 2.02 22.53 94.52
C LYS K 778 1.48 21.33 95.30
N VAL K 779 0.78 20.42 94.62
CA VAL K 779 0.20 19.26 95.30
C VAL K 779 1.29 18.35 95.84
N LYS K 780 2.30 18.06 95.03
CA LYS K 780 3.35 17.15 95.48
C LYS K 780 4.29 17.81 96.48
N ALA K 781 4.45 19.13 96.43
CA ALA K 781 5.15 19.82 97.50
C ALA K 781 4.43 19.62 98.82
N GLU K 782 3.09 19.77 98.82
CA GLU K 782 2.33 19.54 100.04
C GLU K 782 2.44 18.08 100.49
N VAL K 783 2.39 17.14 99.54
CA VAL K 783 2.47 15.72 99.90
C VAL K 783 3.82 15.41 100.54
N GLN K 784 4.90 15.95 99.98
CA GLN K 784 6.22 15.75 100.58
C GLN K 784 6.29 16.40 101.95
N ASN K 785 5.72 17.60 102.10
CA ASN K 785 5.75 18.28 103.39
C ASN K 785 4.95 17.53 104.45
N LEU K 786 3.95 16.76 104.05
CA LEU K 786 3.14 16.03 105.02
C LEU K 786 3.76 14.69 105.37
N GLY K 787 4.12 13.91 104.35
CA GLY K 787 4.69 12.59 104.59
C GLY K 787 6.18 12.62 104.86
N GLY K 794 10.19 9.20 95.97
CA GLY K 794 8.97 9.15 95.20
C GLY K 794 9.17 9.41 93.72
N VAL K 795 9.91 8.53 93.04
CA VAL K 795 10.12 8.66 91.61
C VAL K 795 8.79 8.51 90.88
N ASP K 796 7.93 7.61 91.37
CA ASP K 796 6.58 7.49 90.81
C ASP K 796 5.85 8.83 90.85
N SER K 797 6.03 9.58 91.93
CA SER K 797 5.48 10.93 91.98
C SER K 797 6.11 11.82 90.93
N ALA K 798 7.42 11.70 90.72
CA ALA K 798 8.09 12.50 89.72
C ALA K 798 7.59 12.21 88.31
N MET K 799 7.04 11.01 88.08
CA MET K 799 6.60 10.66 86.74
C MET K 799 5.46 11.56 86.24
N SER K 800 4.53 11.96 87.10
CA SER K 800 3.45 12.82 86.62
C SER K 800 3.99 14.17 86.15
N LEU K 801 4.87 14.77 86.95
CA LEU K 801 5.46 16.04 86.58
C LEU K 801 6.31 15.91 85.32
N ILE K 802 7.07 14.82 85.20
CA ILE K 802 7.90 14.64 84.02
C ILE K 802 7.05 14.40 82.78
N GLN K 803 5.93 13.69 82.92
CA GLN K 803 5.02 13.50 81.79
C GLN K 803 4.38 14.81 81.36
N ALA K 804 3.96 15.62 82.33
CA ALA K 804 3.43 16.94 81.99
C ALA K 804 4.50 17.79 81.32
N ALA K 805 5.75 17.68 81.77
CA ALA K 805 6.84 18.42 81.14
C ALA K 805 7.13 17.95 79.73
N LYS K 806 7.08 16.64 79.49
CA LYS K 806 7.22 16.13 78.13
C LYS K 806 6.11 16.69 77.24
N ASN K 807 4.88 16.66 77.74
CA ASN K 807 3.76 17.17 76.97
C ASN K 807 3.96 18.65 76.64
N LEU K 808 4.37 19.44 77.63
CA LEU K 808 4.60 20.87 77.43
C LEU K 808 5.70 21.11 76.41
N MET K 809 6.81 20.37 76.51
CA MET K 809 7.90 20.55 75.57
C MET K 809 7.50 20.19 74.15
N ASN K 810 6.70 19.14 73.99
CA ASN K 810 6.21 18.79 72.66
C ASN K 810 5.31 19.89 72.10
N ALA K 811 4.41 20.42 72.94
CA ALA K 811 3.58 21.53 72.51
C ALA K 811 4.40 22.76 72.15
N VAL K 812 5.51 22.98 72.87
CA VAL K 812 6.36 24.13 72.60
C VAL K 812 7.09 23.95 71.27
N VAL K 813 7.55 22.74 70.97
CA VAL K 813 8.17 22.51 69.67
C VAL K 813 7.16 22.77 68.55
N GLN K 814 5.94 22.27 68.71
CA GLN K 814 4.90 22.53 67.72
C GLN K 814 4.64 24.02 67.58
N THR K 815 4.60 24.74 68.70
CA THR K 815 4.38 26.19 68.67
C THR K 815 5.53 26.91 67.98
N VAL K 816 6.77 26.45 68.20
CA VAL K 816 7.93 27.06 67.55
C VAL K 816 7.82 26.96 66.04
N LYS K 817 7.57 25.75 65.52
CA LYS K 817 7.49 25.60 64.08
C LYS K 817 6.28 26.34 63.51
N ALA K 818 5.16 26.33 64.22
CA ALA K 818 3.99 27.08 63.78
C ALA K 818 4.29 28.58 63.71
N SER K 819 4.99 29.10 64.72
CA SER K 819 5.36 30.51 64.71
C SER K 819 6.28 30.83 63.56
N TYR K 820 7.25 29.94 63.28
CA TYR K 820 8.15 30.17 62.16
C TYR K 820 7.40 30.23 60.86
N VAL K 821 6.47 29.29 60.65
CA VAL K 821 5.69 29.28 59.41
C VAL K 821 4.84 30.54 59.32
N ALA K 822 4.22 30.95 60.43
CA ALA K 822 3.39 32.16 60.43
C ALA K 822 4.21 33.39 60.07
N SER K 823 5.42 33.50 60.63
CA SER K 823 6.23 34.68 60.38
C SER K 823 6.79 34.68 58.97
N THR K 824 7.31 33.54 58.50
CA THR K 824 7.84 33.48 57.15
C THR K 824 6.77 33.70 56.09
N LYS K 825 5.60 33.06 56.27
CA LYS K 825 4.56 33.12 55.26
C LYS K 825 3.97 34.52 55.11
N TYR K 826 3.99 35.30 56.19
CA TYR K 826 3.39 36.62 56.22
C TYR K 826 4.39 37.67 56.71
N GLN K 827 5.61 37.67 56.13
CA GLN K 827 6.64 38.58 56.61
C GLN K 827 6.29 40.03 56.35
N LYS K 828 6.13 40.44 55.10
CA LYS K 828 5.89 41.86 54.87
C LYS K 828 4.41 42.22 54.93
N SER K 829 3.59 41.38 55.55
CA SER K 829 2.35 41.87 56.12
C SER K 829 2.68 42.78 57.30
N GLN K 830 1.88 43.83 57.47
CA GLN K 830 2.15 44.78 58.53
C GLN K 830 1.99 44.14 59.90
N GLY K 831 2.77 44.62 60.86
CA GLY K 831 2.81 44.04 62.20
C GLY K 831 3.89 42.99 62.38
N MET K 832 4.01 42.08 61.41
CA MET K 832 5.09 41.09 61.48
C MET K 832 6.46 41.74 61.31
N ALA K 833 6.56 42.80 60.50
CA ALA K 833 7.82 43.50 60.36
C ALA K 833 8.27 44.10 61.70
N SER K 834 7.32 44.64 62.47
CA SER K 834 7.65 45.18 63.78
C SER K 834 8.20 44.09 64.70
N LEU K 835 7.68 42.87 64.56
CA LEU K 835 8.23 41.74 65.31
C LEU K 835 9.67 41.47 64.89
N ASN K 836 10.01 41.75 63.64
CA ASN K 836 11.37 41.61 63.11
C ASN K 836 11.88 40.17 63.29
N LEU K 837 11.20 39.25 62.62
CA LEU K 837 11.49 37.82 62.70
C LEU K 837 11.68 37.31 61.28
N PRO K 838 12.80 37.66 60.64
CA PRO K 838 12.90 37.52 59.18
C PRO K 838 13.37 36.16 58.69
N ALA K 839 12.82 35.08 59.24
CA ALA K 839 13.08 33.73 58.75
C ALA K 839 14.56 33.35 58.85
N VAL K 840 15.40 34.23 59.39
CA VAL K 840 16.80 33.96 59.61
C VAL K 840 17.14 33.91 61.09
N SER K 841 16.49 34.75 61.89
CA SER K 841 16.59 34.62 63.35
C SER K 841 16.16 33.23 63.79
N TRP K 842 15.22 32.63 63.07
CA TRP K 842 14.93 31.21 63.24
C TRP K 842 16.08 30.39 62.70
N LYS K 843 16.62 29.50 63.53
CA LYS K 843 17.72 28.63 63.12
C LYS K 843 17.16 27.33 62.55
N MET K 844 16.58 27.45 61.36
CA MET K 844 15.99 26.30 60.67
C MET K 844 17.04 25.64 59.79
N LYS K 845 17.40 24.42 60.14
CA LYS K 845 18.26 23.60 59.30
C LYS K 845 17.50 23.22 58.03
N ALA K 846 18.24 22.88 56.99
CA ALA K 846 17.61 22.22 55.86
C ALA K 846 17.24 20.79 56.25
N PRO K 847 16.06 20.31 55.87
CA PRO K 847 15.72 18.91 56.17
C PRO K 847 16.70 17.96 55.50
N GLU K 848 17.05 16.89 56.20
CA GLU K 848 18.02 15.94 55.68
C GLU K 848 17.35 14.95 54.74
N LYS K 849 18.12 14.48 53.77
CA LYS K 849 17.58 13.61 52.72
C LYS K 849 17.11 12.29 53.31
N LYS K 850 16.13 11.68 52.65
CA LYS K 850 15.65 10.38 53.05
C LYS K 850 16.61 9.29 52.58
N PRO K 851 16.65 8.16 53.28
CA PRO K 851 17.41 7.02 52.76
C PRO K 851 16.67 6.37 51.59
N LEU K 852 17.34 6.29 50.45
CA LEU K 852 16.72 5.70 49.26
C LEU K 852 16.38 4.23 49.47
N VAL K 853 17.29 3.48 50.08
CA VAL K 853 17.06 2.08 50.40
C VAL K 853 17.04 1.94 51.92
N LYS K 854 16.10 1.14 52.40
CA LYS K 854 15.83 1.08 53.83
C LYS K 854 16.31 -0.23 54.43
N ASN L 693 44.30 18.58 17.91
CA ASN L 693 42.90 18.94 18.03
C ASN L 693 42.35 18.62 19.41
N ASP L 694 41.81 19.64 20.08
CA ASP L 694 41.28 19.44 21.42
C ASP L 694 40.07 18.52 21.41
N ILE L 695 39.18 18.69 20.44
CA ILE L 695 37.97 17.87 20.36
C ILE L 695 38.32 16.40 20.24
N ILE L 696 39.25 16.09 19.33
CA ILE L 696 39.59 14.70 19.07
C ILE L 696 40.21 14.06 20.30
N VAL L 697 41.15 14.74 20.94
CA VAL L 697 41.85 14.14 22.08
C VAL L 697 40.89 13.97 23.26
N LEU L 698 40.00 14.94 23.47
CA LEU L 698 39.03 14.82 24.56
C LEU L 698 38.10 13.64 24.31
N ALA L 699 37.54 13.54 23.11
CA ALA L 699 36.63 12.45 22.82
C ALA L 699 37.34 11.11 22.92
N LYS L 700 38.60 11.05 22.48
CA LYS L 700 39.30 9.78 22.43
C LYS L 700 39.76 9.33 23.81
N GLN L 701 40.09 10.27 24.71
CA GLN L 701 40.37 9.85 26.08
C GLN L 701 39.09 9.41 26.79
N MET L 702 37.97 10.06 26.48
CA MET L 702 36.70 9.55 26.98
C MET L 702 36.41 8.16 26.43
N CYS L 703 36.82 7.91 25.18
CA CYS L 703 36.69 6.56 24.64
C CYS L 703 37.55 5.57 25.42
N MET L 704 38.73 5.99 25.88
CA MET L 704 39.52 5.14 26.76
C MET L 704 38.76 4.81 28.04
N ILE L 705 38.13 5.81 28.65
CA ILE L 705 37.32 5.56 29.85
C ILE L 705 36.18 4.59 29.55
N MET L 706 35.53 4.77 28.41
CA MET L 706 34.34 4.00 28.10
C MET L 706 34.73 2.56 27.76
N MET L 707 35.92 2.39 27.16
CA MET L 707 36.51 1.06 27.04
C MET L 707 36.75 0.41 28.41
N GLU L 708 37.27 1.17 29.37
CA GLU L 708 37.48 0.55 30.68
C GLU L 708 36.15 0.15 31.31
N MET L 709 35.09 0.93 31.06
CA MET L 709 33.77 0.57 31.54
C MET L 709 33.25 -0.72 30.89
N THR L 710 33.36 -0.85 29.57
CA THR L 710 32.97 -2.13 28.96
C THR L 710 33.82 -3.28 29.45
N ASP L 711 35.10 -3.03 29.74
CA ASP L 711 35.95 -4.10 30.22
C ASP L 711 35.50 -4.58 31.59
N PHE L 712 35.05 -3.66 32.44
CA PHE L 712 34.40 -4.08 33.69
C PHE L 712 33.12 -4.85 33.40
N THR L 713 32.39 -4.45 32.35
CA THR L 713 31.18 -5.19 31.98
C THR L 713 31.50 -6.63 31.63
N ARG L 714 32.57 -6.85 30.86
CA ARG L 714 33.03 -8.20 30.55
C ARG L 714 33.61 -8.90 31.78
N GLY L 715 33.79 -8.21 32.88
CA GLY L 715 34.23 -8.81 34.12
C GLY L 715 35.72 -8.92 34.29
N LYS L 716 36.52 -8.33 33.40
CA LYS L 716 37.97 -8.41 33.48
C LYS L 716 38.55 -7.12 32.94
N GLY L 717 38.88 -6.21 33.85
CA GLY L 717 39.41 -4.91 33.49
C GLY L 717 40.01 -4.18 34.68
N PRO L 718 40.38 -2.92 34.48
CA PRO L 718 41.05 -2.15 35.54
C PRO L 718 40.13 -1.66 36.65
N LEU L 719 38.87 -2.05 36.66
CA LEU L 719 37.91 -1.63 37.69
C LEU L 719 37.43 -2.85 38.47
N LYS L 720 37.50 -2.77 39.80
CA LYS L 720 37.22 -3.94 40.61
C LYS L 720 35.72 -4.15 40.83
N ASN L 721 34.99 -3.10 41.18
CA ASN L 721 33.54 -3.22 41.34
C ASN L 721 32.92 -1.83 41.23
N THR L 722 31.68 -1.71 41.72
CA THR L 722 30.82 -0.57 41.43
C THR L 722 31.47 0.78 41.74
N SER L 723 32.29 0.85 42.79
CA SER L 723 32.85 2.15 43.19
C SER L 723 33.75 2.72 42.09
N ASP L 724 34.60 1.88 41.50
CA ASP L 724 35.41 2.33 40.38
C ASP L 724 34.54 2.80 39.23
N VAL L 725 33.42 2.11 39.00
CA VAL L 725 32.52 2.48 37.91
C VAL L 725 31.88 3.83 38.19
N ILE L 726 31.52 4.09 39.45
CA ILE L 726 30.94 5.38 39.82
C ILE L 726 31.95 6.50 39.58
N SER L 727 33.19 6.28 40.01
CA SER L 727 34.23 7.28 39.78
C SER L 727 34.44 7.53 38.29
N ALA L 728 34.48 6.45 37.50
CA ALA L 728 34.67 6.58 36.06
C ALA L 728 33.51 7.34 35.42
N ALA L 729 32.29 7.08 35.88
CA ALA L 729 31.13 7.81 35.38
C ALA L 729 31.26 9.30 35.69
N LYS L 730 31.72 9.63 36.90
CA LYS L 730 31.88 11.03 37.25
C LYS L 730 32.89 11.71 36.33
N LYS L 731 34.03 11.06 36.08
CA LYS L 731 35.02 11.75 35.25
C LYS L 731 34.61 11.79 33.79
N ILE L 732 33.92 10.76 33.29
CA ILE L 732 33.46 10.81 31.92
C ILE L 732 32.40 11.89 31.74
N ALA L 733 31.56 12.12 32.76
CA ALA L 733 30.61 13.22 32.69
C ALA L 733 31.30 14.57 32.70
N GLU L 734 32.34 14.72 33.53
CA GLU L 734 33.09 15.97 33.53
C GLU L 734 33.71 16.25 32.16
N ALA L 735 34.34 15.23 31.58
CA ALA L 735 34.93 15.39 30.26
C ALA L 735 33.85 15.64 29.21
N GLY L 736 32.65 15.10 29.42
CA GLY L 736 31.54 15.41 28.53
C GLY L 736 31.13 16.87 28.59
N SER L 737 31.14 17.46 29.79
CA SER L 737 30.86 18.89 29.90
C SER L 737 31.93 19.72 29.20
N ARG L 738 33.19 19.32 29.33
CA ARG L 738 34.24 19.99 28.57
C ARG L 738 33.96 19.89 27.06
N MET L 739 33.65 18.68 26.58
CA MET L 739 33.22 18.48 25.21
C MET L 739 32.04 19.39 24.87
N ASP L 740 31.16 19.64 25.84
CA ASP L 740 30.00 20.47 25.60
C ASP L 740 30.42 21.89 25.27
N LYS L 741 31.35 22.47 26.04
CA LYS L 741 31.85 23.79 25.63
C LYS L 741 32.55 23.77 24.27
N LEU L 742 33.37 22.75 24.01
CA LEU L 742 34.01 22.70 22.70
C LEU L 742 32.99 22.74 21.56
N GLY L 743 31.94 21.94 21.68
CA GLY L 743 30.85 22.00 20.71
C GLY L 743 30.14 23.34 20.69
N ARG L 744 29.90 23.94 21.86
CA ARG L 744 29.27 25.26 21.92
C ARG L 744 30.05 26.28 21.11
N THR L 745 31.37 26.31 21.28
CA THR L 745 32.18 27.29 20.56
C THR L 745 32.11 27.06 19.05
N ILE L 746 32.29 25.80 18.62
CA ILE L 746 32.25 25.51 17.20
C ILE L 746 30.88 25.87 16.62
N ALA L 747 29.81 25.65 17.38
CA ALA L 747 28.49 26.06 16.92
C ALA L 747 28.36 27.57 16.84
N ASP L 748 28.80 28.27 17.88
CA ASP L 748 28.67 29.72 17.93
C ASP L 748 29.44 30.40 16.81
N HIS L 749 30.46 29.74 16.26
CA HIS L 749 31.17 30.29 15.12
C HIS L 749 30.66 29.77 13.78
N CYS L 750 29.37 29.46 13.68
CA CYS L 750 28.80 28.85 12.48
C CYS L 750 27.56 29.61 12.04
N PRO L 751 27.29 29.65 10.73
CA PRO L 751 26.05 30.27 10.26
C PRO L 751 24.82 29.51 10.72
N ASP L 752 23.69 30.23 10.77
CA ASP L 752 22.48 29.72 11.40
C ASP L 752 21.96 28.48 10.70
N SER L 753 21.54 28.62 9.44
CA SER L 753 20.94 27.50 8.72
C SER L 753 22.00 26.57 8.14
N ALA L 754 22.89 26.12 9.00
CA ALA L 754 24.04 25.32 8.61
C ALA L 754 24.09 24.04 9.46
N CYS L 755 25.23 23.36 9.40
CA CYS L 755 25.44 22.12 10.12
C CYS L 755 25.40 22.32 11.64
N LYS L 756 25.21 23.57 12.08
CA LYS L 756 25.11 23.83 13.51
C LYS L 756 23.84 23.26 14.12
N GLN L 757 22.81 23.00 13.31
CA GLN L 757 21.57 22.45 13.84
C GLN L 757 21.78 21.04 14.38
N ASP L 758 22.38 20.18 13.56
CA ASP L 758 22.70 18.83 14.01
C ASP L 758 23.66 18.86 15.20
N LEU L 759 24.64 19.78 15.16
CA LEU L 759 25.63 19.85 16.22
C LEU L 759 24.98 20.23 17.54
N LEU L 760 24.04 21.18 17.51
CA LEU L 760 23.33 21.55 18.74
C LEU L 760 22.42 20.42 19.20
N ALA L 761 21.82 19.67 18.27
CA ALA L 761 21.05 18.50 18.65
C ALA L 761 21.91 17.52 19.46
N TYR L 762 23.08 17.19 18.92
CA TYR L 762 23.97 16.25 19.61
C TYR L 762 24.49 16.82 20.92
N LEU L 763 24.71 18.14 20.99
CA LEU L 763 25.15 18.75 22.24
C LEU L 763 24.08 18.67 23.31
N GLN L 764 22.80 18.84 22.94
CA GLN L 764 21.74 18.68 23.93
C GLN L 764 21.66 17.24 24.42
N ARG L 765 21.85 16.28 23.53
CA ARG L 765 21.95 14.89 23.97
C ARG L 765 23.09 14.72 24.96
N ILE L 766 24.25 15.30 24.64
CA ILE L 766 25.44 15.20 25.52
C ILE L 766 25.05 15.72 26.91
N ALA L 767 24.40 16.89 26.97
CA ALA L 767 24.10 17.51 28.29
C ALA L 767 23.16 16.62 29.11
N LEU L 768 22.14 16.03 28.49
CA LEU L 768 21.23 15.11 29.23
C LEU L 768 22.01 13.89 29.73
N TYR L 769 22.85 13.30 28.88
CA TYR L 769 23.58 12.07 29.27
C TYR L 769 24.53 12.36 30.42
N CYS L 770 25.25 13.50 30.37
CA CYS L 770 26.19 13.86 31.45
C CYS L 770 25.43 14.09 32.75
N HIS L 771 24.30 14.81 32.67
CA HIS L 771 23.47 15.06 33.87
C HIS L 771 22.91 13.75 34.44
N GLN L 772 22.44 12.87 33.55
CA GLN L 772 21.87 11.58 34.02
C GLN L 772 22.99 10.81 34.70
N LEU L 773 24.19 10.81 34.09
CA LEU L 773 25.32 10.07 34.69
C LEU L 773 25.65 10.69 36.04
N ASN L 774 25.70 12.03 36.14
CA ASN L 774 26.16 12.71 37.38
C ASN L 774 25.22 12.41 38.55
N ILE L 775 23.90 12.42 38.32
CA ILE L 775 22.96 12.24 39.46
C ILE L 775 22.79 10.75 39.72
N CYS L 776 22.87 9.90 38.69
CA CYS L 776 22.77 8.47 38.97
C CYS L 776 24.00 7.94 39.71
N SER L 777 25.19 8.48 39.41
CA SER L 777 26.36 8.10 40.21
C SER L 777 26.18 8.54 41.66
N LYS L 778 25.63 9.75 41.86
CA LYS L 778 25.36 10.18 43.24
C LYS L 778 24.38 9.24 43.93
N VAL L 779 23.33 8.83 43.21
CA VAL L 779 22.31 7.96 43.79
C VAL L 779 22.91 6.62 44.19
N LYS L 780 23.71 6.02 43.30
CA LYS L 780 24.27 4.71 43.60
C LYS L 780 25.39 4.79 44.63
N ALA L 781 26.10 5.91 44.71
CA ALA L 781 27.02 6.10 45.82
C ALA L 781 26.27 6.08 47.14
N GLU L 782 25.13 6.77 47.21
CA GLU L 782 24.33 6.74 48.43
C GLU L 782 23.80 5.34 48.71
N VAL L 783 23.36 4.63 47.68
CA VAL L 783 22.84 3.28 47.86
C VAL L 783 23.91 2.35 48.40
N GLN L 784 25.13 2.44 47.86
CA GLN L 784 26.23 1.63 48.38
C GLN L 784 26.56 2.02 49.81
N ASN L 785 26.56 3.32 50.12
CA ASN L 785 26.87 3.77 51.47
C ASN L 785 25.82 3.30 52.47
N LEU L 786 24.58 3.09 52.02
CA LEU L 786 23.53 2.66 52.94
C LEU L 786 23.52 1.15 53.12
N GLY L 787 23.52 0.42 52.01
CA GLY L 787 23.47 -1.03 52.07
C GLY L 787 24.83 -1.67 52.28
N GLY L 794 27.08 -5.39 42.90
CA GLY L 794 25.94 -4.83 42.18
C GLY L 794 26.24 -4.50 40.73
N VAL L 795 26.55 -5.53 39.94
CA VAL L 795 26.79 -5.31 38.51
C VAL L 795 25.54 -4.80 37.83
N ASP L 796 24.38 -5.30 38.25
CA ASP L 796 23.10 -4.78 37.75
C ASP L 796 23.02 -3.27 37.97
N SER L 797 23.49 -2.80 39.12
CA SER L 797 23.57 -1.36 39.35
C SER L 797 24.52 -0.70 38.36
N ALA L 798 25.66 -1.34 38.09
CA ALA L 798 26.62 -0.79 37.15
C ALA L 798 26.05 -0.67 35.75
N MET L 799 25.04 -1.48 35.41
CA MET L 799 24.50 -1.45 34.05
C MET L 799 23.86 -0.11 33.71
N SER L 800 23.18 0.55 34.65
CA SER L 800 22.57 1.84 34.32
C SER L 800 23.64 2.88 33.99
N LEU L 801 24.69 2.94 34.80
CA LEU L 801 25.77 3.88 34.53
C LEU L 801 26.48 3.55 33.24
N ILE L 802 26.71 2.27 32.97
CA ILE L 802 27.39 1.89 31.74
C ILE L 802 26.52 2.19 30.51
N GLN L 803 25.21 2.01 30.62
CA GLN L 803 24.32 2.34 29.52
C GLN L 803 24.30 3.85 29.27
N ALA L 804 24.25 4.64 30.34
CA ALA L 804 24.34 6.09 30.18
C ALA L 804 25.67 6.49 29.56
N ALA L 805 26.75 5.80 29.93
CA ALA L 805 28.06 6.09 29.35
C ALA L 805 28.13 5.71 27.88
N LYS L 806 27.54 4.57 27.49
CA LYS L 806 27.45 4.23 26.08
C LYS L 806 26.69 5.30 25.31
N ASN L 807 25.56 5.73 25.86
CA ASN L 807 24.76 6.76 25.20
C ASN L 807 25.58 8.04 25.03
N LEU L 808 26.28 8.46 26.08
CA LEU L 808 27.10 9.66 26.03
C LEU L 808 28.20 9.54 25.00
N MET L 809 28.88 8.40 24.96
CA MET L 809 29.97 8.21 24.00
C MET L 809 29.45 8.23 22.57
N ASN L 810 28.28 7.63 22.33
CA ASN L 810 27.70 7.69 20.99
C ASN L 810 27.36 9.12 20.61
N ALA L 811 26.77 9.88 21.54
CA ALA L 811 26.48 11.29 21.27
C ALA L 811 27.76 12.07 21.01
N VAL L 812 28.85 11.72 21.70
CA VAL L 812 30.11 12.43 21.51
C VAL L 812 30.71 12.12 20.14
N VAL L 813 30.61 10.86 19.70
CA VAL L 813 31.08 10.56 18.35
C VAL L 813 30.29 11.35 17.30
N GLN L 814 28.97 11.40 17.47
CA GLN L 814 28.15 12.19 16.57
C GLN L 814 28.55 13.66 16.60
N THR L 815 28.81 14.19 17.79
CA THR L 815 29.22 15.59 17.92
C THR L 815 30.58 15.82 17.28
N VAL L 816 31.50 14.86 17.39
CA VAL L 816 32.81 14.99 16.76
C VAL L 816 32.68 15.13 15.25
N LYS L 817 31.94 14.21 14.62
CA LYS L 817 31.81 14.29 13.17
C LYS L 817 31.05 15.53 12.74
N ALA L 818 30.01 15.92 13.51
CA ALA L 818 29.28 17.14 13.19
C ALA L 818 30.18 18.36 13.28
N SER L 819 31.04 18.41 14.29
CA SER L 819 31.97 19.52 14.44
C SER L 819 32.96 19.54 13.28
N TYR L 820 33.45 18.37 12.87
CA TYR L 820 34.38 18.33 11.75
C TYR L 820 33.73 18.86 10.48
N VAL L 821 32.49 18.43 10.22
CA VAL L 821 31.78 18.90 9.03
C VAL L 821 31.56 20.41 9.11
N ALA L 822 31.16 20.91 10.28
CA ALA L 822 30.93 22.34 10.45
C ALA L 822 32.19 23.14 10.20
N SER L 823 33.33 22.67 10.72
CA SER L 823 34.57 23.41 10.56
C SER L 823 35.09 23.34 9.12
N THR L 824 35.07 22.16 8.51
CA THR L 824 35.54 22.03 7.14
C THR L 824 34.66 22.82 6.17
N LYS L 825 33.34 22.72 6.33
CA LYS L 825 32.42 23.33 5.37
C LYS L 825 32.50 24.85 5.41
N TYR L 826 32.84 25.41 6.57
CA TYR L 826 32.86 26.86 6.77
C TYR L 826 34.20 27.32 7.32
N GLN L 827 35.30 26.87 6.69
CA GLN L 827 36.62 27.19 7.22
C GLN L 827 36.92 28.67 7.15
N LYS L 828 36.97 29.25 5.95
CA LYS L 828 37.34 30.66 5.89
C LYS L 828 36.16 31.60 6.05
N SER L 829 35.07 31.12 6.61
CA SER L 829 34.15 32.02 7.29
C SER L 829 34.82 32.56 8.55
N GLN L 830 34.54 33.81 8.87
CA GLN L 830 35.20 34.44 10.02
C GLN L 830 34.76 33.76 11.32
N GLY L 831 35.66 33.75 12.29
CA GLY L 831 35.45 33.06 13.55
C GLY L 831 35.98 31.63 13.56
N MET L 832 35.70 30.87 12.50
CA MET L 832 36.26 29.52 12.40
C MET L 832 37.77 29.54 12.26
N ALA L 833 38.31 30.55 11.57
CA ALA L 833 39.77 30.66 11.44
C ALA L 833 40.41 30.85 12.81
N SER L 834 39.78 31.65 13.68
CA SER L 834 40.30 31.83 15.03
C SER L 834 40.33 30.52 15.78
N LEU L 835 39.33 29.66 15.56
CA LEU L 835 39.36 28.32 16.14
C LEU L 835 40.54 27.51 15.64
N ASN L 836 40.98 27.77 14.40
CA ASN L 836 42.15 27.13 13.81
C ASN L 836 42.00 25.61 13.81
N LEU L 837 40.99 25.15 13.05
CA LEU L 837 40.65 23.73 12.97
C LEU L 837 40.61 23.36 11.49
N PRO L 838 41.79 23.28 10.84
CA PRO L 838 41.82 23.29 9.38
C PRO L 838 41.67 21.93 8.72
N ALA L 839 40.71 21.11 9.18
CA ALA L 839 40.37 19.85 8.53
C ALA L 839 41.54 18.86 8.52
N VAL L 840 42.67 19.25 9.11
CA VAL L 840 43.83 18.38 9.24
C VAL L 840 44.10 18.01 10.69
N SER L 841 43.88 18.96 11.61
CA SER L 841 43.90 18.61 13.03
C SER L 841 42.91 17.50 13.34
N TRP L 842 41.81 17.44 12.60
CA TRP L 842 40.94 16.28 12.63
C TRP L 842 41.64 15.11 11.94
N LYS L 843 41.74 13.99 12.64
CA LYS L 843 42.37 12.78 12.09
C LYS L 843 41.31 11.93 11.41
N MET L 844 40.85 12.42 10.27
CA MET L 844 39.83 11.72 9.48
C MET L 844 40.50 10.79 8.48
N LYS L 845 40.31 9.49 8.68
CA LYS L 845 40.74 8.50 7.72
C LYS L 845 39.91 8.62 6.46
N ALA L 846 40.44 8.14 5.35
CA ALA L 846 39.59 7.94 4.18
C ALA L 846 38.65 6.77 4.43
N PRO L 847 37.37 6.88 4.06
CA PRO L 847 36.47 5.73 4.20
C PRO L 847 36.95 4.55 3.39
N GLU L 848 36.81 3.36 3.95
CA GLU L 848 37.29 2.16 3.29
C GLU L 848 36.27 1.66 2.29
N LYS L 849 36.77 1.02 1.22
CA LYS L 849 35.92 0.60 0.12
C LYS L 849 34.92 -0.46 0.58
N LYS L 850 33.79 -0.51 -0.11
CA LYS L 850 32.80 -1.52 0.17
C LYS L 850 33.20 -2.85 -0.45
N PRO L 851 32.75 -3.97 0.11
CA PRO L 851 32.95 -5.26 -0.57
C PRO L 851 32.01 -5.39 -1.76
N LEU L 852 32.60 -5.61 -2.94
CA LEU L 852 31.80 -5.73 -4.15
C LEU L 852 30.87 -6.93 -4.09
N VAL L 853 31.36 -8.07 -3.61
CA VAL L 853 30.56 -9.26 -3.43
C VAL L 853 30.46 -9.56 -1.95
N LYS L 854 29.27 -9.93 -1.51
CA LYS L 854 28.99 -10.05 -0.09
C LYS L 854 28.86 -11.50 0.34
PB ADP M . 32.94 -3.72 -61.17
O1B ADP M . 33.78 -3.68 -59.95
O2B ADP M . 33.66 -3.89 -62.49
O3B ADP M . 31.89 -2.66 -61.22
PA ADP M . 32.70 -6.53 -60.93
O1A ADP M . 33.68 -6.62 -59.82
O2A ADP M . 33.04 -6.98 -62.32
O3A ADP M . 32.08 -5.06 -60.97
O5' ADP M . 31.39 -7.29 -60.47
C5' ADP M . 30.76 -6.86 -59.27
C4' ADP M . 29.28 -7.10 -59.42
O4' ADP M . 29.08 -8.44 -59.84
C3' ADP M . 28.54 -6.93 -58.12
O3' ADP M . 27.44 -6.07 -58.33
C2' ADP M . 27.96 -8.28 -57.79
O2' ADP M . 26.60 -8.09 -57.44
C1' ADP M . 28.07 -9.06 -59.07
N9 ADP M . 28.47 -10.45 -58.78
C8 ADP M . 29.61 -10.84 -58.21
N7 ADP M . 29.66 -12.17 -58.09
C5 ADP M . 28.53 -12.66 -58.60
C6 ADP M . 27.94 -14.00 -58.79
N6 ADP M . 28.60 -15.11 -58.40
N1 ADP M . 26.73 -14.07 -59.37
C2 ADP M . 26.07 -12.98 -59.76
N3 ADP M . 26.54 -11.73 -59.61
C4 ADP M . 27.74 -11.53 -59.06
MG MG N . 34.57 -3.98 -64.18
PB ADP O . -5.26 4.51 -42.74
O1B ADP O . -6.56 4.13 -42.13
O2B ADP O . -5.26 4.72 -44.24
O3B ADP O . -4.11 3.70 -42.26
PA ADP O . -5.86 7.25 -42.36
O1A ADP O . -7.26 6.99 -41.91
O2A ADP O . -5.57 7.82 -43.71
O3A ADP O . -4.98 5.94 -42.11
O5' ADP O . -5.18 8.18 -41.27
C5' ADP O . -5.16 7.73 -39.94
C4' ADP O . -3.90 8.28 -39.30
O4' ADP O . -3.85 9.66 -39.54
C3' ADP O . -3.88 8.08 -37.81
O3' ADP O . -2.64 7.48 -37.44
C2' ADP O . -3.89 9.44 -37.20
O2' ADP O . -2.88 9.48 -36.20
C1' ADP O . -3.54 10.37 -38.34
N9 ADP O . -4.35 11.59 -38.27
C8 ADP O . -5.69 11.66 -38.37
N7 ADP O . -6.12 12.93 -38.26
C5 ADP O . -5.03 13.71 -38.11
C6 ADP O . -4.78 15.14 -37.94
N6 ADP O . -5.79 16.02 -37.92
N1 ADP O . -3.50 15.53 -37.81
C2 ADP O . -2.49 14.66 -37.82
N3 ADP O . -2.64 13.34 -37.97
C4 ADP O . -3.87 12.81 -38.12
MG MG P . -5.19 4.75 -46.19
PB ADP Q . 19.57 1.51 -7.54
O1B ADP Q . 20.26 2.06 -6.35
O2B ADP Q . 20.35 1.53 -8.82
O3B ADP Q . 18.16 1.99 -7.70
PA ADP Q . 20.54 -1.09 -6.96
O1A ADP Q . 21.42 -0.61 -5.84
O2A ADP Q . 21.11 -1.50 -8.28
O3A ADP Q . 19.37 -0.03 -7.17
O5' ADP Q . 19.67 -2.27 -6.40
C5' ADP Q . 18.86 -2.03 -5.25
C4' ADP Q . 17.63 -2.90 -5.37
O4' ADP Q . 18.05 -4.23 -5.61
C3' ADP Q . 16.84 -2.92 -4.08
O3' ADP Q . 15.48 -2.64 -4.39
C2' ADP Q . 16.88 -4.33 -3.58
O2' ADP Q . 15.55 -4.71 -3.26
C1' ADP Q . 17.37 -5.13 -4.76
N9 ADP Q . 18.31 -6.17 -4.31
C8 ADP Q . 19.48 -5.95 -3.70
N7 ADP Q . 20.10 -7.12 -3.43
C5 ADP Q . 19.31 -8.11 -3.87
C6 ADP Q . 19.36 -9.58 -3.88
N6 ADP Q . 20.42 -10.23 -3.37
N1 ADP Q . 18.32 -10.22 -4.44
C2 ADP Q . 17.28 -9.58 -4.95
N3 ADP Q . 17.16 -8.25 -4.97
C4 ADP Q . 18.13 -7.47 -4.44
MG MG R . 21.34 1.98 -10.44
PB ADP S . -19.25 -5.45 10.01
O1B ADP S . -20.30 -6.30 10.67
O2B ADP S . -19.27 -5.45 8.51
O3B ADP S . -17.89 -5.63 10.59
PA ADP S . -20.99 -3.22 10.06
O1A ADP S . -22.15 -4.01 10.56
O2A ADP S . -20.91 -2.74 8.65
O3A ADP S . -19.64 -3.98 10.47
O5' ADP S . -20.82 -1.97 11.02
C5' ADP S . -20.66 -2.21 12.41
C4' ADP S . -19.79 -1.10 12.96
O4' ADP S . -20.34 0.14 12.56
C3' ADP S . -19.76 -1.11 14.47
O3' ADP S . -18.42 -1.06 14.90
C2' ADP S . -20.38 0.18 14.90
O2' ADP S . -19.53 0.77 15.87
C1' ADP S . -20.41 1.03 13.65
N9 ADP S . -21.67 1.78 13.58
C8 ADP S . -22.90 1.26 13.49
N7 ADP S . -23.83 2.23 13.44
C5 ADP S . -23.19 3.40 13.49
C6 ADP S . -23.59 4.81 13.48
N6 ADP S . -24.88 5.17 13.39
N1 ADP S . -22.60 5.74 13.55
C2 ADP S . -21.32 5.38 13.62
N3 ADP S . -20.90 4.12 13.64
C4 ADP S . -21.77 3.10 13.59
MG MG T . -19.31 -6.00 6.64
PB ADP U . 2.79 6.53 45.15
O1B ADP U . 3.13 7.47 46.28
O2B ADP U . 3.55 6.75 43.88
O3B ADP U . 1.33 6.35 44.95
PA ADP U . 4.76 4.71 46.04
O1A ADP U . 5.30 5.63 47.08
O2A ADP U . 5.51 4.43 44.78
O3A ADP U . 3.25 5.12 45.72
O5' ADP U . 4.45 3.33 46.76
C5' ADP U . 3.58 3.33 47.87
C4' ADP U . 2.85 2.00 47.88
O4' ADP U . 3.80 0.98 47.78
C3' ADP U . 2.08 1.79 49.15
O3' ADP U . 0.75 1.42 48.82
C2' ADP U . 2.70 0.60 49.82
O2' ADP U . 1.64 -0.27 50.20
C1' ADP U . 3.54 -0.03 48.75
N9 ADP U . 4.81 -0.51 49.30
C8 ADP U . 5.75 0.26 49.87
N7 ADP U . 6.80 -0.49 50.29
C5 ADP U . 6.53 -1.75 49.98
C6 ADP U . 7.21 -3.05 50.14
N6 ADP U . 8.41 -3.13 50.73
N1 ADP U . 6.57 -4.15 49.68
C2 ADP U . 5.38 -4.07 49.09
N3 ADP U . 4.71 -2.94 48.92
C4 ADP U . 5.22 -1.77 49.34
MG MG V . 4.15 7.16 42.04
PB ADP W . -30.03 -14.44 63.70
O1B ADP W . -30.65 -15.56 64.47
O2B ADP W . -29.99 -14.60 62.21
O3B ADP W . -28.75 -13.94 64.28
PA ADP W . -32.56 -13.17 63.49
O1A ADP W . -33.30 -14.33 64.09
O2A ADP W . -32.63 -12.87 62.03
O3A ADP W . -31.05 -13.23 63.98
O5' ADP W . -32.99 -11.87 64.29
C5' ADP W . -32.81 -11.87 65.70
C4' ADP W . -32.52 -10.44 66.11
O4' ADP W . -33.53 -9.61 65.56
C3' ADP W . -32.57 -10.26 67.60
O3' ADP W . -31.39 -9.58 68.01
C2' ADP W . -33.71 -9.33 67.88
O2' ADP W . -33.23 -8.33 68.77
C1' ADP W . -34.03 -8.72 66.54
N9 ADP W . -35.48 -8.59 66.37
C8 ADP W . -36.36 -9.61 66.37
N7 ADP W . -37.62 -9.15 66.20
C5 ADP W . -37.56 -7.82 66.10
C6 ADP W . -38.51 -6.72 65.92
N6 ADP W . -39.83 -6.97 65.80
N1 ADP W . -38.03 -5.47 65.88
C2 ADP W . -36.72 -5.21 65.99
N3 ADP W . -35.79 -6.16 66.16
C4 ADP W . -36.14 -7.46 66.22
MG MG X . -29.59 -14.79 60.25
#